data_2NO8
#
_entry.id   2NO8
#
_entity_poly.entity_id   1
_entity_poly.type   'polypeptide(L)'
_entity_poly.pdbx_seq_one_letter_code
;MELKHSISDYTEAEFLEFVKKICRAEGATEEDDNKLVREFERLTEHPDGSDLIYYPRDDREDSPEGIVKEIKEWRAANGK
SGFKQG
;
_entity_poly.pdbx_strand_id   A
#
# COMPACT_ATOMS: atom_id res chain seq x y z
N GLU A 2 3.84 -0.61 17.36
CA GLU A 2 2.48 -0.97 17.72
C GLU A 2 1.96 -1.98 16.71
N LEU A 3 1.22 -2.93 17.16
CA LEU A 3 0.70 -3.98 16.31
C LEU A 3 -0.74 -3.67 15.96
N LYS A 4 -1.19 -4.22 14.86
CA LYS A 4 -2.54 -3.99 14.41
C LYS A 4 -3.23 -5.32 14.21
N HIS A 5 -4.54 -5.29 14.18
CA HIS A 5 -5.31 -6.48 13.88
C HIS A 5 -5.40 -6.71 12.37
N SER A 6 -5.47 -5.63 11.60
CA SER A 6 -5.56 -5.73 10.15
C SER A 6 -5.16 -4.42 9.52
N ILE A 7 -5.31 -4.35 8.21
CA ILE A 7 -5.07 -3.12 7.47
C ILE A 7 -6.19 -2.10 7.80
N SER A 8 -7.34 -2.61 8.22
CA SER A 8 -8.46 -1.77 8.57
C SER A 8 -8.22 -1.06 9.90
N ASP A 9 -7.14 -1.45 10.59
CA ASP A 9 -6.72 -0.74 11.80
C ASP A 9 -6.01 0.55 11.40
N TYR A 10 -5.31 0.49 10.27
CA TYR A 10 -4.63 1.64 9.71
C TYR A 10 -5.64 2.57 9.14
N THR A 11 -5.42 3.83 9.23
CA THR A 11 -6.29 4.75 8.60
C THR A 11 -5.84 4.90 7.16
N GLU A 12 -6.57 5.65 6.36
CA GLU A 12 -6.19 5.89 4.98
C GLU A 12 -4.84 6.59 4.98
N ALA A 13 -4.69 7.53 5.89
CA ALA A 13 -3.49 8.34 6.01
C ALA A 13 -2.29 7.51 6.43
N GLU A 14 -2.48 6.62 7.40
CA GLU A 14 -1.38 5.75 7.88
C GLU A 14 -0.94 4.81 6.79
N PHE A 15 -1.88 4.34 6.03
CA PHE A 15 -1.57 3.45 4.94
C PHE A 15 -0.96 4.24 3.80
N LEU A 16 -1.37 5.44 3.64
CA LEU A 16 -0.82 6.29 2.62
C LEU A 16 0.60 6.67 2.98
N GLU A 17 0.90 6.56 4.21
CA GLU A 17 2.25 6.67 4.67
C GLU A 17 3.03 5.37 4.41
N PHE A 18 2.33 4.21 4.21
CA PHE A 18 3.02 2.91 3.90
C PHE A 18 3.93 3.11 2.72
N VAL A 19 3.34 3.67 1.73
CA VAL A 19 3.96 3.89 0.48
C VAL A 19 5.02 5.00 0.54
N LYS A 20 4.70 6.07 1.25
CA LYS A 20 5.62 7.16 1.45
C LYS A 20 6.84 6.68 2.23
N LYS A 21 6.59 5.79 3.17
CA LYS A 21 7.61 5.19 3.96
C LYS A 21 8.49 4.34 3.10
N ILE A 22 7.91 3.47 2.29
CA ILE A 22 8.69 2.60 1.37
C ILE A 22 9.60 3.46 0.48
N CYS A 23 9.06 4.57 0.02
CA CYS A 23 9.76 5.50 -0.81
C CYS A 23 11.05 6.05 -0.11
N ARG A 24 10.99 6.24 1.19
CA ARG A 24 12.15 6.77 1.92
C ARG A 24 12.98 5.62 2.58
N ALA A 25 12.27 4.68 3.18
CA ALA A 25 12.80 3.59 4.00
C ALA A 25 13.22 2.39 3.17
N GLU A 26 13.49 2.65 1.91
CA GLU A 26 13.96 1.64 0.94
C GLU A 26 15.24 0.89 1.44
N GLY A 27 15.93 1.52 2.39
CA GLY A 27 17.16 0.99 2.91
C GLY A 27 18.26 1.28 1.96
N ALA A 28 18.64 0.29 1.22
CA ALA A 28 19.64 0.44 0.22
C ALA A 28 19.30 -0.45 -0.92
N THR A 29 19.48 -1.72 -0.73
CA THR A 29 19.19 -2.68 -1.72
C THR A 29 17.69 -2.95 -1.77
N GLU A 30 17.22 -3.36 -2.95
CA GLU A 30 15.82 -3.66 -3.21
C GLU A 30 15.19 -4.57 -2.16
N GLU A 31 16.00 -5.43 -1.55
CA GLU A 31 15.54 -6.36 -0.54
C GLU A 31 14.88 -5.65 0.64
N ASP A 32 15.47 -4.55 1.11
CA ASP A 32 14.98 -3.85 2.30
C ASP A 32 13.72 -3.05 1.97
N ASP A 33 13.59 -2.74 0.72
CA ASP A 33 12.45 -2.03 0.17
C ASP A 33 11.28 -3.01 0.00
N ASN A 34 11.58 -4.08 -0.71
CA ASN A 34 10.63 -5.10 -1.08
C ASN A 34 10.07 -5.83 0.14
N LYS A 35 10.87 -6.02 1.18
CA LYS A 35 10.38 -6.69 2.37
C LYS A 35 9.31 -5.88 3.09
N LEU A 36 9.30 -4.56 2.90
CA LEU A 36 8.21 -3.75 3.43
C LEU A 36 7.01 -3.96 2.55
N VAL A 37 7.23 -3.88 1.24
CA VAL A 37 6.17 -4.03 0.26
C VAL A 37 5.41 -5.35 0.46
N ARG A 38 6.15 -6.44 0.63
CA ARG A 38 5.57 -7.76 0.81
C ARG A 38 4.62 -7.86 2.01
N GLU A 39 4.94 -7.20 3.13
CA GLU A 39 4.07 -7.30 4.29
C GLU A 39 2.80 -6.50 4.07
N PHE A 40 2.94 -5.33 3.45
CA PHE A 40 1.81 -4.48 3.15
C PHE A 40 0.90 -5.11 2.14
N GLU A 41 1.50 -5.74 1.14
CA GLU A 41 0.77 -6.43 0.12
C GLU A 41 0.00 -7.66 0.60
N ARG A 42 0.33 -8.13 1.78
CA ARG A 42 -0.41 -9.24 2.37
C ARG A 42 -1.60 -8.69 3.12
N LEU A 43 -1.41 -7.53 3.66
CA LEU A 43 -2.45 -6.81 4.37
C LEU A 43 -3.55 -6.36 3.40
N THR A 44 -3.13 -5.93 2.24
CA THR A 44 -4.03 -5.50 1.20
C THR A 44 -4.62 -6.68 0.47
N GLU A 45 -3.79 -7.74 0.35
CA GLU A 45 -4.06 -8.92 -0.45
C GLU A 45 -4.14 -8.48 -1.90
N HIS A 46 -3.50 -7.36 -2.18
CA HIS A 46 -3.56 -6.76 -3.45
C HIS A 46 -2.61 -7.53 -4.40
N PRO A 47 -2.98 -7.63 -5.66
CA PRO A 47 -2.19 -8.31 -6.68
C PRO A 47 -0.95 -7.56 -7.11
N ASP A 48 -1.17 -6.39 -7.62
CA ASP A 48 -0.17 -5.63 -8.31
C ASP A 48 0.32 -4.56 -7.40
N GLY A 49 0.09 -4.74 -6.13
CA GLY A 49 0.44 -3.72 -5.11
C GLY A 49 1.87 -3.41 -5.06
N SER A 50 2.63 -4.42 -5.21
CA SER A 50 4.04 -4.27 -5.28
C SER A 50 4.42 -3.45 -6.52
N ASP A 51 3.90 -3.86 -7.66
CA ASP A 51 4.11 -3.19 -8.92
C ASP A 51 3.59 -1.75 -8.90
N LEU A 52 2.58 -1.48 -8.06
CA LEU A 52 2.00 -0.12 -7.90
C LEU A 52 3.07 0.88 -7.55
N ILE A 53 4.00 0.45 -6.75
CA ILE A 53 5.03 1.33 -6.26
C ILE A 53 6.11 1.46 -7.32
N TYR A 54 6.38 0.36 -7.94
CA TYR A 54 7.48 0.24 -8.86
C TYR A 54 7.18 0.76 -10.27
N TYR A 55 6.04 0.42 -10.82
CA TYR A 55 5.72 0.76 -12.18
C TYR A 55 4.33 1.37 -12.24
N PRO A 56 4.20 2.59 -12.75
CA PRO A 56 2.91 3.26 -12.89
C PRO A 56 2.02 2.54 -13.90
N ARG A 57 0.71 2.56 -13.69
CA ARG A 57 -0.16 1.85 -14.60
C ARG A 57 -0.43 2.65 -15.87
N ASP A 58 -1.65 3.02 -16.11
CA ASP A 58 -1.95 3.78 -17.31
C ASP A 58 -2.57 5.11 -17.00
N ASP A 59 -3.77 5.05 -16.48
CA ASP A 59 -4.58 6.24 -16.18
C ASP A 59 -4.52 6.55 -14.71
N ARG A 60 -3.70 5.82 -14.00
CA ARG A 60 -3.53 6.02 -12.60
C ARG A 60 -2.52 7.04 -12.30
N GLU A 61 -2.70 7.63 -11.18
CA GLU A 61 -1.82 8.59 -10.65
C GLU A 61 -0.67 7.90 -9.98
N ASP A 62 0.51 8.15 -10.47
CA ASP A 62 1.70 7.62 -9.84
C ASP A 62 2.08 8.53 -8.72
N SER A 63 1.44 8.34 -7.62
CA SER A 63 1.75 9.08 -6.47
C SER A 63 1.51 8.16 -5.31
N PRO A 64 2.11 8.40 -4.14
CA PRO A 64 1.81 7.62 -2.94
C PRO A 64 0.29 7.58 -2.68
N GLU A 65 -0.40 8.65 -3.05
CA GLU A 65 -1.84 8.73 -2.89
C GLU A 65 -2.54 7.83 -3.90
N GLY A 66 -2.11 7.89 -5.14
CA GLY A 66 -2.69 7.09 -6.21
C GLY A 66 -2.44 5.61 -6.02
N ILE A 67 -1.33 5.28 -5.41
CA ILE A 67 -1.01 3.90 -5.09
C ILE A 67 -1.98 3.39 -4.03
N VAL A 68 -2.27 4.24 -3.05
CA VAL A 68 -3.25 3.95 -2.04
C VAL A 68 -4.61 3.83 -2.68
N LYS A 69 -4.93 4.77 -3.53
CA LYS A 69 -6.21 4.85 -4.20
C LYS A 69 -6.49 3.57 -5.00
N GLU A 70 -5.47 3.03 -5.64
CA GLU A 70 -5.56 1.74 -6.33
C GLU A 70 -6.04 0.66 -5.37
N ILE A 71 -5.29 0.49 -4.31
CA ILE A 71 -5.57 -0.50 -3.27
C ILE A 71 -6.93 -0.26 -2.62
N LYS A 72 -7.25 0.97 -2.42
CA LYS A 72 -8.46 1.41 -1.82
C LYS A 72 -9.65 1.04 -2.74
N GLU A 73 -9.63 1.53 -3.97
CA GLU A 73 -10.73 1.31 -4.91
C GLU A 73 -10.89 -0.17 -5.22
N TRP A 74 -9.77 -0.83 -5.40
CA TRP A 74 -9.75 -2.23 -5.74
C TRP A 74 -10.37 -3.08 -4.63
N ARG A 75 -9.89 -2.90 -3.40
CA ARG A 75 -10.35 -3.75 -2.30
C ARG A 75 -11.80 -3.52 -1.98
N ALA A 76 -12.23 -2.28 -2.11
CA ALA A 76 -13.61 -1.91 -1.86
C ALA A 76 -14.54 -2.61 -2.86
N ALA A 77 -14.06 -2.83 -4.07
CA ALA A 77 -14.84 -3.45 -5.11
C ALA A 77 -14.79 -4.97 -4.98
N ASN A 78 -13.75 -5.42 -4.34
CA ASN A 78 -13.43 -6.83 -4.20
C ASN A 78 -13.96 -7.44 -2.92
N GLY A 79 -14.43 -6.63 -2.02
CA GLY A 79 -14.98 -7.16 -0.78
C GLY A 79 -13.91 -7.45 0.25
N LYS A 80 -12.80 -6.76 0.17
CA LYS A 80 -11.71 -6.92 1.11
C LYS A 80 -11.95 -6.03 2.33
N SER A 81 -10.96 -5.94 3.17
CA SER A 81 -11.00 -5.08 4.29
C SER A 81 -10.76 -3.62 3.82
N GLY A 82 -10.69 -2.68 4.73
CA GLY A 82 -10.56 -1.31 4.31
C GLY A 82 -9.50 -0.62 5.09
N PHE A 83 -9.75 0.62 5.41
CA PHE A 83 -8.93 1.38 6.27
C PHE A 83 -9.86 1.90 7.35
N LYS A 84 -9.30 2.38 8.39
CA LYS A 84 -10.06 3.01 9.41
C LYS A 84 -10.23 4.47 9.03
N GLN A 85 -11.33 5.03 9.38
CA GLN A 85 -11.58 6.42 9.08
C GLN A 85 -11.06 7.31 10.18
N GLY A 86 -9.97 7.95 9.87
CA GLY A 86 -9.33 8.85 10.77
C GLY A 86 -8.38 9.71 10.00
N GLU A 2 2.81 0.47 17.29
CA GLU A 2 3.38 -0.42 16.31
C GLU A 2 2.65 -1.74 16.38
N LEU A 3 2.68 -2.49 15.28
CA LEU A 3 2.02 -3.79 15.16
C LEU A 3 0.51 -3.71 15.14
N LYS A 4 -0.03 -3.81 13.96
CA LYS A 4 -1.46 -3.84 13.77
C LYS A 4 -2.02 -5.25 13.83
N HIS A 5 -3.33 -5.35 13.81
CA HIS A 5 -3.99 -6.65 13.74
C HIS A 5 -4.44 -6.91 12.30
N SER A 6 -4.51 -5.83 11.53
CA SER A 6 -4.94 -5.89 10.14
C SER A 6 -4.53 -4.60 9.45
N ILE A 7 -4.81 -4.51 8.17
CA ILE A 7 -4.60 -3.27 7.42
C ILE A 7 -5.63 -2.23 7.82
N SER A 8 -6.79 -2.70 8.25
CA SER A 8 -7.87 -1.84 8.63
C SER A 8 -7.63 -1.19 10.02
N ASP A 9 -6.53 -1.58 10.66
CA ASP A 9 -6.09 -0.93 11.89
C ASP A 9 -5.45 0.41 11.51
N TYR A 10 -4.86 0.43 10.33
CA TYR A 10 -4.29 1.65 9.78
C TYR A 10 -5.40 2.49 9.22
N THR A 11 -5.29 3.76 9.39
CA THR A 11 -6.18 4.65 8.72
C THR A 11 -5.69 4.77 7.29
N GLU A 12 -6.47 5.37 6.42
CA GLU A 12 -6.06 5.49 5.04
C GLU A 12 -4.80 6.33 4.97
N ALA A 13 -4.75 7.35 5.79
CA ALA A 13 -3.61 8.24 5.88
C ALA A 13 -2.33 7.50 6.30
N GLU A 14 -2.44 6.62 7.30
CA GLU A 14 -1.28 5.84 7.79
C GLU A 14 -0.85 4.81 6.76
N PHE A 15 -1.80 4.29 6.03
CA PHE A 15 -1.50 3.34 4.97
C PHE A 15 -0.92 4.10 3.80
N LEU A 16 -1.36 5.28 3.61
CA LEU A 16 -0.84 6.11 2.57
C LEU A 16 0.58 6.52 2.92
N GLU A 17 0.86 6.46 4.16
CA GLU A 17 2.20 6.62 4.61
C GLU A 17 3.00 5.34 4.34
N PHE A 18 2.33 4.16 4.15
CA PHE A 18 3.03 2.86 3.87
C PHE A 18 3.93 3.06 2.70
N VAL A 19 3.33 3.60 1.69
CA VAL A 19 3.95 3.78 0.44
C VAL A 19 4.98 4.89 0.49
N LYS A 20 4.65 5.95 1.21
CA LYS A 20 5.58 7.05 1.38
C LYS A 20 6.80 6.56 2.15
N LYS A 21 6.54 5.68 3.12
CA LYS A 21 7.58 5.07 3.94
C LYS A 21 8.48 4.25 3.07
N ILE A 22 7.92 3.39 2.25
CA ILE A 22 8.72 2.55 1.35
C ILE A 22 9.55 3.42 0.40
N CYS A 23 8.95 4.51 0.00
CA CYS A 23 9.57 5.47 -0.87
C CYS A 23 10.78 6.16 -0.18
N ARG A 24 10.66 6.47 1.12
CA ARG A 24 11.71 7.20 1.85
C ARG A 24 12.64 6.31 2.71
N ALA A 25 12.10 5.25 3.22
CA ALA A 25 12.79 4.32 4.11
C ALA A 25 13.32 3.13 3.33
N GLU A 26 13.50 3.35 2.02
CA GLU A 26 13.99 2.36 1.01
C GLU A 26 15.18 1.50 1.49
N GLY A 27 15.94 2.01 2.44
CA GLY A 27 17.04 1.27 2.95
C GLY A 27 18.25 1.46 2.12
N ALA A 28 18.46 0.53 1.21
CA ALA A 28 19.60 0.54 0.32
C ALA A 28 19.36 -0.42 -0.82
N THR A 29 19.08 -1.63 -0.47
CA THR A 29 18.84 -2.66 -1.43
C THR A 29 17.33 -2.90 -1.50
N GLU A 30 16.88 -3.41 -2.63
CA GLU A 30 15.45 -3.59 -2.93
C GLU A 30 14.78 -4.51 -1.91
N GLU A 31 15.55 -5.41 -1.35
CA GLU A 31 15.08 -6.33 -0.32
C GLU A 31 14.51 -5.57 0.88
N ASP A 32 15.04 -4.38 1.13
CA ASP A 32 14.62 -3.58 2.27
C ASP A 32 13.26 -2.97 1.99
N ASP A 33 13.05 -2.58 0.73
CA ASP A 33 11.74 -2.10 0.27
C ASP A 33 10.78 -3.25 0.40
N ASN A 34 11.18 -4.33 -0.25
CA ASN A 34 10.43 -5.55 -0.41
C ASN A 34 9.90 -6.09 0.91
N LYS A 35 10.73 -6.09 1.96
CA LYS A 35 10.30 -6.63 3.24
C LYS A 35 9.15 -5.82 3.85
N LEU A 36 9.06 -4.54 3.51
CA LEU A 36 7.92 -3.74 3.92
C LEU A 36 6.76 -4.07 3.02
N VAL A 37 7.02 -4.03 1.73
CA VAL A 37 6.01 -4.30 0.70
C VAL A 37 5.29 -5.63 0.96
N ARG A 38 6.05 -6.65 1.33
CA ARG A 38 5.47 -7.98 1.54
C ARG A 38 4.47 -8.03 2.69
N GLU A 39 4.62 -7.19 3.70
CA GLU A 39 3.65 -7.26 4.77
C GLU A 39 2.42 -6.47 4.39
N PHE A 40 2.62 -5.35 3.72
CA PHE A 40 1.54 -4.51 3.29
C PHE A 40 0.72 -5.21 2.21
N GLU A 41 1.39 -5.84 1.26
CA GLU A 41 0.75 -6.61 0.22
C GLU A 41 0.07 -7.85 0.73
N ARG A 42 0.46 -8.30 1.90
CA ARG A 42 -0.16 -9.43 2.53
C ARG A 42 -1.54 -9.01 3.02
N LEU A 43 -1.59 -7.80 3.51
CA LEU A 43 -2.81 -7.23 4.06
C LEU A 43 -3.81 -6.86 2.96
N THR A 44 -3.29 -6.27 1.90
CA THR A 44 -4.11 -5.78 0.81
C THR A 44 -4.65 -6.91 -0.03
N GLU A 45 -3.81 -7.95 -0.20
CA GLU A 45 -4.06 -9.06 -1.06
C GLU A 45 -4.17 -8.51 -2.50
N HIS A 46 -3.50 -7.36 -2.70
CA HIS A 46 -3.58 -6.65 -3.94
C HIS A 46 -2.64 -7.32 -4.99
N PRO A 47 -3.11 -7.46 -6.21
CA PRO A 47 -2.38 -8.11 -7.30
C PRO A 47 -1.15 -7.41 -7.77
N ASP A 48 -1.23 -6.15 -7.84
CA ASP A 48 -0.17 -5.39 -8.41
C ASP A 48 0.31 -4.44 -7.41
N GLY A 49 0.06 -4.78 -6.17
CA GLY A 49 0.43 -3.91 -5.03
C GLY A 49 1.87 -3.59 -4.98
N SER A 50 2.67 -4.60 -5.12
CA SER A 50 4.09 -4.41 -5.19
C SER A 50 4.44 -3.58 -6.42
N ASP A 51 3.86 -3.97 -7.55
CA ASP A 51 4.05 -3.30 -8.83
C ASP A 51 3.74 -1.80 -8.75
N LEU A 52 2.70 -1.45 -7.97
CA LEU A 52 2.26 -0.05 -7.76
C LEU A 52 3.39 0.83 -7.28
N ILE A 53 4.17 0.28 -6.39
CA ILE A 53 5.20 1.02 -5.68
C ILE A 53 6.40 1.22 -6.57
N TYR A 54 6.60 0.27 -7.42
CA TYR A 54 7.76 0.25 -8.26
C TYR A 54 7.50 0.91 -9.62
N TYR A 55 6.39 0.58 -10.25
CA TYR A 55 6.10 1.03 -11.59
C TYR A 55 4.68 1.61 -11.66
N PRO A 56 4.53 2.72 -12.36
CA PRO A 56 3.21 3.32 -12.63
C PRO A 56 2.38 2.42 -13.56
N ARG A 57 1.05 2.51 -13.50
CA ARG A 57 0.21 1.66 -14.32
C ARG A 57 -0.21 2.37 -15.61
N ASP A 58 -1.51 2.62 -15.76
CA ASP A 58 -2.02 3.31 -16.93
C ASP A 58 -2.76 4.58 -16.55
N ASP A 59 -3.93 4.41 -15.99
CA ASP A 59 -4.81 5.53 -15.63
C ASP A 59 -4.61 5.91 -14.18
N ARG A 60 -3.98 5.00 -13.48
CA ARG A 60 -3.68 5.14 -12.10
C ARG A 60 -2.73 6.30 -11.91
N GLU A 61 -2.90 6.99 -10.85
CA GLU A 61 -2.09 8.14 -10.52
C GLU A 61 -0.80 7.67 -9.88
N ASP A 62 0.29 8.12 -10.38
CA ASP A 62 1.54 7.70 -9.83
C ASP A 62 2.01 8.65 -8.77
N SER A 63 1.42 8.51 -7.65
CA SER A 63 1.75 9.25 -6.50
C SER A 63 1.55 8.32 -5.33
N PRO A 64 2.17 8.56 -4.17
CA PRO A 64 1.91 7.76 -2.96
C PRO A 64 0.39 7.69 -2.67
N GLU A 65 -0.33 8.77 -3.00
CA GLU A 65 -1.76 8.83 -2.82
C GLU A 65 -2.49 7.93 -3.83
N GLY A 66 -2.09 8.04 -5.09
CA GLY A 66 -2.70 7.26 -6.16
C GLY A 66 -2.45 5.79 -6.02
N ILE A 67 -1.29 5.43 -5.50
CA ILE A 67 -0.95 4.05 -5.22
C ILE A 67 -1.94 3.47 -4.21
N VAL A 68 -2.22 4.24 -3.19
CA VAL A 68 -3.20 3.87 -2.18
C VAL A 68 -4.56 3.77 -2.82
N LYS A 69 -4.90 4.76 -3.64
CA LYS A 69 -6.19 4.83 -4.28
C LYS A 69 -6.47 3.61 -5.15
N GLU A 70 -5.42 3.03 -5.70
CA GLU A 70 -5.58 1.83 -6.50
C GLU A 70 -6.06 0.69 -5.60
N ILE A 71 -5.33 0.47 -4.52
CA ILE A 71 -5.67 -0.54 -3.53
C ILE A 71 -7.05 -0.27 -2.92
N LYS A 72 -7.27 0.97 -2.61
CA LYS A 72 -8.45 1.48 -1.98
C LYS A 72 -9.68 1.17 -2.85
N GLU A 73 -9.69 1.66 -4.08
CA GLU A 73 -10.84 1.49 -4.94
C GLU A 73 -11.02 0.04 -5.36
N TRP A 74 -9.93 -0.67 -5.45
CA TRP A 74 -9.95 -2.06 -5.83
C TRP A 74 -10.58 -2.89 -4.73
N ARG A 75 -10.07 -2.77 -3.51
CA ARG A 75 -10.55 -3.60 -2.42
C ARG A 75 -11.97 -3.27 -2.06
N ALA A 76 -12.31 -2.00 -2.14
CA ALA A 76 -13.65 -1.53 -1.84
C ALA A 76 -14.66 -2.06 -2.86
N ALA A 77 -14.21 -2.26 -4.10
CA ALA A 77 -15.07 -2.73 -5.17
C ALA A 77 -15.18 -4.22 -5.09
N ASN A 78 -14.12 -4.83 -4.63
CA ASN A 78 -14.04 -6.25 -4.46
C ASN A 78 -14.86 -6.73 -3.28
N GLY A 79 -15.17 -5.84 -2.37
CA GLY A 79 -15.89 -6.23 -1.18
C GLY A 79 -14.93 -6.77 -0.15
N LYS A 80 -13.74 -6.25 -0.18
CA LYS A 80 -12.69 -6.63 0.70
C LYS A 80 -12.63 -5.70 1.90
N SER A 81 -11.58 -5.84 2.66
CA SER A 81 -11.32 -5.05 3.83
C SER A 81 -11.08 -3.56 3.45
N GLY A 82 -11.00 -2.71 4.43
CA GLY A 82 -10.81 -1.30 4.18
C GLY A 82 -9.71 -0.76 5.04
N PHE A 83 -9.75 0.50 5.30
CA PHE A 83 -8.85 1.13 6.19
C PHE A 83 -9.66 1.63 7.35
N LYS A 84 -9.03 2.29 8.26
CA LYS A 84 -9.74 2.95 9.30
C LYS A 84 -10.02 4.35 8.84
N GLN A 85 -11.14 4.85 9.21
CA GLN A 85 -11.62 6.10 8.74
C GLN A 85 -11.18 7.25 9.65
N GLY A 86 -9.90 7.28 9.96
CA GLY A 86 -9.39 8.35 10.79
C GLY A 86 -9.74 8.14 12.23
N GLU A 2 4.63 1.46 16.35
CA GLU A 2 3.65 0.56 16.94
C GLU A 2 3.28 -0.49 15.91
N LEU A 3 2.39 -1.40 16.27
CA LEU A 3 1.98 -2.45 15.37
C LEU A 3 0.49 -2.45 15.11
N LYS A 4 0.13 -3.08 14.04
CA LYS A 4 -1.24 -3.23 13.61
C LYS A 4 -1.72 -4.64 13.97
N HIS A 5 -2.92 -4.95 13.53
CA HIS A 5 -3.43 -6.32 13.60
C HIS A 5 -3.98 -6.71 12.20
N SER A 6 -4.03 -5.72 11.28
CA SER A 6 -4.59 -5.91 9.94
C SER A 6 -4.29 -4.67 9.09
N ILE A 7 -4.78 -4.64 7.85
CA ILE A 7 -4.66 -3.46 7.00
C ILE A 7 -5.58 -2.36 7.51
N SER A 8 -6.73 -2.77 8.02
CA SER A 8 -7.75 -1.88 8.45
C SER A 8 -7.50 -1.36 9.87
N ASP A 9 -6.32 -1.69 10.37
CA ASP A 9 -5.81 -1.12 11.61
C ASP A 9 -5.21 0.24 11.26
N TYR A 10 -4.75 0.34 10.03
CA TYR A 10 -4.19 1.56 9.51
C TYR A 10 -5.31 2.42 8.99
N THR A 11 -5.18 3.70 9.13
CA THR A 11 -6.08 4.60 8.48
C THR A 11 -5.61 4.75 7.06
N GLU A 12 -6.36 5.45 6.27
CA GLU A 12 -6.00 5.69 4.90
C GLU A 12 -4.67 6.45 4.88
N ALA A 13 -4.51 7.38 5.81
CA ALA A 13 -3.31 8.20 5.92
C ALA A 13 -2.10 7.37 6.35
N GLU A 14 -2.28 6.49 7.34
CA GLU A 14 -1.18 5.65 7.84
C GLU A 14 -0.76 4.62 6.82
N PHE A 15 -1.72 4.15 6.07
CA PHE A 15 -1.44 3.23 5.01
C PHE A 15 -0.83 3.98 3.86
N LEU A 16 -1.22 5.19 3.67
CA LEU A 16 -0.65 6.00 2.63
C LEU A 16 0.81 6.31 2.96
N GLU A 17 1.12 6.22 4.20
CA GLU A 17 2.49 6.25 4.62
C GLU A 17 3.21 4.96 4.32
N PHE A 18 2.46 3.84 4.11
CA PHE A 18 3.08 2.51 3.78
C PHE A 18 3.98 2.72 2.61
N VAL A 19 3.41 3.30 1.62
CA VAL A 19 4.03 3.49 0.35
C VAL A 19 5.12 4.55 0.40
N LYS A 20 4.90 5.57 1.17
CA LYS A 20 5.88 6.62 1.35
C LYS A 20 7.10 6.10 2.09
N LYS A 21 6.83 5.27 3.10
CA LYS A 21 7.86 4.62 3.91
C LYS A 21 8.69 3.71 3.04
N ILE A 22 8.04 3.05 2.10
CA ILE A 22 8.70 2.19 1.15
C ILE A 22 9.59 3.03 0.21
N CYS A 23 9.04 4.12 -0.29
CA CYS A 23 9.77 5.04 -1.17
C CYS A 23 11.06 5.57 -0.49
N ARG A 24 11.03 5.71 0.82
CA ARG A 24 12.17 6.18 1.59
C ARG A 24 12.93 5.03 2.27
N ALA A 25 12.56 3.79 1.94
CA ALA A 25 13.11 2.59 2.63
C ALA A 25 14.51 2.16 2.18
N GLU A 26 15.25 2.99 1.45
CA GLU A 26 16.62 2.63 1.10
C GLU A 26 17.61 2.86 2.24
N GLY A 27 17.23 2.37 3.41
CA GLY A 27 18.05 2.45 4.57
C GLY A 27 19.26 1.59 4.43
N ALA A 28 19.02 0.33 4.20
CA ALA A 28 20.08 -0.60 3.98
C ALA A 28 20.25 -0.83 2.49
N THR A 29 19.25 -1.46 1.89
CA THR A 29 19.27 -1.82 0.49
C THR A 29 17.83 -1.94 -0.02
N GLU A 30 17.67 -2.18 -1.33
CA GLU A 30 16.37 -2.35 -2.00
C GLU A 30 15.50 -3.44 -1.35
N GLU A 31 16.12 -4.39 -0.70
CA GLU A 31 15.41 -5.47 -0.08
C GLU A 31 14.69 -5.02 1.19
N ASP A 32 15.14 -3.89 1.76
CA ASP A 32 14.47 -3.32 2.94
C ASP A 32 13.13 -2.77 2.50
N ASP A 33 13.18 -2.14 1.34
CA ASP A 33 12.03 -1.61 0.60
C ASP A 33 11.06 -2.75 0.29
N ASN A 34 11.58 -3.77 -0.34
CA ASN A 34 10.82 -4.94 -0.78
C ASN A 34 10.17 -5.70 0.38
N LYS A 35 10.88 -5.89 1.50
CA LYS A 35 10.28 -6.61 2.62
C LYS A 35 9.10 -5.85 3.22
N LEU A 36 9.08 -4.53 3.05
CA LEU A 36 7.92 -3.77 3.46
C LEU A 36 6.78 -4.08 2.53
N VAL A 37 7.06 -3.97 1.24
CA VAL A 37 6.08 -4.22 0.18
C VAL A 37 5.39 -5.58 0.38
N ARG A 38 6.18 -6.59 0.64
CA ARG A 38 5.68 -7.95 0.76
C ARG A 38 4.72 -8.16 1.93
N GLU A 39 4.84 -7.38 3.01
CA GLU A 39 3.90 -7.55 4.11
C GLU A 39 2.64 -6.77 3.82
N PHE A 40 2.81 -5.56 3.28
CA PHE A 40 1.69 -4.70 2.95
C PHE A 40 0.84 -5.31 1.88
N GLU A 41 1.47 -5.96 0.93
CA GLU A 41 0.79 -6.65 -0.13
C GLU A 41 0.03 -7.88 0.32
N ARG A 42 0.34 -8.37 1.49
CA ARG A 42 -0.38 -9.49 2.04
C ARG A 42 -1.63 -8.96 2.72
N LEU A 43 -1.51 -7.77 3.21
CA LEU A 43 -2.59 -7.09 3.88
C LEU A 43 -3.64 -6.67 2.85
N THR A 44 -3.19 -6.11 1.75
CA THR A 44 -4.04 -5.66 0.67
C THR A 44 -4.58 -6.83 -0.13
N GLU A 45 -3.67 -7.79 -0.41
CA GLU A 45 -3.90 -8.92 -1.28
C GLU A 45 -4.13 -8.38 -2.68
N HIS A 46 -3.57 -7.20 -2.91
CA HIS A 46 -3.76 -6.50 -4.12
C HIS A 46 -2.92 -7.14 -5.25
N PRO A 47 -3.52 -7.36 -6.40
CA PRO A 47 -2.91 -8.06 -7.53
C PRO A 47 -1.70 -7.38 -8.09
N ASP A 48 -1.79 -6.11 -8.20
CA ASP A 48 -0.78 -5.34 -8.82
C ASP A 48 -0.15 -4.50 -7.78
N GLY A 49 -0.37 -4.87 -6.54
CA GLY A 49 0.13 -4.08 -5.41
C GLY A 49 1.59 -3.92 -5.41
N SER A 50 2.28 -5.00 -5.56
CA SER A 50 3.71 -4.91 -5.61
C SER A 50 4.24 -4.35 -6.94
N ASP A 51 3.35 -4.13 -7.88
CA ASP A 51 3.70 -3.49 -9.12
C ASP A 51 3.54 -1.99 -8.96
N LEU A 52 2.44 -1.59 -8.26
CA LEU A 52 2.03 -0.18 -8.03
C LEU A 52 3.16 0.72 -7.59
N ILE A 53 3.95 0.19 -6.72
CA ILE A 53 4.98 0.95 -6.05
C ILE A 53 6.17 1.14 -6.96
N TYR A 54 6.38 0.19 -7.79
CA TYR A 54 7.52 0.15 -8.63
C TYR A 54 7.25 0.75 -10.01
N TYR A 55 6.09 0.49 -10.53
CA TYR A 55 5.70 0.91 -11.84
C TYR A 55 4.34 1.57 -11.80
N PRO A 56 4.17 2.65 -12.54
CA PRO A 56 2.85 3.28 -12.73
C PRO A 56 2.01 2.38 -13.64
N ARG A 57 0.71 2.45 -13.54
CA ARG A 57 -0.10 1.62 -14.40
C ARG A 57 -0.67 2.39 -15.57
N ASP A 58 -1.98 2.48 -15.64
CA ASP A 58 -2.62 3.15 -16.76
C ASP A 58 -3.51 4.30 -16.34
N ASP A 59 -4.60 3.94 -15.70
CA ASP A 59 -5.69 4.86 -15.33
C ASP A 59 -5.41 5.52 -13.99
N ARG A 60 -4.54 4.94 -13.22
CA ARG A 60 -4.28 5.41 -11.92
C ARG A 60 -3.20 6.48 -11.92
N GLU A 61 -3.35 7.40 -11.00
CA GLU A 61 -2.37 8.43 -10.75
C GLU A 61 -1.12 7.79 -10.18
N ASP A 62 0.02 8.21 -10.65
CA ASP A 62 1.26 7.68 -10.16
C ASP A 62 1.79 8.51 -9.02
N SER A 63 1.27 8.25 -7.87
CA SER A 63 1.71 8.91 -6.69
C SER A 63 1.55 7.91 -5.54
N PRO A 64 2.25 8.09 -4.40
CA PRO A 64 2.03 7.28 -3.20
C PRO A 64 0.55 7.29 -2.82
N GLU A 65 -0.06 8.44 -3.06
CA GLU A 65 -1.46 8.67 -2.78
C GLU A 65 -2.35 7.87 -3.73
N GLY A 66 -1.96 7.82 -5.00
CA GLY A 66 -2.70 7.08 -6.01
C GLY A 66 -2.61 5.60 -5.81
N ILE A 67 -1.46 5.12 -5.39
CA ILE A 67 -1.24 3.70 -5.09
C ILE A 67 -2.27 3.23 -4.05
N VAL A 68 -2.32 3.94 -2.97
CA VAL A 68 -3.28 3.74 -1.89
C VAL A 68 -4.72 3.90 -2.38
N LYS A 69 -4.91 4.79 -3.33
CA LYS A 69 -6.21 5.05 -3.89
C LYS A 69 -6.65 3.84 -4.72
N GLU A 70 -5.71 3.23 -5.40
CA GLU A 70 -5.95 2.03 -6.17
C GLU A 70 -6.34 0.91 -5.20
N ILE A 71 -5.60 0.82 -4.10
CA ILE A 71 -5.85 -0.17 -3.04
C ILE A 71 -7.26 0.03 -2.50
N LYS A 72 -7.62 1.28 -2.24
CA LYS A 72 -8.89 1.60 -1.70
C LYS A 72 -10.00 1.21 -2.66
N GLU A 73 -9.93 1.70 -3.88
CA GLU A 73 -10.98 1.48 -4.86
C GLU A 73 -11.15 0.04 -5.26
N TRP A 74 -10.08 -0.68 -5.35
CA TRP A 74 -10.14 -2.04 -5.75
C TRP A 74 -10.83 -2.88 -4.67
N ARG A 75 -10.41 -2.70 -3.44
CA ARG A 75 -10.98 -3.46 -2.34
C ARG A 75 -12.39 -2.98 -2.04
N ALA A 76 -12.63 -1.70 -2.30
CA ALA A 76 -13.94 -1.08 -2.13
C ALA A 76 -14.93 -1.65 -3.15
N ALA A 77 -14.42 -2.03 -4.31
CA ALA A 77 -15.24 -2.55 -5.37
C ALA A 77 -15.49 -4.01 -5.13
N ASN A 78 -14.41 -4.68 -4.76
CA ASN A 78 -14.43 -6.10 -4.50
C ASN A 78 -15.26 -6.45 -3.28
N GLY A 79 -15.34 -5.53 -2.35
CA GLY A 79 -16.08 -5.79 -1.13
C GLY A 79 -15.20 -6.51 -0.16
N LYS A 80 -14.01 -6.00 -0.02
CA LYS A 80 -13.03 -6.51 0.87
C LYS A 80 -12.91 -5.60 2.07
N SER A 81 -11.85 -5.75 2.84
CA SER A 81 -11.59 -4.91 3.99
C SER A 81 -11.27 -3.48 3.52
N GLY A 82 -11.19 -2.56 4.45
CA GLY A 82 -10.94 -1.18 4.10
C GLY A 82 -9.80 -0.62 4.89
N PHE A 83 -9.83 0.66 5.13
CA PHE A 83 -8.91 1.31 5.98
C PHE A 83 -9.70 1.79 7.18
N LYS A 84 -9.04 2.15 8.24
CA LYS A 84 -9.71 2.68 9.38
C LYS A 84 -10.18 4.09 9.05
N GLN A 85 -11.43 4.35 9.33
CA GLN A 85 -12.13 5.57 8.94
C GLN A 85 -11.86 6.78 9.85
N GLY A 86 -10.74 6.76 10.48
CA GLY A 86 -10.40 7.83 11.36
C GLY A 86 -9.80 7.29 12.59
N GLU A 2 -0.91 2.95 18.18
CA GLU A 2 -0.09 2.49 17.06
C GLU A 2 -0.11 0.97 17.06
N LEU A 3 0.22 0.38 15.92
CA LEU A 3 0.20 -1.07 15.71
C LEU A 3 -1.19 -1.59 15.49
N LYS A 4 -1.32 -2.24 14.38
CA LYS A 4 -2.56 -2.74 13.89
C LYS A 4 -2.87 -4.12 14.44
N HIS A 5 -3.99 -4.61 14.00
CA HIS A 5 -4.38 -5.99 14.15
C HIS A 5 -4.69 -6.55 12.76
N SER A 6 -4.80 -5.63 11.78
CA SER A 6 -5.12 -5.96 10.41
C SER A 6 -4.84 -4.75 9.54
N ILE A 7 -5.07 -4.85 8.23
CA ILE A 7 -4.91 -3.68 7.35
C ILE A 7 -6.00 -2.65 7.67
N SER A 8 -7.13 -3.15 8.14
CA SER A 8 -8.25 -2.31 8.43
C SER A 8 -8.04 -1.48 9.71
N ASP A 9 -6.92 -1.73 10.41
CA ASP A 9 -6.57 -0.86 11.54
C ASP A 9 -5.71 0.31 11.09
N TYR A 10 -5.11 0.19 9.93
CA TYR A 10 -4.39 1.30 9.39
C TYR A 10 -5.36 2.30 8.90
N THR A 11 -5.17 3.52 9.26
CA THR A 11 -5.97 4.55 8.72
C THR A 11 -5.54 4.76 7.29
N GLU A 12 -6.43 5.27 6.46
CA GLU A 12 -6.13 5.44 5.05
C GLU A 12 -4.91 6.35 4.86
N ALA A 13 -4.76 7.30 5.76
CA ALA A 13 -3.60 8.20 5.75
C ALA A 13 -2.31 7.45 6.19
N GLU A 14 -2.42 6.60 7.20
CA GLU A 14 -1.27 5.82 7.68
C GLU A 14 -0.87 4.73 6.73
N PHE A 15 -1.82 4.22 6.01
CA PHE A 15 -1.53 3.26 4.99
C PHE A 15 -0.97 3.97 3.80
N LEU A 16 -1.39 5.15 3.58
CA LEU A 16 -0.84 5.94 2.51
C LEU A 16 0.62 6.31 2.81
N GLU A 17 0.94 6.24 4.05
CA GLU A 17 2.29 6.35 4.50
C GLU A 17 3.07 5.01 4.25
N PHE A 18 2.33 3.87 4.07
CA PHE A 18 2.98 2.53 3.78
C PHE A 18 3.88 2.69 2.61
N VAL A 19 3.30 3.25 1.61
CA VAL A 19 3.91 3.38 0.33
C VAL A 19 5.00 4.41 0.35
N LYS A 20 4.75 5.51 1.05
CA LYS A 20 5.71 6.57 1.17
C LYS A 20 6.94 6.07 1.92
N LYS A 21 6.70 5.25 2.94
CA LYS A 21 7.76 4.63 3.73
C LYS A 21 8.60 3.77 2.83
N ILE A 22 7.95 3.00 1.98
CA ILE A 22 8.66 2.17 1.04
C ILE A 22 9.50 3.04 0.12
N CYS A 23 8.87 4.03 -0.48
CA CYS A 23 9.51 4.97 -1.38
C CYS A 23 10.75 5.66 -0.77
N ARG A 24 10.72 5.92 0.52
CA ARG A 24 11.83 6.60 1.16
C ARG A 24 12.83 5.65 1.85
N ALA A 25 12.38 4.51 2.32
CA ALA A 25 13.24 3.62 3.08
C ALA A 25 13.68 2.40 2.28
N GLU A 26 13.50 2.44 0.99
CA GLU A 26 13.89 1.32 0.14
C GLU A 26 15.38 1.23 -0.13
N GLY A 27 16.07 2.32 0.02
CA GLY A 27 17.44 2.37 -0.39
C GLY A 27 18.43 2.02 0.66
N ALA A 28 18.44 0.78 1.01
CA ALA A 28 19.48 0.22 1.85
C ALA A 28 19.99 -1.02 1.14
N THR A 29 19.06 -1.78 0.65
CA THR A 29 19.27 -2.94 -0.19
C THR A 29 17.93 -3.14 -0.85
N GLU A 30 17.88 -3.81 -1.96
CA GLU A 30 16.61 -4.01 -2.67
C GLU A 30 15.67 -4.89 -1.86
N GLU A 31 16.25 -5.68 -0.96
CA GLU A 31 15.42 -6.46 -0.08
C GLU A 31 14.65 -5.55 0.89
N ASP A 32 15.21 -4.35 1.17
CA ASP A 32 14.54 -3.35 2.04
C ASP A 32 13.27 -2.87 1.42
N ASP A 33 13.30 -2.77 0.13
CA ASP A 33 12.13 -2.37 -0.66
C ASP A 33 11.12 -3.48 -0.57
N ASN A 34 11.51 -4.63 -1.06
CA ASN A 34 10.67 -5.80 -1.16
C ASN A 34 10.07 -6.25 0.17
N LYS A 35 10.86 -6.23 1.25
CA LYS A 35 10.35 -6.67 2.55
C LYS A 35 9.23 -5.76 3.05
N LEU A 36 9.34 -4.45 2.79
CA LEU A 36 8.27 -3.56 3.19
C LEU A 36 7.06 -3.82 2.33
N VAL A 37 7.30 -3.97 1.06
CA VAL A 37 6.22 -4.23 0.13
C VAL A 37 5.51 -5.53 0.49
N ARG A 38 6.25 -6.57 0.80
CA ARG A 38 5.63 -7.85 1.05
C ARG A 38 4.84 -7.87 2.35
N GLU A 39 5.25 -7.10 3.36
CA GLU A 39 4.47 -7.08 4.60
C GLU A 39 3.13 -6.41 4.33
N PHE A 40 3.18 -5.37 3.54
CA PHE A 40 2.01 -4.62 3.20
C PHE A 40 1.14 -5.37 2.19
N GLU A 41 1.77 -5.99 1.23
CA GLU A 41 1.10 -6.78 0.22
C GLU A 41 0.38 -8.01 0.78
N ARG A 42 0.83 -8.51 1.92
CA ARG A 42 0.13 -9.58 2.59
C ARG A 42 -1.14 -9.03 3.21
N LEU A 43 -1.01 -7.87 3.78
CA LEU A 43 -2.10 -7.17 4.43
C LEU A 43 -3.21 -6.81 3.43
N THR A 44 -2.80 -6.29 2.30
CA THR A 44 -3.69 -5.84 1.25
C THR A 44 -4.40 -6.97 0.56
N GLU A 45 -3.64 -8.06 0.28
CA GLU A 45 -4.09 -9.15 -0.50
C GLU A 45 -4.34 -8.61 -1.93
N HIS A 46 -3.59 -7.58 -2.26
CA HIS A 46 -3.73 -6.95 -3.52
C HIS A 46 -2.85 -7.70 -4.54
N PRO A 47 -3.33 -7.86 -5.76
CA PRO A 47 -2.61 -8.57 -6.82
C PRO A 47 -1.40 -7.86 -7.33
N ASP A 48 -1.58 -6.62 -7.58
CA ASP A 48 -0.62 -5.84 -8.25
C ASP A 48 -0.02 -4.90 -7.29
N GLY A 49 -0.18 -5.20 -6.02
CA GLY A 49 0.31 -4.27 -4.96
C GLY A 49 1.73 -3.98 -5.03
N SER A 50 2.49 -4.97 -5.27
CA SER A 50 3.89 -4.78 -5.44
C SER A 50 4.15 -4.02 -6.74
N ASP A 51 3.44 -4.42 -7.78
CA ASP A 51 3.51 -3.80 -9.10
C ASP A 51 3.15 -2.33 -9.07
N LEU A 52 2.28 -1.93 -8.15
CA LEU A 52 1.84 -0.52 -7.99
C LEU A 52 3.01 0.37 -7.65
N ILE A 53 3.98 -0.20 -6.99
CA ILE A 53 5.12 0.56 -6.54
C ILE A 53 6.21 0.56 -7.61
N TYR A 54 6.35 -0.57 -8.25
CA TYR A 54 7.41 -0.78 -9.21
C TYR A 54 7.02 -0.29 -10.61
N TYR A 55 5.76 -0.35 -10.90
CA TYR A 55 5.22 0.04 -12.16
C TYR A 55 4.17 1.10 -11.89
N PRO A 56 4.33 2.26 -12.47
CA PRO A 56 3.46 3.38 -12.22
C PRO A 56 2.03 3.22 -12.74
N ARG A 57 1.15 3.96 -12.13
CA ARG A 57 -0.27 4.00 -12.49
C ARG A 57 -0.46 5.33 -13.16
N ASP A 58 0.47 5.66 -13.99
CA ASP A 58 0.60 6.95 -14.72
C ASP A 58 -0.70 7.37 -15.47
N ASP A 59 -1.67 6.49 -15.52
CA ASP A 59 -2.98 6.78 -16.12
C ASP A 59 -3.73 7.74 -15.22
N ARG A 60 -3.51 7.58 -13.94
CA ARG A 60 -4.07 8.42 -12.93
C ARG A 60 -2.91 9.16 -12.31
N GLU A 61 -3.08 9.76 -11.18
CA GLU A 61 -1.97 10.33 -10.49
C GLU A 61 -1.08 9.21 -9.98
N ASP A 62 0.14 9.21 -10.39
CA ASP A 62 1.06 8.22 -9.93
C ASP A 62 1.82 8.78 -8.79
N SER A 63 1.30 8.58 -7.65
CA SER A 63 1.88 9.06 -6.46
C SER A 63 1.66 8.02 -5.39
N PRO A 64 2.32 8.15 -4.22
CA PRO A 64 2.02 7.32 -3.06
C PRO A 64 0.50 7.26 -2.84
N GLU A 65 -0.18 8.41 -3.00
CA GLU A 65 -1.62 8.50 -2.87
C GLU A 65 -2.33 7.60 -3.91
N GLY A 66 -1.97 7.77 -5.18
CA GLY A 66 -2.60 7.03 -6.26
C GLY A 66 -2.41 5.52 -6.14
N ILE A 67 -1.26 5.13 -5.61
CA ILE A 67 -0.95 3.72 -5.34
C ILE A 67 -1.92 3.17 -4.29
N VAL A 68 -2.07 3.93 -3.22
CA VAL A 68 -2.98 3.59 -2.14
C VAL A 68 -4.39 3.54 -2.64
N LYS A 69 -4.72 4.49 -3.49
CA LYS A 69 -6.04 4.63 -4.05
C LYS A 69 -6.43 3.39 -4.83
N GLU A 70 -5.45 2.74 -5.43
CA GLU A 70 -5.69 1.53 -6.19
C GLU A 70 -6.15 0.43 -5.22
N ILE A 71 -5.34 0.22 -4.20
CA ILE A 71 -5.61 -0.76 -3.14
C ILE A 71 -6.96 -0.47 -2.45
N LYS A 72 -7.21 0.78 -2.27
CA LYS A 72 -8.35 1.28 -1.59
C LYS A 72 -9.62 0.98 -2.40
N GLU A 73 -9.61 1.35 -3.65
CA GLU A 73 -10.76 1.17 -4.50
C GLU A 73 -10.96 -0.28 -4.89
N TRP A 74 -9.88 -0.99 -5.08
CA TRP A 74 -9.92 -2.36 -5.49
C TRP A 74 -10.50 -3.26 -4.40
N ARG A 75 -10.03 -3.10 -3.16
CA ARG A 75 -10.49 -3.99 -2.11
C ARG A 75 -11.92 -3.71 -1.74
N ALA A 76 -12.30 -2.46 -1.91
CA ALA A 76 -13.65 -2.02 -1.66
C ALA A 76 -14.61 -2.62 -2.70
N ALA A 77 -14.08 -2.91 -3.88
CA ALA A 77 -14.89 -3.44 -4.96
C ALA A 77 -15.01 -4.92 -4.79
N ASN A 78 -13.93 -5.51 -4.32
CA ASN A 78 -13.85 -6.92 -4.10
C ASN A 78 -14.66 -7.38 -2.89
N GLY A 79 -14.94 -6.46 -2.02
CA GLY A 79 -15.65 -6.78 -0.81
C GLY A 79 -14.70 -7.31 0.24
N LYS A 80 -13.52 -6.76 0.23
CA LYS A 80 -12.46 -7.12 1.12
C LYS A 80 -12.41 -6.14 2.27
N SER A 81 -11.36 -6.24 3.05
CA SER A 81 -11.10 -5.41 4.18
C SER A 81 -10.94 -3.91 3.77
N GLY A 82 -10.77 -3.04 4.74
CA GLY A 82 -10.66 -1.63 4.42
C GLY A 82 -9.52 -1.02 5.17
N PHE A 83 -9.65 0.25 5.47
CA PHE A 83 -8.78 0.96 6.31
C PHE A 83 -9.63 1.53 7.41
N LYS A 84 -9.02 2.20 8.33
CA LYS A 84 -9.72 2.91 9.32
C LYS A 84 -9.79 4.35 8.87
N GLN A 85 -10.90 4.97 9.02
CA GLN A 85 -11.07 6.34 8.56
C GLN A 85 -11.51 7.25 9.70
N GLY A 86 -11.13 6.88 10.89
CA GLY A 86 -11.48 7.65 12.04
C GLY A 86 -11.17 6.88 13.29
N GLU A 2 2.54 0.68 18.43
CA GLU A 2 2.83 0.35 17.03
C GLU A 2 2.61 -1.16 16.86
N LEU A 3 2.68 -1.66 15.62
CA LEU A 3 2.47 -3.05 15.25
C LEU A 3 1.01 -3.37 15.25
N LYS A 4 0.40 -3.11 14.12
CA LYS A 4 -1.04 -3.30 13.92
C LYS A 4 -1.47 -4.77 13.96
N HIS A 5 -2.75 -4.98 13.83
CA HIS A 5 -3.28 -6.31 13.70
C HIS A 5 -3.68 -6.58 12.25
N SER A 6 -4.04 -5.53 11.51
CA SER A 6 -4.47 -5.67 10.13
C SER A 6 -4.35 -4.33 9.41
N ILE A 7 -4.70 -4.32 8.13
CA ILE A 7 -4.72 -3.10 7.34
C ILE A 7 -5.88 -2.20 7.81
N SER A 8 -6.88 -2.84 8.40
CA SER A 8 -8.05 -2.17 8.89
C SER A 8 -7.70 -1.33 10.12
N ASP A 9 -6.52 -1.57 10.68
CA ASP A 9 -6.07 -0.78 11.79
C ASP A 9 -5.27 0.44 11.31
N TYR A 10 -5.01 0.49 10.02
CA TYR A 10 -4.38 1.64 9.41
C TYR A 10 -5.46 2.58 8.97
N THR A 11 -5.27 3.84 9.13
CA THR A 11 -6.17 4.77 8.55
C THR A 11 -5.75 4.91 7.10
N GLU A 12 -6.56 5.57 6.28
CA GLU A 12 -6.19 5.77 4.90
C GLU A 12 -4.89 6.58 4.86
N ALA A 13 -4.73 7.44 5.85
CA ALA A 13 -3.54 8.28 5.99
C ALA A 13 -2.31 7.46 6.40
N GLU A 14 -2.45 6.59 7.40
CA GLU A 14 -1.32 5.74 7.85
C GLU A 14 -0.92 4.77 6.77
N PHE A 15 -1.88 4.35 6.01
CA PHE A 15 -1.60 3.48 4.91
C PHE A 15 -1.01 4.26 3.78
N LEU A 16 -1.40 5.47 3.62
CA LEU A 16 -0.84 6.31 2.60
C LEU A 16 0.59 6.65 2.96
N GLU A 17 0.87 6.56 4.19
CA GLU A 17 2.20 6.66 4.66
C GLU A 17 2.99 5.38 4.34
N PHE A 18 2.30 4.23 4.10
CA PHE A 18 2.98 2.92 3.76
C PHE A 18 3.85 3.14 2.58
N VAL A 19 3.25 3.72 1.60
CA VAL A 19 3.86 3.92 0.33
C VAL A 19 4.91 5.01 0.39
N LYS A 20 4.63 6.05 1.15
CA LYS A 20 5.60 7.11 1.33
C LYS A 20 6.81 6.54 2.04
N LYS A 21 6.54 5.74 3.08
CA LYS A 21 7.54 5.02 3.85
C LYS A 21 8.39 4.20 2.94
N ILE A 22 7.75 3.41 2.10
CA ILE A 22 8.44 2.56 1.15
C ILE A 22 9.40 3.38 0.26
N CYS A 23 8.92 4.49 -0.23
CA CYS A 23 9.71 5.34 -1.09
C CYS A 23 10.94 5.92 -0.35
N ARG A 24 10.79 6.25 0.94
CA ARG A 24 11.84 6.91 1.71
C ARG A 24 12.72 5.95 2.55
N ALA A 25 12.10 4.94 3.09
CA ALA A 25 12.71 3.99 4.03
C ALA A 25 13.28 2.77 3.32
N GLU A 26 13.58 2.93 2.03
CA GLU A 26 14.10 1.87 1.12
C GLU A 26 15.26 1.01 1.69
N GLY A 27 15.91 1.49 2.73
CA GLY A 27 16.90 0.70 3.44
C GLY A 27 18.26 0.72 2.81
N ALA A 28 19.03 -0.31 3.09
CA ALA A 28 20.38 -0.41 2.58
C ALA A 28 20.39 -1.02 1.21
N THR A 29 19.66 -2.08 1.07
CA THR A 29 19.54 -2.76 -0.17
C THR A 29 18.05 -2.79 -0.52
N GLU A 30 17.72 -2.95 -1.77
CA GLU A 30 16.31 -2.84 -2.21
C GLU A 30 15.45 -4.03 -1.77
N GLU A 31 16.09 -5.02 -1.17
CA GLU A 31 15.38 -6.14 -0.61
C GLU A 31 14.71 -5.71 0.70
N ASP A 32 15.31 -4.72 1.36
CA ASP A 32 14.79 -4.18 2.62
C ASP A 32 13.51 -3.44 2.31
N ASP A 33 13.51 -2.84 1.14
CA ASP A 33 12.37 -2.17 0.57
C ASP A 33 11.27 -3.19 0.24
N ASN A 34 11.65 -4.22 -0.49
CA ASN A 34 10.76 -5.26 -0.95
C ASN A 34 10.08 -6.00 0.21
N LYS A 35 10.80 -6.22 1.31
CA LYS A 35 10.19 -6.89 2.44
C LYS A 35 9.07 -6.07 3.08
N LEU A 36 9.12 -4.74 2.97
CA LEU A 36 7.97 -3.93 3.39
C LEU A 36 6.84 -4.17 2.42
N VAL A 37 7.15 -4.02 1.15
CA VAL A 37 6.18 -4.16 0.08
C VAL A 37 5.40 -5.50 0.16
N ARG A 38 6.13 -6.58 0.38
CA ARG A 38 5.54 -7.90 0.43
C ARG A 38 4.57 -8.11 1.60
N GLU A 39 4.70 -7.32 2.69
CA GLU A 39 3.74 -7.47 3.78
C GLU A 39 2.50 -6.67 3.44
N PHE A 40 2.72 -5.52 2.83
CA PHE A 40 1.64 -4.65 2.46
C PHE A 40 0.78 -5.28 1.39
N GLU A 41 1.41 -6.00 0.45
CA GLU A 41 0.68 -6.79 -0.56
C GLU A 41 -0.28 -7.78 0.08
N ARG A 42 0.07 -8.29 1.23
CA ARG A 42 -0.72 -9.28 1.89
C ARG A 42 -1.81 -8.63 2.71
N LEU A 43 -1.46 -7.53 3.35
CA LEU A 43 -2.42 -6.74 4.13
C LEU A 43 -3.54 -6.24 3.21
N THR A 44 -3.15 -5.83 2.03
CA THR A 44 -4.07 -5.33 1.05
C THR A 44 -4.74 -6.44 0.30
N GLU A 45 -4.03 -7.58 0.18
CA GLU A 45 -4.44 -8.71 -0.64
C GLU A 45 -4.37 -8.23 -2.10
N HIS A 46 -3.57 -7.19 -2.32
CA HIS A 46 -3.52 -6.55 -3.58
C HIS A 46 -2.51 -7.24 -4.49
N PRO A 47 -2.98 -7.61 -5.68
CA PRO A 47 -2.23 -8.41 -6.66
C PRO A 47 -1.00 -7.74 -7.17
N ASP A 48 -1.13 -6.50 -7.43
CA ASP A 48 -0.09 -5.78 -8.04
C ASP A 48 0.48 -4.86 -7.05
N GLY A 49 0.31 -5.20 -5.77
CA GLY A 49 0.81 -4.37 -4.64
C GLY A 49 2.25 -4.01 -4.77
N SER A 50 3.03 -4.85 -5.38
CA SER A 50 4.40 -4.51 -5.60
C SER A 50 4.54 -3.63 -6.85
N ASP A 51 3.89 -4.05 -7.94
CA ASP A 51 3.98 -3.32 -9.21
C ASP A 51 3.46 -1.90 -9.10
N LEU A 52 2.52 -1.66 -8.19
CA LEU A 52 1.98 -0.30 -7.94
C LEU A 52 3.09 0.67 -7.59
N ILE A 53 4.00 0.20 -6.79
CA ILE A 53 5.07 1.02 -6.26
C ILE A 53 6.20 1.12 -7.27
N TYR A 54 6.31 0.13 -8.07
CA TYR A 54 7.39 0.02 -8.98
C TYR A 54 7.08 0.60 -10.36
N TYR A 55 5.84 0.52 -10.80
CA TYR A 55 5.44 1.00 -12.12
C TYR A 55 4.05 1.62 -12.05
N PRO A 56 3.85 2.82 -12.64
CA PRO A 56 2.52 3.40 -12.77
C PRO A 56 1.67 2.49 -13.65
N ARG A 57 0.39 2.41 -13.37
CA ARG A 57 -0.46 1.49 -14.10
C ARG A 57 -1.00 2.09 -15.39
N ASP A 58 -2.28 2.27 -15.48
CA ASP A 58 -2.88 2.77 -16.70
C ASP A 58 -3.51 4.11 -16.49
N ASP A 59 -4.50 4.14 -15.64
CA ASP A 59 -5.27 5.37 -15.43
C ASP A 59 -4.82 6.06 -14.18
N ARG A 60 -4.02 5.40 -13.41
CA ARG A 60 -3.61 5.89 -12.16
C ARG A 60 -2.31 6.65 -12.23
N GLU A 61 -2.28 7.70 -11.48
CA GLU A 61 -1.14 8.56 -11.32
C GLU A 61 -0.16 7.91 -10.36
N ASP A 62 1.10 8.07 -10.64
CA ASP A 62 2.15 7.59 -9.76
C ASP A 62 2.41 8.60 -8.67
N SER A 63 1.73 8.44 -7.59
CA SER A 63 1.94 9.26 -6.44
C SER A 63 1.65 8.42 -5.21
N PRO A 64 2.19 8.77 -4.03
CA PRO A 64 1.89 8.06 -2.79
C PRO A 64 0.36 8.03 -2.55
N GLU A 65 -0.35 9.03 -3.03
CA GLU A 65 -1.79 9.07 -2.91
C GLU A 65 -2.44 8.13 -3.95
N GLY A 66 -1.93 8.19 -5.18
CA GLY A 66 -2.46 7.38 -6.26
C GLY A 66 -2.31 5.89 -6.03
N ILE A 67 -1.17 5.50 -5.51
CA ILE A 67 -0.91 4.09 -5.21
C ILE A 67 -1.90 3.56 -4.16
N VAL A 68 -2.20 4.39 -3.18
CA VAL A 68 -3.20 4.07 -2.17
C VAL A 68 -4.56 3.97 -2.80
N LYS A 69 -4.86 4.91 -3.67
CA LYS A 69 -6.14 5.00 -4.34
C LYS A 69 -6.48 3.71 -5.08
N GLU A 70 -5.50 3.13 -5.76
CA GLU A 70 -5.67 1.85 -6.44
C GLU A 70 -6.15 0.80 -5.46
N ILE A 71 -5.38 0.61 -4.41
CA ILE A 71 -5.68 -0.34 -3.36
C ILE A 71 -7.02 -0.06 -2.70
N LYS A 72 -7.26 1.19 -2.46
CA LYS A 72 -8.43 1.65 -1.82
C LYS A 72 -9.67 1.29 -2.66
N GLU A 73 -9.67 1.74 -3.91
CA GLU A 73 -10.81 1.52 -4.79
C GLU A 73 -10.99 0.03 -5.11
N TRP A 74 -9.88 -0.63 -5.40
CA TRP A 74 -9.89 -2.03 -5.78
C TRP A 74 -10.44 -2.92 -4.67
N ARG A 75 -10.04 -2.68 -3.43
CA ARG A 75 -10.50 -3.51 -2.33
C ARG A 75 -11.94 -3.22 -2.01
N ALA A 76 -12.31 -1.97 -2.13
CA ALA A 76 -13.65 -1.53 -1.84
C ALA A 76 -14.64 -2.07 -2.88
N ALA A 77 -14.17 -2.26 -4.11
CA ALA A 77 -15.01 -2.75 -5.18
C ALA A 77 -15.17 -4.23 -5.02
N ASN A 78 -14.07 -4.84 -4.64
CA ASN A 78 -13.99 -6.27 -4.40
C ASN A 78 -14.73 -6.70 -3.15
N GLY A 79 -15.06 -5.75 -2.31
CA GLY A 79 -15.77 -6.05 -1.09
C GLY A 79 -14.85 -6.62 -0.05
N LYS A 80 -13.63 -6.14 -0.05
CA LYS A 80 -12.64 -6.55 0.88
C LYS A 80 -12.60 -5.60 2.04
N SER A 81 -11.62 -5.75 2.88
CA SER A 81 -11.42 -4.91 4.02
C SER A 81 -11.16 -3.44 3.59
N GLY A 82 -11.31 -2.54 4.51
CA GLY A 82 -11.07 -1.16 4.26
C GLY A 82 -9.92 -0.67 5.09
N PHE A 83 -9.98 0.55 5.50
CA PHE A 83 -9.06 1.11 6.40
C PHE A 83 -9.82 1.48 7.64
N LYS A 84 -9.13 1.91 8.68
CA LYS A 84 -9.80 2.38 9.86
C LYS A 84 -10.56 3.60 9.48
N GLN A 85 -11.80 3.63 9.82
CA GLN A 85 -12.66 4.69 9.38
C GLN A 85 -12.59 5.93 10.26
N GLY A 86 -11.42 6.51 10.21
CA GLY A 86 -11.12 7.74 10.84
C GLY A 86 -10.28 8.54 9.88
N GLU A 2 3.95 0.99 14.30
CA GLU A 2 3.15 0.55 13.15
C GLU A 2 2.50 -0.81 13.36
N LEU A 3 2.37 -1.19 14.58
CA LEU A 3 1.83 -2.48 14.94
C LEU A 3 0.32 -2.44 14.95
N LYS A 4 -0.29 -3.45 14.39
CA LYS A 4 -1.72 -3.47 14.20
C LYS A 4 -2.28 -4.86 14.42
N HIS A 5 -3.59 -4.97 14.26
CA HIS A 5 -4.25 -6.26 14.28
C HIS A 5 -4.59 -6.72 12.86
N SER A 6 -4.76 -5.75 11.94
CA SER A 6 -5.09 -6.03 10.55
C SER A 6 -4.82 -4.79 9.73
N ILE A 7 -5.07 -4.85 8.44
CA ILE A 7 -4.93 -3.68 7.59
C ILE A 7 -6.06 -2.66 7.90
N SER A 8 -7.14 -3.14 8.51
CA SER A 8 -8.27 -2.29 8.85
C SER A 8 -7.94 -1.40 10.03
N ASP A 9 -6.87 -1.73 10.74
CA ASP A 9 -6.44 -0.89 11.83
C ASP A 9 -5.75 0.35 11.29
N TYR A 10 -5.15 0.21 10.12
CA TYR A 10 -4.50 1.32 9.46
C TYR A 10 -5.53 2.27 8.91
N THR A 11 -5.33 3.52 9.17
CA THR A 11 -6.15 4.54 8.59
C THR A 11 -5.64 4.75 7.18
N GLU A 12 -6.48 5.32 6.32
CA GLU A 12 -6.10 5.58 4.94
C GLU A 12 -4.77 6.34 4.90
N ALA A 13 -4.69 7.42 5.68
CA ALA A 13 -3.47 8.24 5.75
C ALA A 13 -2.25 7.45 6.25
N GLU A 14 -2.47 6.53 7.18
CA GLU A 14 -1.40 5.72 7.77
C GLU A 14 -0.89 4.69 6.80
N PHE A 15 -1.79 4.10 6.09
CA PHE A 15 -1.43 3.15 5.10
C PHE A 15 -0.83 3.88 3.94
N LEU A 16 -1.28 5.05 3.71
CA LEU A 16 -0.71 5.87 2.68
C LEU A 16 0.74 6.24 3.03
N GLU A 17 1.03 6.26 4.28
CA GLU A 17 2.40 6.35 4.71
C GLU A 17 3.17 5.06 4.45
N PHE A 18 2.47 3.91 4.25
CA PHE A 18 3.17 2.62 3.93
C PHE A 18 4.05 2.86 2.76
N VAL A 19 3.44 3.39 1.76
CA VAL A 19 4.05 3.61 0.52
C VAL A 19 5.05 4.76 0.58
N LYS A 20 4.72 5.78 1.34
CA LYS A 20 5.63 6.88 1.54
C LYS A 20 6.89 6.39 2.25
N LYS A 21 6.70 5.52 3.23
CA LYS A 21 7.76 4.93 4.00
C LYS A 21 8.63 4.06 3.10
N ILE A 22 8.00 3.33 2.20
CA ILE A 22 8.72 2.51 1.23
C ILE A 22 9.53 3.40 0.28
N CYS A 23 8.97 4.55 -0.04
CA CYS A 23 9.61 5.50 -0.90
C CYS A 23 10.82 6.18 -0.20
N ARG A 24 10.71 6.47 1.09
CA ARG A 24 11.76 7.19 1.82
C ARG A 24 12.71 6.28 2.64
N ALA A 25 12.15 5.34 3.34
CA ALA A 25 12.88 4.50 4.29
C ALA A 25 13.28 3.16 3.67
N GLU A 26 13.33 3.16 2.33
CA GLU A 26 13.64 1.98 1.45
C GLU A 26 14.53 0.95 2.13
N GLY A 27 15.71 1.36 2.52
CA GLY A 27 16.63 0.47 3.16
C GLY A 27 17.99 0.59 2.56
N ALA A 28 18.69 -0.50 2.48
CA ALA A 28 20.02 -0.51 1.95
C ALA A 28 20.00 -1.11 0.54
N THR A 29 19.28 -2.18 0.41
CA THR A 29 19.20 -2.90 -0.83
C THR A 29 17.70 -3.04 -1.18
N GLU A 30 17.37 -3.43 -2.41
CA GLU A 30 15.96 -3.49 -2.84
C GLU A 30 15.16 -4.59 -2.12
N GLU A 31 15.87 -5.50 -1.46
CA GLU A 31 15.22 -6.54 -0.64
C GLU A 31 14.55 -5.89 0.57
N ASP A 32 15.14 -4.78 1.05
CA ASP A 32 14.63 -4.08 2.23
C ASP A 32 13.31 -3.43 1.87
N ASP A 33 13.30 -2.87 0.68
CA ASP A 33 12.11 -2.28 0.07
C ASP A 33 11.05 -3.37 -0.07
N ASN A 34 11.49 -4.47 -0.66
CA ASN A 34 10.65 -5.63 -0.94
C ASN A 34 10.01 -6.21 0.32
N LYS A 35 10.78 -6.30 1.40
CA LYS A 35 10.22 -6.82 2.64
C LYS A 35 9.24 -5.87 3.29
N LEU A 36 9.38 -4.56 3.04
CA LEU A 36 8.36 -3.60 3.46
C LEU A 36 7.12 -3.86 2.63
N VAL A 37 7.33 -4.02 1.34
CA VAL A 37 6.27 -4.31 0.41
C VAL A 37 5.54 -5.59 0.81
N ARG A 38 6.28 -6.65 1.12
CA ARG A 38 5.67 -7.93 1.52
C ARG A 38 4.79 -7.82 2.77
N GLU A 39 5.15 -6.94 3.67
CA GLU A 39 4.38 -6.66 4.87
C GLU A 39 3.02 -6.10 4.48
N PHE A 40 3.07 -5.08 3.69
CA PHE A 40 1.91 -4.36 3.30
C PHE A 40 1.09 -5.10 2.25
N GLU A 41 1.76 -5.77 1.35
CA GLU A 41 1.11 -6.58 0.35
C GLU A 41 0.49 -7.84 0.91
N ARG A 42 0.91 -8.22 2.10
CA ARG A 42 0.30 -9.34 2.78
C ARG A 42 -1.00 -8.87 3.37
N LEU A 43 -1.01 -7.62 3.73
CA LEU A 43 -2.17 -6.95 4.30
C LEU A 43 -3.25 -6.65 3.23
N THR A 44 -2.83 -6.15 2.10
CA THR A 44 -3.72 -5.73 1.03
C THR A 44 -4.27 -6.86 0.20
N GLU A 45 -3.44 -7.88 -0.03
CA GLU A 45 -3.76 -8.98 -0.91
C GLU A 45 -3.90 -8.42 -2.34
N HIS A 46 -3.24 -7.30 -2.57
CA HIS A 46 -3.37 -6.62 -3.80
C HIS A 46 -2.41 -7.24 -4.88
N PRO A 47 -2.95 -7.58 -6.05
CA PRO A 47 -2.22 -8.30 -7.11
C PRO A 47 -1.05 -7.57 -7.65
N ASP A 48 -1.21 -6.31 -7.76
CA ASP A 48 -0.24 -5.50 -8.39
C ASP A 48 0.34 -4.62 -7.35
N GLY A 49 0.07 -4.97 -6.10
CA GLY A 49 0.49 -4.10 -4.96
C GLY A 49 1.91 -3.72 -4.98
N SER A 50 2.72 -4.68 -5.15
CA SER A 50 4.15 -4.46 -5.28
C SER A 50 4.45 -3.52 -6.46
N ASP A 51 3.91 -3.90 -7.59
CA ASP A 51 4.07 -3.23 -8.85
C ASP A 51 3.51 -1.82 -8.83
N LEU A 52 2.55 -1.57 -7.95
CA LEU A 52 1.96 -0.25 -7.78
C LEU A 52 3.00 0.73 -7.35
N ILE A 53 3.90 0.28 -6.54
CA ILE A 53 4.95 1.15 -6.00
C ILE A 53 5.99 1.37 -7.07
N TYR A 54 6.12 0.39 -7.91
CA TYR A 54 7.12 0.36 -8.92
C TYR A 54 6.73 1.10 -10.19
N TYR A 55 5.45 1.09 -10.54
CA TYR A 55 4.98 1.77 -11.72
C TYR A 55 3.46 1.92 -11.68
N PRO A 56 2.93 3.01 -12.22
CA PRO A 56 1.49 3.24 -12.32
C PRO A 56 0.84 2.42 -13.44
N ARG A 57 -0.48 2.25 -13.37
CA ARG A 57 -1.21 1.57 -14.41
C ARG A 57 -1.41 2.50 -15.61
N ASP A 58 -2.60 3.01 -15.77
CA ASP A 58 -2.90 3.94 -16.84
C ASP A 58 -3.37 5.26 -16.26
N ASP A 59 -4.52 5.22 -15.61
CA ASP A 59 -5.12 6.42 -14.99
C ASP A 59 -4.61 6.58 -13.57
N ARG A 60 -4.01 5.53 -13.08
CA ARG A 60 -3.46 5.46 -11.75
C ARG A 60 -2.42 6.52 -11.60
N GLU A 61 -2.60 7.33 -10.63
CA GLU A 61 -1.68 8.42 -10.38
C GLU A 61 -0.48 7.90 -9.65
N ASP A 62 0.68 8.26 -10.10
CA ASP A 62 1.88 7.72 -9.56
C ASP A 62 2.38 8.56 -8.42
N SER A 63 1.74 8.40 -7.31
CA SER A 63 2.11 9.06 -6.12
C SER A 63 1.75 8.14 -4.97
N PRO A 64 2.41 8.28 -3.80
CA PRO A 64 2.03 7.57 -2.58
C PRO A 64 0.49 7.59 -2.38
N GLU A 65 -0.10 8.76 -2.62
CA GLU A 65 -1.53 8.96 -2.54
C GLU A 65 -2.29 8.11 -3.59
N GLY A 66 -1.83 8.14 -4.83
CA GLY A 66 -2.50 7.41 -5.89
C GLY A 66 -2.37 5.89 -5.76
N ILE A 67 -1.29 5.45 -5.18
CA ILE A 67 -1.03 4.03 -4.96
C ILE A 67 -2.06 3.44 -3.97
N VAL A 68 -2.22 4.12 -2.86
CA VAL A 68 -3.19 3.75 -1.83
C VAL A 68 -4.61 3.92 -2.35
N LYS A 69 -4.80 4.89 -3.23
CA LYS A 69 -6.08 5.11 -3.86
C LYS A 69 -6.43 3.87 -4.71
N GLU A 70 -5.44 3.31 -5.34
CA GLU A 70 -5.60 2.10 -6.12
C GLU A 70 -6.00 0.93 -5.21
N ILE A 71 -5.33 0.84 -4.03
CA ILE A 71 -5.60 -0.24 -3.06
C ILE A 71 -7.06 -0.21 -2.65
N LYS A 72 -7.54 0.98 -2.24
CA LYS A 72 -8.86 1.11 -1.77
C LYS A 72 -9.84 0.74 -2.82
N GLU A 73 -9.78 1.37 -3.98
CA GLU A 73 -10.80 1.18 -4.98
C GLU A 73 -10.87 -0.24 -5.49
N TRP A 74 -9.75 -0.92 -5.49
CA TRP A 74 -9.74 -2.29 -5.93
C TRP A 74 -10.38 -3.16 -4.86
N ARG A 75 -9.89 -3.06 -3.64
CA ARG A 75 -10.39 -3.90 -2.55
C ARG A 75 -11.82 -3.54 -2.21
N ALA A 76 -12.11 -2.25 -2.26
CA ALA A 76 -13.42 -1.69 -1.98
C ALA A 76 -14.46 -2.20 -2.99
N ALA A 77 -14.01 -2.46 -4.22
CA ALA A 77 -14.89 -2.93 -5.27
C ALA A 77 -15.08 -4.41 -5.15
N ASN A 78 -14.00 -5.06 -4.78
CA ASN A 78 -13.92 -6.49 -4.62
C ASN A 78 -14.70 -6.98 -3.40
N GLY A 79 -15.01 -6.07 -2.51
CA GLY A 79 -15.70 -6.46 -1.30
C GLY A 79 -14.73 -6.98 -0.29
N LYS A 80 -13.51 -6.53 -0.41
CA LYS A 80 -12.46 -6.91 0.45
C LYS A 80 -12.37 -5.91 1.61
N SER A 81 -11.32 -6.01 2.37
CA SER A 81 -11.12 -5.21 3.54
C SER A 81 -10.92 -3.72 3.18
N GLY A 82 -11.07 -2.88 4.17
CA GLY A 82 -10.93 -1.47 3.98
C GLY A 82 -10.03 -0.88 5.04
N PHE A 83 -9.69 0.37 4.90
CA PHE A 83 -8.91 1.04 5.88
C PHE A 83 -9.83 1.75 6.82
N LYS A 84 -9.30 2.19 7.91
CA LYS A 84 -10.02 3.03 8.80
C LYS A 84 -9.99 4.42 8.23
N GLN A 85 -11.07 5.11 8.34
CA GLN A 85 -11.12 6.44 7.82
C GLN A 85 -11.19 7.43 8.95
N GLY A 86 -10.37 8.42 8.85
CA GLY A 86 -10.35 9.46 9.81
C GLY A 86 -9.65 10.63 9.21
N GLU A 2 2.78 2.09 16.35
CA GLU A 2 1.68 1.21 16.66
C GLU A 2 1.71 0.06 15.67
N LEU A 3 1.19 -1.07 16.06
CA LEU A 3 1.10 -2.20 15.20
C LEU A 3 -0.32 -2.64 15.05
N LYS A 4 -0.74 -2.74 13.83
CA LYS A 4 -2.10 -3.12 13.51
C LYS A 4 -2.38 -4.60 13.72
N HIS A 5 -3.62 -4.94 13.61
CA HIS A 5 -4.04 -6.32 13.57
C HIS A 5 -4.42 -6.66 12.11
N SER A 6 -4.67 -5.61 11.31
CA SER A 6 -5.05 -5.78 9.92
C SER A 6 -4.84 -4.45 9.18
N ILE A 7 -5.09 -4.45 7.88
CA ILE A 7 -5.06 -3.24 7.07
C ILE A 7 -6.21 -2.31 7.51
N SER A 8 -7.23 -2.91 8.10
CA SER A 8 -8.39 -2.21 8.54
C SER A 8 -8.09 -1.44 9.83
N ASP A 9 -6.92 -1.66 10.40
CA ASP A 9 -6.52 -0.89 11.57
C ASP A 9 -5.69 0.32 11.14
N TYR A 10 -5.42 0.39 9.85
CA TYR A 10 -4.75 1.52 9.26
C TYR A 10 -5.80 2.49 8.76
N THR A 11 -5.56 3.76 8.90
CA THR A 11 -6.42 4.73 8.25
C THR A 11 -5.87 4.93 6.83
N GLU A 12 -6.57 5.68 5.95
CA GLU A 12 -6.03 5.94 4.60
C GLU A 12 -4.69 6.64 4.72
N ALA A 13 -4.60 7.50 5.71
CA ALA A 13 -3.39 8.28 5.94
C ALA A 13 -2.24 7.41 6.42
N GLU A 14 -2.49 6.53 7.37
CA GLU A 14 -1.46 5.62 7.88
C GLU A 14 -1.04 4.65 6.81
N PHE A 15 -1.97 4.28 5.98
CA PHE A 15 -1.70 3.40 4.88
C PHE A 15 -0.96 4.14 3.81
N LEU A 16 -1.25 5.40 3.66
CA LEU A 16 -0.50 6.23 2.74
C LEU A 16 0.92 6.30 3.18
N GLU A 17 1.11 6.23 4.45
CA GLU A 17 2.43 6.23 4.97
C GLU A 17 3.16 4.95 4.57
N PHE A 18 2.40 3.85 4.27
CA PHE A 18 3.00 2.59 3.77
C PHE A 18 3.83 2.91 2.57
N VAL A 19 3.19 3.52 1.63
CA VAL A 19 3.79 3.83 0.38
C VAL A 19 4.78 4.97 0.47
N LYS A 20 4.46 5.97 1.29
CA LYS A 20 5.39 7.08 1.50
C LYS A 20 6.71 6.56 2.09
N LYS A 21 6.58 5.59 3.01
CA LYS A 21 7.74 4.95 3.62
C LYS A 21 8.50 4.15 2.59
N ILE A 22 7.78 3.42 1.75
CA ILE A 22 8.41 2.61 0.70
C ILE A 22 9.13 3.48 -0.33
N CYS A 23 8.57 4.64 -0.60
CA CYS A 23 9.18 5.60 -1.50
C CYS A 23 10.55 6.07 -0.94
N ARG A 24 10.63 6.19 0.37
CA ARG A 24 11.87 6.63 1.03
C ARG A 24 12.65 5.44 1.65
N ALA A 25 12.20 4.23 1.35
CA ALA A 25 12.68 2.94 1.94
C ALA A 25 14.10 2.53 1.55
N GLU A 26 14.91 3.47 1.13
CA GLU A 26 16.31 3.23 0.76
C GLU A 26 17.22 2.90 1.98
N GLY A 27 16.77 1.99 2.82
CA GLY A 27 17.50 1.57 3.98
C GLY A 27 18.75 0.76 3.65
N ALA A 28 18.61 -0.20 2.77
CA ALA A 28 19.73 -1.05 2.43
C ALA A 28 19.82 -1.29 0.94
N THR A 29 18.86 -2.00 0.44
CA THR A 29 18.83 -2.47 -0.93
C THR A 29 17.39 -2.59 -1.37
N GLU A 30 17.16 -2.98 -2.62
CA GLU A 30 15.82 -3.19 -3.14
C GLU A 30 15.10 -4.26 -2.30
N GLU A 31 15.90 -5.16 -1.73
CA GLU A 31 15.43 -6.23 -0.88
C GLU A 31 14.76 -5.66 0.34
N ASP A 32 15.35 -4.60 0.87
CA ASP A 32 14.87 -3.94 2.07
C ASP A 32 13.57 -3.17 1.77
N ASP A 33 13.52 -2.55 0.60
CA ASP A 33 12.31 -1.85 0.11
C ASP A 33 11.18 -2.86 -0.07
N ASN A 34 11.48 -3.87 -0.86
CA ASN A 34 10.52 -4.88 -1.27
C ASN A 34 10.03 -5.72 -0.11
N LYS A 35 10.83 -5.79 0.95
CA LYS A 35 10.46 -6.50 2.13
C LYS A 35 9.25 -5.85 2.78
N LEU A 36 9.24 -4.52 2.79
CA LEU A 36 8.10 -3.79 3.32
C LEU A 36 6.93 -4.05 2.41
N VAL A 37 7.17 -3.96 1.12
CA VAL A 37 6.15 -4.20 0.11
C VAL A 37 5.44 -5.54 0.33
N ARG A 38 6.23 -6.59 0.54
CA ARG A 38 5.70 -7.94 0.71
C ARG A 38 4.74 -8.10 1.89
N GLU A 39 4.96 -7.36 2.98
CA GLU A 39 4.06 -7.48 4.10
C GLU A 39 2.78 -6.72 3.79
N PHE A 40 2.92 -5.59 3.11
CA PHE A 40 1.80 -4.79 2.73
C PHE A 40 0.96 -5.46 1.66
N GLU A 41 1.61 -6.16 0.70
CA GLU A 41 0.92 -6.95 -0.32
C GLU A 41 -0.02 -7.96 0.29
N ARG A 42 0.32 -8.45 1.45
CA ARG A 42 -0.50 -9.41 2.15
C ARG A 42 -1.65 -8.73 2.83
N LEU A 43 -1.34 -7.65 3.50
CA LEU A 43 -2.36 -6.83 4.17
C LEU A 43 -3.40 -6.33 3.17
N THR A 44 -2.94 -6.04 1.98
CA THR A 44 -3.77 -5.53 0.93
C THR A 44 -4.40 -6.64 0.14
N GLU A 45 -3.72 -7.82 0.15
CA GLU A 45 -4.10 -8.98 -0.66
C GLU A 45 -4.05 -8.54 -2.12
N HIS A 46 -3.22 -7.54 -2.39
CA HIS A 46 -3.23 -6.89 -3.65
C HIS A 46 -2.25 -7.55 -4.62
N PRO A 47 -2.77 -7.97 -5.78
CA PRO A 47 -2.02 -8.70 -6.82
C PRO A 47 -0.84 -7.95 -7.36
N ASP A 48 -1.08 -6.71 -7.60
CA ASP A 48 -0.13 -5.87 -8.24
C ASP A 48 0.47 -5.01 -7.16
N GLY A 49 0.36 -5.47 -5.92
CA GLY A 49 0.87 -4.69 -4.76
C GLY A 49 2.30 -4.31 -4.87
N SER A 50 3.07 -5.12 -5.49
CA SER A 50 4.45 -4.78 -5.69
C SER A 50 4.61 -3.91 -6.93
N ASP A 51 3.83 -4.23 -7.95
CA ASP A 51 3.85 -3.49 -9.21
C ASP A 51 3.53 -2.03 -8.98
N LEU A 52 2.47 -1.77 -8.21
CA LEU A 52 1.96 -0.40 -7.94
C LEU A 52 3.06 0.54 -7.48
N ILE A 53 3.94 0.01 -6.69
CA ILE A 53 4.95 0.80 -6.04
C ILE A 53 6.11 1.08 -6.97
N TYR A 54 6.42 0.11 -7.75
CA TYR A 54 7.54 0.18 -8.63
C TYR A 54 7.17 0.77 -9.98
N TYR A 55 6.02 0.44 -10.46
CA TYR A 55 5.56 0.84 -11.77
C TYR A 55 4.12 1.35 -11.67
N PRO A 56 3.87 2.65 -11.91
CA PRO A 56 2.50 3.14 -11.97
C PRO A 56 1.79 2.46 -13.14
N ARG A 57 0.50 2.13 -12.97
CA ARG A 57 -0.27 1.36 -13.98
C ARG A 57 -0.27 1.94 -15.40
N ASP A 58 -1.36 2.50 -15.82
CA ASP A 58 -1.40 3.13 -17.15
C ASP A 58 -1.74 4.58 -17.05
N ASP A 59 -2.83 4.87 -16.41
CA ASP A 59 -3.31 6.24 -16.24
C ASP A 59 -3.39 6.63 -14.78
N ARG A 60 -3.00 5.70 -13.91
CA ARG A 60 -3.00 5.93 -12.50
C ARG A 60 -1.90 6.92 -12.15
N GLU A 61 -2.21 7.75 -11.20
CA GLU A 61 -1.30 8.74 -10.71
C GLU A 61 -0.16 8.07 -9.95
N ASP A 62 1.01 8.59 -10.14
CA ASP A 62 2.22 8.09 -9.55
C ASP A 62 2.48 8.87 -8.26
N SER A 63 1.63 8.67 -7.28
CA SER A 63 1.78 9.36 -6.04
C SER A 63 1.47 8.43 -4.89
N PRO A 64 2.03 8.69 -3.68
CA PRO A 64 1.66 7.97 -2.47
C PRO A 64 0.11 7.88 -2.30
N GLU A 65 -0.63 8.95 -2.65
CA GLU A 65 -2.09 8.88 -2.61
C GLU A 65 -2.64 7.96 -3.68
N GLY A 66 -2.14 8.10 -4.90
CA GLY A 66 -2.63 7.33 -6.02
C GLY A 66 -2.43 5.84 -5.88
N ILE A 67 -1.31 5.46 -5.31
CA ILE A 67 -1.01 4.05 -5.08
C ILE A 67 -1.98 3.46 -4.04
N VAL A 68 -2.23 4.21 -2.97
CA VAL A 68 -3.23 3.80 -1.97
C VAL A 68 -4.59 3.74 -2.61
N LYS A 69 -4.87 4.72 -3.43
CA LYS A 69 -6.15 4.87 -4.06
C LYS A 69 -6.50 3.66 -4.86
N GLU A 70 -5.51 3.10 -5.54
CA GLU A 70 -5.70 1.93 -6.35
C GLU A 70 -6.18 0.79 -5.44
N ILE A 71 -5.39 0.52 -4.41
CA ILE A 71 -5.70 -0.52 -3.43
C ILE A 71 -7.04 -0.28 -2.75
N LYS A 72 -7.28 0.96 -2.39
CA LYS A 72 -8.46 1.38 -1.68
C LYS A 72 -9.71 1.14 -2.53
N GLU A 73 -9.73 1.69 -3.73
CA GLU A 73 -10.86 1.53 -4.63
C GLU A 73 -11.03 0.07 -5.05
N TRP A 74 -9.93 -0.63 -5.20
CA TRP A 74 -9.93 -2.03 -5.59
C TRP A 74 -10.50 -2.92 -4.46
N ARG A 75 -9.98 -2.77 -3.24
CA ARG A 75 -10.45 -3.54 -2.09
C ARG A 75 -11.89 -3.25 -1.76
N ALA A 76 -12.29 -2.01 -1.93
CA ALA A 76 -13.67 -1.61 -1.68
C ALA A 76 -14.63 -2.26 -2.70
N ALA A 77 -14.13 -2.52 -3.90
CA ALA A 77 -14.93 -3.11 -4.97
C ALA A 77 -14.99 -4.59 -4.79
N ASN A 78 -13.91 -5.10 -4.28
CA ASN A 78 -13.75 -6.52 -4.01
C ASN A 78 -14.50 -6.94 -2.75
N GLY A 79 -14.93 -5.95 -1.97
CA GLY A 79 -15.67 -6.24 -0.75
C GLY A 79 -14.76 -6.57 0.41
N LYS A 80 -13.49 -6.24 0.24
CA LYS A 80 -12.49 -6.50 1.21
C LYS A 80 -12.51 -5.43 2.28
N SER A 81 -11.84 -5.70 3.37
CA SER A 81 -11.81 -4.85 4.52
C SER A 81 -11.24 -3.46 4.17
N GLY A 82 -11.84 -2.42 4.70
CA GLY A 82 -11.44 -1.06 4.39
C GLY A 82 -10.44 -0.56 5.41
N PHE A 83 -10.30 0.73 5.52
CA PHE A 83 -9.42 1.30 6.50
C PHE A 83 -10.21 1.70 7.74
N LYS A 84 -9.51 2.21 8.72
CA LYS A 84 -10.09 2.64 9.98
C LYS A 84 -10.72 4.02 9.86
N GLN A 85 -11.90 4.16 10.40
CA GLN A 85 -12.56 5.45 10.47
C GLN A 85 -12.08 6.23 11.69
N GLY A 86 -10.88 6.70 11.59
CA GLY A 86 -10.27 7.42 12.66
C GLY A 86 -9.97 8.82 12.24
N GLU A 2 5.19 1.15 13.75
CA GLU A 2 4.19 0.69 14.70
C GLU A 2 3.74 -0.69 14.29
N LEU A 3 3.29 -1.46 15.24
CA LEU A 3 2.77 -2.75 14.98
C LEU A 3 1.27 -2.76 15.02
N LYS A 4 0.72 -3.57 14.20
CA LYS A 4 -0.69 -3.72 14.03
C LYS A 4 -1.00 -5.19 13.84
N HIS A 5 -2.24 -5.50 13.57
CA HIS A 5 -2.61 -6.87 13.29
C HIS A 5 -3.31 -6.95 11.93
N SER A 6 -3.57 -5.79 11.32
CA SER A 6 -4.26 -5.75 10.06
C SER A 6 -4.05 -4.44 9.32
N ILE A 7 -4.56 -4.40 8.10
CA ILE A 7 -4.58 -3.20 7.27
C ILE A 7 -5.62 -2.22 7.82
N SER A 8 -6.64 -2.76 8.49
CA SER A 8 -7.72 -1.97 9.02
C SER A 8 -7.27 -1.22 10.28
N ASP A 9 -6.04 -1.50 10.73
CA ASP A 9 -5.42 -0.71 11.79
C ASP A 9 -4.97 0.62 11.23
N TYR A 10 -4.72 0.63 9.95
CA TYR A 10 -4.26 1.80 9.27
C TYR A 10 -5.45 2.55 8.75
N THR A 11 -5.44 3.85 8.91
CA THR A 11 -6.42 4.67 8.31
C THR A 11 -6.02 4.85 6.86
N GLU A 12 -6.81 5.55 6.08
CA GLU A 12 -6.46 5.79 4.70
C GLU A 12 -5.14 6.58 4.67
N ALA A 13 -5.00 7.46 5.65
CA ALA A 13 -3.82 8.30 5.78
C ALA A 13 -2.60 7.49 6.22
N GLU A 14 -2.76 6.63 7.23
CA GLU A 14 -1.63 5.81 7.73
C GLU A 14 -1.16 4.81 6.70
N PHE A 15 -2.07 4.35 5.89
CA PHE A 15 -1.71 3.47 4.82
C PHE A 15 -1.10 4.27 3.71
N LEU A 16 -1.54 5.46 3.54
CA LEU A 16 -0.95 6.33 2.54
C LEU A 16 0.50 6.67 2.91
N GLU A 17 0.76 6.63 4.16
CA GLU A 17 2.10 6.75 4.65
C GLU A 17 2.92 5.45 4.36
N PHE A 18 2.21 4.31 4.11
CA PHE A 18 2.88 2.99 3.79
C PHE A 18 3.78 3.17 2.63
N VAL A 19 3.22 3.74 1.62
CA VAL A 19 3.86 3.89 0.36
C VAL A 19 4.95 4.95 0.41
N LYS A 20 4.73 5.98 1.18
CA LYS A 20 5.74 7.01 1.36
C LYS A 20 6.94 6.40 2.08
N LYS A 21 6.64 5.58 3.07
CA LYS A 21 7.63 4.85 3.85
C LYS A 21 8.39 3.87 2.97
N ILE A 22 7.72 3.29 1.99
CA ILE A 22 8.38 2.39 1.05
C ILE A 22 9.22 3.19 0.06
N CYS A 23 8.76 4.38 -0.27
CA CYS A 23 9.48 5.29 -1.14
C CYS A 23 10.86 5.61 -0.54
N ARG A 24 10.94 5.66 0.78
CA ARG A 24 12.21 5.89 1.46
C ARG A 24 12.84 4.59 1.98
N ALA A 25 12.26 3.46 1.66
CA ALA A 25 12.67 2.18 2.26
C ALA A 25 13.86 1.55 1.56
N GLU A 26 14.47 2.25 0.66
CA GLU A 26 15.64 1.73 -0.04
C GLU A 26 16.89 2.09 0.75
N GLY A 27 16.81 1.91 2.05
CA GLY A 27 17.86 2.30 2.93
C GLY A 27 18.99 1.32 2.98
N ALA A 28 18.71 0.11 3.39
CA ALA A 28 19.75 -0.89 3.49
C ALA A 28 20.11 -1.44 2.12
N THR A 29 19.15 -2.05 1.47
CA THR A 29 19.30 -2.67 0.17
C THR A 29 17.84 -2.90 -0.32
N GLU A 30 17.65 -3.39 -1.55
CA GLU A 30 16.31 -3.65 -2.12
C GLU A 30 15.41 -4.50 -1.20
N GLU A 31 16.02 -5.41 -0.45
CA GLU A 31 15.31 -6.22 0.54
C GLU A 31 14.59 -5.36 1.59
N ASP A 32 15.17 -4.19 1.88
CA ASP A 32 14.66 -3.27 2.91
C ASP A 32 13.42 -2.56 2.39
N ASP A 33 13.33 -2.48 1.08
CA ASP A 33 12.19 -1.91 0.36
C ASP A 33 11.10 -2.97 0.23
N ASN A 34 11.50 -4.09 -0.34
CA ASN A 34 10.61 -5.19 -0.61
C ASN A 34 10.00 -5.80 0.66
N LYS A 35 10.74 -5.82 1.76
CA LYS A 35 10.23 -6.40 3.00
C LYS A 35 9.00 -5.64 3.48
N LEU A 36 8.97 -4.33 3.27
CA LEU A 36 7.81 -3.55 3.65
C LEU A 36 6.68 -3.88 2.72
N VAL A 37 6.97 -3.93 1.43
CA VAL A 37 5.97 -4.24 0.42
C VAL A 37 5.32 -5.61 0.73
N ARG A 38 6.13 -6.55 1.19
CA ARG A 38 5.65 -7.89 1.49
C ARG A 38 4.56 -7.89 2.54
N GLU A 39 4.74 -7.12 3.63
CA GLU A 39 3.74 -7.12 4.69
C GLU A 39 2.47 -6.46 4.22
N PHE A 40 2.62 -5.33 3.54
CA PHE A 40 1.49 -4.58 3.07
C PHE A 40 0.68 -5.34 2.04
N GLU A 41 1.37 -5.96 1.10
CA GLU A 41 0.71 -6.75 0.07
C GLU A 41 0.06 -8.00 0.59
N ARG A 42 0.43 -8.39 1.78
CA ARG A 42 -0.18 -9.51 2.45
C ARG A 42 -1.46 -9.05 3.10
N LEU A 43 -1.44 -7.82 3.55
CA LEU A 43 -2.57 -7.20 4.22
C LEU A 43 -3.65 -6.83 3.18
N THR A 44 -3.20 -6.31 2.05
CA THR A 44 -4.08 -5.85 1.01
C THR A 44 -4.68 -6.98 0.22
N GLU A 45 -3.82 -7.97 -0.07
CA GLU A 45 -4.09 -9.04 -0.95
C GLU A 45 -4.26 -8.44 -2.35
N HIS A 46 -3.58 -7.32 -2.55
CA HIS A 46 -3.68 -6.62 -3.77
C HIS A 46 -2.74 -7.28 -4.82
N PRO A 47 -3.23 -7.44 -6.05
CA PRO A 47 -2.51 -8.10 -7.14
C PRO A 47 -1.28 -7.36 -7.61
N ASP A 48 -1.46 -6.12 -7.88
CA ASP A 48 -0.45 -5.34 -8.49
C ASP A 48 0.09 -4.41 -7.48
N GLY A 49 -0.14 -4.75 -6.23
CA GLY A 49 0.28 -3.88 -5.11
C GLY A 49 1.73 -3.59 -5.12
N SER A 50 2.48 -4.60 -5.33
CA SER A 50 3.91 -4.46 -5.46
C SER A 50 4.22 -3.54 -6.65
N ASP A 51 3.64 -3.87 -7.80
CA ASP A 51 3.81 -3.14 -9.06
C ASP A 51 3.44 -1.68 -8.91
N LEU A 52 2.43 -1.39 -8.08
CA LEU A 52 1.94 -0.02 -7.85
C LEU A 52 3.05 0.88 -7.38
N ILE A 53 3.89 0.33 -6.54
CA ILE A 53 4.92 1.09 -5.87
C ILE A 53 6.07 1.34 -6.82
N TYR A 54 6.23 0.43 -7.72
CA TYR A 54 7.31 0.46 -8.63
C TYR A 54 6.96 1.17 -9.95
N TYR A 55 5.77 0.95 -10.45
CA TYR A 55 5.38 1.43 -11.75
C TYR A 55 3.99 2.02 -11.70
N PRO A 56 3.75 3.12 -12.41
CA PRO A 56 2.41 3.63 -12.63
C PRO A 56 1.70 2.64 -13.56
N ARG A 57 0.45 2.31 -13.28
CA ARG A 57 -0.26 1.38 -14.14
C ARG A 57 -0.62 1.96 -15.50
N ASP A 58 -1.87 2.24 -15.69
CA ASP A 58 -2.32 2.84 -16.93
C ASP A 58 -2.96 4.17 -16.67
N ASP A 59 -4.05 4.13 -15.95
CA ASP A 59 -4.80 5.34 -15.64
C ASP A 59 -4.41 5.82 -14.26
N ARG A 60 -3.83 4.93 -13.50
CA ARG A 60 -3.41 5.17 -12.17
C ARG A 60 -2.20 6.09 -12.14
N GLU A 61 -2.23 6.98 -11.22
CA GLU A 61 -1.16 7.90 -11.01
C GLU A 61 -0.22 7.32 -9.97
N ASP A 62 1.05 7.43 -10.22
CA ASP A 62 2.06 6.94 -9.32
C ASP A 62 2.46 8.02 -8.36
N SER A 63 1.70 8.18 -7.33
CA SER A 63 2.02 9.07 -6.28
C SER A 63 1.66 8.37 -5.00
N PRO A 64 2.28 8.73 -3.85
CA PRO A 64 1.94 8.12 -2.57
C PRO A 64 0.44 8.24 -2.26
N GLU A 65 -0.19 9.24 -2.85
CA GLU A 65 -1.62 9.40 -2.72
C GLU A 65 -2.37 8.49 -3.70
N GLY A 66 -2.00 8.56 -4.98
CA GLY A 66 -2.68 7.82 -6.02
C GLY A 66 -2.56 6.32 -5.90
N ILE A 67 -1.41 5.86 -5.42
CA ILE A 67 -1.19 4.43 -5.22
C ILE A 67 -2.16 3.89 -4.20
N VAL A 68 -2.30 4.59 -3.12
CA VAL A 68 -3.17 4.19 -2.02
C VAL A 68 -4.63 4.20 -2.46
N LYS A 69 -4.91 5.04 -3.43
CA LYS A 69 -6.24 5.09 -3.94
C LYS A 69 -6.57 3.80 -4.70
N GLU A 70 -5.55 3.21 -5.32
CA GLU A 70 -5.73 1.96 -6.04
C GLU A 70 -6.18 0.91 -5.06
N ILE A 71 -5.46 0.81 -3.95
CA ILE A 71 -5.75 -0.16 -2.91
C ILE A 71 -7.18 0.00 -2.38
N LYS A 72 -7.62 1.23 -2.08
CA LYS A 72 -8.94 1.43 -1.60
C LYS A 72 -9.97 1.03 -2.63
N GLU A 73 -9.93 1.64 -3.81
CA GLU A 73 -11.00 1.49 -4.78
C GLU A 73 -11.12 0.09 -5.33
N TRP A 74 -10.03 -0.63 -5.34
CA TRP A 74 -10.02 -1.98 -5.81
C TRP A 74 -10.72 -2.87 -4.80
N ARG A 75 -10.26 -2.80 -3.55
CA ARG A 75 -10.84 -3.61 -2.49
C ARG A 75 -12.25 -3.16 -2.21
N ALA A 76 -12.46 -1.88 -2.37
CA ALA A 76 -13.74 -1.22 -2.21
C ALA A 76 -14.76 -1.79 -3.21
N ALA A 77 -14.31 -2.06 -4.43
CA ALA A 77 -15.17 -2.53 -5.49
C ALA A 77 -15.36 -4.01 -5.38
N ASN A 78 -14.34 -4.65 -4.85
CA ASN A 78 -14.32 -6.07 -4.67
C ASN A 78 -15.16 -6.52 -3.49
N GLY A 79 -15.47 -5.60 -2.61
CA GLY A 79 -16.21 -5.95 -1.41
C GLY A 79 -15.28 -6.61 -0.40
N LYS A 80 -14.06 -6.14 -0.37
CA LYS A 80 -13.04 -6.65 0.49
C LYS A 80 -12.90 -5.78 1.72
N SER A 81 -11.78 -5.90 2.41
CA SER A 81 -11.48 -5.12 3.59
C SER A 81 -11.28 -3.63 3.19
N GLY A 82 -11.16 -2.78 4.18
CA GLY A 82 -10.98 -1.39 3.93
C GLY A 82 -9.87 -0.82 4.78
N PHE A 83 -9.96 0.43 5.10
CA PHE A 83 -9.05 1.07 5.98
C PHE A 83 -9.81 1.48 7.21
N LYS A 84 -9.13 2.01 8.18
CA LYS A 84 -9.77 2.52 9.34
C LYS A 84 -10.32 3.87 9.01
N GLN A 85 -11.58 4.03 9.23
CA GLN A 85 -12.24 5.26 8.95
C GLN A 85 -12.64 5.93 10.24
N GLY A 86 -11.66 6.35 10.97
CA GLY A 86 -11.88 6.94 12.24
C GLY A 86 -10.88 8.01 12.48
N GLU A 2 2.94 0.87 17.42
CA GLU A 2 1.98 -0.14 17.80
C GLU A 2 1.86 -1.14 16.68
N LEU A 3 1.13 -2.20 16.90
CA LEU A 3 0.92 -3.22 15.90
C LEU A 3 -0.53 -3.23 15.49
N LYS A 4 -0.79 -3.73 14.33
CA LYS A 4 -2.14 -3.81 13.81
C LYS A 4 -2.57 -5.25 13.75
N HIS A 5 -3.81 -5.47 13.45
CA HIS A 5 -4.28 -6.82 13.20
C HIS A 5 -4.53 -7.02 11.70
N SER A 6 -4.77 -5.93 10.96
CA SER A 6 -5.03 -6.04 9.52
C SER A 6 -4.78 -4.70 8.83
N ILE A 7 -4.99 -4.67 7.51
CA ILE A 7 -4.93 -3.44 6.72
C ILE A 7 -6.03 -2.49 7.17
N SER A 8 -7.13 -3.08 7.63
CA SER A 8 -8.28 -2.33 8.05
C SER A 8 -8.06 -1.75 9.45
N ASP A 9 -6.92 -2.04 10.03
CA ASP A 9 -6.56 -1.45 11.30
C ASP A 9 -5.54 -0.32 11.09
N TYR A 10 -5.19 -0.08 9.86
CA TYR A 10 -4.41 1.09 9.50
C TYR A 10 -5.37 2.14 9.10
N THR A 11 -5.10 3.38 9.39
CA THR A 11 -5.91 4.41 8.85
C THR A 11 -5.43 4.62 7.42
N GLU A 12 -6.25 5.22 6.59
CA GLU A 12 -5.90 5.38 5.18
C GLU A 12 -4.63 6.22 5.04
N ALA A 13 -4.45 7.19 5.93
CA ALA A 13 -3.25 8.03 5.90
C ALA A 13 -2.01 7.23 6.26
N GLU A 14 -2.10 6.37 7.29
CA GLU A 14 -0.95 5.52 7.69
C GLU A 14 -0.61 4.55 6.59
N PHE A 15 -1.61 4.12 5.90
CA PHE A 15 -1.42 3.25 4.79
C PHE A 15 -0.86 4.02 3.63
N LEU A 16 -1.24 5.22 3.49
CA LEU A 16 -0.72 6.05 2.43
C LEU A 16 0.72 6.40 2.72
N GLU A 17 1.07 6.32 3.95
CA GLU A 17 2.43 6.45 4.33
C GLU A 17 3.21 5.17 3.94
N PHE A 18 2.49 4.00 3.79
CA PHE A 18 3.14 2.69 3.46
C PHE A 18 3.96 2.88 2.23
N VAL A 19 3.32 3.43 1.27
CA VAL A 19 3.87 3.57 -0.03
C VAL A 19 4.95 4.65 -0.07
N LYS A 20 4.75 5.70 0.67
CA LYS A 20 5.74 6.76 0.74
C LYS A 20 7.00 6.25 1.43
N LYS A 21 6.78 5.45 2.46
CA LYS A 21 7.82 4.84 3.27
C LYS A 21 8.65 3.88 2.40
N ILE A 22 7.96 3.17 1.51
CA ILE A 22 8.64 2.26 0.60
C ILE A 22 9.43 3.05 -0.43
N CYS A 23 8.83 4.11 -0.93
CA CYS A 23 9.45 4.97 -1.91
C CYS A 23 10.75 5.57 -1.35
N ARG A 24 10.80 5.80 -0.05
CA ARG A 24 11.99 6.36 0.57
C ARG A 24 12.86 5.27 1.22
N ALA A 25 12.51 4.01 1.03
CA ALA A 25 13.19 2.88 1.70
C ALA A 25 14.49 2.46 1.02
N GLU A 26 15.07 3.34 0.23
CA GLU A 26 16.34 3.07 -0.45
C GLU A 26 17.54 3.29 0.51
N GLY A 27 17.43 2.73 1.69
CA GLY A 27 18.44 2.85 2.70
C GLY A 27 19.51 1.80 2.59
N ALA A 28 19.24 0.62 3.14
CA ALA A 28 20.21 -0.47 3.14
C ALA A 28 20.39 -1.03 1.76
N THR A 29 19.35 -1.65 1.29
CA THR A 29 19.30 -2.29 0.02
C THR A 29 17.89 -2.20 -0.45
N GLU A 30 17.60 -2.74 -1.61
CA GLU A 30 16.27 -2.74 -2.15
C GLU A 30 15.46 -3.87 -1.46
N GLU A 31 16.11 -4.57 -0.54
CA GLU A 31 15.48 -5.59 0.27
C GLU A 31 14.74 -4.91 1.40
N ASP A 32 15.27 -3.75 1.83
CA ASP A 32 14.65 -2.97 2.93
C ASP A 32 13.35 -2.38 2.41
N ASP A 33 13.36 -2.15 1.13
CA ASP A 33 12.24 -1.69 0.35
C ASP A 33 11.21 -2.84 0.28
N ASN A 34 11.72 -3.98 -0.17
CA ASN A 34 10.94 -5.22 -0.39
C ASN A 34 10.27 -5.72 0.87
N LYS A 35 10.95 -5.64 2.00
CA LYS A 35 10.41 -6.14 3.25
C LYS A 35 9.24 -5.29 3.72
N LEU A 36 9.19 -4.04 3.28
CA LEU A 36 8.05 -3.22 3.55
C LEU A 36 6.94 -3.63 2.61
N VAL A 37 7.29 -3.78 1.35
CA VAL A 37 6.35 -4.18 0.32
C VAL A 37 5.63 -5.47 0.69
N ARG A 38 6.36 -6.49 1.08
CA ARG A 38 5.76 -7.79 1.41
C ARG A 38 4.80 -7.68 2.59
N GLU A 39 5.18 -6.88 3.58
CA GLU A 39 4.39 -6.63 4.75
C GLU A 39 3.05 -6.05 4.35
N PHE A 40 3.13 -5.02 3.58
CA PHE A 40 1.97 -4.30 3.17
C PHE A 40 1.16 -5.06 2.13
N GLU A 41 1.83 -5.70 1.19
CA GLU A 41 1.20 -6.52 0.18
C GLU A 41 0.54 -7.75 0.74
N ARG A 42 0.97 -8.15 1.91
CA ARG A 42 0.31 -9.19 2.62
C ARG A 42 -1.04 -8.71 3.06
N LEU A 43 -1.03 -7.57 3.67
CA LEU A 43 -2.23 -6.92 4.21
C LEU A 43 -3.21 -6.56 3.11
N THR A 44 -2.71 -6.05 2.02
CA THR A 44 -3.54 -5.54 0.94
C THR A 44 -4.20 -6.64 0.20
N GLU A 45 -3.45 -7.74 -0.03
CA GLU A 45 -3.89 -8.83 -0.82
C GLU A 45 -4.12 -8.30 -2.25
N HIS A 46 -3.43 -7.22 -2.56
CA HIS A 46 -3.66 -6.54 -3.77
C HIS A 46 -2.88 -7.19 -4.92
N PRO A 47 -3.58 -7.52 -6.00
CA PRO A 47 -3.06 -8.25 -7.15
C PRO A 47 -1.93 -7.57 -7.83
N ASP A 48 -2.01 -6.29 -7.85
CA ASP A 48 -1.08 -5.52 -8.58
C ASP A 48 -0.29 -4.74 -7.61
N GLY A 49 -0.41 -5.13 -6.35
CA GLY A 49 0.24 -4.40 -5.25
C GLY A 49 1.70 -4.23 -5.42
N SER A 50 2.38 -5.32 -5.59
CA SER A 50 3.82 -5.22 -5.81
C SER A 50 4.14 -4.55 -7.17
N ASP A 51 3.19 -4.58 -8.09
CA ASP A 51 3.35 -3.90 -9.36
C ASP A 51 3.24 -2.39 -9.19
N LEU A 52 2.27 -1.96 -8.36
CA LEU A 52 1.96 -0.52 -8.08
C LEU A 52 3.19 0.25 -7.65
N ILE A 53 4.01 -0.39 -6.89
CA ILE A 53 5.12 0.25 -6.25
C ILE A 53 6.33 0.28 -7.17
N TYR A 54 6.49 -0.78 -7.89
CA TYR A 54 7.65 -0.96 -8.70
C TYR A 54 7.48 -0.48 -10.14
N TYR A 55 6.29 -0.53 -10.64
CA TYR A 55 6.00 -0.12 -11.98
C TYR A 55 4.87 0.89 -11.91
N PRO A 56 5.13 2.13 -12.33
CA PRO A 56 4.14 3.21 -12.26
C PRO A 56 2.84 2.89 -12.98
N ARG A 57 1.76 3.27 -12.35
CA ARG A 57 0.41 2.99 -12.83
C ARG A 57 -0.13 4.26 -13.38
N ASP A 58 0.71 4.91 -14.13
CA ASP A 58 0.48 6.20 -14.81
C ASP A 58 -0.82 6.22 -15.67
N ASP A 59 -1.53 5.11 -15.68
CA ASP A 59 -2.82 4.99 -16.32
C ASP A 59 -3.83 5.77 -15.46
N ARG A 60 -3.56 5.81 -14.16
CA ARG A 60 -4.29 6.67 -13.23
C ARG A 60 -3.27 7.67 -12.69
N GLU A 61 -3.61 8.44 -11.67
CA GLU A 61 -2.59 9.28 -11.06
C GLU A 61 -1.62 8.36 -10.35
N ASP A 62 -0.39 8.42 -10.74
CA ASP A 62 0.59 7.57 -10.16
C ASP A 62 1.33 8.34 -9.13
N SER A 63 0.81 8.29 -7.97
CA SER A 63 1.34 8.96 -6.85
C SER A 63 1.23 8.02 -5.67
N PRO A 64 1.91 8.31 -4.53
CA PRO A 64 1.72 7.53 -3.31
C PRO A 64 0.22 7.49 -2.93
N GLU A 65 -0.48 8.56 -3.29
CA GLU A 65 -1.91 8.67 -3.02
C GLU A 65 -2.73 7.77 -3.97
N GLY A 66 -2.39 7.80 -5.24
CA GLY A 66 -3.11 7.01 -6.24
C GLY A 66 -2.87 5.53 -6.11
N ILE A 67 -1.68 5.16 -5.64
CA ILE A 67 -1.36 3.77 -5.34
C ILE A 67 -2.29 3.27 -4.24
N VAL A 68 -2.47 4.10 -3.23
CA VAL A 68 -3.39 3.83 -2.15
C VAL A 68 -4.80 3.73 -2.71
N LYS A 69 -5.15 4.68 -3.56
CA LYS A 69 -6.47 4.73 -4.14
C LYS A 69 -6.79 3.48 -4.95
N GLU A 70 -5.79 2.94 -5.62
CA GLU A 70 -5.96 1.72 -6.40
C GLU A 70 -6.37 0.58 -5.46
N ILE A 71 -5.65 0.44 -4.35
CA ILE A 71 -5.94 -0.58 -3.35
C ILE A 71 -7.28 -0.32 -2.66
N LYS A 72 -7.49 0.94 -2.33
CA LYS A 72 -8.63 1.43 -1.62
C LYS A 72 -9.90 1.12 -2.41
N GLU A 73 -9.96 1.60 -3.64
CA GLU A 73 -11.14 1.45 -4.46
C GLU A 73 -11.41 0.01 -4.82
N TRP A 74 -10.35 -0.75 -4.99
CA TRP A 74 -10.46 -2.13 -5.35
C TRP A 74 -11.01 -2.92 -4.18
N ARG A 75 -10.42 -2.76 -3.00
CA ARG A 75 -10.86 -3.51 -1.84
C ARG A 75 -12.26 -3.13 -1.41
N ALA A 76 -12.56 -1.86 -1.52
CA ALA A 76 -13.87 -1.37 -1.15
C ALA A 76 -14.95 -1.90 -2.10
N ALA A 77 -14.58 -2.10 -3.36
CA ALA A 77 -15.53 -2.51 -4.37
C ALA A 77 -15.72 -3.99 -4.32
N ASN A 78 -14.65 -4.66 -3.97
CA ASN A 78 -14.63 -6.10 -3.84
C ASN A 78 -15.52 -6.59 -2.72
N GLY A 79 -15.75 -5.73 -1.76
CA GLY A 79 -16.54 -6.10 -0.60
C GLY A 79 -15.65 -6.43 0.55
N LYS A 80 -14.37 -6.17 0.35
CA LYS A 80 -13.37 -6.39 1.34
C LYS A 80 -13.40 -5.26 2.32
N SER A 81 -12.57 -5.33 3.28
CA SER A 81 -12.49 -4.31 4.23
C SER A 81 -11.49 -3.28 3.74
N GLY A 82 -11.64 -2.10 4.19
CA GLY A 82 -10.84 -1.01 3.75
C GLY A 82 -9.84 -0.63 4.79
N PHE A 83 -9.92 0.59 5.24
CA PHE A 83 -9.03 1.08 6.22
C PHE A 83 -9.83 1.46 7.45
N LYS A 84 -9.15 1.78 8.50
CA LYS A 84 -9.77 2.20 9.71
C LYS A 84 -10.22 3.62 9.57
N GLN A 85 -11.46 3.82 9.90
CA GLN A 85 -12.12 5.09 9.84
C GLN A 85 -11.53 6.07 10.87
N GLY A 86 -10.64 6.88 10.41
CA GLY A 86 -9.99 7.85 11.21
C GLY A 86 -8.77 8.31 10.46
N GLU A 2 2.42 1.97 15.92
CA GLU A 2 1.36 1.12 16.45
C GLU A 2 1.42 -0.23 15.76
N LEU A 3 1.09 -1.26 16.49
CA LEU A 3 1.07 -2.56 15.94
C LEU A 3 -0.32 -2.92 15.57
N LYS A 4 -0.44 -3.33 14.37
CA LYS A 4 -1.69 -3.59 13.76
C LYS A 4 -1.96 -5.06 13.67
N HIS A 5 -3.18 -5.38 13.41
CA HIS A 5 -3.54 -6.74 13.16
C HIS A 5 -3.75 -6.95 11.64
N SER A 6 -4.04 -5.86 10.91
CA SER A 6 -4.35 -5.96 9.49
C SER A 6 -4.21 -4.61 8.79
N ILE A 7 -4.64 -4.57 7.52
CA ILE A 7 -4.67 -3.36 6.72
C ILE A 7 -5.77 -2.41 7.24
N SER A 8 -6.84 -2.99 7.79
CA SER A 8 -7.96 -2.23 8.29
C SER A 8 -7.63 -1.67 9.65
N ASP A 9 -6.46 -1.99 10.14
CA ASP A 9 -5.99 -1.41 11.37
C ASP A 9 -5.20 -0.16 11.04
N TYR A 10 -4.82 -0.05 9.79
CA TYR A 10 -4.16 1.14 9.31
C TYR A 10 -5.21 2.11 8.92
N THR A 11 -5.00 3.34 9.25
CA THR A 11 -5.88 4.35 8.80
C THR A 11 -5.52 4.64 7.36
N GLU A 12 -6.34 5.39 6.65
CA GLU A 12 -6.04 5.73 5.27
C GLU A 12 -4.70 6.44 5.24
N ALA A 13 -4.46 7.26 6.24
CA ALA A 13 -3.23 8.03 6.37
C ALA A 13 -2.03 7.14 6.69
N GLU A 14 -2.15 6.24 7.69
CA GLU A 14 -1.03 5.34 8.04
C GLU A 14 -0.69 4.39 6.91
N PHE A 15 -1.70 4.00 6.18
CA PHE A 15 -1.50 3.15 5.05
C PHE A 15 -0.92 3.93 3.91
N LEU A 16 -1.28 5.16 3.81
CA LEU A 16 -0.75 6.00 2.78
C LEU A 16 0.69 6.32 3.10
N GLU A 17 1.00 6.24 4.32
CA GLU A 17 2.35 6.31 4.72
C GLU A 17 3.10 5.03 4.42
N PHE A 18 2.39 3.88 4.22
CA PHE A 18 3.05 2.58 3.87
C PHE A 18 3.90 2.83 2.67
N VAL A 19 3.28 3.41 1.70
CA VAL A 19 3.87 3.65 0.43
C VAL A 19 4.90 4.76 0.48
N LYS A 20 4.60 5.82 1.24
CA LYS A 20 5.55 6.90 1.40
C LYS A 20 6.83 6.35 2.02
N LYS A 21 6.63 5.55 3.07
CA LYS A 21 7.67 4.90 3.85
C LYS A 21 8.54 4.02 2.96
N ILE A 22 7.94 3.32 2.02
CA ILE A 22 8.70 2.49 1.10
C ILE A 22 9.55 3.36 0.17
N CYS A 23 8.98 4.46 -0.26
CA CYS A 23 9.64 5.34 -1.18
C CYS A 23 10.75 6.17 -0.47
N ARG A 24 10.53 6.52 0.79
CA ARG A 24 11.48 7.37 1.54
C ARG A 24 12.42 6.59 2.47
N ALA A 25 11.91 5.55 3.08
CA ALA A 25 12.62 4.80 4.12
C ALA A 25 13.06 3.44 3.62
N GLU A 26 13.18 3.31 2.29
CA GLU A 26 13.57 2.06 1.57
C GLU A 26 14.75 1.31 2.23
N GLY A 27 15.63 2.03 2.88
CA GLY A 27 16.73 1.43 3.56
C GLY A 27 17.98 1.52 2.75
N ALA A 28 18.49 0.39 2.37
CA ALA A 28 19.70 0.35 1.57
C ALA A 28 19.39 -0.16 0.19
N THR A 29 19.24 -1.46 0.06
CA THR A 29 18.98 -2.05 -1.21
C THR A 29 17.53 -2.48 -1.36
N GLU A 30 17.16 -2.82 -2.58
CA GLU A 30 15.82 -3.21 -2.99
C GLU A 30 15.24 -4.35 -2.13
N GLU A 31 16.09 -5.17 -1.59
CA GLU A 31 15.64 -6.26 -0.73
C GLU A 31 14.99 -5.73 0.57
N ASP A 32 15.52 -4.62 1.09
CA ASP A 32 15.00 -4.03 2.34
C ASP A 32 13.70 -3.32 2.02
N ASP A 33 13.74 -2.68 0.89
CA ASP A 33 12.61 -1.98 0.29
C ASP A 33 11.44 -2.94 0.08
N ASN A 34 11.72 -4.02 -0.60
CA ASN A 34 10.74 -5.01 -0.94
C ASN A 34 10.21 -5.75 0.29
N LYS A 35 11.02 -5.90 1.33
CA LYS A 35 10.53 -6.58 2.51
C LYS A 35 9.50 -5.74 3.25
N LEU A 36 9.46 -4.44 2.95
CA LEU A 36 8.39 -3.59 3.42
C LEU A 36 7.18 -3.90 2.59
N VAL A 37 7.37 -3.82 1.28
CA VAL A 37 6.31 -4.08 0.29
C VAL A 37 5.60 -5.39 0.60
N ARG A 38 6.37 -6.44 0.84
CA ARG A 38 5.85 -7.77 1.14
C ARG A 38 4.84 -7.79 2.29
N GLU A 39 5.15 -7.11 3.39
CA GLU A 39 4.27 -7.15 4.56
C GLU A 39 2.99 -6.40 4.27
N PHE A 40 3.12 -5.30 3.55
CA PHE A 40 2.01 -4.47 3.21
C PHE A 40 1.15 -5.16 2.15
N GLU A 41 1.79 -5.77 1.19
CA GLU A 41 1.12 -6.51 0.15
C GLU A 41 0.38 -7.73 0.62
N ARG A 42 0.68 -8.16 1.82
CA ARG A 42 -0.06 -9.24 2.40
C ARG A 42 -1.30 -8.69 3.06
N LEU A 43 -1.15 -7.52 3.62
CA LEU A 43 -2.26 -6.81 4.26
C LEU A 43 -3.30 -6.45 3.20
N THR A 44 -2.81 -6.06 2.05
CA THR A 44 -3.65 -5.60 0.97
C THR A 44 -4.21 -6.78 0.21
N GLU A 45 -3.33 -7.80 0.05
CA GLU A 45 -3.58 -8.98 -0.76
C GLU A 45 -3.75 -8.52 -2.18
N HIS A 46 -3.14 -7.38 -2.47
CA HIS A 46 -3.31 -6.74 -3.71
C HIS A 46 -2.46 -7.43 -4.80
N PRO A 47 -3.05 -7.66 -5.95
CA PRO A 47 -2.43 -8.36 -7.06
C PRO A 47 -1.21 -7.68 -7.61
N ASP A 48 -1.35 -6.42 -7.83
CA ASP A 48 -0.38 -5.66 -8.51
C ASP A 48 0.18 -4.69 -7.54
N GLY A 49 0.03 -5.02 -6.29
CA GLY A 49 0.45 -4.12 -5.20
C GLY A 49 1.89 -3.82 -5.23
N SER A 50 2.67 -4.82 -5.38
CA SER A 50 4.08 -4.59 -5.53
C SER A 50 4.36 -3.78 -6.81
N ASP A 51 3.63 -4.12 -7.87
CA ASP A 51 3.74 -3.41 -9.15
C ASP A 51 3.44 -1.92 -8.97
N LEU A 52 2.45 -1.61 -8.13
CA LEU A 52 1.97 -0.24 -7.86
C LEU A 52 3.08 0.72 -7.50
N ILE A 53 4.02 0.22 -6.76
CA ILE A 53 5.07 1.04 -6.21
C ILE A 53 6.21 1.19 -7.21
N TYR A 54 6.46 0.12 -7.91
CA TYR A 54 7.58 0.03 -8.80
C TYR A 54 7.27 0.57 -10.21
N TYR A 55 6.13 0.21 -10.76
CA TYR A 55 5.81 0.55 -12.14
C TYR A 55 4.36 1.04 -12.23
N PRO A 56 4.11 2.09 -13.01
CA PRO A 56 2.77 2.60 -13.25
C PRO A 56 1.91 1.58 -14.03
N ARG A 57 0.64 1.49 -13.69
CA ARG A 57 -0.25 0.58 -14.38
C ARG A 57 -0.85 1.24 -15.62
N ASP A 58 -2.09 1.62 -15.54
CA ASP A 58 -2.73 2.29 -16.66
C ASP A 58 -3.19 3.67 -16.27
N ASP A 59 -4.02 3.71 -15.26
CA ASP A 59 -4.66 4.94 -14.81
C ASP A 59 -4.20 5.28 -13.41
N ARG A 60 -3.23 4.54 -12.92
CA ARG A 60 -2.76 4.69 -11.59
C ARG A 60 -1.92 5.93 -11.48
N GLU A 61 -2.30 6.73 -10.57
CA GLU A 61 -1.62 7.99 -10.30
C GLU A 61 -0.38 7.71 -9.49
N ASP A 62 0.75 8.17 -9.97
CA ASP A 62 1.99 7.90 -9.30
C ASP A 62 2.19 8.89 -8.18
N SER A 63 1.52 8.62 -7.12
CA SER A 63 1.60 9.39 -5.94
C SER A 63 1.38 8.43 -4.80
N PRO A 64 1.97 8.69 -3.62
CA PRO A 64 1.67 7.90 -2.42
C PRO A 64 0.13 7.79 -2.21
N GLU A 65 -0.61 8.89 -2.49
CA GLU A 65 -2.07 8.88 -2.50
C GLU A 65 -2.62 7.93 -3.57
N GLY A 66 -2.09 8.04 -4.77
CA GLY A 66 -2.59 7.28 -5.92
C GLY A 66 -2.36 5.79 -5.81
N ILE A 67 -1.24 5.42 -5.24
CA ILE A 67 -0.92 4.02 -5.02
C ILE A 67 -1.90 3.42 -4.01
N VAL A 68 -2.18 4.20 -2.97
CA VAL A 68 -3.18 3.82 -1.99
C VAL A 68 -4.53 3.74 -2.66
N LYS A 69 -4.82 4.75 -3.45
CA LYS A 69 -6.09 4.88 -4.11
C LYS A 69 -6.39 3.71 -5.04
N GLU A 70 -5.37 3.14 -5.66
CA GLU A 70 -5.56 1.97 -6.50
C GLU A 70 -6.11 0.82 -5.63
N ILE A 71 -5.42 0.55 -4.51
CA ILE A 71 -5.84 -0.47 -3.53
C ILE A 71 -7.21 -0.11 -2.93
N LYS A 72 -7.38 1.17 -2.68
CA LYS A 72 -8.57 1.75 -2.08
C LYS A 72 -9.77 1.46 -2.97
N GLU A 73 -9.70 1.91 -4.23
CA GLU A 73 -10.81 1.75 -5.17
C GLU A 73 -11.09 0.27 -5.40
N TRP A 74 -10.03 -0.49 -5.61
CA TRP A 74 -10.09 -1.91 -5.88
C TRP A 74 -10.78 -2.69 -4.73
N ARG A 75 -10.28 -2.56 -3.49
CA ARG A 75 -10.85 -3.34 -2.38
C ARG A 75 -12.27 -2.92 -2.08
N ALA A 76 -12.54 -1.65 -2.27
CA ALA A 76 -13.84 -1.12 -2.03
C ALA A 76 -14.84 -1.55 -3.10
N ALA A 77 -14.33 -1.86 -4.30
CA ALA A 77 -15.17 -2.25 -5.41
C ALA A 77 -15.46 -3.70 -5.30
N ASN A 78 -14.47 -4.42 -4.84
CA ASN A 78 -14.56 -5.84 -4.64
C ASN A 78 -15.51 -6.19 -3.53
N GLY A 79 -15.75 -5.26 -2.65
CA GLY A 79 -16.57 -5.54 -1.50
C GLY A 79 -15.73 -6.17 -0.42
N LYS A 80 -14.48 -5.77 -0.38
CA LYS A 80 -13.56 -6.21 0.61
C LYS A 80 -13.61 -5.25 1.76
N SER A 81 -12.72 -5.44 2.66
CA SER A 81 -12.52 -4.57 3.77
C SER A 81 -11.98 -3.19 3.30
N GLY A 82 -11.75 -2.30 4.21
CA GLY A 82 -11.23 -1.00 3.91
C GLY A 82 -10.06 -0.68 4.78
N PHE A 83 -9.95 0.55 5.22
CA PHE A 83 -8.95 0.98 6.13
C PHE A 83 -9.65 1.34 7.43
N LYS A 84 -8.93 1.87 8.37
CA LYS A 84 -9.50 2.35 9.59
C LYS A 84 -9.73 3.84 9.45
N GLN A 85 -10.81 4.30 9.96
CA GLN A 85 -11.21 5.64 9.81
C GLN A 85 -10.64 6.52 10.90
N GLY A 86 -9.71 7.34 10.54
CA GLY A 86 -9.15 8.27 11.46
C GLY A 86 -9.38 9.66 10.98
N GLU A 2 2.75 -2.22 20.31
CA GLU A 2 1.43 -2.15 19.73
C GLU A 2 1.44 -2.91 18.42
N LEU A 3 0.51 -3.79 18.27
CA LEU A 3 0.41 -4.58 17.07
C LEU A 3 -0.92 -4.43 16.41
N LYS A 4 -0.86 -4.23 15.13
CA LYS A 4 -2.04 -4.13 14.31
C LYS A 4 -2.60 -5.50 14.00
N HIS A 5 -3.90 -5.59 13.96
CA HIS A 5 -4.56 -6.86 13.70
C HIS A 5 -4.70 -7.11 12.19
N SER A 6 -4.73 -6.03 11.41
CA SER A 6 -4.93 -6.13 9.98
C SER A 6 -4.54 -4.83 9.34
N ILE A 7 -4.87 -4.67 8.07
CA ILE A 7 -4.67 -3.44 7.34
C ILE A 7 -5.67 -2.38 7.85
N SER A 8 -6.79 -2.86 8.38
CA SER A 8 -7.87 -2.02 8.83
C SER A 8 -7.52 -1.41 10.20
N ASP A 9 -6.38 -1.82 10.73
CA ASP A 9 -5.88 -1.24 11.97
C ASP A 9 -5.11 0.05 11.63
N TYR A 10 -4.75 0.19 10.37
CA TYR A 10 -4.06 1.37 9.87
C TYR A 10 -5.07 2.32 9.33
N THR A 11 -4.87 3.59 9.52
CA THR A 11 -5.77 4.54 8.92
C THR A 11 -5.41 4.69 7.45
N GLU A 12 -6.33 5.24 6.69
CA GLU A 12 -6.15 5.44 5.26
C GLU A 12 -4.89 6.27 5.02
N ALA A 13 -4.72 7.31 5.81
CA ALA A 13 -3.57 8.19 5.69
C ALA A 13 -2.25 7.46 6.02
N GLU A 14 -2.25 6.63 7.06
CA GLU A 14 -1.03 5.88 7.46
C GLU A 14 -0.67 4.86 6.42
N PHE A 15 -1.66 4.29 5.80
CA PHE A 15 -1.43 3.38 4.74
C PHE A 15 -0.95 4.12 3.53
N LEU A 16 -1.42 5.30 3.37
CA LEU A 16 -0.97 6.11 2.29
C LEU A 16 0.47 6.59 2.57
N GLU A 17 0.81 6.56 3.79
CA GLU A 17 2.17 6.74 4.21
C GLU A 17 3.00 5.46 3.93
N PHE A 18 2.33 4.27 3.74
CA PHE A 18 3.04 2.97 3.45
C PHE A 18 3.87 3.16 2.24
N VAL A 19 3.24 3.68 1.26
CA VAL A 19 3.82 3.86 -0.02
C VAL A 19 4.84 4.98 -0.02
N LYS A 20 4.59 6.01 0.73
CA LYS A 20 5.52 7.11 0.86
C LYS A 20 6.79 6.62 1.56
N LYS A 21 6.60 5.68 2.48
CA LYS A 21 7.68 5.06 3.22
C LYS A 21 8.50 4.22 2.27
N ILE A 22 7.83 3.51 1.40
CA ILE A 22 8.47 2.66 0.42
C ILE A 22 9.21 3.50 -0.63
N CYS A 23 8.66 4.65 -0.95
CA CYS A 23 9.30 5.57 -1.86
C CYS A 23 10.67 6.00 -1.30
N ARG A 24 10.77 6.10 0.02
CA ARG A 24 12.01 6.48 0.69
C ARG A 24 12.77 5.26 1.27
N ALA A 25 12.31 4.06 0.96
CA ALA A 25 12.76 2.85 1.64
C ALA A 25 14.03 2.18 1.08
N GLU A 26 14.86 2.90 0.32
CA GLU A 26 16.12 2.30 -0.21
C GLU A 26 16.93 1.63 0.91
N GLY A 27 17.04 2.36 2.02
CA GLY A 27 17.67 1.86 3.24
C GLY A 27 19.03 1.26 3.05
N ALA A 28 19.21 0.09 3.62
CA ALA A 28 20.46 -0.65 3.53
C ALA A 28 20.68 -1.14 2.11
N THR A 29 19.66 -1.75 1.56
CA THR A 29 19.65 -2.28 0.20
C THR A 29 18.16 -2.47 -0.15
N GLU A 30 17.85 -2.65 -1.43
CA GLU A 30 16.47 -2.79 -1.94
C GLU A 30 15.62 -3.87 -1.23
N GLU A 31 16.26 -4.76 -0.50
CA GLU A 31 15.56 -5.78 0.28
C GLU A 31 14.75 -5.16 1.41
N ASP A 32 15.25 -4.07 1.96
CA ASP A 32 14.61 -3.40 3.10
C ASP A 32 13.36 -2.69 2.62
N ASP A 33 13.41 -2.33 1.36
CA ASP A 33 12.32 -1.72 0.63
C ASP A 33 11.27 -2.79 0.34
N ASN A 34 11.74 -3.87 -0.24
CA ASN A 34 10.95 -5.03 -0.62
C ASN A 34 10.19 -5.65 0.54
N LYS A 35 10.86 -5.81 1.69
CA LYS A 35 10.20 -6.42 2.85
C LYS A 35 9.01 -5.59 3.34
N LEU A 36 9.08 -4.27 3.15
CA LEU A 36 7.95 -3.40 3.49
C LEU A 36 6.82 -3.72 2.56
N VAL A 37 7.15 -3.74 1.28
CA VAL A 37 6.19 -4.03 0.23
C VAL A 37 5.49 -5.35 0.51
N ARG A 38 6.25 -6.34 0.93
CA ARG A 38 5.71 -7.65 1.17
C ARG A 38 4.73 -7.65 2.35
N GLU A 39 5.09 -7.01 3.47
CA GLU A 39 4.19 -7.03 4.63
C GLU A 39 2.90 -6.26 4.31
N PHE A 40 3.05 -5.17 3.58
CA PHE A 40 1.92 -4.34 3.20
C PHE A 40 1.04 -5.04 2.18
N GLU A 41 1.65 -5.74 1.24
CA GLU A 41 0.91 -6.48 0.24
C GLU A 41 0.17 -7.70 0.79
N ARG A 42 0.54 -8.13 1.97
CA ARG A 42 -0.18 -9.22 2.64
C ARG A 42 -1.36 -8.62 3.41
N LEU A 43 -1.23 -7.36 3.72
CA LEU A 43 -2.28 -6.57 4.35
C LEU A 43 -3.38 -6.25 3.33
N THR A 44 -2.98 -5.94 2.13
CA THR A 44 -3.90 -5.59 1.07
C THR A 44 -4.44 -6.80 0.37
N GLU A 45 -3.55 -7.78 0.15
CA GLU A 45 -3.81 -8.96 -0.66
C GLU A 45 -4.06 -8.50 -2.06
N HIS A 46 -3.43 -7.39 -2.39
CA HIS A 46 -3.59 -6.80 -3.65
C HIS A 46 -2.67 -7.56 -4.65
N PRO A 47 -3.18 -7.84 -5.82
CA PRO A 47 -2.48 -8.63 -6.84
C PRO A 47 -1.27 -7.99 -7.41
N ASP A 48 -1.37 -6.74 -7.62
CA ASP A 48 -0.35 -6.05 -8.30
C ASP A 48 0.14 -4.98 -7.43
N GLY A 49 -0.08 -5.16 -6.15
CA GLY A 49 0.31 -4.13 -5.15
C GLY A 49 1.74 -3.76 -5.19
N SER A 50 2.56 -4.75 -5.28
CA SER A 50 3.98 -4.54 -5.44
C SER A 50 4.26 -3.73 -6.73
N ASP A 51 3.62 -4.14 -7.82
CA ASP A 51 3.74 -3.47 -9.13
C ASP A 51 3.27 -2.01 -9.07
N LEU A 52 2.30 -1.73 -8.23
CA LEU A 52 1.73 -0.37 -8.07
C LEU A 52 2.79 0.62 -7.66
N ILE A 53 3.69 0.14 -6.84
CA ILE A 53 4.70 0.96 -6.23
C ILE A 53 5.81 1.19 -7.20
N TYR A 54 6.18 0.14 -7.85
CA TYR A 54 7.28 0.13 -8.72
C TYR A 54 6.94 0.67 -10.11
N TYR A 55 5.71 0.54 -10.53
CA TYR A 55 5.31 0.96 -11.85
C TYR A 55 4.00 1.70 -11.86
N PRO A 56 4.01 2.97 -12.28
CA PRO A 56 2.79 3.71 -12.52
C PRO A 56 2.11 3.11 -13.72
N ARG A 57 0.81 2.97 -13.69
CA ARG A 57 0.15 2.33 -14.81
C ARG A 57 -0.11 3.31 -15.96
N ASP A 58 -1.36 3.49 -16.29
CA ASP A 58 -1.71 4.44 -17.33
C ASP A 58 -2.68 5.45 -16.78
N ASP A 59 -3.82 4.93 -16.43
CA ASP A 59 -4.97 5.66 -15.92
C ASP A 59 -4.77 6.06 -14.48
N ARG A 60 -4.00 5.28 -13.77
CA ARG A 60 -3.81 5.48 -12.40
C ARG A 60 -2.81 6.59 -12.17
N GLU A 61 -3.14 7.41 -11.22
CA GLU A 61 -2.35 8.54 -10.78
C GLU A 61 -1.02 8.06 -10.23
N ASP A 62 0.06 8.66 -10.68
CA ASP A 62 1.37 8.28 -10.21
C ASP A 62 1.74 9.09 -9.00
N SER A 63 1.14 8.74 -7.92
CA SER A 63 1.43 9.38 -6.70
C SER A 63 1.27 8.36 -5.61
N PRO A 64 1.90 8.57 -4.44
CA PRO A 64 1.66 7.73 -3.27
C PRO A 64 0.14 7.60 -3.01
N GLU A 65 -0.58 8.68 -3.28
CA GLU A 65 -2.02 8.72 -3.14
C GLU A 65 -2.72 7.82 -4.17
N GLY A 66 -2.29 7.93 -5.43
CA GLY A 66 -2.87 7.13 -6.49
C GLY A 66 -2.58 5.66 -6.34
N ILE A 67 -1.40 5.34 -5.86
CA ILE A 67 -1.01 3.96 -5.59
C ILE A 67 -1.96 3.36 -4.54
N VAL A 68 -2.23 4.13 -3.51
CA VAL A 68 -3.19 3.74 -2.49
C VAL A 68 -4.56 3.64 -3.10
N LYS A 69 -4.87 4.53 -4.02
CA LYS A 69 -6.17 4.56 -4.59
C LYS A 69 -6.47 3.32 -5.41
N GLU A 70 -5.45 2.74 -6.02
CA GLU A 70 -5.65 1.52 -6.78
C GLU A 70 -6.09 0.41 -5.82
N ILE A 71 -5.38 0.31 -4.70
CA ILE A 71 -5.70 -0.63 -3.63
C ILE A 71 -7.09 -0.32 -3.04
N LYS A 72 -7.32 0.95 -2.81
CA LYS A 72 -8.59 1.45 -2.30
C LYS A 72 -9.74 1.06 -3.20
N GLU A 73 -9.68 1.45 -4.46
CA GLU A 73 -10.77 1.22 -5.38
C GLU A 73 -11.00 -0.24 -5.63
N TRP A 74 -9.93 -1.00 -5.54
CA TRP A 74 -10.00 -2.41 -5.76
C TRP A 74 -10.73 -3.06 -4.58
N ARG A 75 -10.18 -2.89 -3.39
CA ARG A 75 -10.71 -3.54 -2.21
C ARG A 75 -12.11 -3.04 -1.88
N ALA A 76 -12.34 -1.76 -2.14
CA ALA A 76 -13.62 -1.13 -1.90
C ALA A 76 -14.69 -1.66 -2.86
N ALA A 77 -14.28 -2.03 -4.08
CA ALA A 77 -15.21 -2.47 -5.10
C ALA A 77 -15.50 -3.92 -4.89
N ASN A 78 -14.48 -4.63 -4.46
CA ASN A 78 -14.58 -6.03 -4.19
C ASN A 78 -15.45 -6.28 -2.98
N GLY A 79 -15.33 -5.42 -2.01
CA GLY A 79 -16.03 -5.61 -0.78
C GLY A 79 -15.13 -6.30 0.21
N LYS A 80 -13.87 -5.93 0.17
CA LYS A 80 -12.87 -6.44 1.06
C LYS A 80 -12.76 -5.54 2.28
N SER A 81 -11.69 -5.64 2.99
CA SER A 81 -11.41 -4.79 4.10
C SER A 81 -11.11 -3.36 3.62
N GLY A 82 -11.19 -2.43 4.52
CA GLY A 82 -10.89 -1.06 4.23
C GLY A 82 -9.71 -0.59 5.04
N PHE A 83 -9.71 0.64 5.42
CA PHE A 83 -8.73 1.21 6.28
C PHE A 83 -9.46 1.71 7.51
N LYS A 84 -8.76 2.01 8.54
CA LYS A 84 -9.35 2.53 9.74
C LYS A 84 -9.71 3.98 9.52
N GLN A 85 -10.81 4.36 10.07
CA GLN A 85 -11.30 5.66 9.97
C GLN A 85 -10.56 6.60 10.91
N GLY A 86 -9.66 7.36 10.36
CA GLY A 86 -8.92 8.31 11.12
C GLY A 86 -8.53 9.45 10.25
N GLU A 2 5.47 -2.92 16.39
CA GLU A 2 4.11 -3.21 15.97
C GLU A 2 3.20 -2.07 16.30
N LEU A 3 2.24 -1.83 15.46
CA LEU A 3 1.30 -0.79 15.67
C LEU A 3 -0.10 -1.25 15.36
N LYS A 4 -0.19 -2.01 14.33
CA LYS A 4 -1.45 -2.50 13.85
C LYS A 4 -1.72 -3.90 14.35
N HIS A 5 -2.87 -4.39 14.00
CA HIS A 5 -3.24 -5.77 14.18
C HIS A 5 -3.71 -6.31 12.82
N SER A 6 -4.09 -5.37 11.93
CA SER A 6 -4.56 -5.68 10.60
C SER A 6 -4.40 -4.43 9.76
N ILE A 7 -4.77 -4.50 8.49
CA ILE A 7 -4.73 -3.31 7.62
C ILE A 7 -5.85 -2.36 8.05
N SER A 8 -6.86 -2.92 8.68
CA SER A 8 -7.99 -2.19 9.14
C SER A 8 -7.60 -1.33 10.35
N ASP A 9 -6.40 -1.53 10.90
CA ASP A 9 -5.96 -0.67 12.01
C ASP A 9 -5.37 0.62 11.46
N TYR A 10 -4.75 0.50 10.29
CA TYR A 10 -4.19 1.65 9.63
C TYR A 10 -5.30 2.51 9.10
N THR A 11 -5.21 3.77 9.35
CA THR A 11 -6.13 4.68 8.76
C THR A 11 -5.63 4.89 7.33
N GLU A 12 -6.49 5.39 6.44
CA GLU A 12 -6.09 5.67 5.05
C GLU A 12 -4.75 6.40 5.02
N ALA A 13 -4.63 7.38 5.88
CA ALA A 13 -3.45 8.19 6.01
C ALA A 13 -2.21 7.39 6.38
N GLU A 14 -2.32 6.52 7.38
CA GLU A 14 -1.17 5.74 7.84
C GLU A 14 -0.78 4.69 6.84
N PHE A 15 -1.73 4.25 6.10
CA PHE A 15 -1.45 3.32 5.05
C PHE A 15 -0.85 4.07 3.89
N LEU A 16 -1.25 5.27 3.71
CA LEU A 16 -0.68 6.09 2.67
C LEU A 16 0.78 6.40 2.98
N GLU A 17 1.07 6.34 4.22
CA GLU A 17 2.41 6.47 4.67
C GLU A 17 3.21 5.19 4.34
N PHE A 18 2.49 4.05 4.12
CA PHE A 18 3.15 2.76 3.76
C PHE A 18 3.97 2.98 2.55
N VAL A 19 3.33 3.54 1.58
CA VAL A 19 3.90 3.73 0.29
C VAL A 19 4.96 4.80 0.29
N LYS A 20 4.71 5.87 1.04
CA LYS A 20 5.69 6.92 1.16
C LYS A 20 6.97 6.37 1.80
N LYS A 21 6.77 5.50 2.79
CA LYS A 21 7.84 4.85 3.51
C LYS A 21 8.60 3.92 2.58
N ILE A 22 7.88 3.23 1.71
CA ILE A 22 8.50 2.31 0.76
C ILE A 22 9.30 3.09 -0.26
N CYS A 23 8.77 4.21 -0.72
CA CYS A 23 9.45 5.06 -1.69
C CYS A 23 10.84 5.48 -1.15
N ARG A 24 10.92 5.67 0.16
CA ARG A 24 12.16 6.04 0.83
C ARG A 24 12.86 4.84 1.51
N ALA A 25 12.34 3.64 1.29
CA ALA A 25 12.78 2.45 2.05
C ALA A 25 14.01 1.76 1.50
N GLU A 26 14.64 2.33 0.49
CA GLU A 26 15.83 1.73 -0.11
C GLU A 26 16.93 1.42 0.92
N GLY A 27 17.08 2.34 1.90
CA GLY A 27 17.98 2.18 3.06
C GLY A 27 19.26 1.43 2.79
N ALA A 28 19.31 0.19 3.25
CA ALA A 28 20.46 -0.65 3.07
C ALA A 28 20.42 -1.31 1.72
N THR A 29 19.52 -2.22 1.59
CA THR A 29 19.40 -3.02 0.44
C THR A 29 18.03 -2.87 -0.17
N GLU A 30 17.87 -3.40 -1.37
CA GLU A 30 16.58 -3.39 -2.07
C GLU A 30 15.61 -4.26 -1.26
N GLU A 31 16.20 -5.14 -0.46
CA GLU A 31 15.50 -6.00 0.48
C GLU A 31 14.71 -5.16 1.49
N ASP A 32 15.27 -4.03 1.85
CA ASP A 32 14.65 -3.12 2.83
C ASP A 32 13.36 -2.57 2.29
N ASP A 33 13.37 -2.35 1.01
CA ASP A 33 12.21 -1.87 0.29
C ASP A 33 11.22 -3.02 0.09
N ASN A 34 11.73 -4.11 -0.47
CA ASN A 34 10.90 -5.26 -0.83
C ASN A 34 10.24 -5.95 0.35
N LYS A 35 10.91 -5.99 1.50
CA LYS A 35 10.34 -6.65 2.67
C LYS A 35 9.14 -5.89 3.20
N LEU A 36 9.14 -4.57 2.99
CA LEU A 36 8.01 -3.77 3.42
C LEU A 36 6.83 -4.08 2.55
N VAL A 37 7.04 -3.97 1.26
CA VAL A 37 6.02 -4.20 0.24
C VAL A 37 5.29 -5.52 0.49
N ARG A 38 6.06 -6.55 0.73
CA ARG A 38 5.56 -7.90 0.91
C ARG A 38 4.57 -8.03 2.09
N GLU A 39 4.74 -7.26 3.16
CA GLU A 39 3.78 -7.38 4.25
C GLU A 39 2.51 -6.66 3.87
N PHE A 40 2.67 -5.53 3.19
CA PHE A 40 1.56 -4.72 2.80
C PHE A 40 0.71 -5.43 1.75
N GLU A 41 1.36 -6.20 0.87
CA GLU A 41 0.67 -7.04 -0.09
C GLU A 41 -0.19 -8.08 0.60
N ARG A 42 0.30 -8.60 1.71
CA ARG A 42 -0.43 -9.60 2.47
C ARG A 42 -1.66 -8.94 3.09
N LEU A 43 -1.44 -7.78 3.66
CA LEU A 43 -2.47 -6.98 4.31
C LEU A 43 -3.60 -6.61 3.33
N THR A 44 -3.23 -6.14 2.17
CA THR A 44 -4.17 -5.67 1.18
C THR A 44 -4.78 -6.80 0.41
N GLU A 45 -4.04 -7.90 0.31
CA GLU A 45 -4.36 -9.04 -0.53
C GLU A 45 -4.34 -8.54 -1.98
N HIS A 46 -3.62 -7.45 -2.17
CA HIS A 46 -3.57 -6.81 -3.43
C HIS A 46 -2.52 -7.48 -4.31
N PRO A 47 -2.96 -7.92 -5.49
CA PRO A 47 -2.14 -8.67 -6.45
C PRO A 47 -0.90 -7.93 -6.86
N ASP A 48 -1.10 -6.73 -7.29
CA ASP A 48 -0.05 -5.92 -7.82
C ASP A 48 0.46 -5.04 -6.74
N GLY A 49 0.24 -5.42 -5.48
CA GLY A 49 0.70 -4.59 -4.31
C GLY A 49 2.14 -4.21 -4.38
N SER A 50 2.90 -4.99 -5.06
CA SER A 50 4.26 -4.66 -5.30
C SER A 50 4.39 -3.73 -6.49
N ASP A 51 3.92 -4.19 -7.64
CA ASP A 51 3.99 -3.46 -8.90
C ASP A 51 3.39 -2.07 -8.83
N LEU A 52 2.37 -1.87 -7.97
CA LEU A 52 1.72 -0.56 -7.78
C LEU A 52 2.72 0.49 -7.37
N ILE A 53 3.65 0.09 -6.54
CA ILE A 53 4.58 1.01 -5.93
C ILE A 53 5.66 1.41 -6.91
N TYR A 54 5.97 0.50 -7.75
CA TYR A 54 7.03 0.66 -8.67
C TYR A 54 6.54 1.25 -9.98
N TYR A 55 5.42 0.78 -10.45
CA TYR A 55 4.89 1.20 -11.71
C TYR A 55 3.40 1.49 -11.59
N PRO A 56 2.99 2.76 -11.55
CA PRO A 56 1.59 3.09 -11.62
C PRO A 56 1.05 2.67 -12.99
N ARG A 57 -0.22 2.38 -13.07
CA ARG A 57 -0.78 1.87 -14.30
C ARG A 57 -0.94 2.96 -15.38
N ASP A 58 -2.15 3.22 -15.77
CA ASP A 58 -2.42 4.17 -16.84
C ASP A 58 -3.26 5.31 -16.34
N ASP A 59 -4.38 4.95 -15.79
CA ASP A 59 -5.37 5.89 -15.26
C ASP A 59 -5.01 6.32 -13.83
N ARG A 60 -3.79 6.00 -13.41
CA ARG A 60 -3.37 6.35 -12.08
C ARG A 60 -2.51 7.53 -11.95
N GLU A 61 -2.77 8.19 -10.89
CA GLU A 61 -2.03 9.28 -10.40
C GLU A 61 -0.78 8.74 -9.76
N ASP A 62 0.36 9.15 -10.26
CA ASP A 62 1.62 8.74 -9.71
C ASP A 62 1.89 9.55 -8.49
N SER A 63 1.29 9.17 -7.41
CA SER A 63 1.51 9.83 -6.20
C SER A 63 1.41 8.80 -5.09
N PRO A 64 1.96 9.07 -3.89
CA PRO A 64 1.79 8.16 -2.74
C PRO A 64 0.28 7.99 -2.44
N GLU A 65 -0.51 8.97 -2.85
CA GLU A 65 -1.94 8.95 -2.69
C GLU A 65 -2.60 8.02 -3.73
N GLY A 66 -2.17 8.15 -4.98
CA GLY A 66 -2.75 7.38 -6.08
C GLY A 66 -2.51 5.89 -5.95
N ILE A 67 -1.40 5.53 -5.35
CA ILE A 67 -1.09 4.13 -5.10
C ILE A 67 -2.05 3.57 -4.03
N VAL A 68 -2.36 4.39 -3.04
CA VAL A 68 -3.31 4.04 -2.02
C VAL A 68 -4.71 3.97 -2.62
N LYS A 69 -4.97 4.85 -3.57
CA LYS A 69 -6.21 4.88 -4.31
C LYS A 69 -6.44 3.57 -5.05
N GLU A 70 -5.37 3.00 -5.60
CA GLU A 70 -5.42 1.70 -6.26
C GLU A 70 -5.97 0.64 -5.32
N ILE A 71 -5.35 0.55 -4.18
CA ILE A 71 -5.73 -0.39 -3.15
C ILE A 71 -7.13 -0.10 -2.62
N LYS A 72 -7.44 1.16 -2.56
CA LYS A 72 -8.76 1.59 -2.15
C LYS A 72 -9.84 1.14 -3.15
N GLU A 73 -9.71 1.57 -4.39
CA GLU A 73 -10.72 1.32 -5.42
C GLU A 73 -10.86 -0.14 -5.72
N TRP A 74 -9.75 -0.85 -5.71
CA TRP A 74 -9.73 -2.26 -6.00
C TRP A 74 -10.47 -3.02 -4.90
N ARG A 75 -10.14 -2.74 -3.66
CA ARG A 75 -10.75 -3.47 -2.56
C ARG A 75 -12.20 -3.08 -2.39
N ALA A 76 -12.49 -1.82 -2.63
CA ALA A 76 -13.83 -1.29 -2.54
C ALA A 76 -14.74 -1.89 -3.62
N ALA A 77 -14.14 -2.32 -4.72
CA ALA A 77 -14.89 -2.85 -5.85
C ALA A 77 -15.18 -4.30 -5.61
N ASN A 78 -14.15 -4.97 -5.16
CA ASN A 78 -14.19 -6.38 -4.93
C ASN A 78 -14.91 -6.75 -3.65
N GLY A 79 -15.01 -5.82 -2.74
CA GLY A 79 -15.68 -6.09 -1.48
C GLY A 79 -14.76 -6.75 -0.50
N LYS A 80 -13.55 -6.24 -0.42
CA LYS A 80 -12.54 -6.78 0.42
C LYS A 80 -12.56 -5.99 1.75
N SER A 81 -11.51 -6.12 2.54
CA SER A 81 -11.38 -5.36 3.78
C SER A 81 -11.06 -3.88 3.44
N GLY A 82 -11.05 -3.01 4.42
CA GLY A 82 -10.82 -1.61 4.18
C GLY A 82 -9.71 -1.08 5.08
N PHE A 83 -9.61 0.23 5.17
CA PHE A 83 -8.70 0.85 6.09
C PHE A 83 -9.54 1.37 7.20
N LYS A 84 -8.93 1.85 8.24
CA LYS A 84 -9.66 2.56 9.22
C LYS A 84 -9.92 3.90 8.61
N GLN A 85 -11.09 4.34 8.73
CA GLN A 85 -11.51 5.54 8.11
C GLN A 85 -12.28 6.38 9.06
N GLY A 86 -11.88 7.61 9.18
CA GLY A 86 -12.55 8.52 10.03
C GLY A 86 -12.00 9.88 9.86
N GLU A 2 4.33 -1.41 17.82
CA GLU A 2 3.23 -2.22 18.31
C GLU A 2 2.72 -3.04 17.17
N LEU A 3 1.92 -4.03 17.43
CA LEU A 3 1.34 -4.80 16.38
C LEU A 3 -0.14 -4.55 16.28
N LYS A 4 -0.52 -3.96 15.17
CA LYS A 4 -1.91 -3.68 14.80
C LYS A 4 -2.75 -4.95 14.73
N HIS A 5 -4.05 -4.82 14.59
CA HIS A 5 -4.88 -6.01 14.47
C HIS A 5 -5.06 -6.44 13.00
N SER A 6 -5.16 -5.48 12.10
CA SER A 6 -5.36 -5.78 10.68
C SER A 6 -5.01 -4.55 9.86
N ILE A 7 -5.31 -4.56 8.57
CA ILE A 7 -5.15 -3.37 7.75
C ILE A 7 -6.24 -2.33 8.10
N SER A 8 -7.34 -2.81 8.69
CA SER A 8 -8.46 -1.96 9.08
C SER A 8 -8.06 -1.13 10.31
N ASP A 9 -6.95 -1.52 10.91
CA ASP A 9 -6.35 -0.82 12.04
C ASP A 9 -5.78 0.51 11.53
N TYR A 10 -5.38 0.49 10.27
CA TYR A 10 -4.76 1.62 9.61
C TYR A 10 -5.82 2.48 8.96
N THR A 11 -5.60 3.75 8.99
CA THR A 11 -6.41 4.67 8.24
C THR A 11 -5.82 4.80 6.85
N GLU A 12 -6.51 5.49 5.97
CA GLU A 12 -6.00 5.71 4.64
C GLU A 12 -4.68 6.46 4.71
N ALA A 13 -4.62 7.49 5.56
CA ALA A 13 -3.44 8.32 5.73
C ALA A 13 -2.22 7.52 6.18
N GLU A 14 -2.43 6.63 7.13
CA GLU A 14 -1.35 5.79 7.67
C GLU A 14 -0.86 4.80 6.64
N PHE A 15 -1.77 4.33 5.83
CA PHE A 15 -1.42 3.43 4.77
C PHE A 15 -0.81 4.19 3.63
N LEU A 16 -1.24 5.38 3.46
CA LEU A 16 -0.71 6.27 2.45
C LEU A 16 0.72 6.60 2.77
N GLU A 17 0.99 6.63 4.01
CA GLU A 17 2.31 6.77 4.44
C GLU A 17 3.13 5.47 4.26
N PHE A 18 2.45 4.30 4.08
CA PHE A 18 3.14 3.00 3.77
C PHE A 18 4.00 3.20 2.57
N VAL A 19 3.38 3.70 1.56
CA VAL A 19 3.99 3.86 0.30
C VAL A 19 4.99 5.00 0.29
N LYS A 20 4.69 6.06 1.04
CA LYS A 20 5.63 7.17 1.18
C LYS A 20 6.90 6.67 1.85
N LYS A 21 6.69 5.86 2.89
CA LYS A 21 7.73 5.23 3.66
C LYS A 21 8.58 4.37 2.75
N ILE A 22 7.93 3.51 1.99
CA ILE A 22 8.63 2.61 1.08
C ILE A 22 9.45 3.39 0.07
N CYS A 23 8.85 4.46 -0.44
CA CYS A 23 9.48 5.30 -1.43
C CYS A 23 10.77 5.96 -0.88
N ARG A 24 10.81 6.20 0.44
CA ARG A 24 12.00 6.79 1.04
C ARG A 24 12.92 5.69 1.64
N ALA A 25 12.38 4.51 1.79
CA ALA A 25 13.03 3.38 2.43
C ALA A 25 13.82 2.53 1.46
N GLU A 26 14.23 3.14 0.34
CA GLU A 26 15.00 2.53 -0.79
C GLU A 26 15.91 1.39 -0.33
N GLY A 27 16.69 1.66 0.71
CA GLY A 27 17.44 0.64 1.35
C GLY A 27 18.85 0.52 0.89
N ALA A 28 19.55 -0.40 1.52
CA ALA A 28 20.91 -0.73 1.14
C ALA A 28 20.83 -1.64 -0.06
N THR A 29 19.89 -2.51 0.02
CA THR A 29 19.56 -3.43 -0.99
C THR A 29 18.08 -3.24 -1.24
N GLU A 30 17.61 -3.50 -2.45
CA GLU A 30 16.22 -3.27 -2.75
C GLU A 30 15.28 -4.26 -2.04
N GLU A 31 15.85 -5.31 -1.48
CA GLU A 31 15.07 -6.25 -0.68
C GLU A 31 14.60 -5.56 0.62
N ASP A 32 15.31 -4.51 1.03
CA ASP A 32 14.97 -3.75 2.25
C ASP A 32 13.71 -2.92 1.98
N ASP A 33 13.55 -2.57 0.73
CA ASP A 33 12.36 -1.87 0.21
C ASP A 33 11.25 -2.89 0.11
N ASN A 34 11.58 -3.97 -0.59
CA ASN A 34 10.67 -5.08 -0.87
C ASN A 34 10.08 -5.71 0.38
N LYS A 35 10.89 -5.81 1.45
CA LYS A 35 10.42 -6.43 2.69
C LYS A 35 9.23 -5.65 3.27
N LEU A 36 9.25 -4.32 3.13
CA LEU A 36 8.14 -3.51 3.58
C LEU A 36 6.95 -3.80 2.73
N VAL A 37 7.17 -3.77 1.43
CA VAL A 37 6.15 -4.02 0.42
C VAL A 37 5.40 -5.32 0.72
N ARG A 38 6.15 -6.37 0.97
CA ARG A 38 5.64 -7.71 1.26
C ARG A 38 4.62 -7.72 2.41
N GLU A 39 4.93 -7.04 3.52
CA GLU A 39 4.03 -7.08 4.67
C GLU A 39 2.76 -6.31 4.36
N PHE A 40 2.89 -5.28 3.55
CA PHE A 40 1.76 -4.48 3.15
C PHE A 40 0.92 -5.18 2.09
N GLU A 41 1.60 -5.93 1.21
CA GLU A 41 0.93 -6.77 0.22
C GLU A 41 0.04 -7.80 0.88
N ARG A 42 0.48 -8.34 2.00
CA ARG A 42 -0.30 -9.35 2.72
C ARG A 42 -1.48 -8.72 3.46
N LEU A 43 -1.30 -7.49 3.90
CA LEU A 43 -2.37 -6.74 4.56
C LEU A 43 -3.51 -6.47 3.60
N THR A 44 -3.15 -6.10 2.42
CA THR A 44 -4.10 -5.76 1.41
C THR A 44 -4.59 -6.97 0.67
N GLU A 45 -3.71 -7.97 0.60
CA GLU A 45 -3.89 -9.18 -0.19
C GLU A 45 -3.92 -8.76 -1.64
N HIS A 46 -3.24 -7.65 -1.90
CA HIS A 46 -3.24 -7.05 -3.18
C HIS A 46 -2.12 -7.64 -4.03
N PRO A 47 -2.48 -8.15 -5.21
CA PRO A 47 -1.58 -8.84 -6.15
C PRO A 47 -0.46 -7.96 -6.60
N ASP A 48 -0.82 -6.82 -7.11
CA ASP A 48 0.11 -5.90 -7.66
C ASP A 48 0.59 -4.99 -6.58
N GLY A 49 0.43 -5.39 -5.31
CA GLY A 49 0.87 -4.53 -4.17
C GLY A 49 2.30 -4.14 -4.27
N SER A 50 3.06 -4.94 -4.90
CA SER A 50 4.41 -4.62 -5.15
C SER A 50 4.51 -3.76 -6.40
N ASP A 51 3.90 -4.25 -7.46
CA ASP A 51 3.91 -3.63 -8.79
C ASP A 51 3.49 -2.17 -8.73
N LEU A 52 2.47 -1.87 -7.92
CA LEU A 52 1.91 -0.52 -7.74
C LEU A 52 2.97 0.48 -7.32
N ILE A 53 3.89 0.03 -6.51
CA ILE A 53 4.89 0.91 -5.94
C ILE A 53 6.03 1.09 -6.91
N TYR A 54 6.20 0.12 -7.73
CA TYR A 54 7.29 0.12 -8.64
C TYR A 54 6.90 0.71 -9.98
N TYR A 55 5.67 0.49 -10.37
CA TYR A 55 5.17 0.92 -11.63
C TYR A 55 3.81 1.57 -11.47
N PRO A 56 3.72 2.90 -11.52
CA PRO A 56 2.44 3.57 -11.67
C PRO A 56 1.87 3.10 -13.02
N ARG A 57 0.58 2.83 -13.11
CA ARG A 57 0.08 2.23 -14.33
C ARG A 57 -0.11 3.29 -15.46
N ASP A 58 -1.32 3.46 -15.91
CA ASP A 58 -1.65 4.49 -16.89
C ASP A 58 -2.70 5.40 -16.29
N ASP A 59 -3.70 4.76 -15.74
CA ASP A 59 -4.88 5.43 -15.20
C ASP A 59 -4.67 5.88 -13.77
N ARG A 60 -3.44 5.80 -13.31
CA ARG A 60 -3.12 6.18 -11.95
C ARG A 60 -2.76 7.63 -11.84
N GLU A 61 -2.87 8.09 -10.64
CA GLU A 61 -2.37 9.35 -10.25
C GLU A 61 -1.02 9.08 -9.66
N ASP A 62 -0.04 9.80 -10.08
CA ASP A 62 1.30 9.59 -9.59
C ASP A 62 1.52 10.28 -8.27
N SER A 63 0.99 9.69 -7.25
CA SER A 63 1.24 10.15 -5.93
C SER A 63 1.18 8.96 -4.99
N PRO A 64 1.90 9.03 -3.85
CA PRO A 64 1.75 8.05 -2.76
C PRO A 64 0.24 7.83 -2.46
N GLU A 65 -0.52 8.92 -2.52
CA GLU A 65 -1.95 8.89 -2.33
C GLU A 65 -2.64 8.08 -3.44
N GLY A 66 -2.29 8.39 -4.68
CA GLY A 66 -2.87 7.73 -5.83
C GLY A 66 -2.59 6.25 -5.87
N ILE A 67 -1.49 5.84 -5.30
CA ILE A 67 -1.19 4.43 -5.18
C ILE A 67 -2.16 3.78 -4.20
N VAL A 68 -2.35 4.39 -3.04
CA VAL A 68 -3.28 3.89 -2.02
C VAL A 68 -4.70 3.85 -2.57
N LYS A 69 -5.00 4.83 -3.38
CA LYS A 69 -6.29 4.94 -4.00
C LYS A 69 -6.57 3.71 -4.91
N GLU A 70 -5.51 3.14 -5.49
CA GLU A 70 -5.64 1.95 -6.31
C GLU A 70 -6.08 0.78 -5.42
N ILE A 71 -5.39 0.62 -4.27
CA ILE A 71 -5.73 -0.43 -3.32
C ILE A 71 -7.16 -0.29 -2.84
N LYS A 72 -7.55 0.94 -2.47
CA LYS A 72 -8.86 1.20 -1.97
C LYS A 72 -9.91 0.75 -2.96
N GLU A 73 -9.78 1.16 -4.22
CA GLU A 73 -10.77 0.86 -5.25
C GLU A 73 -10.78 -0.60 -5.63
N TRP A 74 -9.66 -1.27 -5.47
CA TRP A 74 -9.57 -2.68 -5.78
C TRP A 74 -10.36 -3.45 -4.75
N ARG A 75 -10.00 -3.26 -3.49
CA ARG A 75 -10.64 -3.95 -2.39
C ARG A 75 -12.10 -3.52 -2.26
N ALA A 76 -12.36 -2.26 -2.62
CA ALA A 76 -13.70 -1.68 -2.61
C ALA A 76 -14.60 -2.32 -3.65
N ALA A 77 -14.00 -2.85 -4.71
CA ALA A 77 -14.74 -3.46 -5.79
C ALA A 77 -15.06 -4.87 -5.42
N ASN A 78 -14.00 -5.55 -5.01
CA ASN A 78 -14.02 -6.94 -4.67
C ASN A 78 -14.99 -7.22 -3.52
N GLY A 79 -14.98 -6.34 -2.54
CA GLY A 79 -15.76 -6.57 -1.37
C GLY A 79 -14.90 -7.06 -0.25
N LYS A 80 -13.68 -6.58 -0.24
CA LYS A 80 -12.72 -6.92 0.76
C LYS A 80 -12.74 -5.86 1.85
N SER A 81 -11.74 -5.87 2.68
CA SER A 81 -11.60 -4.92 3.74
C SER A 81 -11.30 -3.50 3.18
N GLY A 82 -11.24 -2.54 4.05
CA GLY A 82 -11.00 -1.18 3.68
C GLY A 82 -10.02 -0.54 4.63
N PHE A 83 -9.96 0.76 4.63
CA PHE A 83 -9.14 1.46 5.54
C PHE A 83 -10.06 2.15 6.52
N LYS A 84 -9.53 2.57 7.62
CA LYS A 84 -10.29 3.35 8.53
C LYS A 84 -10.30 4.77 8.01
N GLN A 85 -11.47 5.35 8.00
CA GLN A 85 -11.72 6.69 7.45
C GLN A 85 -11.23 7.82 8.37
N GLY A 86 -10.47 7.45 9.32
CA GLY A 86 -9.96 8.37 10.29
C GLY A 86 -10.39 7.92 11.64
N GLU A 2 6.14 -3.91 14.53
CA GLU A 2 4.82 -3.58 13.99
C GLU A 2 4.07 -2.73 14.94
N LEU A 3 3.04 -2.13 14.44
CA LEU A 3 2.23 -1.27 15.21
C LEU A 3 0.76 -1.55 14.94
N LYS A 4 0.48 -2.59 14.17
CA LYS A 4 -0.89 -2.87 13.79
C LYS A 4 -1.20 -4.34 13.96
N HIS A 5 -2.47 -4.67 13.79
CA HIS A 5 -2.92 -6.04 13.77
C HIS A 5 -3.46 -6.40 12.37
N SER A 6 -3.91 -5.40 11.62
CA SER A 6 -4.47 -5.62 10.30
C SER A 6 -4.41 -4.32 9.51
N ILE A 7 -4.86 -4.34 8.25
CA ILE A 7 -4.93 -3.14 7.43
C ILE A 7 -6.07 -2.25 7.95
N SER A 8 -7.02 -2.86 8.66
CA SER A 8 -8.15 -2.16 9.19
C SER A 8 -7.72 -1.34 10.42
N ASP A 9 -6.49 -1.55 10.87
CA ASP A 9 -5.97 -0.75 11.96
C ASP A 9 -5.29 0.50 11.39
N TYR A 10 -5.01 0.46 10.10
CA TYR A 10 -4.46 1.58 9.37
C TYR A 10 -5.57 2.41 8.83
N THR A 11 -5.43 3.69 8.89
CA THR A 11 -6.37 4.54 8.22
C THR A 11 -5.85 4.68 6.80
N GLU A 12 -6.64 5.25 5.91
CA GLU A 12 -6.19 5.42 4.54
C GLU A 12 -4.95 6.32 4.53
N ALA A 13 -4.95 7.30 5.44
CA ALA A 13 -3.85 8.24 5.59
C ALA A 13 -2.56 7.54 6.06
N GLU A 14 -2.68 6.66 7.07
CA GLU A 14 -1.51 5.92 7.60
C GLU A 14 -1.00 4.95 6.56
N PHE A 15 -1.92 4.39 5.83
CA PHE A 15 -1.60 3.48 4.77
C PHE A 15 -0.98 4.24 3.64
N LEU A 16 -1.39 5.45 3.45
CA LEU A 16 -0.82 6.27 2.42
C LEU A 16 0.59 6.66 2.77
N GLU A 17 0.89 6.59 4.00
CA GLU A 17 2.24 6.73 4.43
C GLU A 17 3.03 5.45 4.18
N PHE A 18 2.34 4.28 4.01
CA PHE A 18 3.01 2.97 3.72
C PHE A 18 3.89 3.15 2.54
N VAL A 19 3.29 3.68 1.53
CA VAL A 19 3.88 3.83 0.26
C VAL A 19 4.94 4.93 0.26
N LYS A 20 4.66 6.03 0.95
CA LYS A 20 5.62 7.10 1.07
C LYS A 20 6.85 6.59 1.80
N LYS A 21 6.59 5.78 2.83
CA LYS A 21 7.62 5.17 3.63
C LYS A 21 8.47 4.25 2.79
N ILE A 22 7.86 3.42 1.97
CA ILE A 22 8.63 2.52 1.10
C ILE A 22 9.53 3.33 0.17
N CYS A 23 8.99 4.41 -0.35
CA CYS A 23 9.71 5.28 -1.27
C CYS A 23 10.94 5.93 -0.60
N ARG A 24 10.81 6.32 0.67
CA ARG A 24 11.89 7.01 1.38
C ARG A 24 12.77 6.11 2.25
N ALA A 25 12.17 5.09 2.83
CA ALA A 25 12.79 4.23 3.83
C ALA A 25 13.23 2.90 3.25
N GLU A 26 13.44 2.89 1.93
CA GLU A 26 13.85 1.71 1.12
C GLU A 26 14.98 0.84 1.75
N GLY A 27 15.74 1.40 2.64
CA GLY A 27 16.73 0.65 3.35
C GLY A 27 18.06 0.63 2.66
N ALA A 28 18.83 -0.40 2.92
CA ALA A 28 20.16 -0.51 2.36
C ALA A 28 20.11 -1.11 0.96
N THR A 29 19.28 -2.10 0.80
CA THR A 29 19.13 -2.76 -0.45
C THR A 29 17.63 -2.92 -0.68
N GLU A 30 17.22 -3.24 -1.89
CA GLU A 30 15.81 -3.39 -2.23
C GLU A 30 15.14 -4.55 -1.48
N GLU A 31 15.93 -5.36 -0.79
CA GLU A 31 15.38 -6.44 -0.01
C GLU A 31 14.67 -5.90 1.24
N ASP A 32 15.18 -4.80 1.78
CA ASP A 32 14.56 -4.16 2.92
C ASP A 32 13.33 -3.39 2.47
N ASP A 33 13.46 -2.82 1.28
CA ASP A 33 12.37 -2.12 0.56
C ASP A 33 11.18 -3.08 0.39
N ASN A 34 11.45 -4.21 -0.26
CA ASN A 34 10.46 -5.24 -0.54
C ASN A 34 9.92 -5.84 0.75
N LYS A 35 10.70 -5.80 1.81
CA LYS A 35 10.32 -6.32 3.08
C LYS A 35 9.15 -5.53 3.65
N LEU A 36 9.15 -4.23 3.40
CA LEU A 36 8.04 -3.41 3.79
C LEU A 36 6.87 -3.73 2.91
N VAL A 37 7.13 -3.80 1.61
CA VAL A 37 6.11 -4.11 0.61
C VAL A 37 5.39 -5.43 0.96
N ARG A 38 6.16 -6.42 1.41
CA ARG A 38 5.65 -7.75 1.77
C ARG A 38 4.52 -7.65 2.78
N GLU A 39 4.76 -6.92 3.88
CA GLU A 39 3.76 -6.86 4.96
C GLU A 39 2.52 -6.13 4.49
N PHE A 40 2.73 -5.08 3.72
CA PHE A 40 1.64 -4.29 3.23
C PHE A 40 0.82 -5.04 2.20
N GLU A 41 1.49 -5.79 1.35
CA GLU A 41 0.81 -6.59 0.35
C GLU A 41 0.04 -7.75 0.93
N ARG A 42 0.36 -8.13 2.14
CA ARG A 42 -0.42 -9.13 2.85
C ARG A 42 -1.70 -8.46 3.32
N LEU A 43 -1.52 -7.27 3.86
CA LEU A 43 -2.60 -6.45 4.40
C LEU A 43 -3.65 -6.11 3.33
N THR A 44 -3.18 -5.86 2.14
CA THR A 44 -4.02 -5.46 1.04
C THR A 44 -4.61 -6.64 0.31
N GLU A 45 -3.79 -7.69 0.14
CA GLU A 45 -4.12 -8.85 -0.66
C GLU A 45 -4.22 -8.39 -2.13
N HIS A 46 -3.54 -7.29 -2.40
CA HIS A 46 -3.62 -6.66 -3.68
C HIS A 46 -2.70 -7.39 -4.70
N PRO A 47 -3.20 -7.60 -5.92
CA PRO A 47 -2.49 -8.34 -6.98
C PRO A 47 -1.29 -7.67 -7.54
N ASP A 48 -1.37 -6.40 -7.63
CA ASP A 48 -0.37 -5.66 -8.28
C ASP A 48 0.19 -4.71 -7.31
N GLY A 49 -0.04 -5.00 -6.05
CA GLY A 49 0.37 -4.10 -4.95
C GLY A 49 1.81 -3.73 -4.97
N SER A 50 2.64 -4.70 -5.10
CA SER A 50 4.07 -4.43 -5.19
C SER A 50 4.37 -3.64 -6.47
N ASP A 51 3.73 -4.06 -7.56
CA ASP A 51 3.89 -3.45 -8.87
C ASP A 51 3.31 -2.03 -8.92
N LEU A 52 2.45 -1.69 -7.98
CA LEU A 52 1.87 -0.33 -7.91
C LEU A 52 2.94 0.65 -7.56
N ILE A 53 3.82 0.19 -6.73
CA ILE A 53 4.90 1.01 -6.22
C ILE A 53 5.95 1.12 -7.29
N TYR A 54 6.12 0.03 -7.99
CA TYR A 54 7.12 -0.10 -8.99
C TYR A 54 6.72 0.56 -10.32
N TYR A 55 5.51 0.31 -10.77
CA TYR A 55 5.06 0.77 -12.08
C TYR A 55 3.60 1.22 -12.05
N PRO A 56 3.32 2.55 -12.13
CA PRO A 56 1.96 3.04 -12.29
C PRO A 56 1.41 2.59 -13.64
N ARG A 57 0.09 2.42 -13.75
CA ARG A 57 -0.52 1.89 -14.97
C ARG A 57 -0.53 2.93 -16.12
N ASP A 58 -1.70 3.34 -16.53
CA ASP A 58 -1.85 4.35 -17.58
C ASP A 58 -2.54 5.55 -17.02
N ASP A 59 -3.69 5.29 -16.45
CA ASP A 59 -4.54 6.30 -15.85
C ASP A 59 -4.04 6.65 -14.46
N ARG A 60 -3.18 5.80 -13.92
CA ARG A 60 -2.67 6.02 -12.60
C ARG A 60 -1.62 7.05 -12.53
N GLU A 61 -1.78 7.83 -11.55
CA GLU A 61 -0.88 8.85 -11.20
C GLU A 61 0.26 8.22 -10.41
N ASP A 62 1.44 8.76 -10.58
CA ASP A 62 2.61 8.27 -9.90
C ASP A 62 2.74 8.99 -8.56
N SER A 63 1.81 8.74 -7.68
CA SER A 63 1.90 9.35 -6.41
C SER A 63 1.59 8.33 -5.35
N PRO A 64 2.22 8.45 -4.17
CA PRO A 64 1.86 7.69 -2.98
C PRO A 64 0.32 7.65 -2.80
N GLU A 65 -0.32 8.78 -3.09
CA GLU A 65 -1.77 8.88 -3.03
C GLU A 65 -2.43 7.99 -4.09
N GLY A 66 -1.97 8.11 -5.34
CA GLY A 66 -2.50 7.34 -6.46
C GLY A 66 -2.36 5.84 -6.28
N ILE A 67 -1.23 5.45 -5.72
CA ILE A 67 -0.95 4.05 -5.42
C ILE A 67 -1.96 3.51 -4.40
N VAL A 68 -2.17 4.27 -3.33
CA VAL A 68 -3.16 3.93 -2.31
C VAL A 68 -4.52 3.84 -2.92
N LYS A 69 -4.81 4.78 -3.79
CA LYS A 69 -6.10 4.92 -4.41
C LYS A 69 -6.46 3.66 -5.17
N GLU A 70 -5.48 3.02 -5.78
CA GLU A 70 -5.70 1.80 -6.51
C GLU A 70 -6.18 0.71 -5.55
N ILE A 71 -5.40 0.49 -4.50
CA ILE A 71 -5.72 -0.48 -3.45
C ILE A 71 -7.07 -0.20 -2.80
N LYS A 72 -7.31 1.05 -2.55
CA LYS A 72 -8.49 1.52 -1.91
C LYS A 72 -9.72 1.19 -2.77
N GLU A 73 -9.73 1.68 -4.00
CA GLU A 73 -10.85 1.51 -4.91
C GLU A 73 -11.08 0.02 -5.22
N TRP A 74 -9.99 -0.68 -5.44
CA TRP A 74 -10.02 -2.08 -5.81
C TRP A 74 -10.64 -2.94 -4.71
N ARG A 75 -10.15 -2.80 -3.49
CA ARG A 75 -10.60 -3.67 -2.41
C ARG A 75 -12.04 -3.39 -2.04
N ALA A 76 -12.41 -2.14 -2.15
CA ALA A 76 -13.76 -1.72 -1.85
C ALA A 76 -14.74 -2.25 -2.90
N ALA A 77 -14.25 -2.51 -4.11
CA ALA A 77 -15.07 -2.98 -5.20
C ALA A 77 -15.22 -4.47 -5.08
N ASN A 78 -14.19 -5.07 -4.53
CA ASN A 78 -14.09 -6.50 -4.37
C ASN A 78 -14.87 -7.00 -3.16
N GLY A 79 -15.21 -6.10 -2.27
CA GLY A 79 -15.89 -6.50 -1.05
C GLY A 79 -14.90 -7.00 -0.03
N LYS A 80 -13.72 -6.44 -0.09
CA LYS A 80 -12.65 -6.78 0.78
C LYS A 80 -12.59 -5.81 1.94
N SER A 81 -11.64 -6.02 2.82
CA SER A 81 -11.41 -5.20 3.97
C SER A 81 -11.13 -3.75 3.55
N GLY A 82 -11.33 -2.82 4.46
CA GLY A 82 -11.10 -1.43 4.16
C GLY A 82 -9.96 -0.89 4.97
N PHE A 83 -10.11 0.33 5.42
CA PHE A 83 -9.19 0.96 6.28
C PHE A 83 -9.94 1.37 7.54
N LYS A 84 -9.24 1.94 8.48
CA LYS A 84 -9.87 2.42 9.68
C LYS A 84 -10.53 3.74 9.45
N GLN A 85 -11.75 3.81 9.84
CA GLN A 85 -12.52 5.00 9.76
C GLN A 85 -12.48 5.71 11.11
N GLY A 86 -11.41 6.42 11.32
CA GLY A 86 -11.21 7.15 12.53
C GLY A 86 -10.01 8.00 12.40
N GLU A 2 4.18 1.13 16.08
CA GLU A 2 3.16 0.30 16.71
C GLU A 2 2.88 -0.89 15.82
N LEU A 3 2.33 -1.93 16.39
CA LEU A 3 1.98 -3.09 15.64
C LEU A 3 0.53 -3.19 15.36
N LYS A 4 0.25 -3.63 14.19
CA LYS A 4 -1.05 -3.80 13.65
C LYS A 4 -1.46 -5.25 13.68
N HIS A 5 -2.71 -5.50 13.45
CA HIS A 5 -3.22 -6.86 13.35
C HIS A 5 -3.72 -7.14 11.94
N SER A 6 -3.98 -6.09 11.18
CA SER A 6 -4.52 -6.21 9.84
C SER A 6 -4.29 -4.90 9.10
N ILE A 7 -4.77 -4.80 7.87
CA ILE A 7 -4.72 -3.55 7.12
C ILE A 7 -5.72 -2.56 7.73
N SER A 8 -6.73 -3.11 8.39
CA SER A 8 -7.80 -2.34 8.97
C SER A 8 -7.28 -1.57 10.18
N ASP A 9 -6.11 -1.96 10.68
CA ASP A 9 -5.52 -1.23 11.79
C ASP A 9 -4.76 -0.01 11.27
N TYR A 10 -4.41 -0.04 10.01
CA TYR A 10 -3.79 1.08 9.37
C TYR A 10 -4.86 2.03 8.96
N THR A 11 -4.65 3.28 9.19
CA THR A 11 -5.57 4.26 8.73
C THR A 11 -5.26 4.53 7.28
N GLU A 12 -6.14 5.25 6.60
CA GLU A 12 -5.90 5.61 5.21
C GLU A 12 -4.57 6.36 5.13
N ALA A 13 -4.37 7.25 6.08
CA ALA A 13 -3.18 8.06 6.14
C ALA A 13 -1.93 7.23 6.46
N GLU A 14 -2.02 6.33 7.43
CA GLU A 14 -0.88 5.48 7.79
C GLU A 14 -0.53 4.51 6.68
N PHE A 15 -1.52 4.07 5.97
CA PHE A 15 -1.31 3.20 4.85
C PHE A 15 -0.79 4.01 3.71
N LEU A 16 -1.19 5.21 3.61
CA LEU A 16 -0.72 6.07 2.56
C LEU A 16 0.73 6.42 2.80
N GLU A 17 1.11 6.36 4.02
CA GLU A 17 2.48 6.46 4.37
C GLU A 17 3.24 5.18 4.00
N PHE A 18 2.52 4.02 3.83
CA PHE A 18 3.16 2.72 3.46
C PHE A 18 3.96 2.92 2.22
N VAL A 19 3.31 3.49 1.27
CA VAL A 19 3.84 3.64 -0.06
C VAL A 19 4.94 4.69 -0.12
N LYS A 20 4.76 5.75 0.62
CA LYS A 20 5.74 6.79 0.70
C LYS A 20 7.00 6.23 1.39
N LYS A 21 6.75 5.44 2.44
CA LYS A 21 7.77 4.80 3.25
C LYS A 21 8.57 3.84 2.40
N ILE A 22 7.89 3.17 1.48
CA ILE A 22 8.55 2.25 0.57
C ILE A 22 9.41 3.01 -0.43
N CYS A 23 8.89 4.13 -0.91
CA CYS A 23 9.63 4.95 -1.86
C CYS A 23 10.92 5.49 -1.21
N ARG A 24 10.88 5.72 0.09
CA ARG A 24 12.05 6.19 0.83
C ARG A 24 12.76 5.05 1.58
N ALA A 25 12.34 3.82 1.33
CA ALA A 25 12.82 2.60 2.04
C ALA A 25 14.23 2.13 1.68
N GLU A 26 15.04 3.03 1.14
CA GLU A 26 16.45 2.74 0.90
C GLU A 26 17.08 2.27 2.21
N GLY A 27 16.98 3.14 3.24
CA GLY A 27 17.35 2.81 4.63
C GLY A 27 18.58 1.96 4.78
N ALA A 28 18.38 0.71 5.20
CA ALA A 28 19.47 -0.23 5.36
C ALA A 28 20.03 -0.59 4.00
N THR A 29 19.17 -1.15 3.21
CA THR A 29 19.40 -1.52 1.84
C THR A 29 17.98 -1.73 1.30
N GLU A 30 17.79 -1.83 0.00
CA GLU A 30 16.44 -1.97 -0.58
C GLU A 30 15.76 -3.32 -0.24
N GLU A 31 16.41 -4.09 0.63
CA GLU A 31 15.80 -5.27 1.21
C GLU A 31 14.66 -4.82 2.12
N ASP A 32 14.78 -3.57 2.61
CA ASP A 32 13.79 -2.97 3.47
C ASP A 32 12.56 -2.68 2.62
N ASP A 33 12.82 -2.09 1.47
CA ASP A 33 11.81 -1.81 0.43
C ASP A 33 11.02 -3.07 0.09
N ASN A 34 11.75 -4.10 -0.27
CA ASN A 34 11.12 -5.32 -0.75
C ASN A 34 10.29 -6.05 0.30
N LYS A 35 10.67 -5.95 1.57
CA LYS A 35 9.91 -6.62 2.61
C LYS A 35 8.67 -5.84 2.94
N LEU A 36 8.78 -4.51 2.90
CA LEU A 36 7.65 -3.64 3.16
C LEU A 36 6.56 -3.94 2.16
N VAL A 37 6.92 -3.95 0.89
CA VAL A 37 5.97 -4.24 -0.15
C VAL A 37 5.27 -5.58 0.11
N ARG A 38 6.05 -6.58 0.46
CA ARG A 38 5.52 -7.91 0.71
C ARG A 38 4.55 -7.94 1.89
N GLU A 39 4.94 -7.37 3.02
CA GLU A 39 4.11 -7.39 4.20
C GLU A 39 2.87 -6.53 4.02
N PHE A 40 2.99 -5.45 3.25
CA PHE A 40 1.86 -4.61 2.97
C PHE A 40 0.93 -5.24 1.94
N GLU A 41 1.50 -5.94 0.96
CA GLU A 41 0.73 -6.60 -0.07
C GLU A 41 -0.13 -7.74 0.40
N ARG A 42 0.16 -8.26 1.55
CA ARG A 42 -0.69 -9.30 2.11
C ARG A 42 -1.87 -8.65 2.77
N LEU A 43 -1.62 -7.50 3.31
CA LEU A 43 -2.63 -6.70 3.98
C LEU A 43 -3.71 -6.23 2.99
N THR A 44 -3.30 -6.04 1.76
CA THR A 44 -4.18 -5.56 0.71
C THR A 44 -4.74 -6.73 -0.07
N GLU A 45 -3.90 -7.76 -0.20
CA GLU A 45 -4.16 -8.96 -1.00
C GLU A 45 -4.38 -8.46 -2.41
N HIS A 46 -3.66 -7.40 -2.76
CA HIS A 46 -3.88 -6.72 -3.99
C HIS A 46 -3.11 -7.41 -5.15
N PRO A 47 -3.75 -7.56 -6.30
CA PRO A 47 -3.19 -8.24 -7.46
C PRO A 47 -1.92 -7.63 -7.98
N ASP A 48 -1.97 -6.36 -8.16
CA ASP A 48 -0.92 -5.65 -8.78
C ASP A 48 -0.34 -4.76 -7.76
N GLY A 49 -0.51 -5.13 -6.52
CA GLY A 49 -0.03 -4.29 -5.41
C GLY A 49 1.43 -4.04 -5.44
N SER A 50 2.16 -5.06 -5.64
CA SER A 50 3.60 -4.92 -5.75
C SER A 50 3.93 -4.10 -7.00
N ASP A 51 3.24 -4.44 -8.08
CA ASP A 51 3.35 -3.76 -9.37
C ASP A 51 3.08 -2.27 -9.21
N LEU A 52 2.13 -1.91 -8.34
CA LEU A 52 1.72 -0.51 -8.08
C LEU A 52 2.89 0.36 -7.74
N ILE A 53 3.76 -0.19 -6.97
CA ILE A 53 4.89 0.52 -6.43
C ILE A 53 6.01 0.52 -7.42
N TYR A 54 6.20 -0.59 -8.02
CA TYR A 54 7.33 -0.81 -8.88
C TYR A 54 7.14 -0.28 -10.31
N TYR A 55 5.92 -0.25 -10.79
CA TYR A 55 5.62 0.15 -12.14
C TYR A 55 4.30 0.91 -12.14
N PRO A 56 4.09 1.77 -13.12
CA PRO A 56 2.79 2.44 -13.31
C PRO A 56 1.76 1.45 -13.92
N ARG A 57 0.48 1.75 -13.77
CA ARG A 57 -0.54 0.89 -14.37
C ARG A 57 -0.95 1.49 -15.70
N ASP A 58 -2.18 1.93 -15.79
CA ASP A 58 -2.67 2.57 -16.99
C ASP A 58 -3.09 3.99 -16.65
N ASP A 59 -4.16 4.10 -15.89
CA ASP A 59 -4.75 5.38 -15.52
C ASP A 59 -4.39 5.76 -14.09
N ARG A 60 -3.70 4.86 -13.40
CA ARG A 60 -3.36 5.03 -12.01
C ARG A 60 -2.59 6.30 -11.77
N GLU A 61 -3.13 7.06 -10.88
CA GLU A 61 -2.61 8.35 -10.46
C GLU A 61 -1.20 8.19 -9.93
N ASP A 62 -0.29 8.96 -10.43
CA ASP A 62 1.06 8.81 -10.01
C ASP A 62 1.38 9.71 -8.86
N SER A 63 0.93 9.30 -7.73
CA SER A 63 1.18 9.93 -6.49
C SER A 63 1.20 8.84 -5.44
N PRO A 64 1.90 9.00 -4.30
CA PRO A 64 1.84 8.04 -3.19
C PRO A 64 0.36 7.80 -2.80
N GLU A 65 -0.41 8.89 -2.80
CA GLU A 65 -1.85 8.85 -2.52
C GLU A 65 -2.59 8.07 -3.62
N GLY A 66 -2.15 8.25 -4.86
CA GLY A 66 -2.78 7.59 -6.01
C GLY A 66 -2.58 6.10 -6.04
N ILE A 67 -1.48 5.65 -5.47
CA ILE A 67 -1.24 4.23 -5.34
C ILE A 67 -2.19 3.65 -4.29
N VAL A 68 -2.39 4.40 -3.22
CA VAL A 68 -3.33 4.05 -2.17
C VAL A 68 -4.74 4.05 -2.73
N LYS A 69 -5.00 5.05 -3.55
CA LYS A 69 -6.26 5.19 -4.25
C LYS A 69 -6.60 3.95 -5.03
N GLU A 70 -5.64 3.41 -5.76
CA GLU A 70 -5.89 2.23 -6.57
C GLU A 70 -6.30 1.07 -5.66
N ILE A 71 -5.55 0.87 -4.58
CA ILE A 71 -5.87 -0.13 -3.58
C ILE A 71 -7.25 0.14 -2.96
N LYS A 72 -7.52 1.39 -2.66
CA LYS A 72 -8.78 1.81 -2.10
C LYS A 72 -9.95 1.48 -3.00
N GLU A 73 -9.92 2.01 -4.23
CA GLU A 73 -11.04 1.87 -5.14
C GLU A 73 -11.24 0.41 -5.54
N TRP A 74 -10.14 -0.32 -5.65
CA TRP A 74 -10.19 -1.72 -6.02
C TRP A 74 -10.81 -2.54 -4.90
N ARG A 75 -10.32 -2.35 -3.68
CA ARG A 75 -10.79 -3.11 -2.53
C ARG A 75 -12.21 -2.75 -2.20
N ALA A 76 -12.54 -1.50 -2.39
CA ALA A 76 -13.89 -1.00 -2.18
C ALA A 76 -14.87 -1.66 -3.15
N ALA A 77 -14.43 -1.90 -4.38
CA ALA A 77 -15.30 -2.45 -5.42
C ALA A 77 -15.39 -3.93 -5.28
N ASN A 78 -14.29 -4.51 -4.87
CA ASN A 78 -14.17 -5.93 -4.70
C ASN A 78 -14.73 -6.40 -3.39
N GLY A 79 -15.04 -5.48 -2.51
CA GLY A 79 -15.62 -5.82 -1.23
C GLY A 79 -14.61 -6.45 -0.30
N LYS A 80 -13.39 -5.93 -0.32
CA LYS A 80 -12.35 -6.40 0.54
C LYS A 80 -12.43 -5.62 1.85
N SER A 81 -11.39 -5.71 2.63
CA SER A 81 -11.27 -4.98 3.86
C SER A 81 -11.08 -3.47 3.55
N GLY A 82 -11.13 -2.65 4.59
CA GLY A 82 -10.97 -1.23 4.42
C GLY A 82 -9.73 -0.73 5.14
N PHE A 83 -9.75 0.50 5.55
CA PHE A 83 -8.72 1.07 6.37
C PHE A 83 -9.40 1.60 7.62
N LYS A 84 -8.63 2.01 8.57
CA LYS A 84 -9.15 2.69 9.72
C LYS A 84 -9.24 4.17 9.36
N GLN A 85 -10.17 4.87 9.94
CA GLN A 85 -10.36 6.26 9.56
C GLN A 85 -10.65 7.12 10.77
N GLY A 86 -10.18 6.65 11.88
CA GLY A 86 -10.36 7.33 13.12
C GLY A 86 -10.52 6.33 14.21
N GLU A 2 2.05 2.15 13.78
CA GLU A 2 2.67 0.88 14.13
C GLU A 2 1.66 0.00 14.87
N LEU A 3 1.67 -1.29 14.56
CA LEU A 3 0.81 -2.29 15.19
C LEU A 3 -0.66 -2.17 14.85
N LYS A 4 -1.11 -3.17 14.14
CA LYS A 4 -2.47 -3.31 13.68
C LYS A 4 -2.98 -4.72 13.92
N HIS A 5 -4.26 -4.91 13.66
CA HIS A 5 -4.86 -6.24 13.66
C HIS A 5 -5.06 -6.71 12.20
N SER A 6 -5.18 -5.72 11.29
CA SER A 6 -5.38 -5.99 9.87
C SER A 6 -5.10 -4.70 9.10
N ILE A 7 -5.35 -4.70 7.81
CA ILE A 7 -5.22 -3.51 6.98
C ILE A 7 -6.35 -2.52 7.34
N SER A 8 -7.41 -3.03 7.94
CA SER A 8 -8.56 -2.24 8.29
C SER A 8 -8.24 -1.40 9.53
N ASP A 9 -7.11 -1.69 10.16
CA ASP A 9 -6.64 -0.87 11.28
C ASP A 9 -5.85 0.35 10.76
N TYR A 10 -5.53 0.33 9.49
CA TYR A 10 -4.86 1.45 8.85
C TYR A 10 -5.87 2.37 8.24
N THR A 11 -5.75 3.66 8.46
CA THR A 11 -6.55 4.61 7.72
C THR A 11 -5.93 4.76 6.33
N GLU A 12 -6.57 5.52 5.46
CA GLU A 12 -5.99 5.80 4.15
C GLU A 12 -4.69 6.57 4.35
N ALA A 13 -4.71 7.43 5.35
CA ALA A 13 -3.55 8.26 5.68
C ALA A 13 -2.39 7.44 6.23
N GLU A 14 -2.68 6.54 7.16
CA GLU A 14 -1.64 5.66 7.73
C GLU A 14 -1.14 4.70 6.66
N PHE A 15 -1.99 4.37 5.74
CA PHE A 15 -1.61 3.51 4.67
C PHE A 15 -0.81 4.29 3.67
N LEU A 16 -1.11 5.56 3.52
CA LEU A 16 -0.31 6.45 2.69
C LEU A 16 1.09 6.46 3.18
N GLU A 17 1.22 6.40 4.45
CA GLU A 17 2.50 6.38 5.04
C GLU A 17 3.28 5.10 4.64
N PHE A 18 2.54 3.99 4.37
CA PHE A 18 3.14 2.70 3.93
C PHE A 18 4.02 2.95 2.73
N VAL A 19 3.43 3.55 1.74
CA VAL A 19 4.07 3.74 0.48
C VAL A 19 5.14 4.82 0.54
N LYS A 20 4.89 5.83 1.35
CA LYS A 20 5.85 6.89 1.54
C LYS A 20 7.12 6.32 2.17
N LYS A 21 6.94 5.43 3.15
CA LYS A 21 8.04 4.74 3.79
C LYS A 21 8.75 3.85 2.81
N ILE A 22 8.01 3.18 1.96
CA ILE A 22 8.62 2.29 0.96
C ILE A 22 9.43 3.10 -0.05
N CYS A 23 8.96 4.28 -0.39
CA CYS A 23 9.65 5.16 -1.31
C CYS A 23 11.05 5.54 -0.76
N ARG A 24 11.15 5.65 0.55
CA ARG A 24 12.42 5.96 1.22
C ARG A 24 13.09 4.69 1.78
N ALA A 25 12.49 3.54 1.50
CA ALA A 25 12.92 2.28 2.09
C ALA A 25 13.99 1.61 1.28
N GLU A 26 14.39 2.24 0.22
CA GLU A 26 15.43 1.72 -0.64
C GLU A 26 16.79 2.08 -0.04
N GLY A 27 16.92 1.85 1.25
CA GLY A 27 18.09 2.22 1.98
C GLY A 27 19.25 1.31 1.70
N ALA A 28 19.19 0.11 2.23
CA ALA A 28 20.27 -0.84 2.05
C ALA A 28 20.29 -1.32 0.63
N THR A 29 19.28 -2.05 0.29
CA THR A 29 19.16 -2.65 -0.99
C THR A 29 17.68 -2.67 -1.37
N GLU A 30 17.38 -3.26 -2.49
CA GLU A 30 16.00 -3.42 -2.91
C GLU A 30 15.27 -4.45 -2.02
N GLU A 31 16.05 -5.20 -1.26
CA GLU A 31 15.53 -6.19 -0.32
C GLU A 31 14.95 -5.44 0.88
N ASP A 32 15.55 -4.30 1.16
CA ASP A 32 15.17 -3.42 2.28
C ASP A 32 13.82 -2.76 1.94
N ASP A 33 13.65 -2.50 0.67
CA ASP A 33 12.39 -2.02 0.09
C ASP A 33 11.36 -3.14 0.20
N ASN A 34 11.76 -4.30 -0.29
CA ASN A 34 10.97 -5.52 -0.34
C ASN A 34 10.34 -5.89 1.00
N LYS A 35 11.15 -5.87 2.06
CA LYS A 35 10.67 -6.32 3.36
C LYS A 35 9.51 -5.46 3.87
N LEU A 36 9.51 -4.17 3.53
CA LEU A 36 8.35 -3.36 3.89
C LEU A 36 7.18 -3.73 3.01
N VAL A 37 7.43 -3.80 1.72
CA VAL A 37 6.41 -4.12 0.73
C VAL A 37 5.67 -5.41 1.10
N ARG A 38 6.41 -6.40 1.57
CA ARG A 38 5.83 -7.69 1.86
C ARG A 38 4.88 -7.68 3.04
N GLU A 39 5.14 -6.86 4.07
CA GLU A 39 4.23 -6.85 5.21
C GLU A 39 2.93 -6.19 4.79
N PHE A 40 3.06 -5.18 3.95
CA PHE A 40 1.94 -4.43 3.48
C PHE A 40 1.14 -5.20 2.45
N GLU A 41 1.84 -5.83 1.53
CA GLU A 41 1.20 -6.63 0.51
C GLU A 41 0.54 -7.90 1.05
N ARG A 42 0.91 -8.27 2.25
CA ARG A 42 0.26 -9.35 2.93
C ARG A 42 -1.11 -8.88 3.41
N LEU A 43 -1.10 -7.68 3.94
CA LEU A 43 -2.29 -7.03 4.49
C LEU A 43 -3.30 -6.69 3.40
N THR A 44 -2.80 -6.28 2.26
CA THR A 44 -3.63 -5.84 1.17
C THR A 44 -4.26 -6.98 0.40
N GLU A 45 -3.42 -8.00 0.10
CA GLU A 45 -3.76 -9.07 -0.80
C GLU A 45 -3.90 -8.47 -2.21
N HIS A 46 -3.18 -7.38 -2.43
CA HIS A 46 -3.29 -6.68 -3.67
C HIS A 46 -2.39 -7.33 -4.78
N PRO A 47 -2.98 -7.64 -5.92
CA PRO A 47 -2.35 -8.38 -7.04
C PRO A 47 -1.16 -7.72 -7.62
N ASP A 48 -1.23 -6.46 -7.69
CA ASP A 48 -0.24 -5.71 -8.33
C ASP A 48 0.30 -4.76 -7.32
N GLY A 49 0.08 -5.11 -6.06
CA GLY A 49 0.46 -4.25 -4.91
C GLY A 49 1.87 -3.87 -4.89
N SER A 50 2.72 -4.82 -5.00
CA SER A 50 4.13 -4.52 -5.04
C SER A 50 4.43 -3.69 -6.31
N ASP A 51 3.79 -4.08 -7.40
CA ASP A 51 3.98 -3.44 -8.71
C ASP A 51 3.45 -2.01 -8.74
N LEU A 52 2.53 -1.68 -7.85
CA LEU A 52 1.97 -0.32 -7.73
C LEU A 52 3.08 0.64 -7.36
N ILE A 53 3.96 0.14 -6.55
CA ILE A 53 5.03 0.92 -5.98
C ILE A 53 6.17 1.03 -6.99
N TYR A 54 6.22 0.05 -7.85
CA TYR A 54 7.28 -0.06 -8.81
C TYR A 54 6.93 0.59 -10.14
N TYR A 55 5.72 0.39 -10.61
CA TYR A 55 5.33 0.89 -11.91
C TYR A 55 3.95 1.53 -11.80
N PRO A 56 3.78 2.75 -12.33
CA PRO A 56 2.47 3.44 -12.39
C PRO A 56 1.44 2.58 -13.09
N ARG A 57 0.18 2.79 -12.79
CA ARG A 57 -0.85 1.94 -13.34
C ARG A 57 -1.38 2.44 -14.68
N ASP A 58 -2.64 2.78 -14.74
CA ASP A 58 -3.22 3.25 -15.97
C ASP A 58 -3.84 4.62 -15.83
N ASP A 59 -4.75 4.70 -14.89
CA ASP A 59 -5.59 5.91 -14.68
C ASP A 59 -5.27 6.59 -13.35
N ARG A 60 -4.33 6.03 -12.68
CA ARG A 60 -3.98 6.44 -11.39
C ARG A 60 -2.91 7.52 -11.40
N GLU A 61 -2.98 8.37 -10.42
CA GLU A 61 -1.98 9.34 -10.17
C GLU A 61 -0.86 8.63 -9.44
N ASP A 62 0.33 8.75 -9.95
CA ASP A 62 1.43 8.04 -9.36
C ASP A 62 2.05 8.86 -8.26
N SER A 63 1.49 8.73 -7.10
CA SER A 63 1.94 9.43 -5.95
C SER A 63 1.73 8.50 -4.77
N PRO A 64 2.36 8.75 -3.60
CA PRO A 64 2.09 7.98 -2.38
C PRO A 64 0.58 7.96 -2.09
N GLU A 65 -0.08 9.04 -2.41
CA GLU A 65 -1.50 9.17 -2.23
C GLU A 65 -2.25 8.27 -3.21
N GLY A 66 -1.93 8.41 -4.48
CA GLY A 66 -2.61 7.65 -5.51
C GLY A 66 -2.37 6.16 -5.43
N ILE A 67 -1.18 5.76 -5.02
CA ILE A 67 -0.89 4.34 -4.87
C ILE A 67 -1.86 3.70 -3.89
N VAL A 68 -2.10 4.36 -2.76
CA VAL A 68 -3.05 3.89 -1.75
C VAL A 68 -4.45 3.79 -2.34
N LYS A 69 -4.76 4.72 -3.24
CA LYS A 69 -6.04 4.75 -3.91
C LYS A 69 -6.29 3.47 -4.67
N GLU A 70 -5.25 2.94 -5.30
CA GLU A 70 -5.37 1.69 -6.03
C GLU A 70 -5.74 0.54 -5.12
N ILE A 71 -5.08 0.44 -3.95
CA ILE A 71 -5.43 -0.58 -2.98
C ILE A 71 -6.88 -0.36 -2.50
N LYS A 72 -7.22 0.89 -2.29
CA LYS A 72 -8.54 1.29 -1.85
C LYS A 72 -9.64 0.93 -2.86
N GLU A 73 -9.53 1.44 -4.06
CA GLU A 73 -10.55 1.28 -5.08
C GLU A 73 -10.72 -0.18 -5.47
N TRP A 74 -9.62 -0.90 -5.51
CA TRP A 74 -9.67 -2.28 -5.92
C TRP A 74 -10.37 -3.13 -4.84
N ARG A 75 -9.98 -2.95 -3.60
CA ARG A 75 -10.58 -3.71 -2.50
C ARG A 75 -12.03 -3.36 -2.28
N ALA A 76 -12.38 -2.11 -2.52
CA ALA A 76 -13.76 -1.68 -2.39
C ALA A 76 -14.62 -2.28 -3.49
N ALA A 77 -14.01 -2.56 -4.63
CA ALA A 77 -14.73 -3.11 -5.78
C ALA A 77 -14.83 -4.60 -5.61
N ASN A 78 -13.84 -5.15 -4.95
CA ASN A 78 -13.79 -6.55 -4.66
C ASN A 78 -14.74 -6.93 -3.56
N GLY A 79 -14.96 -6.02 -2.65
CA GLY A 79 -15.78 -6.33 -1.52
C GLY A 79 -14.94 -6.84 -0.38
N LYS A 80 -13.74 -6.33 -0.32
CA LYS A 80 -12.79 -6.69 0.67
C LYS A 80 -12.80 -5.67 1.79
N SER A 81 -11.98 -5.92 2.79
CA SER A 81 -11.84 -5.05 3.90
C SER A 81 -11.31 -3.68 3.43
N GLY A 82 -11.71 -2.65 4.09
CA GLY A 82 -11.30 -1.32 3.73
C GLY A 82 -10.35 -0.76 4.75
N PHE A 83 -10.21 0.54 4.78
CA PHE A 83 -9.38 1.17 5.75
C PHE A 83 -10.19 1.63 6.96
N LYS A 84 -9.49 2.08 7.97
CA LYS A 84 -10.07 2.56 9.20
C LYS A 84 -10.59 3.98 9.01
N GLN A 85 -11.60 4.32 9.76
CA GLN A 85 -12.16 5.60 9.75
C GLN A 85 -11.54 6.43 10.86
N GLY A 86 -10.76 7.40 10.47
CA GLY A 86 -10.06 8.21 11.40
C GLY A 86 -9.94 9.60 10.88
N GLU A 2 4.42 1.51 14.29
CA GLU A 2 3.12 1.15 14.85
C GLU A 2 2.88 -0.34 14.59
N LEU A 3 1.96 -0.94 15.31
CA LEU A 3 1.62 -2.34 15.12
C LEU A 3 0.12 -2.45 14.93
N LYS A 4 -0.30 -3.36 14.11
CA LYS A 4 -1.71 -3.52 13.81
C LYS A 4 -2.09 -4.99 13.79
N HIS A 5 -3.38 -5.24 13.73
CA HIS A 5 -3.87 -6.59 13.56
C HIS A 5 -4.15 -6.86 12.06
N SER A 6 -4.41 -5.79 11.29
CA SER A 6 -4.71 -5.94 9.87
C SER A 6 -4.65 -4.59 9.18
N ILE A 7 -4.95 -4.58 7.88
CA ILE A 7 -5.05 -3.36 7.08
C ILE A 7 -6.26 -2.55 7.56
N SER A 8 -7.20 -3.23 8.20
CA SER A 8 -8.40 -2.61 8.68
C SER A 8 -8.09 -1.75 9.88
N ASP A 9 -6.94 -1.96 10.48
CA ASP A 9 -6.53 -1.14 11.59
C ASP A 9 -5.66 0.03 11.12
N TYR A 10 -5.44 0.10 9.85
CA TYR A 10 -4.76 1.23 9.26
C TYR A 10 -5.77 2.24 8.91
N THR A 11 -5.44 3.46 9.12
CA THR A 11 -6.27 4.51 8.66
C THR A 11 -5.85 4.76 7.22
N GLU A 12 -6.64 5.49 6.46
CA GLU A 12 -6.31 5.71 5.08
C GLU A 12 -5.03 6.54 4.98
N ALA A 13 -4.89 7.49 5.88
CA ALA A 13 -3.71 8.35 5.91
C ALA A 13 -2.45 7.56 6.27
N GLU A 14 -2.54 6.70 7.27
CA GLU A 14 -1.37 5.90 7.69
C GLU A 14 -1.01 4.85 6.66
N PHE A 15 -1.99 4.38 5.94
CA PHE A 15 -1.75 3.45 4.87
C PHE A 15 -1.15 4.19 3.71
N LEU A 16 -1.53 5.39 3.55
CA LEU A 16 -0.99 6.21 2.50
C LEU A 16 0.46 6.58 2.81
N GLU A 17 0.79 6.44 4.02
CA GLU A 17 2.15 6.57 4.42
C GLU A 17 2.92 5.26 4.13
N PHE A 18 2.19 4.09 3.96
CA PHE A 18 2.83 2.77 3.64
C PHE A 18 3.69 2.93 2.45
N VAL A 19 3.11 3.54 1.48
CA VAL A 19 3.71 3.69 0.20
C VAL A 19 4.84 4.69 0.20
N LYS A 20 4.65 5.78 0.91
CA LYS A 20 5.67 6.78 1.03
C LYS A 20 6.88 6.21 1.77
N LYS A 21 6.56 5.39 2.77
CA LYS A 21 7.54 4.68 3.58
C LYS A 21 8.37 3.76 2.71
N ILE A 22 7.73 3.16 1.72
CA ILE A 22 8.41 2.27 0.79
C ILE A 22 9.27 3.07 -0.17
N CYS A 23 8.80 4.23 -0.57
CA CYS A 23 9.56 5.10 -1.43
C CYS A 23 10.88 5.53 -0.74
N ARG A 24 10.81 5.68 0.58
CA ARG A 24 11.96 6.06 1.38
C ARG A 24 12.64 4.86 2.04
N ALA A 25 12.22 3.67 1.70
CA ALA A 25 12.72 2.42 2.33
C ALA A 25 14.05 1.97 1.74
N GLU A 26 14.76 2.91 1.12
CA GLU A 26 16.04 2.67 0.46
C GLU A 26 17.00 1.88 1.37
N GLY A 27 17.27 2.45 2.56
CA GLY A 27 18.07 1.81 3.60
C GLY A 27 19.39 1.23 3.11
N ALA A 28 19.37 -0.04 2.85
CA ALA A 28 20.54 -0.76 2.39
C ALA A 28 20.36 -1.16 0.95
N THR A 29 19.47 -2.08 0.75
CA THR A 29 19.16 -2.62 -0.53
C THR A 29 17.67 -2.64 -0.72
N GLU A 30 17.23 -3.02 -1.92
CA GLU A 30 15.81 -3.06 -2.25
C GLU A 30 15.11 -4.16 -1.45
N GLU A 31 15.91 -4.98 -0.79
CA GLU A 31 15.42 -6.03 0.10
C GLU A 31 14.64 -5.39 1.23
N ASP A 32 15.10 -4.22 1.64
CA ASP A 32 14.52 -3.51 2.75
C ASP A 32 13.18 -2.91 2.31
N ASP A 33 13.16 -2.43 1.06
CA ASP A 33 11.95 -1.93 0.41
C ASP A 33 10.93 -3.05 0.31
N ASN A 34 11.37 -4.12 -0.35
CA ASN A 34 10.58 -5.31 -0.65
C ASN A 34 9.96 -5.91 0.60
N LYS A 35 10.68 -5.87 1.70
CA LYS A 35 10.25 -6.42 2.93
C LYS A 35 8.98 -5.72 3.40
N LEU A 36 8.92 -4.42 3.21
CA LEU A 36 7.74 -3.67 3.54
C LEU A 36 6.65 -3.99 2.56
N VAL A 37 7.02 -3.97 1.28
CA VAL A 37 6.07 -4.22 0.19
C VAL A 37 5.31 -5.51 0.42
N ARG A 38 6.01 -6.57 0.79
CA ARG A 38 5.39 -7.86 0.96
C ARG A 38 4.38 -7.90 2.11
N GLU A 39 4.67 -7.24 3.23
CA GLU A 39 3.70 -7.28 4.33
C GLU A 39 2.48 -6.48 3.94
N PHE A 40 2.69 -5.42 3.19
CA PHE A 40 1.61 -4.62 2.73
C PHE A 40 0.82 -5.34 1.64
N GLU A 41 1.50 -6.06 0.75
CA GLU A 41 0.84 -6.93 -0.23
C GLU A 41 0.02 -8.00 0.46
N ARG A 42 0.40 -8.34 1.67
CA ARG A 42 -0.33 -9.29 2.46
C ARG A 42 -1.55 -8.64 3.08
N LEU A 43 -1.33 -7.51 3.70
CA LEU A 43 -2.40 -6.72 4.33
C LEU A 43 -3.49 -6.36 3.32
N THR A 44 -3.06 -6.06 2.13
CA THR A 44 -3.94 -5.63 1.07
C THR A 44 -4.50 -6.83 0.34
N GLU A 45 -3.65 -7.87 0.25
CA GLU A 45 -3.85 -9.04 -0.59
C GLU A 45 -3.93 -8.58 -2.02
N HIS A 46 -3.25 -7.45 -2.28
CA HIS A 46 -3.31 -6.83 -3.53
C HIS A 46 -2.26 -7.44 -4.48
N PRO A 47 -2.73 -7.93 -5.62
CA PRO A 47 -1.92 -8.65 -6.63
C PRO A 47 -0.81 -7.82 -7.19
N ASP A 48 -1.12 -6.62 -7.44
CA ASP A 48 -0.24 -5.74 -8.07
C ASP A 48 0.30 -4.82 -7.04
N GLY A 49 0.27 -5.25 -5.78
CA GLY A 49 0.81 -4.41 -4.66
C GLY A 49 2.22 -3.99 -4.92
N SER A 50 2.95 -4.88 -5.47
CA SER A 50 4.30 -4.60 -5.82
C SER A 50 4.34 -3.79 -7.12
N ASP A 51 3.51 -4.21 -8.05
CA ASP A 51 3.34 -3.60 -9.38
C ASP A 51 2.83 -2.15 -9.36
N LEU A 52 2.37 -1.70 -8.21
CA LEU A 52 1.90 -0.31 -8.05
C LEU A 52 3.06 0.56 -7.65
N ILE A 53 3.96 -0.03 -6.92
CA ILE A 53 5.08 0.68 -6.37
C ILE A 53 6.22 0.67 -7.35
N TYR A 54 6.51 -0.50 -7.84
CA TYR A 54 7.60 -0.71 -8.71
C TYR A 54 7.31 -0.30 -10.14
N TYR A 55 6.13 -0.59 -10.61
CA TYR A 55 5.79 -0.30 -11.95
C TYR A 55 4.75 0.79 -11.94
N PRO A 56 4.72 1.58 -12.96
CA PRO A 56 3.76 2.64 -13.07
C PRO A 56 2.37 2.15 -13.52
N ARG A 57 1.41 2.93 -13.14
CA ARG A 57 0.00 2.70 -13.35
C ARG A 57 -0.58 3.99 -13.79
N ASP A 58 0.10 4.64 -14.65
CA ASP A 58 -0.15 6.05 -15.15
C ASP A 58 -1.65 6.45 -15.48
N ASP A 59 -2.57 5.56 -15.26
CA ASP A 59 -4.01 5.84 -15.39
C ASP A 59 -4.48 6.37 -14.04
N ARG A 60 -3.79 5.88 -13.04
CA ARG A 60 -3.90 6.24 -11.67
C ARG A 60 -3.24 7.58 -11.49
N GLU A 61 -3.56 8.26 -10.44
CA GLU A 61 -2.83 9.44 -10.10
C GLU A 61 -1.44 8.99 -9.71
N ASP A 62 -0.45 9.55 -10.30
CA ASP A 62 0.89 9.11 -10.01
C ASP A 62 1.40 9.79 -8.76
N SER A 63 0.93 9.34 -7.65
CA SER A 63 1.32 9.87 -6.39
C SER A 63 1.26 8.74 -5.37
N PRO A 64 1.93 8.89 -4.20
CA PRO A 64 1.78 7.94 -3.08
C PRO A 64 0.28 7.84 -2.70
N GLU A 65 -0.43 8.92 -2.94
CA GLU A 65 -1.86 9.01 -2.69
C GLU A 65 -2.62 8.11 -3.67
N GLY A 66 -2.29 8.24 -4.95
CA GLY A 66 -2.94 7.46 -5.98
C GLY A 66 -2.67 5.98 -5.87
N ILE A 67 -1.49 5.63 -5.39
CA ILE A 67 -1.14 4.22 -5.18
C ILE A 67 -2.09 3.59 -4.15
N VAL A 68 -2.44 4.37 -3.15
CA VAL A 68 -3.42 3.96 -2.17
C VAL A 68 -4.77 3.78 -2.81
N LYS A 69 -5.14 4.72 -3.66
CA LYS A 69 -6.44 4.71 -4.30
C LYS A 69 -6.69 3.43 -5.11
N GLU A 70 -5.64 2.90 -5.74
CA GLU A 70 -5.73 1.63 -6.47
C GLU A 70 -6.17 0.52 -5.53
N ILE A 71 -5.46 0.41 -4.43
CA ILE A 71 -5.73 -0.59 -3.40
C ILE A 71 -7.09 -0.37 -2.74
N LYS A 72 -7.42 0.88 -2.56
CA LYS A 72 -8.62 1.31 -1.94
C LYS A 72 -9.84 0.91 -2.81
N GLU A 73 -9.87 1.39 -4.06
CA GLU A 73 -11.01 1.13 -4.95
C GLU A 73 -11.14 -0.34 -5.25
N TRP A 74 -10.01 -1.00 -5.43
CA TRP A 74 -9.98 -2.42 -5.73
C TRP A 74 -10.60 -3.21 -4.59
N ARG A 75 -10.11 -2.99 -3.38
CA ARG A 75 -10.61 -3.72 -2.21
C ARG A 75 -12.06 -3.42 -1.92
N ALA A 76 -12.44 -2.19 -2.14
CA ALA A 76 -13.81 -1.76 -1.93
C ALA A 76 -14.75 -2.44 -2.91
N ALA A 77 -14.25 -2.72 -4.11
CA ALA A 77 -15.04 -3.34 -5.16
C ALA A 77 -15.05 -4.83 -4.96
N ASN A 78 -13.96 -5.32 -4.41
CA ASN A 78 -13.78 -6.72 -4.13
C ASN A 78 -14.60 -7.16 -2.94
N GLY A 79 -14.94 -6.23 -2.09
CA GLY A 79 -15.66 -6.57 -0.89
C GLY A 79 -14.69 -7.07 0.15
N LYS A 80 -13.59 -6.37 0.28
CA LYS A 80 -12.56 -6.68 1.21
C LYS A 80 -12.60 -5.74 2.39
N SER A 81 -11.68 -5.89 3.31
CA SER A 81 -11.62 -5.09 4.48
C SER A 81 -11.32 -3.63 4.14
N GLY A 82 -11.85 -2.72 4.92
CA GLY A 82 -11.68 -1.31 4.67
C GLY A 82 -10.75 -0.69 5.68
N PHE A 83 -10.35 0.55 5.46
CA PHE A 83 -9.47 1.22 6.38
C PHE A 83 -10.28 1.75 7.56
N LYS A 84 -9.58 2.09 8.59
CA LYS A 84 -10.16 2.65 9.77
C LYS A 84 -10.32 4.15 9.55
N GLN A 85 -11.16 4.79 10.33
CA GLN A 85 -11.46 6.18 10.18
C GLN A 85 -10.27 7.10 10.45
N GLY A 86 -9.63 7.46 9.39
CA GLY A 86 -8.55 8.38 9.38
C GLY A 86 -7.80 8.17 8.12
N GLU A 2 4.85 0.17 15.30
CA GLU A 2 3.58 -0.07 15.99
C GLU A 2 2.95 -1.34 15.44
N LEU A 3 1.93 -1.84 16.10
CA LEU A 3 1.26 -3.02 15.65
C LEU A 3 -0.21 -2.78 15.43
N LYS A 4 -0.77 -3.60 14.61
CA LYS A 4 -2.14 -3.51 14.18
C LYS A 4 -2.79 -4.88 14.23
N HIS A 5 -4.05 -4.94 13.95
CA HIS A 5 -4.73 -6.22 13.87
C HIS A 5 -5.04 -6.59 12.40
N SER A 6 -5.00 -5.61 11.51
CA SER A 6 -5.28 -5.82 10.09
C SER A 6 -4.89 -4.59 9.30
N ILE A 7 -5.12 -4.62 7.99
CA ILE A 7 -4.90 -3.45 7.14
C ILE A 7 -5.98 -2.40 7.44
N SER A 8 -7.13 -2.86 7.90
CA SER A 8 -8.25 -1.98 8.19
C SER A 8 -8.01 -1.23 9.49
N ASP A 9 -6.90 -1.57 10.15
CA ASP A 9 -6.43 -0.88 11.33
C ASP A 9 -5.56 0.30 10.88
N TYR A 10 -5.01 0.20 9.70
CA TYR A 10 -4.22 1.26 9.13
C TYR A 10 -5.16 2.29 8.62
N THR A 11 -4.90 3.52 8.88
CA THR A 11 -5.72 4.53 8.33
C THR A 11 -5.31 4.74 6.90
N GLU A 12 -6.13 5.45 6.15
CA GLU A 12 -5.81 5.74 4.77
C GLU A 12 -4.48 6.49 4.73
N ALA A 13 -4.27 7.35 5.72
CA ALA A 13 -3.05 8.12 5.84
C ALA A 13 -1.83 7.25 6.19
N GLU A 14 -1.97 6.35 7.19
CA GLU A 14 -0.84 5.47 7.59
C GLU A 14 -0.43 4.57 6.46
N PHE A 15 -1.40 4.12 5.73
CA PHE A 15 -1.14 3.27 4.62
C PHE A 15 -0.64 4.09 3.47
N LEU A 16 -1.07 5.30 3.35
CA LEU A 16 -0.58 6.16 2.30
C LEU A 16 0.86 6.51 2.55
N GLU A 17 1.24 6.45 3.77
CA GLU A 17 2.62 6.56 4.11
C GLU A 17 3.38 5.28 3.78
N PHE A 18 2.67 4.12 3.62
CA PHE A 18 3.32 2.81 3.24
C PHE A 18 4.12 3.02 1.99
N VAL A 19 3.48 3.61 1.05
CA VAL A 19 4.02 3.80 -0.26
C VAL A 19 5.11 4.88 -0.27
N LYS A 20 4.89 5.91 0.51
CA LYS A 20 5.85 6.98 0.65
C LYS A 20 7.11 6.45 1.35
N LYS A 21 6.86 5.54 2.28
CA LYS A 21 7.88 4.85 3.05
C LYS A 21 8.68 3.96 2.13
N ILE A 22 7.99 3.24 1.25
CA ILE A 22 8.64 2.36 0.27
C ILE A 22 9.49 3.16 -0.70
N CYS A 23 9.02 4.34 -1.03
CA CYS A 23 9.74 5.22 -1.93
C CYS A 23 11.11 5.62 -1.29
N ARG A 24 11.13 5.72 0.03
CA ARG A 24 12.34 6.04 0.78
C ARG A 24 13.00 4.80 1.45
N ALA A 25 12.47 3.62 1.16
CA ALA A 25 12.80 2.39 1.91
C ALA A 25 14.15 1.75 1.63
N GLU A 26 15.06 2.46 0.98
CA GLU A 26 16.40 1.92 0.73
C GLU A 26 17.29 2.11 2.00
N GLY A 27 16.68 1.91 3.15
CA GLY A 27 17.30 2.14 4.42
C GLY A 27 18.50 1.25 4.68
N ALA A 28 18.23 0.02 4.99
CA ALA A 28 19.30 -0.90 5.27
C ALA A 28 19.78 -1.58 4.01
N THR A 29 18.86 -2.15 3.27
CA THR A 29 19.15 -2.89 2.07
C THR A 29 17.98 -2.79 1.09
N GLU A 30 18.12 -3.42 -0.05
CA GLU A 30 17.06 -3.47 -1.04
C GLU A 30 15.99 -4.43 -0.55
N GLU A 31 16.40 -5.43 0.21
CA GLU A 31 15.46 -6.35 0.77
C GLU A 31 14.74 -5.71 1.98
N ASP A 32 15.37 -4.71 2.58
CA ASP A 32 14.74 -3.90 3.67
C ASP A 32 13.53 -3.18 3.10
N ASP A 33 13.70 -2.70 1.88
CA ASP A 33 12.63 -2.08 1.08
C ASP A 33 11.57 -3.14 0.78
N ASN A 34 12.04 -4.22 0.20
CA ASN A 34 11.22 -5.35 -0.22
C ASN A 34 10.36 -5.95 0.89
N LYS A 35 10.92 -6.13 2.08
CA LYS A 35 10.15 -6.72 3.17
C LYS A 35 8.97 -5.85 3.58
N LEU A 36 9.09 -4.53 3.38
CA LEU A 36 7.97 -3.65 3.66
C LEU A 36 6.92 -3.90 2.60
N VAL A 37 7.37 -3.98 1.36
CA VAL A 37 6.49 -4.23 0.23
C VAL A 37 5.74 -5.55 0.43
N ARG A 38 6.41 -6.53 1.02
CA ARG A 38 5.79 -7.82 1.27
C ARG A 38 4.70 -7.73 2.31
N GLU A 39 5.01 -7.13 3.48
CA GLU A 39 4.03 -7.05 4.56
C GLU A 39 2.78 -6.30 4.11
N PHE A 40 3.00 -5.22 3.37
CA PHE A 40 1.92 -4.41 2.88
C PHE A 40 1.09 -5.16 1.85
N GLU A 41 1.75 -5.86 0.94
CA GLU A 41 1.05 -6.63 -0.05
C GLU A 41 0.31 -7.84 0.47
N ARG A 42 0.68 -8.29 1.64
CA ARG A 42 -0.03 -9.39 2.26
C ARG A 42 -1.22 -8.86 3.03
N LEU A 43 -1.15 -7.60 3.39
CA LEU A 43 -2.22 -6.92 4.06
C LEU A 43 -3.32 -6.58 3.08
N THR A 44 -2.91 -6.18 1.91
CA THR A 44 -3.83 -5.78 0.87
C THR A 44 -4.34 -6.98 0.13
N GLU A 45 -3.47 -8.01 0.04
CA GLU A 45 -3.69 -9.21 -0.76
C GLU A 45 -3.84 -8.77 -2.21
N HIS A 46 -3.27 -7.59 -2.50
CA HIS A 46 -3.42 -6.97 -3.76
C HIS A 46 -2.49 -7.65 -4.79
N PRO A 47 -3.00 -7.91 -5.96
CA PRO A 47 -2.28 -8.63 -7.02
C PRO A 47 -1.08 -7.91 -7.54
N ASP A 48 -1.29 -6.68 -7.89
CA ASP A 48 -0.33 -5.93 -8.59
C ASP A 48 0.15 -4.87 -7.67
N GLY A 49 0.00 -5.12 -6.39
CA GLY A 49 0.37 -4.12 -5.36
C GLY A 49 1.78 -3.73 -5.44
N SER A 50 2.61 -4.69 -5.56
CA SER A 50 4.02 -4.44 -5.75
C SER A 50 4.22 -3.63 -7.04
N ASP A 51 3.52 -4.05 -8.08
CA ASP A 51 3.58 -3.44 -9.40
C ASP A 51 2.93 -2.05 -9.44
N LEU A 52 2.19 -1.67 -8.40
CA LEU A 52 1.57 -0.32 -8.31
C LEU A 52 2.65 0.68 -8.01
N ILE A 53 3.63 0.21 -7.31
CA ILE A 53 4.72 1.03 -6.87
C ILE A 53 5.75 1.08 -7.97
N TYR A 54 6.01 -0.07 -8.53
CA TYR A 54 7.01 -0.23 -9.53
C TYR A 54 6.54 0.17 -10.93
N TYR A 55 5.25 0.09 -11.18
CA TYR A 55 4.69 0.45 -12.48
C TYR A 55 3.53 1.41 -12.26
N PRO A 56 3.69 2.64 -12.72
CA PRO A 56 2.74 3.72 -12.50
C PRO A 56 1.31 3.47 -13.02
N ARG A 57 0.38 3.99 -12.29
CA ARG A 57 -1.06 3.86 -12.56
C ARG A 57 -1.53 5.11 -13.21
N ASP A 58 -0.76 5.57 -14.13
CA ASP A 58 -1.01 6.80 -14.89
C ASP A 58 -2.41 6.83 -15.60
N ASP A 59 -3.18 5.76 -15.42
CA ASP A 59 -4.55 5.67 -15.90
C ASP A 59 -5.41 6.56 -15.01
N ARG A 60 -4.97 6.67 -13.77
CA ARG A 60 -5.56 7.55 -12.79
C ARG A 60 -4.45 8.50 -12.34
N GLU A 61 -4.64 9.22 -11.27
CA GLU A 61 -3.56 10.00 -10.72
C GLU A 61 -2.52 9.05 -10.17
N ASP A 62 -1.35 9.15 -10.69
CA ASP A 62 -0.29 8.32 -10.22
C ASP A 62 0.52 9.07 -9.26
N SER A 63 0.18 8.91 -8.05
CA SER A 63 0.83 9.51 -6.95
C SER A 63 0.87 8.45 -5.86
N PRO A 64 1.61 8.64 -4.75
CA PRO A 64 1.55 7.71 -3.61
C PRO A 64 0.10 7.57 -3.13
N GLU A 65 -0.67 8.63 -3.35
CA GLU A 65 -2.07 8.66 -2.99
C GLU A 65 -2.87 7.75 -3.93
N GLY A 66 -2.66 7.92 -5.23
CA GLY A 66 -3.39 7.11 -6.21
C GLY A 66 -3.07 5.62 -6.13
N ILE A 67 -1.86 5.30 -5.67
CA ILE A 67 -1.47 3.91 -5.43
C ILE A 67 -2.33 3.31 -4.32
N VAL A 68 -2.47 4.07 -3.25
CA VAL A 68 -3.28 3.69 -2.10
C VAL A 68 -4.74 3.60 -2.51
N LYS A 69 -5.13 4.54 -3.32
CA LYS A 69 -6.46 4.67 -3.80
C LYS A 69 -6.81 3.47 -4.74
N GLU A 70 -5.82 3.01 -5.49
CA GLU A 70 -5.99 1.86 -6.37
C GLU A 70 -6.34 0.64 -5.51
N ILE A 71 -5.53 0.42 -4.48
CA ILE A 71 -5.72 -0.63 -3.50
C ILE A 71 -7.08 -0.53 -2.82
N LYS A 72 -7.46 0.67 -2.46
CA LYS A 72 -8.70 0.91 -1.79
C LYS A 72 -9.89 0.52 -2.66
N GLU A 73 -9.96 1.05 -3.87
CA GLU A 73 -11.09 0.80 -4.77
C GLU A 73 -11.22 -0.64 -5.17
N TRP A 74 -10.11 -1.30 -5.34
CA TRP A 74 -10.10 -2.69 -5.73
C TRP A 74 -10.69 -3.54 -4.62
N ARG A 75 -10.20 -3.35 -3.42
CA ARG A 75 -10.66 -4.12 -2.28
C ARG A 75 -12.10 -3.75 -1.94
N ALA A 76 -12.40 -2.47 -2.08
CA ALA A 76 -13.73 -1.93 -1.84
C ALA A 76 -14.75 -2.55 -2.78
N ALA A 77 -14.32 -2.87 -3.99
CA ALA A 77 -15.19 -3.42 -5.01
C ALA A 77 -15.33 -4.90 -4.82
N ASN A 78 -14.27 -5.48 -4.31
CA ASN A 78 -14.20 -6.88 -4.05
C ASN A 78 -14.93 -7.27 -2.76
N GLY A 79 -15.15 -6.31 -1.89
CA GLY A 79 -15.79 -6.61 -0.62
C GLY A 79 -14.77 -7.10 0.40
N LYS A 80 -13.58 -6.60 0.26
CA LYS A 80 -12.48 -6.94 1.10
C LYS A 80 -12.33 -5.92 2.22
N SER A 81 -11.26 -6.04 2.99
CA SER A 81 -10.95 -5.15 4.07
C SER A 81 -10.75 -3.70 3.56
N GLY A 82 -10.63 -2.75 4.48
CA GLY A 82 -10.50 -1.37 4.07
C GLY A 82 -9.36 -0.71 4.80
N PHE A 83 -9.50 0.56 5.06
CA PHE A 83 -8.62 1.29 5.88
C PHE A 83 -9.46 1.88 6.99
N LYS A 84 -8.81 2.41 7.97
CA LYS A 84 -9.48 3.06 9.04
C LYS A 84 -9.51 4.55 8.75
N GLN A 85 -10.58 5.18 9.11
CA GLN A 85 -10.67 6.60 8.94
C GLN A 85 -10.07 7.34 10.12
N GLY A 86 -9.01 8.00 9.84
CA GLY A 86 -8.30 8.75 10.84
C GLY A 86 -7.35 9.70 10.19
N GLU A 2 4.90 -0.60 15.65
CA GLU A 2 3.58 -0.41 16.25
C GLU A 2 2.73 -1.62 15.92
N LEU A 3 1.68 -1.86 16.68
CA LEU A 3 0.85 -3.01 16.45
C LEU A 3 -0.58 -2.66 16.14
N LYS A 4 -0.97 -3.08 14.99
CA LYS A 4 -2.32 -2.96 14.50
C LYS A 4 -3.11 -4.21 14.90
N HIS A 5 -4.28 -4.37 14.35
CA HIS A 5 -5.01 -5.62 14.44
C HIS A 5 -5.15 -6.20 13.03
N SER A 6 -5.15 -5.30 12.04
CA SER A 6 -5.26 -5.66 10.64
C SER A 6 -4.92 -4.43 9.82
N ILE A 7 -5.10 -4.51 8.51
CA ILE A 7 -4.96 -3.35 7.66
C ILE A 7 -6.10 -2.35 7.95
N SER A 8 -7.19 -2.85 8.52
CA SER A 8 -8.33 -2.03 8.84
C SER A 8 -8.02 -1.12 10.02
N ASP A 9 -6.87 -1.34 10.65
CA ASP A 9 -6.39 -0.41 11.68
C ASP A 9 -5.73 0.81 11.03
N TYR A 10 -5.20 0.61 9.84
CA TYR A 10 -4.59 1.68 9.10
C TYR A 10 -5.67 2.50 8.45
N THR A 11 -5.55 3.78 8.52
CA THR A 11 -6.44 4.65 7.82
C THR A 11 -5.90 4.80 6.42
N GLU A 12 -6.57 5.55 5.55
CA GLU A 12 -6.01 5.84 4.24
C GLU A 12 -4.70 6.55 4.45
N ALA A 13 -4.70 7.46 5.42
CA ALA A 13 -3.53 8.28 5.74
C ALA A 13 -2.34 7.46 6.21
N GLU A 14 -2.57 6.56 7.18
CA GLU A 14 -1.51 5.69 7.72
C GLU A 14 -0.99 4.76 6.67
N PHE A 15 -1.87 4.26 5.87
CA PHE A 15 -1.50 3.37 4.81
C PHE A 15 -0.83 4.14 3.71
N LEU A 16 -1.23 5.35 3.52
CA LEU A 16 -0.64 6.20 2.52
C LEU A 16 0.80 6.52 2.91
N GLU A 17 1.06 6.45 4.15
CA GLU A 17 2.40 6.55 4.62
C GLU A 17 3.18 5.26 4.39
N PHE A 18 2.46 4.11 4.21
CA PHE A 18 3.13 2.79 3.92
C PHE A 18 4.03 2.99 2.74
N VAL A 19 3.47 3.57 1.73
CA VAL A 19 4.12 3.71 0.48
C VAL A 19 5.20 4.77 0.54
N LYS A 20 4.92 5.89 1.20
CA LYS A 20 5.89 6.94 1.36
C LYS A 20 7.08 6.43 2.17
N LYS A 21 6.77 5.62 3.16
CA LYS A 21 7.76 5.01 4.02
C LYS A 21 8.63 4.08 3.21
N ILE A 22 8.05 3.35 2.29
CA ILE A 22 8.82 2.47 1.41
C ILE A 22 9.72 3.32 0.48
N CYS A 23 9.15 4.42 -0.01
CA CYS A 23 9.85 5.36 -0.85
C CYS A 23 11.12 5.92 -0.15
N ARG A 24 11.05 6.10 1.16
CA ARG A 24 12.18 6.64 1.91
C ARG A 24 13.02 5.56 2.61
N ALA A 25 12.36 4.63 3.28
CA ALA A 25 12.97 3.60 4.14
C ALA A 25 13.38 2.38 3.35
N GLU A 26 13.58 2.59 2.05
CA GLU A 26 13.99 1.59 1.05
C GLU A 26 15.21 0.74 1.50
N GLY A 27 15.92 1.19 2.51
CA GLY A 27 16.99 0.44 3.08
C GLY A 27 18.29 0.71 2.39
N ALA A 28 18.65 -0.21 1.52
CA ALA A 28 19.89 -0.14 0.78
C ALA A 28 19.74 -0.93 -0.49
N THR A 29 19.41 -2.18 -0.33
CA THR A 29 19.24 -3.07 -1.44
C THR A 29 17.74 -3.14 -1.77
N GLU A 30 17.44 -3.59 -2.96
CA GLU A 30 16.07 -3.72 -3.46
C GLU A 30 15.24 -4.62 -2.54
N GLU A 31 15.88 -5.63 -1.98
CA GLU A 31 15.24 -6.55 -1.05
C GLU A 31 14.73 -5.83 0.22
N ASP A 32 15.38 -4.73 0.57
CA ASP A 32 14.98 -3.97 1.75
C ASP A 32 13.69 -3.25 1.49
N ASP A 33 13.59 -2.72 0.29
CA ASP A 33 12.37 -2.08 -0.20
C ASP A 33 11.27 -3.14 -0.20
N ASN A 34 11.63 -4.24 -0.81
CA ASN A 34 10.77 -5.41 -1.00
C ASN A 34 10.22 -5.96 0.31
N LYS A 35 11.07 -6.08 1.34
CA LYS A 35 10.62 -6.64 2.62
C LYS A 35 9.51 -5.82 3.26
N LEU A 36 9.47 -4.52 2.97
CA LEU A 36 8.39 -3.70 3.48
C LEU A 36 7.17 -3.96 2.65
N VAL A 37 7.35 -3.91 1.36
CA VAL A 37 6.29 -4.10 0.38
C VAL A 37 5.51 -5.41 0.64
N ARG A 38 6.24 -6.49 0.88
CA ARG A 38 5.64 -7.81 1.08
C ARG A 38 4.64 -7.85 2.23
N GLU A 39 4.92 -7.14 3.34
CA GLU A 39 4.01 -7.20 4.47
C GLU A 39 2.72 -6.48 4.10
N PHE A 40 2.88 -5.38 3.41
CA PHE A 40 1.78 -4.57 3.01
C PHE A 40 0.95 -5.26 1.91
N GLU A 41 1.62 -5.96 1.00
CA GLU A 41 0.96 -6.79 -0.01
C GLU A 41 0.08 -7.85 0.62
N ARG A 42 0.49 -8.35 1.76
CA ARG A 42 -0.25 -9.42 2.40
C ARG A 42 -1.41 -8.86 3.21
N LEU A 43 -1.18 -7.71 3.80
CA LEU A 43 -2.24 -7.00 4.53
C LEU A 43 -3.36 -6.60 3.60
N THR A 44 -3.00 -6.18 2.41
CA THR A 44 -3.95 -5.77 1.43
C THR A 44 -4.50 -6.94 0.66
N GLU A 45 -3.68 -8.00 0.59
CA GLU A 45 -3.94 -9.19 -0.21
C GLU A 45 -3.92 -8.76 -1.66
N HIS A 46 -3.21 -7.65 -1.90
CA HIS A 46 -3.18 -7.03 -3.17
C HIS A 46 -2.06 -7.63 -4.03
N PRO A 47 -2.40 -8.07 -5.23
CA PRO A 47 -1.49 -8.73 -6.17
C PRO A 47 -0.35 -7.85 -6.60
N ASP A 48 -0.69 -6.73 -7.11
CA ASP A 48 0.23 -5.83 -7.64
C ASP A 48 0.68 -4.88 -6.59
N GLY A 49 0.54 -5.26 -5.32
CA GLY A 49 0.95 -4.37 -4.19
C GLY A 49 2.38 -3.96 -4.29
N SER A 50 3.13 -4.75 -4.97
CA SER A 50 4.48 -4.43 -5.26
C SER A 50 4.54 -3.53 -6.49
N ASP A 51 4.06 -4.06 -7.63
CA ASP A 51 4.02 -3.35 -8.91
C ASP A 51 3.45 -1.96 -8.79
N LEU A 52 2.43 -1.76 -7.94
CA LEU A 52 1.78 -0.44 -7.74
C LEU A 52 2.78 0.63 -7.36
N ILE A 53 3.75 0.27 -6.56
CA ILE A 53 4.68 1.25 -6.02
C ILE A 53 5.72 1.60 -7.04
N TYR A 54 5.96 0.67 -7.90
CA TYR A 54 6.96 0.82 -8.89
C TYR A 54 6.39 1.38 -10.17
N TYR A 55 5.20 0.91 -10.53
CA TYR A 55 4.54 1.28 -11.76
C TYR A 55 3.03 1.36 -11.55
N PRO A 56 2.48 2.54 -11.25
CA PRO A 56 1.03 2.76 -11.24
C PRO A 56 0.47 2.45 -12.64
N ARG A 57 -0.84 2.23 -12.74
CA ARG A 57 -1.44 1.81 -14.00
C ARG A 57 -1.43 2.84 -15.13
N ASP A 58 -2.58 3.30 -15.53
CA ASP A 58 -2.66 4.18 -16.68
C ASP A 58 -3.27 5.50 -16.32
N ASP A 59 -4.49 5.44 -15.88
CA ASP A 59 -5.29 6.61 -15.54
C ASP A 59 -4.99 7.01 -14.11
N ARG A 60 -4.41 6.09 -13.40
CA ARG A 60 -4.10 6.21 -12.04
C ARG A 60 -2.95 7.17 -11.79
N GLU A 61 -3.19 8.00 -10.83
CA GLU A 61 -2.28 8.99 -10.31
C GLU A 61 -0.98 8.34 -9.77
N ASP A 62 0.13 8.75 -10.33
CA ASP A 62 1.44 8.29 -9.90
C ASP A 62 1.90 9.16 -8.74
N SER A 63 1.38 8.88 -7.56
CA SER A 63 1.82 9.58 -6.39
C SER A 63 1.69 8.62 -5.23
N PRO A 64 2.33 8.88 -4.05
CA PRO A 64 2.14 8.05 -2.85
C PRO A 64 0.65 8.02 -2.45
N GLU A 65 -0.09 9.03 -2.88
CA GLU A 65 -1.51 9.10 -2.63
C GLU A 65 -2.27 8.19 -3.61
N GLY A 66 -1.95 8.32 -4.89
CA GLY A 66 -2.63 7.57 -5.92
C GLY A 66 -2.33 6.08 -5.86
N ILE A 67 -1.16 5.72 -5.39
CA ILE A 67 -0.83 4.31 -5.20
C ILE A 67 -1.76 3.70 -4.16
N VAL A 68 -2.00 4.43 -3.11
CA VAL A 68 -2.90 3.99 -2.05
C VAL A 68 -4.33 3.94 -2.55
N LYS A 69 -4.62 4.76 -3.51
CA LYS A 69 -5.91 4.77 -4.13
C LYS A 69 -6.11 3.48 -4.89
N GLU A 70 -5.01 2.95 -5.45
CA GLU A 70 -5.04 1.67 -6.11
C GLU A 70 -5.52 0.59 -5.18
N ILE A 71 -4.90 0.51 -4.00
CA ILE A 71 -5.32 -0.44 -2.99
C ILE A 71 -6.78 -0.18 -2.61
N LYS A 72 -7.10 1.08 -2.40
CA LYS A 72 -8.42 1.52 -2.01
C LYS A 72 -9.50 1.08 -2.99
N GLU A 73 -9.37 1.48 -4.23
CA GLU A 73 -10.37 1.21 -5.24
C GLU A 73 -10.44 -0.28 -5.57
N TRP A 74 -9.30 -0.94 -5.57
CA TRP A 74 -9.24 -2.35 -5.89
C TRP A 74 -9.94 -3.17 -4.82
N ARG A 75 -9.62 -2.93 -3.56
CA ARG A 75 -10.20 -3.72 -2.49
C ARG A 75 -11.67 -3.41 -2.32
N ALA A 76 -12.06 -2.18 -2.58
CA ALA A 76 -13.45 -1.78 -2.48
C ALA A 76 -14.27 -2.41 -3.59
N ALA A 77 -13.62 -2.70 -4.71
CA ALA A 77 -14.28 -3.26 -5.86
C ALA A 77 -14.38 -4.74 -5.68
N ASN A 78 -13.36 -5.28 -5.06
CA ASN A 78 -13.30 -6.67 -4.77
C ASN A 78 -14.26 -7.06 -3.67
N GLY A 79 -14.61 -6.09 -2.84
CA GLY A 79 -15.47 -6.37 -1.72
C GLY A 79 -14.66 -6.86 -0.55
N LYS A 80 -13.42 -6.43 -0.52
CA LYS A 80 -12.49 -6.82 0.49
C LYS A 80 -12.53 -5.86 1.66
N SER A 81 -11.54 -5.96 2.50
CA SER A 81 -11.39 -5.13 3.66
C SER A 81 -11.18 -3.65 3.25
N GLY A 82 -11.37 -2.77 4.20
CA GLY A 82 -11.19 -1.36 3.97
C GLY A 82 -10.13 -0.82 4.90
N PHE A 83 -10.01 0.47 4.98
CA PHE A 83 -9.13 1.08 5.92
C PHE A 83 -9.95 1.55 7.09
N LYS A 84 -9.33 2.21 8.02
CA LYS A 84 -10.03 2.84 9.08
C LYS A 84 -10.48 4.19 8.56
N GLN A 85 -11.64 4.61 8.96
CA GLN A 85 -12.25 5.79 8.43
C GLN A 85 -11.86 7.06 9.19
N GLY A 86 -10.71 7.03 9.78
CA GLY A 86 -10.22 8.17 10.50
C GLY A 86 -10.53 8.07 11.97
N GLU A 2 3.48 -0.06 18.36
CA GLU A 2 2.55 -0.96 19.06
C GLU A 2 2.15 -2.13 18.20
N LEU A 3 2.44 -1.98 16.96
CA LEU A 3 2.04 -2.85 15.87
C LEU A 3 0.55 -2.86 15.58
N LYS A 4 0.23 -3.18 14.36
CA LYS A 4 -1.12 -3.26 13.90
C LYS A 4 -1.62 -4.69 13.90
N HIS A 5 -2.90 -4.86 13.69
CA HIS A 5 -3.49 -6.18 13.66
C HIS A 5 -3.89 -6.57 12.22
N SER A 6 -4.10 -5.57 11.38
CA SER A 6 -4.53 -5.81 10.00
C SER A 6 -4.34 -4.52 9.22
N ILE A 7 -4.79 -4.51 7.98
CA ILE A 7 -4.76 -3.32 7.17
C ILE A 7 -5.81 -2.31 7.68
N SER A 8 -6.83 -2.82 8.36
CA SER A 8 -7.91 -2.00 8.83
C SER A 8 -7.52 -1.29 10.12
N ASP A 9 -6.35 -1.63 10.62
CA ASP A 9 -5.80 -0.93 11.77
C ASP A 9 -5.34 0.43 11.30
N TYR A 10 -4.89 0.45 10.05
CA TYR A 10 -4.42 1.62 9.38
C TYR A 10 -5.62 2.41 8.90
N THR A 11 -5.46 3.68 8.82
CA THR A 11 -6.44 4.52 8.21
C THR A 11 -6.05 4.64 6.74
N GLU A 12 -6.77 5.45 5.99
CA GLU A 12 -6.37 5.70 4.63
C GLU A 12 -5.07 6.46 4.70
N ALA A 13 -5.03 7.38 5.64
CA ALA A 13 -3.89 8.27 5.84
C ALA A 13 -2.62 7.51 6.28
N GLU A 14 -2.72 6.64 7.28
CA GLU A 14 -1.52 5.91 7.76
C GLU A 14 -1.06 4.85 6.76
N PHE A 15 -1.97 4.34 5.99
CA PHE A 15 -1.61 3.42 4.95
C PHE A 15 -1.04 4.20 3.80
N LEU A 16 -1.53 5.36 3.60
CA LEU A 16 -1.01 6.23 2.58
C LEU A 16 0.42 6.64 2.89
N GLU A 17 0.73 6.60 4.12
CA GLU A 17 2.08 6.78 4.56
C GLU A 17 2.92 5.52 4.27
N PHE A 18 2.27 4.33 4.09
CA PHE A 18 2.98 3.03 3.80
C PHE A 18 3.85 3.22 2.60
N VAL A 19 3.25 3.78 1.61
CA VAL A 19 3.87 3.94 0.33
C VAL A 19 4.93 5.02 0.34
N LYS A 20 4.67 6.08 1.05
CA LYS A 20 5.62 7.16 1.18
C LYS A 20 6.85 6.66 1.94
N LYS A 21 6.57 5.84 2.94
CA LYS A 21 7.57 5.22 3.79
C LYS A 21 8.41 4.28 2.95
N ILE A 22 7.77 3.51 2.07
CA ILE A 22 8.46 2.60 1.16
C ILE A 22 9.34 3.38 0.19
N CYS A 23 8.86 4.53 -0.23
CA CYS A 23 9.59 5.38 -1.14
C CYS A 23 10.89 5.92 -0.50
N ARG A 24 10.90 6.05 0.82
CA ARG A 24 12.10 6.50 1.52
C ARG A 24 12.87 5.30 2.13
N ALA A 25 12.35 4.11 1.92
CA ALA A 25 12.81 2.88 2.60
C ALA A 25 14.00 2.19 1.94
N GLU A 26 14.78 2.93 1.13
CA GLU A 26 15.96 2.39 0.40
C GLU A 26 16.81 1.51 1.32
N GLY A 27 17.04 2.03 2.52
CA GLY A 27 17.73 1.34 3.59
C GLY A 27 18.97 0.64 3.18
N ALA A 28 18.93 -0.65 3.29
CA ALA A 28 20.06 -1.48 2.97
C ALA A 28 20.06 -1.90 1.51
N THR A 29 19.03 -2.59 1.10
CA THR A 29 18.94 -3.16 -0.23
C THR A 29 17.53 -3.08 -0.76
N GLU A 30 17.34 -3.53 -1.99
CA GLU A 30 16.05 -3.57 -2.65
C GLU A 30 15.10 -4.51 -1.90
N GLU A 31 15.66 -5.59 -1.34
CA GLU A 31 14.85 -6.52 -0.56
C GLU A 31 14.50 -5.89 0.80
N ASP A 32 15.24 -4.87 1.19
CA ASP A 32 15.01 -4.13 2.43
C ASP A 32 13.80 -3.23 2.24
N ASP A 33 13.63 -2.73 1.03
CA ASP A 33 12.42 -2.01 0.65
C ASP A 33 11.30 -3.00 0.61
N ASN A 34 11.57 -4.05 -0.13
CA ASN A 34 10.65 -5.10 -0.45
C ASN A 34 10.08 -5.79 0.78
N LYS A 35 10.87 -5.89 1.86
CA LYS A 35 10.39 -6.54 3.09
C LYS A 35 9.16 -5.80 3.60
N LEU A 36 9.16 -4.47 3.43
CA LEU A 36 8.03 -3.67 3.83
C LEU A 36 6.89 -3.92 2.87
N VAL A 37 7.22 -3.88 1.58
CA VAL A 37 6.23 -4.08 0.52
C VAL A 37 5.49 -5.41 0.71
N ARG A 38 6.22 -6.47 1.05
CA ARG A 38 5.62 -7.79 1.22
C ARG A 38 4.56 -7.83 2.30
N GLU A 39 4.83 -7.20 3.44
CA GLU A 39 3.88 -7.26 4.53
C GLU A 39 2.64 -6.47 4.17
N PHE A 40 2.84 -5.31 3.57
CA PHE A 40 1.74 -4.47 3.15
C PHE A 40 0.93 -5.14 2.07
N GLU A 41 1.61 -5.76 1.12
CA GLU A 41 0.97 -6.46 0.03
C GLU A 41 0.20 -7.71 0.45
N ARG A 42 0.51 -8.22 1.60
CA ARG A 42 -0.27 -9.32 2.13
C ARG A 42 -1.48 -8.83 2.90
N LEU A 43 -1.40 -7.60 3.30
CA LEU A 43 -2.50 -6.94 3.99
C LEU A 43 -3.54 -6.49 2.98
N THR A 44 -3.09 -6.19 1.79
CA THR A 44 -3.92 -5.71 0.72
C THR A 44 -4.43 -6.84 -0.13
N GLU A 45 -3.52 -7.80 -0.40
CA GLU A 45 -3.72 -8.91 -1.33
C GLU A 45 -3.88 -8.30 -2.70
N HIS A 46 -3.28 -7.14 -2.89
CA HIS A 46 -3.46 -6.40 -4.07
C HIS A 46 -2.57 -6.95 -5.22
N PRO A 47 -3.20 -7.23 -6.36
CA PRO A 47 -2.56 -7.88 -7.51
C PRO A 47 -1.35 -7.15 -8.04
N ASP A 48 -1.50 -5.88 -8.13
CA ASP A 48 -0.53 -5.04 -8.73
C ASP A 48 0.08 -4.21 -7.66
N GLY A 49 -0.12 -4.63 -6.43
CA GLY A 49 0.37 -3.85 -5.26
C GLY A 49 1.83 -3.60 -5.29
N SER A 50 2.57 -4.64 -5.46
CA SER A 50 4.03 -4.48 -5.55
C SER A 50 4.47 -3.89 -6.88
N ASP A 51 3.54 -3.73 -7.78
CA ASP A 51 3.79 -3.03 -9.02
C ASP A 51 3.53 -1.55 -8.84
N LEU A 52 2.43 -1.22 -8.16
CA LEU A 52 1.93 0.17 -7.92
C LEU A 52 3.01 1.13 -7.50
N ILE A 53 3.86 0.66 -6.65
CA ILE A 53 4.85 1.51 -6.03
C ILE A 53 5.96 1.81 -7.00
N TYR A 54 6.27 0.82 -7.78
CA TYR A 54 7.39 0.85 -8.65
C TYR A 54 7.04 1.30 -10.07
N TYR A 55 5.89 0.93 -10.54
CA TYR A 55 5.44 1.20 -11.87
C TYR A 55 4.07 1.84 -11.82
N PRO A 56 3.83 2.82 -12.67
CA PRO A 56 2.52 3.42 -12.82
C PRO A 56 1.62 2.42 -13.52
N ARG A 57 0.32 2.57 -13.43
CA ARG A 57 -0.49 1.60 -14.11
C ARG A 57 -0.85 2.11 -15.51
N ASP A 58 -2.10 2.32 -15.76
CA ASP A 58 -2.52 2.89 -17.04
C ASP A 58 -3.28 4.18 -16.82
N ASP A 59 -4.39 4.07 -16.12
CA ASP A 59 -5.23 5.20 -15.80
C ASP A 59 -4.87 5.76 -14.44
N ARG A 60 -4.29 4.91 -13.62
CA ARG A 60 -3.95 5.25 -12.29
C ARG A 60 -2.67 6.06 -12.23
N GLU A 61 -2.76 7.09 -11.47
CA GLU A 61 -1.69 8.04 -11.22
C GLU A 61 -0.62 7.43 -10.32
N ASP A 62 0.59 7.84 -10.57
CA ASP A 62 1.72 7.45 -9.79
C ASP A 62 2.01 8.54 -8.78
N SER A 63 1.35 8.44 -7.66
CA SER A 63 1.59 9.31 -6.56
C SER A 63 1.36 8.49 -5.32
N PRO A 64 2.05 8.75 -4.17
CA PRO A 64 1.82 8.00 -2.92
C PRO A 64 0.33 7.92 -2.59
N GLU A 65 -0.36 9.02 -2.78
CA GLU A 65 -1.79 9.09 -2.53
C GLU A 65 -2.58 8.27 -3.55
N GLY A 66 -2.12 8.29 -4.80
CA GLY A 66 -2.80 7.59 -5.89
C GLY A 66 -2.62 6.08 -5.83
N ILE A 67 -1.47 5.66 -5.39
CA ILE A 67 -1.15 4.25 -5.20
C ILE A 67 -2.07 3.63 -4.16
N VAL A 68 -2.20 4.33 -3.06
CA VAL A 68 -3.06 3.92 -1.97
C VAL A 68 -4.49 3.91 -2.42
N LYS A 69 -4.83 4.91 -3.21
CA LYS A 69 -6.15 5.07 -3.74
C LYS A 69 -6.55 3.84 -4.51
N GLU A 70 -5.63 3.31 -5.31
CA GLU A 70 -5.91 2.15 -6.12
C GLU A 70 -6.29 0.99 -5.22
N ILE A 71 -5.41 0.70 -4.25
CA ILE A 71 -5.63 -0.35 -3.26
C ILE A 71 -6.95 -0.16 -2.51
N LYS A 72 -7.20 1.06 -2.16
CA LYS A 72 -8.35 1.46 -1.43
C LYS A 72 -9.61 1.21 -2.24
N GLU A 73 -9.69 1.81 -3.41
CA GLU A 73 -10.88 1.72 -4.23
C GLU A 73 -11.10 0.29 -4.76
N TRP A 74 -10.00 -0.39 -5.04
CA TRP A 74 -10.04 -1.76 -5.52
C TRP A 74 -10.63 -2.69 -4.46
N ARG A 75 -10.11 -2.61 -3.26
CA ARG A 75 -10.56 -3.50 -2.19
C ARG A 75 -12.00 -3.26 -1.81
N ALA A 76 -12.40 -2.01 -1.86
CA ALA A 76 -13.76 -1.64 -1.55
C ALA A 76 -14.74 -2.19 -2.61
N ALA A 77 -14.27 -2.30 -3.84
CA ALA A 77 -15.12 -2.76 -4.94
C ALA A 77 -15.13 -4.27 -4.97
N ASN A 78 -14.01 -4.83 -4.62
CA ASN A 78 -13.79 -6.23 -4.65
C ASN A 78 -14.29 -6.93 -3.39
N GLY A 79 -14.90 -6.16 -2.49
CA GLY A 79 -15.49 -6.71 -1.28
C GLY A 79 -14.47 -7.30 -0.36
N LYS A 80 -13.35 -6.65 -0.23
CA LYS A 80 -12.29 -7.06 0.64
C LYS A 80 -12.44 -6.26 1.93
N SER A 81 -11.39 -6.15 2.68
CA SER A 81 -11.40 -5.34 3.85
C SER A 81 -11.14 -3.88 3.42
N GLY A 82 -11.15 -2.97 4.36
CA GLY A 82 -10.90 -1.60 4.07
C GLY A 82 -9.85 -1.05 4.98
N PHE A 83 -9.96 0.20 5.33
CA PHE A 83 -9.12 0.80 6.31
C PHE A 83 -10.00 1.21 7.47
N LYS A 84 -9.40 1.80 8.47
CA LYS A 84 -10.12 2.42 9.54
C LYS A 84 -10.53 3.78 9.05
N GLN A 85 -11.65 4.28 9.51
CA GLN A 85 -12.11 5.60 9.08
C GLN A 85 -11.20 6.74 9.52
N GLY A 86 -10.46 7.19 8.59
CA GLY A 86 -9.53 8.25 8.75
C GLY A 86 -8.67 8.29 7.53
N GLU A 2 3.28 -1.46 20.33
CA GLU A 2 3.00 -0.86 19.03
C GLU A 2 2.62 -1.96 18.05
N LEU A 3 2.58 -1.60 16.77
CA LEU A 3 2.25 -2.50 15.65
C LEU A 3 0.76 -2.67 15.44
N LYS A 4 0.42 -3.15 14.28
CA LYS A 4 -0.95 -3.26 13.84
C LYS A 4 -1.42 -4.70 13.79
N HIS A 5 -2.72 -4.87 13.64
CA HIS A 5 -3.26 -6.20 13.51
C HIS A 5 -3.56 -6.56 12.05
N SER A 6 -3.82 -5.55 11.21
CA SER A 6 -4.17 -5.81 9.80
C SER A 6 -4.12 -4.51 9.00
N ILE A 7 -4.58 -4.59 7.75
CA ILE A 7 -4.72 -3.42 6.88
C ILE A 7 -5.80 -2.48 7.43
N SER A 8 -6.78 -3.06 8.11
CA SER A 8 -7.90 -2.31 8.61
C SER A 8 -7.56 -1.67 9.97
N ASP A 9 -6.35 -1.94 10.45
CA ASP A 9 -5.85 -1.27 11.66
C ASP A 9 -5.45 0.12 11.26
N TYR A 10 -4.93 0.20 10.06
CA TYR A 10 -4.43 1.41 9.49
C TYR A 10 -5.57 2.30 9.11
N THR A 11 -5.34 3.55 9.24
CA THR A 11 -6.23 4.49 8.71
C THR A 11 -5.82 4.70 7.28
N GLU A 12 -6.68 5.33 6.52
CA GLU A 12 -6.37 5.64 5.15
C GLU A 12 -5.05 6.41 5.09
N ALA A 13 -4.89 7.36 6.00
CA ALA A 13 -3.69 8.17 6.08
C ALA A 13 -2.45 7.34 6.44
N GLU A 14 -2.56 6.47 7.45
CA GLU A 14 -1.42 5.63 7.87
C GLU A 14 -1.03 4.63 6.80
N PHE A 15 -2.00 4.11 6.13
CA PHE A 15 -1.74 3.20 5.05
C PHE A 15 -1.17 3.96 3.90
N LEU A 16 -1.58 5.16 3.73
CA LEU A 16 -1.06 5.98 2.68
C LEU A 16 0.40 6.36 2.96
N GLU A 17 0.76 6.23 4.17
CA GLU A 17 2.12 6.35 4.57
C GLU A 17 2.90 5.05 4.26
N PHE A 18 2.17 3.90 4.09
CA PHE A 18 2.80 2.57 3.77
C PHE A 18 3.67 2.74 2.59
N VAL A 19 3.09 3.34 1.62
CA VAL A 19 3.69 3.50 0.35
C VAL A 19 4.80 4.53 0.37
N LYS A 20 4.60 5.58 1.12
CA LYS A 20 5.60 6.62 1.24
C LYS A 20 6.87 6.09 1.92
N LYS A 21 6.69 5.24 2.92
CA LYS A 21 7.83 4.63 3.61
C LYS A 21 8.59 3.73 2.65
N ILE A 22 7.85 3.05 1.79
CA ILE A 22 8.47 2.19 0.79
C ILE A 22 9.23 3.04 -0.22
N CYS A 23 8.69 4.21 -0.52
CA CYS A 23 9.31 5.14 -1.42
C CYS A 23 10.72 5.54 -0.91
N ARG A 24 10.89 5.59 0.40
CA ARG A 24 12.18 5.95 0.97
C ARG A 24 12.98 4.71 1.42
N ALA A 25 12.46 3.52 1.12
CA ALA A 25 13.04 2.25 1.61
C ALA A 25 14.18 1.74 0.72
N GLU A 26 14.71 2.60 -0.12
CA GLU A 26 15.84 2.27 -0.97
C GLU A 26 17.15 2.52 -0.22
N GLY A 27 17.01 2.77 1.08
CA GLY A 27 18.12 3.11 1.96
C GLY A 27 19.20 2.07 2.00
N ALA A 28 18.90 0.96 2.64
CA ALA A 28 19.86 -0.12 2.76
C ALA A 28 20.10 -0.76 1.40
N THR A 29 19.10 -1.42 0.91
CA THR A 29 19.11 -2.08 -0.37
C THR A 29 17.63 -2.30 -0.69
N GLU A 30 17.30 -2.86 -1.85
CA GLU A 30 15.90 -3.15 -2.22
C GLU A 30 15.23 -4.13 -1.24
N GLU A 31 16.05 -4.81 -0.43
CA GLU A 31 15.57 -5.68 0.62
C GLU A 31 14.74 -4.89 1.63
N ASP A 32 15.10 -3.61 1.79
CA ASP A 32 14.44 -2.75 2.75
C ASP A 32 13.08 -2.34 2.23
N ASP A 33 12.98 -2.24 0.91
CA ASP A 33 11.69 -2.01 0.23
C ASP A 33 10.83 -3.21 0.42
N ASN A 34 11.35 -4.33 -0.05
CA ASN A 34 10.66 -5.58 -0.13
C ASN A 34 10.07 -6.05 1.21
N LYS A 35 10.82 -5.89 2.30
CA LYS A 35 10.32 -6.33 3.61
C LYS A 35 9.07 -5.54 4.03
N LEU A 36 8.98 -4.30 3.56
CA LEU A 36 7.79 -3.51 3.80
C LEU A 36 6.70 -3.97 2.87
N VAL A 37 7.05 -4.11 1.60
CA VAL A 37 6.10 -4.51 0.58
C VAL A 37 5.45 -5.84 0.94
N ARG A 38 6.24 -6.76 1.48
CA ARG A 38 5.71 -8.08 1.86
C ARG A 38 4.61 -7.96 2.91
N GLU A 39 4.87 -7.22 3.99
CA GLU A 39 3.89 -7.14 5.05
C GLU A 39 2.63 -6.46 4.55
N PHE A 40 2.81 -5.40 3.79
CA PHE A 40 1.70 -4.65 3.26
C PHE A 40 0.93 -5.44 2.24
N GLU A 41 1.63 -6.14 1.35
CA GLU A 41 0.98 -6.94 0.34
C GLU A 41 0.26 -8.16 0.88
N ARG A 42 0.62 -8.54 2.08
CA ARG A 42 -0.07 -9.61 2.73
C ARG A 42 -1.38 -9.06 3.27
N LEU A 43 -1.31 -7.83 3.73
CA LEU A 43 -2.46 -7.14 4.29
C LEU A 43 -3.44 -6.72 3.19
N THR A 44 -2.92 -6.11 2.14
CA THR A 44 -3.70 -5.59 1.05
C THR A 44 -4.37 -6.69 0.28
N GLU A 45 -3.59 -7.75 0.05
CA GLU A 45 -4.00 -8.84 -0.77
C GLU A 45 -4.25 -8.26 -2.16
N HIS A 46 -3.41 -7.31 -2.53
CA HIS A 46 -3.56 -6.64 -3.75
C HIS A 46 -2.71 -7.33 -4.85
N PRO A 47 -3.35 -7.71 -5.94
CA PRO A 47 -2.76 -8.51 -7.03
C PRO A 47 -1.53 -7.91 -7.64
N ASP A 48 -1.56 -6.64 -7.78
CA ASP A 48 -0.52 -5.95 -8.44
C ASP A 48 0.12 -5.07 -7.43
N GLY A 49 -0.13 -5.37 -6.16
CA GLY A 49 0.32 -4.51 -5.03
C GLY A 49 1.77 -4.21 -5.03
N SER A 50 2.56 -5.20 -5.17
CA SER A 50 4.00 -4.97 -5.17
C SER A 50 4.37 -4.17 -6.42
N ASP A 51 3.73 -4.54 -7.53
CA ASP A 51 3.93 -3.89 -8.82
C ASP A 51 3.55 -2.44 -8.77
N LEU A 52 2.50 -2.11 -8.02
CA LEU A 52 1.96 -0.74 -7.88
C LEU A 52 3.02 0.25 -7.47
N ILE A 53 3.94 -0.24 -6.69
CA ILE A 53 4.97 0.59 -6.11
C ILE A 53 6.09 0.80 -7.11
N TYR A 54 6.33 -0.21 -7.87
CA TYR A 54 7.42 -0.22 -8.79
C TYR A 54 7.01 0.37 -10.14
N TYR A 55 5.90 -0.07 -10.63
CA TYR A 55 5.42 0.31 -11.92
C TYR A 55 4.02 0.87 -11.77
N PRO A 56 3.84 2.12 -12.15
CA PRO A 56 2.53 2.74 -12.18
C PRO A 56 1.73 2.22 -13.35
N ARG A 57 0.44 2.49 -13.38
CA ARG A 57 -0.35 2.04 -14.50
C ARG A 57 -0.26 3.05 -15.63
N ASP A 58 -1.35 3.64 -16.01
CA ASP A 58 -1.28 4.63 -17.05
C ASP A 58 -1.84 5.97 -16.65
N ASP A 59 -3.13 5.99 -16.47
CA ASP A 59 -3.89 7.21 -16.28
C ASP A 59 -4.05 7.55 -14.81
N ARG A 60 -3.85 6.57 -13.97
CA ARG A 60 -4.03 6.75 -12.53
C ARG A 60 -2.99 7.74 -11.99
N GLU A 61 -3.30 8.37 -10.89
CA GLU A 61 -2.43 9.37 -10.30
C GLU A 61 -1.18 8.72 -9.73
N ASP A 62 -0.05 9.06 -10.30
CA ASP A 62 1.22 8.56 -9.82
C ASP A 62 1.61 9.34 -8.59
N SER A 63 1.09 8.95 -7.48
CA SER A 63 1.41 9.56 -6.25
C SER A 63 1.33 8.48 -5.18
N PRO A 64 1.90 8.70 -3.97
CA PRO A 64 1.71 7.78 -2.85
C PRO A 64 0.20 7.63 -2.56
N GLU A 65 -0.55 8.71 -2.81
CA GLU A 65 -2.00 8.73 -2.67
C GLU A 65 -2.66 7.79 -3.68
N GLY A 66 -2.24 7.88 -4.93
CA GLY A 66 -2.82 7.10 -6.01
C GLY A 66 -2.51 5.61 -5.93
N ILE A 67 -1.39 5.26 -5.34
CA ILE A 67 -1.06 3.85 -5.13
C ILE A 67 -2.01 3.24 -4.09
N VAL A 68 -2.23 3.98 -3.05
CA VAL A 68 -3.19 3.65 -1.99
C VAL A 68 -4.59 3.64 -2.56
N LYS A 69 -4.85 4.58 -3.45
CA LYS A 69 -6.12 4.68 -4.15
C LYS A 69 -6.38 3.42 -4.94
N GLU A 70 -5.33 2.88 -5.51
CA GLU A 70 -5.40 1.69 -6.29
C GLU A 70 -5.90 0.54 -5.41
N ILE A 71 -5.37 0.49 -4.18
CA ILE A 71 -5.76 -0.53 -3.20
C ILE A 71 -7.21 -0.29 -2.82
N LYS A 72 -7.46 0.94 -2.48
CA LYS A 72 -8.74 1.43 -2.01
C LYS A 72 -9.88 1.14 -2.97
N GLU A 73 -9.76 1.61 -4.18
CA GLU A 73 -10.82 1.46 -5.16
C GLU A 73 -10.99 0.01 -5.58
N TRP A 74 -9.89 -0.73 -5.58
CA TRP A 74 -9.93 -2.13 -5.96
C TRP A 74 -10.60 -2.94 -4.86
N ARG A 75 -10.16 -2.77 -3.61
CA ARG A 75 -10.74 -3.51 -2.50
C ARG A 75 -12.19 -3.14 -2.26
N ALA A 76 -12.53 -1.89 -2.51
CA ALA A 76 -13.91 -1.46 -2.40
C ALA A 76 -14.78 -2.08 -3.48
N ALA A 77 -14.22 -2.28 -4.68
CA ALA A 77 -14.97 -2.86 -5.78
C ALA A 77 -14.97 -4.38 -5.69
N ASN A 78 -14.02 -4.90 -4.96
CA ASN A 78 -13.83 -6.34 -4.84
C ASN A 78 -14.59 -6.90 -3.65
N GLY A 79 -15.14 -6.01 -2.86
CA GLY A 79 -15.91 -6.42 -1.70
C GLY A 79 -15.03 -6.82 -0.54
N LYS A 80 -13.81 -6.32 -0.53
CA LYS A 80 -12.90 -6.60 0.52
C LYS A 80 -13.02 -5.52 1.57
N SER A 81 -12.40 -5.75 2.68
CA SER A 81 -12.44 -4.85 3.80
C SER A 81 -11.70 -3.54 3.46
N GLY A 82 -11.81 -2.56 4.31
CA GLY A 82 -11.26 -1.27 4.03
C GLY A 82 -10.42 -0.77 5.16
N PHE A 83 -10.02 0.47 5.07
CA PHE A 83 -9.18 1.08 6.06
C PHE A 83 -10.04 1.71 7.10
N LYS A 84 -9.42 2.17 8.14
CA LYS A 84 -10.10 2.87 9.15
C LYS A 84 -9.95 4.36 8.84
N GLN A 85 -10.84 5.15 9.33
CA GLN A 85 -10.75 6.56 9.13
C GLN A 85 -10.97 7.27 10.43
N GLY A 86 -10.13 8.20 10.69
CA GLY A 86 -10.20 8.98 11.88
C GLY A 86 -8.83 9.40 12.28
N GLU A 2 4.47 1.36 16.54
CA GLU A 2 3.10 1.01 16.90
C GLU A 2 2.73 -0.28 16.17
N LEU A 3 1.95 -1.12 16.81
CA LEU A 3 1.49 -2.36 16.19
C LEU A 3 0.01 -2.34 15.90
N LYS A 4 -0.38 -3.16 14.96
CA LYS A 4 -1.73 -3.28 14.50
C LYS A 4 -2.10 -4.76 14.41
N HIS A 5 -3.32 -5.04 14.03
CA HIS A 5 -3.74 -6.41 13.84
C HIS A 5 -3.80 -6.76 12.34
N SER A 6 -4.26 -5.81 11.52
CA SER A 6 -4.41 -6.02 10.09
C SER A 6 -4.34 -4.70 9.34
N ILE A 7 -4.62 -4.76 8.04
CA ILE A 7 -4.60 -3.63 7.11
C ILE A 7 -5.66 -2.58 7.50
N SER A 8 -6.76 -3.05 8.03
CA SER A 8 -7.89 -2.24 8.33
C SER A 8 -7.75 -1.52 9.68
N ASP A 9 -6.63 -1.74 10.36
CA ASP A 9 -6.40 -1.01 11.60
C ASP A 9 -5.70 0.30 11.28
N TYR A 10 -5.25 0.40 10.05
CA TYR A 10 -4.65 1.60 9.54
C TYR A 10 -5.70 2.45 8.94
N THR A 11 -5.57 3.72 9.10
CA THR A 11 -6.43 4.63 8.42
C THR A 11 -5.87 4.80 7.01
N GLU A 12 -6.62 5.45 6.14
CA GLU A 12 -6.19 5.65 4.77
C GLU A 12 -4.84 6.34 4.75
N ALA A 13 -4.72 7.36 5.56
CA ALA A 13 -3.51 8.18 5.65
C ALA A 13 -2.28 7.36 6.06
N GLU A 14 -2.45 6.50 7.05
CA GLU A 14 -1.35 5.69 7.59
C GLU A 14 -0.90 4.66 6.61
N PHE A 15 -1.82 4.16 5.85
CA PHE A 15 -1.52 3.23 4.81
C PHE A 15 -0.93 3.96 3.66
N LEU A 16 -1.36 5.15 3.46
CA LEU A 16 -0.82 5.97 2.43
C LEU A 16 0.62 6.34 2.75
N GLU A 17 0.94 6.28 4.01
CA GLU A 17 2.30 6.40 4.43
C GLU A 17 3.09 5.13 4.09
N PHE A 18 2.38 3.97 3.95
CA PHE A 18 3.05 2.65 3.63
C PHE A 18 3.89 2.84 2.41
N VAL A 19 3.27 3.37 1.41
CA VAL A 19 3.86 3.53 0.14
C VAL A 19 4.91 4.63 0.15
N LYS A 20 4.66 5.67 0.94
CA LYS A 20 5.61 6.73 1.09
C LYS A 20 6.88 6.20 1.73
N LYS A 21 6.71 5.37 2.78
CA LYS A 21 7.84 4.75 3.47
C LYS A 21 8.65 3.94 2.52
N ILE A 22 8.01 3.13 1.73
CA ILE A 22 8.71 2.27 0.78
C ILE A 22 9.53 3.12 -0.18
N CYS A 23 8.94 4.20 -0.63
CA CYS A 23 9.59 5.09 -1.55
C CYS A 23 10.80 5.82 -0.89
N ARG A 24 10.67 6.21 0.37
CA ARG A 24 11.73 6.99 1.04
C ARG A 24 12.69 6.16 1.91
N ALA A 25 12.14 5.20 2.58
CA ALA A 25 12.81 4.40 3.59
C ALA A 25 13.28 3.06 3.06
N GLU A 26 13.50 2.99 1.73
CA GLU A 26 13.99 1.76 1.02
C GLU A 26 15.18 1.05 1.75
N GLY A 27 15.89 1.80 2.57
CA GLY A 27 16.92 1.23 3.37
C GLY A 27 18.25 1.24 2.67
N ALA A 28 18.37 0.38 1.68
CA ALA A 28 19.62 0.25 0.94
C ALA A 28 19.42 -0.61 -0.28
N THR A 29 18.97 -1.81 -0.04
CA THR A 29 18.84 -2.79 -1.06
C THR A 29 17.40 -3.08 -1.41
N GLU A 30 17.25 -3.78 -2.52
CA GLU A 30 15.99 -4.25 -3.06
C GLU A 30 15.23 -5.07 -2.01
N GLU A 31 15.96 -5.90 -1.27
CA GLU A 31 15.36 -6.74 -0.26
C GLU A 31 14.77 -5.95 0.90
N ASP A 32 15.41 -4.83 1.27
CA ASP A 32 14.96 -4.04 2.42
C ASP A 32 13.68 -3.30 2.04
N ASP A 33 13.66 -2.83 0.81
CA ASP A 33 12.50 -2.16 0.20
C ASP A 33 11.33 -3.13 0.11
N ASN A 34 11.62 -4.28 -0.49
CA ASN A 34 10.64 -5.33 -0.73
C ASN A 34 10.08 -5.86 0.59
N LYS A 35 10.90 -5.86 1.65
CA LYS A 35 10.52 -6.30 2.95
C LYS A 35 9.27 -5.53 3.42
N LEU A 36 9.29 -4.20 3.27
CA LEU A 36 8.13 -3.39 3.62
C LEU A 36 6.96 -3.77 2.74
N VAL A 37 7.23 -3.86 1.45
CA VAL A 37 6.22 -4.23 0.48
C VAL A 37 5.53 -5.54 0.89
N ARG A 38 6.33 -6.52 1.26
CA ARG A 38 5.83 -7.83 1.65
C ARG A 38 4.93 -7.79 2.87
N GLU A 39 5.25 -6.95 3.85
CA GLU A 39 4.43 -6.93 5.04
C GLU A 39 3.12 -6.23 4.76
N PHE A 40 3.16 -5.27 3.86
CA PHE A 40 2.00 -4.51 3.49
C PHE A 40 1.13 -5.25 2.48
N GLU A 41 1.75 -5.94 1.54
CA GLU A 41 1.04 -6.72 0.55
C GLU A 41 0.34 -7.93 1.12
N ARG A 42 0.87 -8.44 2.21
CA ARG A 42 0.25 -9.49 2.94
C ARG A 42 -1.07 -8.98 3.53
N LEU A 43 -1.01 -7.77 4.00
CA LEU A 43 -2.14 -7.08 4.61
C LEU A 43 -3.26 -6.81 3.60
N THR A 44 -2.90 -6.29 2.46
CA THR A 44 -3.85 -5.92 1.43
C THR A 44 -4.41 -7.09 0.69
N GLU A 45 -3.53 -8.03 0.38
CA GLU A 45 -3.77 -9.11 -0.47
C GLU A 45 -4.14 -8.53 -1.82
N HIS A 46 -3.35 -7.55 -2.22
CA HIS A 46 -3.58 -6.89 -3.43
C HIS A 46 -2.74 -7.55 -4.56
N PRO A 47 -3.37 -7.87 -5.68
CA PRO A 47 -2.77 -8.64 -6.78
C PRO A 47 -1.53 -8.07 -7.36
N ASP A 48 -1.53 -6.80 -7.51
CA ASP A 48 -0.48 -6.12 -8.17
C ASP A 48 0.08 -5.15 -7.21
N GLY A 49 -0.16 -5.42 -5.95
CA GLY A 49 0.24 -4.50 -4.86
C GLY A 49 1.67 -4.12 -4.89
N SER A 50 2.52 -5.07 -5.02
CA SER A 50 3.94 -4.78 -5.12
C SER A 50 4.19 -3.97 -6.40
N ASP A 51 3.59 -4.42 -7.49
CA ASP A 51 3.74 -3.79 -8.82
C ASP A 51 3.30 -2.34 -8.81
N LEU A 52 2.28 -2.03 -8.01
CA LEU A 52 1.72 -0.67 -7.87
C LEU A 52 2.80 0.32 -7.47
N ILE A 53 3.69 -0.16 -6.65
CA ILE A 53 4.72 0.69 -6.06
C ILE A 53 5.86 0.87 -7.04
N TYR A 54 6.04 -0.11 -7.87
CA TYR A 54 7.12 -0.14 -8.78
C TYR A 54 6.78 0.45 -10.14
N TYR A 55 5.56 0.24 -10.56
CA TYR A 55 5.12 0.71 -11.84
C TYR A 55 3.75 1.35 -11.71
N PRO A 56 3.62 2.66 -11.91
CA PRO A 56 2.32 3.29 -12.01
C PRO A 56 1.68 2.81 -13.33
N ARG A 57 0.37 2.70 -13.38
CA ARG A 57 -0.25 2.15 -14.57
C ARG A 57 -0.39 3.20 -15.68
N ASP A 58 -1.60 3.51 -16.07
CA ASP A 58 -1.84 4.57 -17.04
C ASP A 58 -2.74 5.62 -16.43
N ASP A 59 -3.84 5.14 -15.87
CA ASP A 59 -4.91 5.99 -15.32
C ASP A 59 -4.60 6.47 -13.92
N ARG A 60 -3.38 6.27 -13.46
CA ARG A 60 -3.05 6.67 -12.13
C ARG A 60 -2.20 7.88 -12.04
N GLU A 61 -2.35 8.54 -10.95
CA GLU A 61 -1.51 9.60 -10.56
C GLU A 61 -0.24 8.95 -10.06
N ASP A 62 0.89 9.46 -10.45
CA ASP A 62 2.16 8.87 -10.05
C ASP A 62 2.53 9.44 -8.72
N SER A 63 1.83 9.05 -7.70
CA SER A 63 2.14 9.52 -6.40
C SER A 63 1.83 8.46 -5.38
N PRO A 64 2.41 8.57 -4.16
CA PRO A 64 2.05 7.72 -3.03
C PRO A 64 0.52 7.70 -2.84
N GLU A 65 -0.13 8.85 -3.03
CA GLU A 65 -1.57 8.95 -2.87
C GLU A 65 -2.30 8.22 -4.00
N GLY A 66 -1.79 8.38 -5.21
CA GLY A 66 -2.36 7.73 -6.37
C GLY A 66 -2.23 6.21 -6.31
N ILE A 67 -1.13 5.75 -5.74
CA ILE A 67 -0.92 4.33 -5.55
C ILE A 67 -1.94 3.78 -4.55
N VAL A 68 -2.08 4.47 -3.43
CA VAL A 68 -3.04 4.08 -2.38
C VAL A 68 -4.45 4.06 -2.92
N LYS A 69 -4.69 4.91 -3.88
CA LYS A 69 -5.96 5.00 -4.50
C LYS A 69 -6.30 3.71 -5.21
N GLU A 70 -5.29 3.08 -5.78
CA GLU A 70 -5.48 1.87 -6.52
C GLU A 70 -5.94 0.79 -5.56
N ILE A 71 -5.26 0.70 -4.40
CA ILE A 71 -5.65 -0.24 -3.35
C ILE A 71 -7.09 0.03 -2.91
N LYS A 72 -7.40 1.31 -2.68
CA LYS A 72 -8.72 1.71 -2.25
C LYS A 72 -9.78 1.27 -3.19
N GLU A 73 -9.68 1.74 -4.40
CA GLU A 73 -10.71 1.54 -5.38
C GLU A 73 -10.87 0.08 -5.75
N TRP A 74 -9.80 -0.66 -5.63
CA TRP A 74 -9.82 -2.07 -5.91
C TRP A 74 -10.51 -2.83 -4.78
N ARG A 75 -10.03 -2.66 -3.54
CA ARG A 75 -10.58 -3.41 -2.41
C ARG A 75 -12.01 -3.04 -2.13
N ALA A 76 -12.31 -1.76 -2.35
CA ALA A 76 -13.64 -1.23 -2.15
C ALA A 76 -14.63 -1.86 -3.13
N ALA A 77 -14.18 -2.08 -4.37
CA ALA A 77 -15.02 -2.68 -5.41
C ALA A 77 -15.02 -4.20 -5.32
N ASN A 78 -13.94 -4.74 -4.83
CA ASN A 78 -13.74 -6.19 -4.78
C ASN A 78 -14.30 -6.81 -3.50
N GLY A 79 -14.99 -6.00 -2.71
CA GLY A 79 -15.65 -6.49 -1.51
C GLY A 79 -14.69 -6.92 -0.42
N LYS A 80 -13.54 -6.30 -0.38
CA LYS A 80 -12.58 -6.61 0.61
C LYS A 80 -12.69 -5.64 1.78
N SER A 81 -11.74 -5.71 2.67
CA SER A 81 -11.72 -4.87 3.82
C SER A 81 -11.34 -3.44 3.41
N GLY A 82 -11.41 -2.53 4.36
CA GLY A 82 -11.12 -1.16 4.09
C GLY A 82 -10.05 -0.65 5.01
N PHE A 83 -10.12 0.59 5.36
CA PHE A 83 -9.24 1.18 6.29
C PHE A 83 -10.04 1.57 7.50
N LYS A 84 -9.39 1.90 8.58
CA LYS A 84 -10.07 2.30 9.77
C LYS A 84 -10.76 3.62 9.55
N GLN A 85 -11.97 3.69 10.00
CA GLN A 85 -12.83 4.82 9.88
C GLN A 85 -12.52 5.87 10.96
N GLY A 86 -11.25 6.09 11.18
CA GLY A 86 -10.80 7.02 12.16
C GLY A 86 -10.42 8.31 11.52
N GLU A 2 4.91 1.64 15.74
CA GLU A 2 3.69 0.95 16.14
C GLU A 2 3.53 -0.32 15.30
N LEU A 3 2.79 -1.28 15.82
CA LEU A 3 2.44 -2.47 15.12
C LEU A 3 0.95 -2.55 14.96
N LYS A 4 0.52 -3.21 13.95
CA LYS A 4 -0.88 -3.33 13.62
C LYS A 4 -1.30 -4.77 13.59
N HIS A 5 -2.53 -5.02 13.19
CA HIS A 5 -2.97 -6.37 13.01
C HIS A 5 -3.34 -6.62 11.53
N SER A 6 -3.69 -5.55 10.79
CA SER A 6 -4.14 -5.70 9.41
C SER A 6 -4.09 -4.35 8.68
N ILE A 7 -4.65 -4.33 7.46
CA ILE A 7 -4.80 -3.10 6.68
C ILE A 7 -5.87 -2.21 7.32
N SER A 8 -6.84 -2.83 7.98
CA SER A 8 -7.95 -2.12 8.58
C SER A 8 -7.52 -1.49 9.92
N ASP A 9 -6.32 -1.80 10.35
CA ASP A 9 -5.75 -1.20 11.57
C ASP A 9 -5.24 0.18 11.21
N TYR A 10 -4.83 0.33 9.97
CA TYR A 10 -4.31 1.57 9.47
C TYR A 10 -5.45 2.44 9.00
N THR A 11 -5.34 3.72 9.26
CA THR A 11 -6.25 4.64 8.66
C THR A 11 -5.77 4.86 7.24
N GLU A 12 -6.60 5.44 6.40
CA GLU A 12 -6.24 5.68 5.01
C GLU A 12 -4.96 6.53 4.93
N ALA A 13 -4.83 7.45 5.86
CA ALA A 13 -3.67 8.33 5.91
C ALA A 13 -2.40 7.57 6.34
N GLU A 14 -2.51 6.74 7.38
CA GLU A 14 -1.34 5.96 7.88
C GLU A 14 -0.97 4.89 6.88
N PHE A 15 -1.95 4.42 6.15
CA PHE A 15 -1.74 3.47 5.11
C PHE A 15 -1.12 4.17 3.94
N LEU A 16 -1.48 5.39 3.75
CA LEU A 16 -0.92 6.16 2.67
C LEU A 16 0.53 6.50 3.01
N GLU A 17 0.82 6.44 4.24
CA GLU A 17 2.17 6.54 4.70
C GLU A 17 2.93 5.21 4.40
N PHE A 18 2.19 4.07 4.20
CA PHE A 18 2.83 2.74 3.87
C PHE A 18 3.67 2.95 2.68
N VAL A 19 3.06 3.52 1.71
CA VAL A 19 3.64 3.72 0.44
C VAL A 19 4.70 4.81 0.47
N LYS A 20 4.42 5.90 1.17
CA LYS A 20 5.38 6.99 1.29
C LYS A 20 6.66 6.50 1.97
N LYS A 21 6.47 5.63 2.95
CA LYS A 21 7.55 4.97 3.66
C LYS A 21 8.36 4.14 2.69
N ILE A 22 7.67 3.40 1.83
CA ILE A 22 8.35 2.58 0.83
C ILE A 22 9.09 3.45 -0.19
N CYS A 23 8.48 4.56 -0.56
CA CYS A 23 9.08 5.52 -1.46
C CYS A 23 10.43 6.03 -0.90
N ARG A 24 10.50 6.18 0.42
CA ARG A 24 11.70 6.64 1.11
C ARG A 24 12.50 5.48 1.73
N ALA A 25 12.08 4.27 1.42
CA ALA A 25 12.64 3.02 1.97
C ALA A 25 13.96 2.61 1.35
N GLU A 26 14.70 3.60 0.80
CA GLU A 26 16.00 3.43 0.11
C GLU A 26 16.80 2.24 0.68
N GLY A 27 16.93 2.20 2.01
CA GLY A 27 17.42 1.04 2.72
C GLY A 27 18.84 0.64 2.47
N ALA A 28 19.20 -0.49 3.03
CA ALA A 28 20.53 -1.03 2.90
C ALA A 28 20.59 -1.99 1.74
N THR A 29 19.54 -2.72 1.56
CA THR A 29 19.44 -3.70 0.53
C THR A 29 17.99 -3.64 0.05
N GLU A 30 17.73 -4.07 -1.17
CA GLU A 30 16.37 -3.97 -1.72
C GLU A 30 15.41 -4.95 -1.07
N GLU A 31 15.95 -5.86 -0.28
CA GLU A 31 15.13 -6.77 0.47
C GLU A 31 14.47 -6.02 1.62
N ASP A 32 15.05 -4.87 1.95
CA ASP A 32 14.51 -4.05 2.99
C ASP A 32 13.29 -3.32 2.49
N ASP A 33 13.39 -2.84 1.26
CA ASP A 33 12.26 -2.21 0.56
C ASP A 33 11.14 -3.22 0.46
N ASN A 34 11.47 -4.33 -0.19
CA ASN A 34 10.51 -5.38 -0.49
C ASN A 34 9.88 -5.99 0.72
N LYS A 35 10.57 -6.06 1.86
CA LYS A 35 9.95 -6.67 3.02
C LYS A 35 8.85 -5.76 3.55
N LEU A 36 9.04 -4.44 3.40
CA LEU A 36 8.00 -3.52 3.81
C LEU A 36 6.86 -3.72 2.87
N VAL A 37 7.19 -3.73 1.60
CA VAL A 37 6.25 -3.95 0.52
C VAL A 37 5.44 -5.21 0.77
N ARG A 38 6.09 -6.29 1.07
CA ARG A 38 5.43 -7.56 1.27
C ARG A 38 4.55 -7.60 2.49
N GLU A 39 4.95 -6.97 3.61
CA GLU A 39 4.08 -7.02 4.79
C GLU A 39 2.82 -6.23 4.48
N PHE A 40 2.99 -5.14 3.75
CA PHE A 40 1.90 -4.31 3.35
C PHE A 40 1.07 -4.98 2.27
N GLU A 41 1.74 -5.74 1.40
CA GLU A 41 1.08 -6.45 0.32
C GLU A 41 0.25 -7.63 0.84
N ARG A 42 0.60 -8.14 1.98
CA ARG A 42 -0.20 -9.19 2.59
C ARG A 42 -1.43 -8.58 3.24
N LEU A 43 -1.36 -7.31 3.50
CA LEU A 43 -2.47 -6.56 4.04
C LEU A 43 -3.40 -6.16 2.89
N THR A 44 -2.81 -5.65 1.82
CA THR A 44 -3.55 -5.22 0.64
C THR A 44 -4.14 -6.38 -0.10
N GLU A 45 -3.36 -7.48 -0.16
CA GLU A 45 -3.74 -8.73 -0.81
C GLU A 45 -4.00 -8.46 -2.28
N HIS A 46 -3.25 -7.52 -2.82
CA HIS A 46 -3.50 -7.04 -4.13
C HIS A 46 -2.47 -7.61 -5.14
N PRO A 47 -2.96 -8.25 -6.22
CA PRO A 47 -2.14 -8.80 -7.31
C PRO A 47 -0.94 -7.93 -7.74
N ASP A 48 -1.18 -6.64 -7.82
CA ASP A 48 -0.23 -5.70 -8.35
C ASP A 48 0.27 -4.87 -7.24
N GLY A 49 -0.06 -5.24 -6.04
CA GLY A 49 0.34 -4.48 -4.82
C GLY A 49 1.76 -4.05 -4.80
N SER A 50 2.64 -4.93 -5.10
CA SER A 50 4.03 -4.54 -5.16
C SER A 50 4.30 -3.70 -6.44
N ASP A 51 3.69 -4.11 -7.55
CA ASP A 51 3.83 -3.43 -8.84
C ASP A 51 3.30 -2.01 -8.83
N LEU A 52 2.34 -1.74 -7.96
CA LEU A 52 1.74 -0.39 -7.80
C LEU A 52 2.81 0.57 -7.37
N ILE A 53 3.70 0.08 -6.55
CA ILE A 53 4.74 0.90 -5.95
C ILE A 53 5.93 1.01 -6.90
N TYR A 54 6.07 0.02 -7.71
CA TYR A 54 7.19 -0.07 -8.60
C TYR A 54 6.90 0.50 -9.98
N TYR A 55 5.69 0.32 -10.45
CA TYR A 55 5.33 0.72 -11.77
C TYR A 55 4.02 1.49 -11.75
N PRO A 56 3.96 2.58 -12.46
CA PRO A 56 2.72 3.30 -12.66
C PRO A 56 1.85 2.55 -13.68
N ARG A 57 0.55 2.69 -13.57
CA ARG A 57 -0.31 2.06 -14.55
C ARG A 57 -0.65 3.01 -15.71
N ASP A 58 -1.90 3.33 -15.86
CA ASP A 58 -2.35 4.18 -16.95
C ASP A 58 -3.06 5.43 -16.46
N ASP A 59 -4.17 5.19 -15.78
CA ASP A 59 -5.09 6.27 -15.36
C ASP A 59 -4.69 6.79 -14.01
N ARG A 60 -3.99 5.97 -13.28
CA ARG A 60 -3.63 6.22 -11.94
C ARG A 60 -2.71 7.41 -11.79
N GLU A 61 -2.90 8.11 -10.72
CA GLU A 61 -2.00 9.14 -10.30
C GLU A 61 -0.82 8.42 -9.70
N ASP A 62 0.34 8.65 -10.20
CA ASP A 62 1.46 7.90 -9.69
C ASP A 62 2.10 8.67 -8.58
N SER A 63 1.50 8.51 -7.46
CA SER A 63 1.87 9.16 -6.26
C SER A 63 1.53 8.20 -5.15
N PRO A 64 2.16 8.35 -3.97
CA PRO A 64 1.75 7.65 -2.75
C PRO A 64 0.20 7.70 -2.60
N GLU A 65 -0.39 8.82 -3.02
CA GLU A 65 -1.84 9.02 -2.91
C GLU A 65 -2.61 8.18 -3.96
N GLY A 66 -1.98 7.93 -5.09
CA GLY A 66 -2.66 7.19 -6.15
C GLY A 66 -2.45 5.70 -6.03
N ILE A 67 -1.37 5.32 -5.38
CA ILE A 67 -1.10 3.91 -5.12
C ILE A 67 -2.12 3.37 -4.10
N VAL A 68 -2.34 4.14 -3.06
CA VAL A 68 -3.39 3.89 -2.08
C VAL A 68 -4.76 3.91 -2.76
N LYS A 69 -4.88 4.75 -3.77
CA LYS A 69 -6.11 4.86 -4.51
C LYS A 69 -6.45 3.56 -5.18
N GLU A 70 -5.44 2.91 -5.72
CA GLU A 70 -5.58 1.62 -6.37
C GLU A 70 -6.14 0.64 -5.39
N ILE A 71 -5.58 0.68 -4.19
CA ILE A 71 -5.99 -0.21 -3.11
C ILE A 71 -7.46 0.03 -2.81
N LYS A 72 -7.84 1.30 -2.74
CA LYS A 72 -9.17 1.69 -2.48
C LYS A 72 -10.10 1.22 -3.54
N GLU A 73 -9.85 1.63 -4.77
CA GLU A 73 -10.75 1.32 -5.85
C GLU A 73 -10.87 -0.17 -6.09
N TRP A 74 -9.79 -0.87 -5.92
CA TRP A 74 -9.77 -2.29 -6.10
C TRP A 74 -10.47 -3.02 -4.91
N ARG A 75 -9.99 -2.80 -3.68
CA ARG A 75 -10.52 -3.51 -2.51
C ARG A 75 -11.95 -3.13 -2.20
N ALA A 76 -12.31 -1.89 -2.47
CA ALA A 76 -13.67 -1.45 -2.24
C ALA A 76 -14.61 -2.03 -3.30
N ALA A 77 -14.06 -2.43 -4.44
CA ALA A 77 -14.87 -3.00 -5.53
C ALA A 77 -15.07 -4.45 -5.27
N ASN A 78 -14.03 -5.07 -4.73
CA ASN A 78 -14.03 -6.46 -4.39
C ASN A 78 -15.02 -6.73 -3.26
N GLY A 79 -15.14 -5.78 -2.37
CA GLY A 79 -15.94 -5.95 -1.20
C GLY A 79 -15.09 -6.41 -0.06
N LYS A 80 -13.84 -6.00 -0.10
CA LYS A 80 -12.87 -6.36 0.89
C LYS A 80 -12.90 -5.38 2.04
N SER A 81 -12.10 -5.66 3.02
CA SER A 81 -11.96 -4.84 4.18
C SER A 81 -11.23 -3.55 3.81
N GLY A 82 -11.54 -2.50 4.51
CA GLY A 82 -10.97 -1.22 4.20
C GLY A 82 -10.03 -0.76 5.25
N PHE A 83 -9.91 0.53 5.38
CA PHE A 83 -9.02 1.11 6.33
C PHE A 83 -9.79 1.37 7.63
N LYS A 84 -9.09 1.82 8.64
CA LYS A 84 -9.72 2.21 9.87
C LYS A 84 -10.47 3.50 9.64
N GLN A 85 -11.70 3.51 10.06
CA GLN A 85 -12.64 4.63 9.92
C GLN A 85 -12.28 5.86 10.80
N GLY A 86 -11.03 6.26 10.77
CA GLY A 86 -10.59 7.41 11.50
C GLY A 86 -10.83 8.67 10.70
N GLU A 2 5.71 -1.16 14.24
CA GLU A 2 4.52 -1.18 15.07
C GLU A 2 3.83 -2.49 14.84
N LEU A 3 3.00 -2.91 15.77
CA LEU A 3 2.30 -4.14 15.60
C LEU A 3 0.80 -3.94 15.59
N LYS A 4 0.27 -4.01 14.40
CA LYS A 4 -1.16 -3.96 14.12
C LYS A 4 -1.77 -5.35 14.31
N HIS A 5 -2.99 -5.50 13.81
CA HIS A 5 -3.66 -6.78 13.77
C HIS A 5 -4.23 -7.05 12.35
N SER A 6 -4.26 -6.01 11.50
CA SER A 6 -4.78 -6.13 10.13
C SER A 6 -4.55 -4.84 9.36
N ILE A 7 -4.99 -4.81 8.10
CA ILE A 7 -4.92 -3.60 7.28
C ILE A 7 -5.94 -2.59 7.82
N SER A 8 -6.99 -3.09 8.48
CA SER A 8 -8.02 -2.25 9.03
C SER A 8 -7.50 -1.44 10.22
N ASP A 9 -6.34 -1.82 10.76
CA ASP A 9 -5.76 -1.02 11.82
C ASP A 9 -5.08 0.23 11.24
N TYR A 10 -4.79 0.20 9.97
CA TYR A 10 -4.20 1.33 9.30
C TYR A 10 -5.28 2.27 8.84
N THR A 11 -5.08 3.52 9.06
CA THR A 11 -5.96 4.49 8.51
C THR A 11 -5.54 4.73 7.08
N GLU A 12 -6.35 5.40 6.30
CA GLU A 12 -6.02 5.64 4.91
C GLU A 12 -4.74 6.47 4.83
N ALA A 13 -4.61 7.41 5.75
CA ALA A 13 -3.43 8.26 5.83
C ALA A 13 -2.18 7.47 6.21
N GLU A 14 -2.28 6.63 7.25
CA GLU A 14 -1.14 5.80 7.70
C GLU A 14 -0.78 4.75 6.68
N PHE A 15 -1.76 4.28 5.96
CA PHE A 15 -1.54 3.34 4.88
C PHE A 15 -0.91 4.07 3.73
N LEU A 16 -1.26 5.29 3.54
CA LEU A 16 -0.68 6.08 2.49
C LEU A 16 0.76 6.35 2.85
N GLU A 17 1.03 6.33 4.12
CA GLU A 17 2.36 6.47 4.59
C GLU A 17 3.17 5.18 4.25
N PHE A 18 2.47 4.03 4.02
CA PHE A 18 3.13 2.75 3.64
C PHE A 18 3.95 3.02 2.42
N VAL A 19 3.27 3.51 1.46
CA VAL A 19 3.82 3.71 0.16
C VAL A 19 4.79 4.88 0.14
N LYS A 20 4.47 5.92 0.89
CA LYS A 20 5.34 7.06 1.00
C LYS A 20 6.67 6.61 1.56
N LYS A 21 6.61 5.82 2.62
CA LYS A 21 7.79 5.30 3.30
C LYS A 21 8.64 4.50 2.34
N ILE A 22 8.00 3.64 1.57
CA ILE A 22 8.72 2.82 0.60
C ILE A 22 9.36 3.73 -0.46
N CYS A 23 8.69 4.81 -0.80
CA CYS A 23 9.17 5.74 -1.79
C CYS A 23 10.31 6.64 -1.24
N ARG A 24 10.15 7.16 -0.03
CA ARG A 24 11.09 8.16 0.53
C ARG A 24 12.17 7.57 1.43
N ALA A 25 11.84 6.52 2.10
CA ALA A 25 12.71 5.86 3.05
C ALA A 25 13.14 4.52 2.51
N GLU A 26 13.10 4.40 1.17
CA GLU A 26 13.14 3.14 0.37
C GLU A 26 13.73 1.97 1.11
N GLY A 27 15.01 1.99 1.34
CA GLY A 27 15.59 0.91 2.01
C GLY A 27 17.07 0.89 2.00
N ALA A 28 17.62 0.09 2.86
CA ALA A 28 19.05 -0.10 2.96
C ALA A 28 19.53 -1.02 1.84
N THR A 29 18.63 -1.81 1.32
CA THR A 29 18.86 -2.75 0.25
C THR A 29 17.49 -3.07 -0.32
N GLU A 30 17.45 -3.62 -1.52
CA GLU A 30 16.22 -3.97 -2.21
C GLU A 30 15.34 -4.89 -1.34
N GLU A 31 15.97 -5.83 -0.64
CA GLU A 31 15.27 -6.72 0.28
C GLU A 31 14.64 -5.95 1.45
N ASP A 32 15.23 -4.82 1.81
CA ASP A 32 14.78 -3.98 2.92
C ASP A 32 13.53 -3.22 2.50
N ASP A 33 13.50 -2.77 1.24
CA ASP A 33 12.29 -2.17 0.63
C ASP A 33 11.21 -3.25 0.64
N ASN A 34 11.62 -4.38 0.11
CA ASN A 34 10.78 -5.52 -0.15
C ASN A 34 10.08 -6.05 1.09
N LYS A 35 10.76 -6.09 2.22
CA LYS A 35 10.14 -6.60 3.44
C LYS A 35 9.00 -5.70 3.91
N LEU A 36 9.06 -4.41 3.56
CA LEU A 36 7.94 -3.53 3.85
C LEU A 36 6.84 -3.86 2.91
N VAL A 37 7.19 -3.89 1.62
CA VAL A 37 6.26 -4.19 0.54
C VAL A 37 5.48 -5.47 0.82
N ARG A 38 6.18 -6.52 1.21
CA ARG A 38 5.56 -7.80 1.46
C ARG A 38 4.50 -7.77 2.55
N GLU A 39 4.76 -7.05 3.66
CA GLU A 39 3.81 -7.06 4.75
C GLU A 39 2.58 -6.26 4.35
N PHE A 40 2.82 -5.17 3.64
CA PHE A 40 1.76 -4.31 3.18
C PHE A 40 0.92 -5.02 2.12
N GLU A 41 1.59 -5.74 1.25
CA GLU A 41 0.95 -6.49 0.22
C GLU A 41 0.21 -7.73 0.70
N ARG A 42 0.51 -8.16 1.91
CA ARG A 42 -0.22 -9.26 2.52
C ARG A 42 -1.50 -8.70 3.12
N LEU A 43 -1.43 -7.44 3.46
CA LEU A 43 -2.54 -6.70 4.01
C LEU A 43 -3.57 -6.41 2.93
N THR A 44 -3.10 -5.94 1.84
CA THR A 44 -3.92 -5.55 0.73
C THR A 44 -4.32 -6.75 -0.10
N GLU A 45 -3.35 -7.69 -0.27
CA GLU A 45 -3.48 -8.86 -1.12
C GLU A 45 -3.71 -8.36 -2.53
N HIS A 46 -3.16 -7.20 -2.79
CA HIS A 46 -3.39 -6.53 -4.01
C HIS A 46 -2.51 -7.13 -5.13
N PRO A 47 -3.14 -7.49 -6.24
CA PRO A 47 -2.50 -8.22 -7.36
C PRO A 47 -1.34 -7.53 -7.97
N ASP A 48 -1.42 -6.26 -8.01
CA ASP A 48 -0.42 -5.49 -8.64
C ASP A 48 0.17 -4.62 -7.59
N GLY A 49 -0.09 -4.97 -6.34
CA GLY A 49 0.32 -4.13 -5.20
C GLY A 49 1.76 -3.83 -5.12
N SER A 50 2.55 -4.85 -5.19
CA SER A 50 3.98 -4.66 -5.15
C SER A 50 4.43 -3.88 -6.39
N ASP A 51 3.79 -4.20 -7.50
CA ASP A 51 4.04 -3.60 -8.79
C ASP A 51 3.65 -2.13 -8.82
N LEU A 52 2.63 -1.76 -8.03
CA LEU A 52 2.14 -0.37 -7.93
C LEU A 52 3.25 0.54 -7.50
N ILE A 53 4.07 0.03 -6.64
CA ILE A 53 5.13 0.79 -6.02
C ILE A 53 6.27 0.93 -6.99
N TYR A 54 6.50 -0.13 -7.70
CA TYR A 54 7.57 -0.21 -8.63
C TYR A 54 7.24 0.53 -9.93
N TYR A 55 6.06 0.29 -10.43
CA TYR A 55 5.60 0.85 -11.68
C TYR A 55 4.14 1.29 -11.52
N PRO A 56 3.89 2.58 -11.25
CA PRO A 56 2.53 3.12 -11.22
C PRO A 56 1.85 2.91 -12.57
N ARG A 57 0.98 1.88 -12.58
CA ARG A 57 0.32 1.25 -13.75
C ARG A 57 0.25 2.07 -15.06
N ASP A 58 -0.95 2.41 -15.47
CA ASP A 58 -1.14 3.20 -16.70
C ASP A 58 -1.88 4.50 -16.44
N ASP A 59 -3.16 4.37 -16.11
CA ASP A 59 -4.06 5.53 -15.93
C ASP A 59 -3.92 6.11 -14.56
N ARG A 60 -3.31 5.36 -13.68
CA ARG A 60 -3.19 5.74 -12.35
C ARG A 60 -2.07 6.73 -12.16
N GLU A 61 -2.38 7.70 -11.36
CA GLU A 61 -1.48 8.76 -10.97
C GLU A 61 -0.24 8.21 -10.27
N ASP A 62 0.88 8.85 -10.49
CA ASP A 62 2.11 8.49 -9.82
C ASP A 62 2.18 9.29 -8.55
N SER A 63 1.52 8.85 -7.54
CA SER A 63 1.59 9.50 -6.29
C SER A 63 1.41 8.45 -5.20
N PRO A 64 1.90 8.73 -3.97
CA PRO A 64 1.65 7.88 -2.82
C PRO A 64 0.13 7.60 -2.69
N GLU A 65 -0.66 8.64 -2.91
CA GLU A 65 -2.11 8.51 -2.82
C GLU A 65 -2.64 7.65 -3.97
N GLY A 66 -2.12 7.87 -5.16
CA GLY A 66 -2.55 7.13 -6.34
C GLY A 66 -2.43 5.63 -6.17
N ILE A 67 -1.37 5.20 -5.55
CA ILE A 67 -1.16 3.78 -5.29
C ILE A 67 -2.23 3.24 -4.31
N VAL A 68 -2.43 3.96 -3.23
CA VAL A 68 -3.47 3.68 -2.23
C VAL A 68 -4.86 3.73 -2.88
N LYS A 69 -5.01 4.61 -3.86
CA LYS A 69 -6.25 4.78 -4.57
C LYS A 69 -6.61 3.52 -5.32
N GLU A 70 -5.61 2.87 -5.92
CA GLU A 70 -5.80 1.59 -6.57
C GLU A 70 -6.23 0.56 -5.55
N ILE A 71 -5.66 0.64 -4.36
CA ILE A 71 -6.02 -0.26 -3.27
C ILE A 71 -7.48 -0.03 -2.89
N LYS A 72 -7.87 1.25 -2.78
CA LYS A 72 -9.20 1.62 -2.43
C LYS A 72 -10.18 1.16 -3.47
N GLU A 73 -9.99 1.63 -4.68
CA GLU A 73 -10.94 1.40 -5.74
C GLU A 73 -11.09 -0.08 -6.04
N TRP A 74 -10.01 -0.82 -5.97
CA TRP A 74 -10.06 -2.23 -6.22
C TRP A 74 -10.72 -2.95 -5.02
N ARG A 75 -10.20 -2.76 -3.82
CA ARG A 75 -10.70 -3.48 -2.64
C ARG A 75 -12.11 -3.09 -2.25
N ALA A 76 -12.44 -1.83 -2.39
CA ALA A 76 -13.75 -1.35 -2.05
C ALA A 76 -14.80 -1.86 -3.05
N ALA A 77 -14.35 -2.13 -4.29
CA ALA A 77 -15.24 -2.63 -5.34
C ALA A 77 -15.38 -4.12 -5.22
N ASN A 78 -14.33 -4.72 -4.70
CA ASN A 78 -14.28 -6.14 -4.49
C ASN A 78 -15.07 -6.58 -3.28
N GLY A 79 -15.47 -5.62 -2.47
CA GLY A 79 -16.19 -5.94 -1.26
C GLY A 79 -15.25 -6.49 -0.21
N LYS A 80 -14.03 -5.97 -0.21
CA LYS A 80 -13.02 -6.37 0.71
C LYS A 80 -13.01 -5.44 1.90
N SER A 81 -12.09 -5.67 2.79
CA SER A 81 -11.96 -4.91 4.00
C SER A 81 -11.49 -3.47 3.69
N GLY A 82 -11.62 -2.60 4.67
CA GLY A 82 -11.32 -1.21 4.48
C GLY A 82 -10.38 -0.69 5.54
N PHE A 83 -10.01 0.58 5.42
CA PHE A 83 -9.09 1.21 6.32
C PHE A 83 -9.82 1.83 7.49
N LYS A 84 -9.08 2.15 8.52
CA LYS A 84 -9.61 2.79 9.68
C LYS A 84 -9.75 4.28 9.43
N GLN A 85 -10.70 4.88 10.04
CA GLN A 85 -10.83 6.30 10.02
C GLN A 85 -10.71 6.83 11.45
N GLY A 86 -9.51 7.20 11.79
CA GLY A 86 -9.20 7.66 13.12
C GLY A 86 -7.71 7.77 13.27
N GLU A 2 5.60 -0.95 16.94
CA GLU A 2 4.21 -0.79 16.61
C GLU A 2 3.70 -2.08 16.00
N LEU A 3 2.48 -2.42 16.30
CA LEU A 3 1.83 -3.58 15.77
C LEU A 3 0.35 -3.33 15.62
N LYS A 4 -0.19 -3.86 14.58
CA LYS A 4 -1.58 -3.70 14.25
C LYS A 4 -2.27 -5.05 14.28
N HIS A 5 -3.58 -5.05 14.21
CA HIS A 5 -4.27 -6.32 14.19
C HIS A 5 -4.60 -6.76 12.73
N SER A 6 -4.69 -5.78 11.82
CA SER A 6 -5.06 -6.06 10.43
C SER A 6 -4.72 -4.84 9.57
N ILE A 7 -5.11 -4.86 8.29
CA ILE A 7 -4.94 -3.68 7.45
C ILE A 7 -5.94 -2.59 7.86
N SER A 8 -7.10 -3.00 8.37
CA SER A 8 -8.14 -2.06 8.78
C SER A 8 -7.75 -1.33 10.06
N ASP A 9 -6.66 -1.78 10.66
CA ASP A 9 -6.11 -1.12 11.83
C ASP A 9 -5.50 0.19 11.38
N TYR A 10 -4.94 0.16 10.16
CA TYR A 10 -4.32 1.30 9.56
C TYR A 10 -5.36 2.26 9.09
N THR A 11 -5.13 3.50 9.38
CA THR A 11 -5.95 4.54 8.87
C THR A 11 -5.52 4.75 7.42
N GLU A 12 -6.40 5.26 6.61
CA GLU A 12 -6.15 5.47 5.20
C GLU A 12 -4.88 6.28 4.97
N ALA A 13 -4.71 7.36 5.75
CA ALA A 13 -3.52 8.20 5.63
C ALA A 13 -2.24 7.46 6.08
N GLU A 14 -2.37 6.60 7.08
CA GLU A 14 -1.24 5.81 7.62
C GLU A 14 -0.76 4.82 6.59
N PHE A 15 -1.71 4.24 5.91
CA PHE A 15 -1.41 3.31 4.86
C PHE A 15 -0.90 4.07 3.67
N LEU A 16 -1.37 5.24 3.48
CA LEU A 16 -0.87 6.05 2.40
C LEU A 16 0.58 6.46 2.67
N GLU A 17 0.93 6.47 3.90
CA GLU A 17 2.30 6.63 4.27
C GLU A 17 3.09 5.33 4.02
N PHE A 18 2.40 4.16 3.90
CA PHE A 18 3.08 2.83 3.60
C PHE A 18 3.92 3.02 2.37
N VAL A 19 3.30 3.57 1.39
CA VAL A 19 3.89 3.72 0.10
C VAL A 19 4.96 4.81 0.11
N LYS A 20 4.73 5.85 0.87
CA LYS A 20 5.70 6.91 0.97
C LYS A 20 6.94 6.40 1.73
N LYS A 21 6.69 5.53 2.69
CA LYS A 21 7.71 4.85 3.48
C LYS A 21 8.54 3.95 2.56
N ILE A 22 7.88 3.37 1.58
CA ILE A 22 8.54 2.53 0.59
C ILE A 22 9.33 3.38 -0.40
N CYS A 23 8.81 4.54 -0.71
CA CYS A 23 9.48 5.46 -1.61
C CYS A 23 10.80 5.94 -0.98
N ARG A 24 10.83 6.03 0.34
CA ARG A 24 12.03 6.44 1.07
C ARG A 24 12.78 5.21 1.65
N ALA A 25 12.32 4.01 1.28
CA ALA A 25 12.79 2.71 1.82
C ALA A 25 14.18 2.30 1.37
N GLU A 26 15.01 3.26 0.98
CA GLU A 26 16.41 3.02 0.63
C GLU A 26 17.03 2.07 1.66
N GLY A 27 16.86 2.43 2.95
CA GLY A 27 17.27 1.62 4.07
C GLY A 27 18.67 1.10 3.97
N ALA A 28 18.83 -0.17 4.23
CA ALA A 28 20.11 -0.81 4.10
C ALA A 28 20.37 -1.19 2.65
N THR A 29 19.37 -1.77 2.02
CA THR A 29 19.42 -2.21 0.63
C THR A 29 17.96 -2.29 0.14
N GLU A 30 17.73 -2.39 -1.17
CA GLU A 30 16.36 -2.34 -1.73
C GLU A 30 15.52 -3.59 -1.39
N GLU A 31 16.14 -4.56 -0.76
CA GLU A 31 15.42 -5.71 -0.27
C GLU A 31 14.56 -5.31 0.93
N ASP A 32 15.00 -4.29 1.69
CA ASP A 32 14.27 -3.78 2.87
C ASP A 32 12.97 -3.15 2.36
N ASP A 33 13.10 -2.53 1.21
CA ASP A 33 11.99 -1.93 0.44
C ASP A 33 10.96 -3.01 0.13
N ASN A 34 11.42 -4.04 -0.58
CA ASN A 34 10.58 -5.18 -0.99
C ASN A 34 10.01 -5.87 0.25
N LYS A 35 10.79 -5.92 1.31
CA LYS A 35 10.43 -6.51 2.56
C LYS A 35 9.20 -5.81 3.15
N LEU A 36 9.18 -4.48 3.06
CA LEU A 36 8.03 -3.69 3.51
C LEU A 36 6.87 -4.00 2.62
N VAL A 37 7.13 -3.99 1.33
CA VAL A 37 6.13 -4.28 0.32
C VAL A 37 5.43 -5.62 0.61
N ARG A 38 6.22 -6.63 0.93
CA ARG A 38 5.70 -7.97 1.17
C ARG A 38 4.74 -8.03 2.36
N GLU A 39 5.02 -7.28 3.41
CA GLU A 39 4.15 -7.34 4.58
C GLU A 39 2.86 -6.59 4.29
N PHE A 40 2.98 -5.46 3.61
CA PHE A 40 1.84 -4.67 3.26
C PHE A 40 0.96 -5.37 2.24
N GLU A 41 1.58 -6.04 1.29
CA GLU A 41 0.87 -6.77 0.26
C GLU A 41 0.13 -7.99 0.75
N ARG A 42 0.46 -8.47 1.91
CA ARG A 42 -0.27 -9.58 2.53
C ARG A 42 -1.44 -9.04 3.31
N LEU A 43 -1.35 -7.78 3.65
CA LEU A 43 -2.41 -7.10 4.36
C LEU A 43 -3.49 -6.69 3.38
N THR A 44 -3.07 -6.31 2.20
CA THR A 44 -3.97 -5.88 1.15
C THR A 44 -4.52 -7.04 0.39
N GLU A 45 -3.65 -8.07 0.24
CA GLU A 45 -3.91 -9.23 -0.58
C GLU A 45 -4.03 -8.77 -2.02
N HIS A 46 -3.37 -7.66 -2.31
CA HIS A 46 -3.49 -7.02 -3.57
C HIS A 46 -2.58 -7.73 -4.61
N PRO A 47 -3.08 -7.93 -5.82
CA PRO A 47 -2.37 -8.64 -6.90
C PRO A 47 -1.19 -7.93 -7.45
N ASP A 48 -1.34 -6.66 -7.64
CA ASP A 48 -0.34 -5.91 -8.30
C ASP A 48 0.19 -4.94 -7.35
N GLY A 49 -0.03 -5.20 -6.09
CA GLY A 49 0.35 -4.23 -5.03
C GLY A 49 1.78 -3.87 -5.02
N SER A 50 2.60 -4.86 -5.12
CA SER A 50 4.03 -4.61 -5.18
C SER A 50 4.34 -3.82 -6.46
N ASP A 51 3.72 -4.25 -7.56
CA ASP A 51 3.89 -3.62 -8.86
C ASP A 51 3.39 -2.19 -8.88
N LEU A 52 2.38 -1.88 -8.07
CA LEU A 52 1.80 -0.52 -7.97
C LEU A 52 2.86 0.50 -7.62
N ILE A 53 3.77 0.06 -6.80
CA ILE A 53 4.80 0.91 -6.26
C ILE A 53 5.87 1.12 -7.29
N TYR A 54 6.23 0.05 -7.90
CA TYR A 54 7.29 0.02 -8.83
C TYR A 54 6.87 0.57 -10.19
N TYR A 55 5.68 0.22 -10.61
CA TYR A 55 5.16 0.56 -11.91
C TYR A 55 3.72 1.07 -11.79
N PRO A 56 3.54 2.38 -11.69
CA PRO A 56 2.21 3.00 -11.68
C PRO A 56 1.48 2.73 -13.02
N ARG A 57 0.15 2.72 -13.03
CA ARG A 57 -0.52 2.28 -14.24
C ARG A 57 -0.74 3.39 -15.30
N ASP A 58 -1.99 3.66 -15.63
CA ASP A 58 -2.31 4.61 -16.70
C ASP A 58 -3.19 5.75 -16.21
N ASP A 59 -4.46 5.41 -15.93
CA ASP A 59 -5.48 6.40 -15.53
C ASP A 59 -5.16 6.97 -14.19
N ARG A 60 -4.54 6.16 -13.36
CA ARG A 60 -4.15 6.55 -12.04
C ARG A 60 -3.20 7.69 -12.03
N GLU A 61 -3.33 8.46 -11.02
CA GLU A 61 -2.45 9.53 -10.78
C GLU A 61 -1.17 8.93 -10.24
N ASP A 62 -0.07 9.42 -10.72
CA ASP A 62 1.22 8.96 -10.30
C ASP A 62 1.56 9.63 -8.99
N SER A 63 0.99 9.15 -7.93
CA SER A 63 1.28 9.67 -6.65
C SER A 63 1.29 8.53 -5.65
N PRO A 64 1.94 8.72 -4.48
CA PRO A 64 1.86 7.75 -3.39
C PRO A 64 0.37 7.54 -3.02
N GLU A 65 -0.42 8.59 -3.20
CA GLU A 65 -1.84 8.57 -2.94
C GLU A 65 -2.55 7.65 -3.94
N GLY A 66 -2.24 7.81 -5.22
CA GLY A 66 -2.85 7.01 -6.27
C GLY A 66 -2.54 5.53 -6.14
N ILE A 67 -1.32 5.23 -5.72
CA ILE A 67 -0.90 3.84 -5.48
C ILE A 67 -1.76 3.22 -4.38
N VAL A 68 -1.99 3.97 -3.34
CA VAL A 68 -2.85 3.57 -2.24
C VAL A 68 -4.28 3.46 -2.71
N LYS A 69 -4.67 4.36 -3.56
CA LYS A 69 -6.02 4.40 -4.02
C LYS A 69 -6.32 3.21 -4.94
N GLU A 70 -5.29 2.68 -5.56
CA GLU A 70 -5.39 1.45 -6.32
C GLU A 70 -5.86 0.34 -5.44
N ILE A 71 -5.15 0.16 -4.34
CA ILE A 71 -5.48 -0.81 -3.33
C ILE A 71 -6.86 -0.53 -2.75
N LYS A 72 -7.13 0.73 -2.55
CA LYS A 72 -8.36 1.22 -2.03
C LYS A 72 -9.53 0.84 -2.90
N GLU A 73 -9.51 1.27 -4.13
CA GLU A 73 -10.64 1.11 -5.01
C GLU A 73 -10.76 -0.28 -5.53
N TRP A 74 -9.70 -1.02 -5.47
CA TRP A 74 -9.74 -2.40 -5.83
C TRP A 74 -10.48 -3.15 -4.74
N ARG A 75 -10.03 -2.99 -3.49
CA ARG A 75 -10.62 -3.74 -2.39
C ARG A 75 -12.02 -3.25 -2.11
N ALA A 76 -12.21 -1.96 -2.31
CA ALA A 76 -13.49 -1.32 -2.10
C ALA A 76 -14.54 -1.77 -3.13
N ALA A 77 -14.06 -2.13 -4.33
CA ALA A 77 -14.96 -2.51 -5.40
C ALA A 77 -15.32 -3.95 -5.24
N ASN A 78 -14.31 -4.71 -4.86
CA ASN A 78 -14.44 -6.12 -4.64
C ASN A 78 -15.40 -6.39 -3.49
N GLY A 79 -15.31 -5.58 -2.46
CA GLY A 79 -16.09 -5.80 -1.27
C GLY A 79 -15.24 -6.43 -0.21
N LYS A 80 -13.99 -6.03 -0.19
CA LYS A 80 -13.02 -6.51 0.73
C LYS A 80 -12.88 -5.57 1.91
N SER A 81 -11.82 -5.74 2.65
CA SER A 81 -11.51 -4.92 3.77
C SER A 81 -11.17 -3.48 3.32
N GLY A 82 -11.20 -2.56 4.26
CA GLY A 82 -10.89 -1.19 3.98
C GLY A 82 -9.82 -0.70 4.93
N PHE A 83 -9.77 0.59 5.15
CA PHE A 83 -8.88 1.17 6.09
C PHE A 83 -9.72 1.83 7.13
N LYS A 84 -9.14 2.15 8.24
CA LYS A 84 -9.82 2.88 9.24
C LYS A 84 -9.95 4.32 8.78
N GLN A 85 -11.12 4.86 8.90
CA GLN A 85 -11.34 6.22 8.51
C GLN A 85 -11.12 7.13 9.69
N GLY A 86 -10.37 8.13 9.46
CA GLY A 86 -10.08 9.11 10.45
C GLY A 86 -8.91 9.90 10.01
N GLU A 2 3.59 -0.98 18.65
CA GLU A 2 4.14 -1.00 17.31
C GLU A 2 3.45 -2.09 16.50
N LEU A 3 3.64 -2.05 15.19
CA LEU A 3 3.06 -3.00 14.25
C LEU A 3 1.54 -2.87 14.21
N LYS A 4 0.90 -3.82 13.60
CA LYS A 4 -0.53 -3.74 13.41
C LYS A 4 -1.16 -5.11 13.50
N HIS A 5 -2.47 -5.15 13.58
CA HIS A 5 -3.17 -6.42 13.53
C HIS A 5 -3.52 -6.77 12.07
N SER A 6 -4.03 -5.77 11.34
CA SER A 6 -4.39 -5.92 9.95
C SER A 6 -4.26 -4.56 9.30
N ILE A 7 -4.77 -4.44 8.09
CA ILE A 7 -4.74 -3.19 7.36
C ILE A 7 -5.71 -2.17 7.98
N SER A 8 -6.78 -2.67 8.61
CA SER A 8 -7.78 -1.80 9.23
C SER A 8 -7.28 -1.30 10.59
N ASP A 9 -6.01 -1.54 10.84
CA ASP A 9 -5.32 -0.96 11.99
C ASP A 9 -4.87 0.43 11.55
N TYR A 10 -4.60 0.52 10.26
CA TYR A 10 -4.15 1.72 9.61
C TYR A 10 -5.31 2.46 8.99
N THR A 11 -5.29 3.76 9.10
CA THR A 11 -6.26 4.56 8.39
C THR A 11 -5.73 4.76 6.97
N GLU A 12 -6.51 5.38 6.10
CA GLU A 12 -6.11 5.59 4.73
C GLU A 12 -4.84 6.45 4.69
N ALA A 13 -4.77 7.42 5.58
CA ALA A 13 -3.61 8.32 5.65
C ALA A 13 -2.34 7.58 6.08
N GLU A 14 -2.43 6.76 7.13
CA GLU A 14 -1.27 6.00 7.65
C GLU A 14 -0.82 4.97 6.66
N PHE A 15 -1.76 4.45 5.92
CA PHE A 15 -1.47 3.52 4.89
C PHE A 15 -0.93 4.26 3.69
N LEU A 16 -1.38 5.44 3.48
CA LEU A 16 -0.86 6.24 2.41
C LEU A 16 0.58 6.63 2.71
N GLU A 17 0.88 6.65 3.96
CA GLU A 17 2.23 6.79 4.39
C GLU A 17 3.03 5.49 4.11
N PHE A 18 2.32 4.33 3.93
CA PHE A 18 3.00 3.01 3.64
C PHE A 18 3.90 3.18 2.48
N VAL A 19 3.32 3.70 1.48
CA VAL A 19 3.93 3.84 0.22
C VAL A 19 4.99 4.91 0.22
N LYS A 20 4.73 5.97 0.95
CA LYS A 20 5.69 7.03 1.07
C LYS A 20 6.89 6.54 1.84
N LYS A 21 6.63 5.76 2.85
CA LYS A 21 7.63 5.18 3.71
C LYS A 21 8.49 4.21 2.91
N ILE A 22 7.88 3.45 2.01
CA ILE A 22 8.64 2.57 1.14
C ILE A 22 9.52 3.41 0.23
N CYS A 23 8.93 4.45 -0.33
CA CYS A 23 9.59 5.35 -1.23
C CYS A 23 10.80 6.05 -0.55
N ARG A 24 10.62 6.48 0.69
CA ARG A 24 11.67 7.23 1.40
C ARG A 24 12.52 6.41 2.39
N ALA A 25 11.87 5.60 3.17
CA ALA A 25 12.48 4.91 4.32
C ALA A 25 12.72 3.43 4.03
N GLU A 26 12.81 3.09 2.74
CA GLU A 26 13.01 1.72 2.20
C GLU A 26 13.89 0.82 3.11
N GLY A 27 14.98 1.36 3.59
CA GLY A 27 15.88 0.59 4.40
C GLY A 27 17.26 0.74 3.87
N ALA A 28 17.83 -0.33 3.40
CA ALA A 28 19.16 -0.29 2.87
C ALA A 28 19.20 -0.96 1.51
N THR A 29 18.95 -2.23 1.50
CA THR A 29 19.02 -3.00 0.28
C THR A 29 17.65 -3.15 -0.35
N GLU A 30 17.62 -3.67 -1.56
CA GLU A 30 16.40 -3.87 -2.32
C GLU A 30 15.41 -4.77 -1.58
N GLU A 31 15.93 -5.75 -0.84
CA GLU A 31 15.07 -6.62 -0.07
C GLU A 31 14.33 -5.84 0.99
N ASP A 32 14.95 -4.77 1.48
CA ASP A 32 14.37 -3.94 2.53
C ASP A 32 13.20 -3.18 2.00
N ASP A 33 13.33 -2.74 0.78
CA ASP A 33 12.28 -2.04 0.07
C ASP A 33 11.11 -3.00 -0.14
N ASN A 34 11.43 -4.15 -0.70
CA ASN A 34 10.47 -5.17 -1.03
C ASN A 34 9.79 -5.76 0.20
N LYS A 35 10.55 -6.00 1.29
CA LYS A 35 9.97 -6.57 2.52
C LYS A 35 8.91 -5.67 3.13
N LEU A 36 8.99 -4.37 2.83
CA LEU A 36 7.93 -3.48 3.24
C LEU A 36 6.75 -3.73 2.35
N VAL A 37 6.99 -3.66 1.05
CA VAL A 37 5.97 -3.87 0.02
C VAL A 37 5.17 -5.16 0.27
N ARG A 38 5.88 -6.25 0.54
CA ARG A 38 5.28 -7.57 0.72
C ARG A 38 4.32 -7.63 1.92
N GLU A 39 4.57 -6.86 2.98
CA GLU A 39 3.65 -6.90 4.12
C GLU A 39 2.38 -6.18 3.74
N PHE A 40 2.56 -5.12 2.98
CA PHE A 40 1.47 -4.31 2.56
C PHE A 40 0.65 -5.02 1.48
N GLU A 41 1.32 -5.77 0.58
CA GLU A 41 0.64 -6.61 -0.39
C GLU A 41 -0.24 -7.65 0.29
N ARG A 42 0.16 -8.07 1.46
CA ARG A 42 -0.60 -9.02 2.25
C ARG A 42 -1.79 -8.33 2.88
N LEU A 43 -1.53 -7.23 3.52
CA LEU A 43 -2.56 -6.42 4.19
C LEU A 43 -3.71 -6.07 3.25
N THR A 44 -3.36 -5.78 2.03
CA THR A 44 -4.30 -5.40 1.02
C THR A 44 -4.83 -6.59 0.27
N GLU A 45 -4.03 -7.68 0.28
CA GLU A 45 -4.22 -8.86 -0.55
C GLU A 45 -4.17 -8.43 -2.00
N HIS A 46 -3.47 -7.32 -2.22
CA HIS A 46 -3.44 -6.72 -3.50
C HIS A 46 -2.38 -7.38 -4.39
N PRO A 47 -2.81 -7.84 -5.56
CA PRO A 47 -1.98 -8.61 -6.50
C PRO A 47 -0.80 -7.86 -7.00
N ASP A 48 -1.08 -6.69 -7.44
CA ASP A 48 -0.13 -5.88 -8.08
C ASP A 48 0.35 -4.87 -7.11
N GLY A 49 0.21 -5.17 -5.80
CA GLY A 49 0.65 -4.25 -4.73
C GLY A 49 2.06 -3.82 -4.87
N SER A 50 2.86 -4.68 -5.40
CA SER A 50 4.22 -4.35 -5.66
C SER A 50 4.33 -3.50 -6.93
N ASP A 51 3.68 -3.98 -7.99
CA ASP A 51 3.65 -3.29 -9.29
C ASP A 51 3.17 -1.87 -9.16
N LEU A 52 2.19 -1.63 -8.29
CA LEU A 52 1.63 -0.29 -8.05
C LEU A 52 2.71 0.72 -7.72
N ILE A 53 3.67 0.27 -6.95
CA ILE A 53 4.70 1.15 -6.45
C ILE A 53 5.77 1.33 -7.50
N TYR A 54 6.14 0.24 -8.08
CA TYR A 54 7.21 0.20 -9.02
C TYR A 54 6.83 0.76 -10.39
N TYR A 55 5.70 0.32 -10.90
CA TYR A 55 5.24 0.74 -12.21
C TYR A 55 3.72 1.01 -12.10
N PRO A 56 3.34 2.25 -11.61
CA PRO A 56 1.96 2.70 -11.29
C PRO A 56 0.82 1.77 -11.75
N ARG A 57 0.00 2.26 -12.63
CA ARG A 57 -1.01 1.48 -13.29
C ARG A 57 -1.07 1.76 -14.76
N ASP A 58 -2.16 2.31 -15.19
CA ASP A 58 -2.38 2.58 -16.59
C ASP A 58 -2.59 4.06 -16.81
N ASP A 59 -3.56 4.58 -16.09
CA ASP A 59 -3.96 5.99 -16.19
C ASP A 59 -3.74 6.69 -14.87
N ARG A 60 -3.04 6.02 -13.98
CA ARG A 60 -2.80 6.55 -12.66
C ARG A 60 -1.75 7.62 -12.63
N GLU A 61 -1.86 8.41 -11.63
CA GLU A 61 -0.91 9.40 -11.32
C GLU A 61 0.19 8.71 -10.54
N ASP A 62 1.41 9.09 -10.79
CA ASP A 62 2.54 8.54 -10.08
C ASP A 62 2.65 9.21 -8.74
N SER A 63 1.75 8.91 -7.85
CA SER A 63 1.82 9.46 -6.58
C SER A 63 1.58 8.41 -5.56
N PRO A 64 2.21 8.54 -4.38
CA PRO A 64 1.94 7.68 -3.24
C PRO A 64 0.42 7.66 -2.98
N GLU A 65 -0.20 8.82 -3.16
CA GLU A 65 -1.64 9.00 -3.08
C GLU A 65 -2.36 8.07 -4.08
N GLY A 66 -1.92 8.13 -5.33
CA GLY A 66 -2.54 7.36 -6.39
C GLY A 66 -2.42 5.85 -6.20
N ILE A 67 -1.28 5.42 -5.68
CA ILE A 67 -1.02 4.01 -5.39
C ILE A 67 -2.00 3.47 -4.36
N VAL A 68 -2.17 4.24 -3.31
CA VAL A 68 -3.06 3.89 -2.22
C VAL A 68 -4.50 3.87 -2.70
N LYS A 69 -4.78 4.69 -3.67
CA LYS A 69 -6.09 4.80 -4.20
C LYS A 69 -6.51 3.55 -4.89
N GLU A 70 -5.60 2.97 -5.66
CA GLU A 70 -5.87 1.73 -6.36
C GLU A 70 -6.29 0.68 -5.40
N ILE A 71 -5.52 0.53 -4.36
CA ILE A 71 -5.77 -0.39 -3.29
C ILE A 71 -7.12 -0.18 -2.63
N LYS A 72 -7.43 1.06 -2.39
CA LYS A 72 -8.64 1.48 -1.78
C LYS A 72 -9.84 1.10 -2.66
N GLU A 73 -9.84 1.61 -3.88
CA GLU A 73 -10.95 1.43 -4.77
C GLU A 73 -11.11 -0.04 -5.20
N TRP A 74 -9.99 -0.72 -5.36
CA TRP A 74 -9.96 -2.13 -5.76
C TRP A 74 -10.56 -3.01 -4.68
N ARG A 75 -10.17 -2.80 -3.42
CA ARG A 75 -10.68 -3.66 -2.34
C ARG A 75 -12.13 -3.40 -2.10
N ALA A 76 -12.52 -2.17 -2.28
CA ALA A 76 -13.90 -1.76 -2.17
C ALA A 76 -14.76 -2.44 -3.23
N ALA A 77 -14.17 -2.70 -4.39
CA ALA A 77 -14.90 -3.30 -5.49
C ALA A 77 -14.94 -4.80 -5.30
N ASN A 78 -13.87 -5.30 -4.73
CA ASN A 78 -13.71 -6.71 -4.43
C ASN A 78 -14.55 -7.14 -3.23
N GLY A 79 -15.00 -6.19 -2.46
CA GLY A 79 -15.76 -6.50 -1.27
C GLY A 79 -14.84 -6.99 -0.16
N LYS A 80 -13.68 -6.39 -0.10
CA LYS A 80 -12.69 -6.70 0.88
C LYS A 80 -12.73 -5.68 2.01
N SER A 81 -11.81 -5.79 2.93
CA SER A 81 -11.69 -4.89 4.03
C SER A 81 -11.27 -3.49 3.54
N GLY A 82 -11.38 -2.52 4.41
CA GLY A 82 -10.99 -1.18 4.09
C GLY A 82 -9.86 -0.72 4.96
N PHE A 83 -9.88 0.51 5.33
CA PHE A 83 -8.94 1.05 6.24
C PHE A 83 -9.68 1.36 7.52
N LYS A 84 -8.97 1.78 8.52
CA LYS A 84 -9.61 2.15 9.75
C LYS A 84 -10.25 3.50 9.57
N GLN A 85 -11.26 3.75 10.31
CA GLN A 85 -11.90 4.99 10.30
C GLN A 85 -11.03 6.00 11.04
N GLY A 86 -10.71 7.00 10.32
CA GLY A 86 -9.95 8.10 10.78
C GLY A 86 -9.86 9.08 9.66
N GLU A 2 4.97 -0.43 16.46
CA GLU A 2 3.77 -1.07 16.97
C GLU A 2 3.41 -2.21 16.04
N LEU A 3 2.67 -3.19 16.52
CA LEU A 3 2.22 -4.26 15.70
C LEU A 3 0.72 -4.19 15.48
N LYS A 4 0.37 -3.80 14.28
CA LYS A 4 -1.00 -3.76 13.82
C LYS A 4 -1.55 -5.16 13.60
N HIS A 5 -2.84 -5.26 13.41
CA HIS A 5 -3.42 -6.55 13.16
C HIS A 5 -3.68 -6.78 11.65
N SER A 6 -4.00 -5.71 10.92
CA SER A 6 -4.37 -5.86 9.50
C SER A 6 -4.21 -4.54 8.75
N ILE A 7 -4.71 -4.50 7.51
CA ILE A 7 -4.71 -3.28 6.71
C ILE A 7 -5.75 -2.30 7.26
N SER A 8 -6.82 -2.84 7.85
CA SER A 8 -7.89 -2.05 8.37
C SER A 8 -7.52 -1.43 9.72
N ASP A 9 -6.35 -1.82 10.21
CA ASP A 9 -5.78 -1.22 11.42
C ASP A 9 -5.22 0.14 11.03
N TYR A 10 -4.83 0.26 9.78
CA TYR A 10 -4.27 1.47 9.25
C TYR A 10 -5.37 2.39 8.78
N THR A 11 -5.27 3.62 9.18
CA THR A 11 -6.12 4.66 8.68
C THR A 11 -5.62 4.92 7.26
N GLU A 12 -6.45 5.47 6.38
CA GLU A 12 -6.06 5.66 4.97
C GLU A 12 -4.77 6.48 4.87
N ALA A 13 -4.67 7.50 5.69
CA ALA A 13 -3.49 8.39 5.70
C ALA A 13 -2.22 7.63 6.16
N GLU A 14 -2.40 6.68 7.06
CA GLU A 14 -1.29 5.88 7.59
C GLU A 14 -0.85 4.88 6.55
N PHE A 15 -1.81 4.35 5.88
CA PHE A 15 -1.56 3.44 4.81
C PHE A 15 -0.97 4.19 3.64
N LEU A 16 -1.36 5.39 3.48
CA LEU A 16 -0.81 6.22 2.43
C LEU A 16 0.63 6.58 2.75
N GLU A 17 0.95 6.51 3.99
CA GLU A 17 2.31 6.59 4.38
C GLU A 17 3.04 5.28 4.12
N PHE A 18 2.31 4.13 3.94
CA PHE A 18 2.97 2.82 3.61
C PHE A 18 3.81 3.03 2.41
N VAL A 19 3.20 3.58 1.43
CA VAL A 19 3.79 3.76 0.16
C VAL A 19 4.84 4.87 0.18
N LYS A 20 4.56 5.93 0.92
CA LYS A 20 5.53 6.99 1.06
C LYS A 20 6.77 6.45 1.76
N LYS A 21 6.54 5.60 2.76
CA LYS A 21 7.58 4.97 3.53
C LYS A 21 8.40 4.06 2.65
N ILE A 22 7.75 3.39 1.71
CA ILE A 22 8.45 2.50 0.78
C ILE A 22 9.27 3.31 -0.22
N CYS A 23 8.77 4.45 -0.58
CA CYS A 23 9.47 5.32 -1.51
C CYS A 23 10.71 5.95 -0.82
N ARG A 24 10.65 6.08 0.48
CA ARG A 24 11.75 6.58 1.29
C ARG A 24 12.53 5.45 1.99
N ALA A 25 12.19 4.22 1.65
CA ALA A 25 12.68 3.01 2.35
C ALA A 25 14.10 2.60 1.99
N GLU A 26 14.89 3.55 1.47
CA GLU A 26 16.30 3.33 1.06
C GLU A 26 17.03 2.45 2.09
N GLY A 27 16.94 2.89 3.37
CA GLY A 27 17.45 2.16 4.52
C GLY A 27 18.75 1.47 4.30
N ALA A 28 18.69 0.16 4.25
CA ALA A 28 19.84 -0.65 4.04
C ALA A 28 20.08 -0.91 2.57
N THR A 29 19.22 -1.70 1.97
CA THR A 29 19.33 -2.10 0.59
C THR A 29 17.93 -2.52 0.13
N GLU A 30 17.79 -2.89 -1.14
CA GLU A 30 16.56 -3.33 -1.82
C GLU A 30 15.67 -4.25 -0.95
N GLU A 31 16.29 -5.16 -0.22
CA GLU A 31 15.57 -6.09 0.65
C GLU A 31 14.79 -5.36 1.74
N ASP A 32 15.33 -4.23 2.18
CA ASP A 32 14.76 -3.46 3.27
C ASP A 32 13.53 -2.72 2.78
N ASP A 33 13.57 -2.30 1.51
CA ASP A 33 12.42 -1.68 0.86
C ASP A 33 11.36 -2.73 0.66
N ASN A 34 11.77 -3.81 0.04
CA ASN A 34 10.88 -4.86 -0.36
C ASN A 34 10.24 -5.58 0.81
N LYS A 35 10.91 -5.68 1.96
CA LYS A 35 10.29 -6.33 3.10
C LYS A 35 9.11 -5.52 3.63
N LEU A 36 9.09 -4.23 3.33
CA LEU A 36 7.93 -3.42 3.62
C LEU A 36 6.85 -3.79 2.64
N VAL A 37 7.19 -3.76 1.35
CA VAL A 37 6.25 -4.08 0.28
C VAL A 37 5.56 -5.43 0.53
N ARG A 38 6.37 -6.43 0.81
CA ARG A 38 5.86 -7.79 1.02
C ARG A 38 4.88 -7.89 2.19
N GLU A 39 5.07 -7.10 3.25
CA GLU A 39 4.16 -7.20 4.37
C GLU A 39 2.87 -6.46 4.04
N PHE A 40 3.01 -5.32 3.37
CA PHE A 40 1.87 -4.51 3.01
C PHE A 40 1.05 -5.18 1.94
N GLU A 41 1.71 -5.86 1.03
CA GLU A 41 1.03 -6.60 -0.01
C GLU A 41 0.23 -7.79 0.49
N ARG A 42 0.50 -8.21 1.68
CA ARG A 42 -0.30 -9.25 2.33
C ARG A 42 -1.49 -8.61 3.01
N LEU A 43 -1.34 -7.36 3.38
CA LEU A 43 -2.39 -6.61 4.02
C LEU A 43 -3.39 -6.18 2.97
N THR A 44 -2.87 -5.73 1.86
CA THR A 44 -3.68 -5.28 0.76
C THR A 44 -4.32 -6.46 0.06
N GLU A 45 -3.47 -7.49 -0.18
CA GLU A 45 -3.80 -8.68 -0.97
C GLU A 45 -4.02 -8.20 -2.40
N HIS A 46 -3.37 -7.08 -2.72
CA HIS A 46 -3.58 -6.43 -3.96
C HIS A 46 -2.80 -7.10 -5.11
N PRO A 47 -3.49 -7.44 -6.18
CA PRO A 47 -2.97 -8.22 -7.31
C PRO A 47 -1.82 -7.61 -8.02
N ASP A 48 -1.79 -6.33 -8.00
CA ASP A 48 -0.81 -5.61 -8.70
C ASP A 48 -0.12 -4.74 -7.74
N GLY A 49 -0.28 -5.07 -6.47
CA GLY A 49 0.28 -4.26 -5.37
C GLY A 49 1.72 -3.95 -5.49
N SER A 50 2.51 -4.94 -5.65
CA SER A 50 3.92 -4.73 -5.84
C SER A 50 4.17 -3.94 -7.15
N ASP A 51 3.40 -4.27 -8.18
CA ASP A 51 3.47 -3.60 -9.47
C ASP A 51 3.11 -2.12 -9.36
N LEU A 52 2.35 -1.75 -8.33
CA LEU A 52 1.94 -0.37 -8.11
C LEU A 52 3.12 0.47 -7.73
N ILE A 53 3.97 -0.11 -6.94
CA ILE A 53 5.11 0.59 -6.38
C ILE A 53 6.25 0.59 -7.37
N TYR A 54 6.32 -0.48 -8.11
CA TYR A 54 7.38 -0.67 -9.03
C TYR A 54 7.07 -0.18 -10.46
N TYR A 55 5.79 0.02 -10.78
CA TYR A 55 5.40 0.43 -12.11
C TYR A 55 4.16 1.34 -12.04
N PRO A 56 4.05 2.29 -12.93
CA PRO A 56 2.82 3.04 -13.13
C PRO A 56 1.84 2.12 -13.91
N ARG A 57 0.56 2.35 -13.80
CA ARG A 57 -0.36 1.54 -14.56
C ARG A 57 -0.88 2.29 -15.78
N ASP A 58 -2.16 2.56 -15.81
CA ASP A 58 -2.75 3.30 -16.91
C ASP A 58 -3.39 4.57 -16.45
N ASP A 59 -4.47 4.43 -15.74
CA ASP A 59 -5.28 5.58 -15.36
C ASP A 59 -4.96 6.03 -13.96
N ARG A 60 -4.20 5.20 -13.26
CA ARG A 60 -3.82 5.47 -11.91
C ARG A 60 -2.88 6.65 -11.86
N GLU A 61 -2.93 7.32 -10.79
CA GLU A 61 -1.99 8.34 -10.51
C GLU A 61 -0.73 7.66 -9.99
N ASP A 62 0.40 8.02 -10.50
CA ASP A 62 1.61 7.41 -10.03
C ASP A 62 2.22 8.28 -8.96
N SER A 63 1.64 8.17 -7.82
CA SER A 63 2.07 8.89 -6.67
C SER A 63 1.76 8.03 -5.47
N PRO A 64 2.37 8.29 -4.29
CA PRO A 64 1.99 7.65 -3.03
C PRO A 64 0.44 7.62 -2.87
N GLU A 65 -0.21 8.74 -3.20
CA GLU A 65 -1.67 8.85 -3.11
C GLU A 65 -2.38 7.95 -4.13
N GLY A 66 -1.91 7.96 -5.37
CA GLY A 66 -2.52 7.16 -6.42
C GLY A 66 -2.37 5.67 -6.20
N ILE A 67 -1.26 5.27 -5.63
CA ILE A 67 -1.03 3.86 -5.31
C ILE A 67 -2.05 3.39 -4.28
N VAL A 68 -2.23 4.18 -3.25
CA VAL A 68 -3.25 3.96 -2.25
C VAL A 68 -4.62 3.93 -2.89
N LYS A 69 -4.90 4.91 -3.73
CA LYS A 69 -6.17 5.03 -4.45
C LYS A 69 -6.51 3.73 -5.16
N GLU A 70 -5.49 3.12 -5.76
CA GLU A 70 -5.64 1.86 -6.42
C GLU A 70 -6.16 0.80 -5.42
N ILE A 71 -5.47 0.68 -4.30
CA ILE A 71 -5.80 -0.30 -3.24
C ILE A 71 -7.21 -0.01 -2.70
N LYS A 72 -7.41 1.23 -2.47
CA LYS A 72 -8.53 1.79 -1.84
C LYS A 72 -9.80 1.62 -2.69
N GLU A 73 -9.73 1.98 -3.94
CA GLU A 73 -10.88 1.83 -4.82
C GLU A 73 -11.14 0.39 -5.20
N TRP A 74 -10.08 -0.41 -5.25
CA TRP A 74 -10.21 -1.81 -5.63
C TRP A 74 -10.90 -2.61 -4.54
N ARG A 75 -10.41 -2.49 -3.33
CA ARG A 75 -10.93 -3.26 -2.22
C ARG A 75 -12.36 -2.91 -1.87
N ALA A 76 -12.70 -1.65 -1.99
CA ALA A 76 -14.05 -1.19 -1.69
C ALA A 76 -15.03 -1.63 -2.78
N ALA A 77 -14.51 -1.95 -3.95
CA ALA A 77 -15.33 -2.33 -5.08
C ALA A 77 -15.66 -3.78 -4.94
N ASN A 78 -14.69 -4.50 -4.44
CA ASN A 78 -14.78 -5.91 -4.26
C ASN A 78 -15.59 -6.27 -3.02
N GLY A 79 -15.44 -5.47 -1.98
CA GLY A 79 -16.11 -5.75 -0.72
C GLY A 79 -15.13 -6.31 0.30
N LYS A 80 -13.88 -5.92 0.14
CA LYS A 80 -12.79 -6.34 0.98
C LYS A 80 -12.75 -5.43 2.21
N SER A 81 -11.88 -5.75 3.14
CA SER A 81 -11.67 -4.93 4.30
C SER A 81 -11.15 -3.55 3.88
N GLY A 82 -11.43 -2.54 4.67
CA GLY A 82 -11.07 -1.20 4.31
C GLY A 82 -9.96 -0.66 5.15
N PHE A 83 -9.92 0.64 5.28
CA PHE A 83 -8.99 1.28 6.14
C PHE A 83 -9.75 1.74 7.35
N LYS A 84 -9.04 2.10 8.37
CA LYS A 84 -9.65 2.66 9.52
C LYS A 84 -10.07 4.06 9.16
N GLN A 85 -11.29 4.41 9.44
CA GLN A 85 -11.80 5.71 9.03
C GLN A 85 -12.07 6.58 10.25
N GLY A 86 -11.45 6.20 11.31
CA GLY A 86 -11.60 6.89 12.55
C GLY A 86 -10.28 6.96 13.19
N GLU A 2 4.22 -0.83 17.06
CA GLU A 2 3.10 -1.70 17.37
C GLU A 2 2.77 -2.54 16.15
N LEU A 3 2.39 -3.76 16.38
CA LEU A 3 1.94 -4.61 15.34
C LEU A 3 0.44 -4.59 15.28
N LYS A 4 -0.04 -4.08 14.18
CA LYS A 4 -1.46 -3.96 13.89
C LYS A 4 -2.12 -5.34 13.85
N HIS A 5 -3.43 -5.38 13.92
CA HIS A 5 -4.10 -6.63 13.68
C HIS A 5 -4.10 -6.91 12.17
N SER A 6 -4.55 -5.94 11.39
CA SER A 6 -4.62 -6.06 9.96
C SER A 6 -4.58 -4.67 9.34
N ILE A 7 -4.86 -4.59 8.06
CA ILE A 7 -4.86 -3.34 7.32
C ILE A 7 -5.91 -2.36 7.87
N SER A 8 -7.01 -2.89 8.39
CA SER A 8 -8.09 -2.07 8.90
C SER A 8 -7.73 -1.49 10.27
N ASP A 9 -6.53 -1.80 10.75
CA ASP A 9 -6.00 -1.20 11.98
C ASP A 9 -5.42 0.15 11.62
N TYR A 10 -4.86 0.21 10.41
CA TYR A 10 -4.26 1.42 9.88
C TYR A 10 -5.34 2.34 9.35
N THR A 11 -5.15 3.61 9.49
CA THR A 11 -6.02 4.57 8.88
C THR A 11 -5.61 4.71 7.43
N GLU A 12 -6.45 5.34 6.61
CA GLU A 12 -6.12 5.53 5.21
C GLU A 12 -4.86 6.37 5.12
N ALA A 13 -4.75 7.39 5.97
CA ALA A 13 -3.59 8.25 5.98
C ALA A 13 -2.32 7.48 6.33
N GLU A 14 -2.37 6.63 7.35
CA GLU A 14 -1.18 5.86 7.74
C GLU A 14 -0.81 4.81 6.72
N PHE A 15 -1.79 4.28 6.04
CA PHE A 15 -1.54 3.35 4.96
C PHE A 15 -0.99 4.10 3.78
N LEU A 16 -1.43 5.29 3.61
CA LEU A 16 -0.95 6.12 2.54
C LEU A 16 0.49 6.54 2.81
N GLU A 17 0.84 6.47 4.02
CA GLU A 17 2.18 6.63 4.42
C GLU A 17 2.99 5.34 4.15
N PHE A 18 2.29 4.15 3.99
CA PHE A 18 2.97 2.84 3.68
C PHE A 18 3.81 3.02 2.48
N VAL A 19 3.19 3.58 1.50
CA VAL A 19 3.76 3.72 0.21
C VAL A 19 4.87 4.76 0.19
N LYS A 20 4.62 5.88 0.83
CA LYS A 20 5.60 6.92 0.93
C LYS A 20 6.81 6.42 1.70
N LYS A 21 6.51 5.63 2.74
CA LYS A 21 7.51 5.02 3.58
C LYS A 21 8.40 4.14 2.75
N ILE A 22 7.81 3.30 1.91
CA ILE A 22 8.59 2.42 1.04
C ILE A 22 9.51 3.27 0.15
N CYS A 23 8.97 4.33 -0.36
CA CYS A 23 9.69 5.27 -1.19
C CYS A 23 10.89 5.92 -0.44
N ARG A 24 10.72 6.27 0.83
CA ARG A 24 11.76 6.93 1.62
C ARG A 24 12.55 6.03 2.59
N ALA A 25 12.21 4.77 2.69
CA ALA A 25 12.84 3.85 3.67
C ALA A 25 13.76 2.84 3.01
N GLU A 26 14.21 3.18 1.80
CA GLU A 26 15.11 2.33 0.96
C GLU A 26 16.27 1.69 1.78
N GLY A 27 16.82 2.46 2.71
CA GLY A 27 17.81 1.96 3.64
C GLY A 27 19.09 1.48 3.00
N ALA A 28 19.27 0.18 3.01
CA ALA A 28 20.48 -0.45 2.52
C ALA A 28 20.34 -0.88 1.07
N THR A 29 19.56 -1.91 0.85
CA THR A 29 19.38 -2.46 -0.47
C THR A 29 17.87 -2.70 -0.66
N GLU A 30 17.42 -3.03 -1.88
CA GLU A 30 16.00 -3.19 -2.23
C GLU A 30 15.24 -4.18 -1.35
N GLU A 31 15.95 -5.03 -0.63
CA GLU A 31 15.34 -5.92 0.34
C GLU A 31 14.60 -5.11 1.41
N ASP A 32 15.07 -3.90 1.67
CA ASP A 32 14.45 -3.07 2.68
C ASP A 32 13.18 -2.46 2.17
N ASP A 33 13.16 -2.17 0.90
CA ASP A 33 11.97 -1.68 0.23
C ASP A 33 10.97 -2.82 0.20
N ASN A 34 11.44 -3.93 -0.35
CA ASN A 34 10.67 -5.12 -0.58
C ASN A 34 10.05 -5.69 0.69
N LYS A 35 10.79 -5.66 1.81
CA LYS A 35 10.24 -6.20 3.06
C LYS A 35 9.00 -5.44 3.50
N LEU A 36 8.98 -4.13 3.24
CA LEU A 36 7.81 -3.35 3.53
C LEU A 36 6.72 -3.73 2.57
N VAL A 37 7.06 -3.77 1.30
CA VAL A 37 6.12 -4.12 0.25
C VAL A 37 5.44 -5.45 0.55
N ARG A 38 6.22 -6.46 0.90
CA ARG A 38 5.69 -7.79 1.15
C ARG A 38 4.67 -7.80 2.30
N GLU A 39 4.97 -7.12 3.40
CA GLU A 39 4.05 -7.16 4.52
C GLU A 39 2.78 -6.39 4.21
N PHE A 40 2.93 -5.26 3.54
CA PHE A 40 1.80 -4.44 3.16
C PHE A 40 0.97 -5.13 2.10
N GLU A 41 1.60 -5.80 1.17
CA GLU A 41 0.92 -6.53 0.13
C GLU A 41 0.14 -7.75 0.62
N ARG A 42 0.46 -8.19 1.81
CA ARG A 42 -0.29 -9.27 2.45
C ARG A 42 -1.49 -8.69 3.19
N LEU A 43 -1.41 -7.42 3.48
CA LEU A 43 -2.47 -6.70 4.15
C LEU A 43 -3.54 -6.29 3.12
N THR A 44 -3.09 -6.04 1.93
CA THR A 44 -3.95 -5.62 0.87
C THR A 44 -4.44 -6.79 0.05
N GLU A 45 -3.51 -7.74 -0.20
CA GLU A 45 -3.73 -8.91 -1.06
C GLU A 45 -3.97 -8.38 -2.46
N HIS A 46 -3.35 -7.25 -2.73
CA HIS A 46 -3.56 -6.56 -3.95
C HIS A 46 -2.69 -7.18 -5.08
N PRO A 47 -3.31 -7.48 -6.20
CA PRO A 47 -2.68 -8.20 -7.33
C PRO A 47 -1.52 -7.52 -7.95
N ASP A 48 -1.57 -6.25 -7.96
CA ASP A 48 -0.58 -5.48 -8.61
C ASP A 48 0.02 -4.58 -7.60
N GLY A 49 -0.20 -4.92 -6.33
CA GLY A 49 0.24 -4.07 -5.21
C GLY A 49 1.68 -3.75 -5.20
N SER A 50 2.49 -4.75 -5.34
CA SER A 50 3.92 -4.53 -5.38
C SER A 50 4.26 -3.69 -6.61
N ASP A 51 3.65 -4.05 -7.75
CA ASP A 51 3.84 -3.38 -9.02
C ASP A 51 3.43 -1.94 -8.96
N LEU A 52 2.43 -1.61 -8.14
CA LEU A 52 1.93 -0.23 -7.97
C LEU A 52 3.03 0.72 -7.57
N ILE A 53 3.90 0.21 -6.74
CA ILE A 53 4.96 1.01 -6.14
C ILE A 53 6.07 1.20 -7.14
N TYR A 54 6.18 0.26 -8.03
CA TYR A 54 7.20 0.25 -9.00
C TYR A 54 6.74 0.92 -10.31
N TYR A 55 5.58 0.54 -10.77
CA TYR A 55 5.02 1.01 -12.02
C TYR A 55 3.54 1.32 -11.86
N PRO A 56 3.15 2.59 -11.73
CA PRO A 56 1.75 2.95 -11.73
C PRO A 56 1.21 2.81 -13.16
N ARG A 57 0.52 1.68 -13.37
CA ARG A 57 0.06 1.11 -14.68
C ARG A 57 0.12 2.09 -15.90
N ASP A 58 -1.03 2.42 -16.44
CA ASP A 58 -1.15 3.41 -17.48
C ASP A 58 -2.08 4.48 -16.98
N ASP A 59 -3.27 4.02 -16.58
CA ASP A 59 -4.33 4.87 -16.03
C ASP A 59 -3.91 5.55 -14.75
N ARG A 60 -3.22 4.81 -13.92
CA ARG A 60 -2.92 5.22 -12.60
C ARG A 60 -2.09 6.47 -12.49
N GLU A 61 -2.46 7.26 -11.51
CA GLU A 61 -1.77 8.44 -11.11
C GLU A 61 -0.46 8.04 -10.45
N ASP A 62 0.58 8.77 -10.73
CA ASP A 62 1.86 8.50 -10.14
C ASP A 62 2.03 9.31 -8.89
N SER A 63 1.38 8.87 -7.84
CA SER A 63 1.57 9.50 -6.58
C SER A 63 1.39 8.45 -5.49
N PRO A 64 1.99 8.67 -4.30
CA PRO A 64 1.79 7.79 -3.15
C PRO A 64 0.28 7.66 -2.86
N GLU A 65 -0.43 8.77 -3.06
CA GLU A 65 -1.88 8.82 -2.88
C GLU A 65 -2.58 7.99 -3.96
N GLY A 66 -2.12 8.13 -5.20
CA GLY A 66 -2.69 7.41 -6.33
C GLY A 66 -2.53 5.91 -6.20
N ILE A 67 -1.40 5.49 -5.66
CA ILE A 67 -1.12 4.08 -5.39
C ILE A 67 -2.11 3.54 -4.37
N VAL A 68 -2.28 4.28 -3.29
CA VAL A 68 -3.22 3.92 -2.24
C VAL A 68 -4.62 3.86 -2.80
N LYS A 69 -4.93 4.83 -3.64
CA LYS A 69 -6.23 4.94 -4.26
C LYS A 69 -6.60 3.67 -5.00
N GLU A 70 -5.62 3.07 -5.65
CA GLU A 70 -5.81 1.84 -6.40
C GLU A 70 -6.31 0.74 -5.46
N ILE A 71 -5.52 0.50 -4.43
CA ILE A 71 -5.81 -0.50 -3.40
C ILE A 71 -7.14 -0.23 -2.71
N LYS A 72 -7.36 1.02 -2.43
CA LYS A 72 -8.51 1.51 -1.75
C LYS A 72 -9.78 1.24 -2.57
N GLU A 73 -9.82 1.72 -3.81
CA GLU A 73 -10.98 1.57 -4.67
C GLU A 73 -11.23 0.10 -5.01
N TRP A 74 -10.14 -0.63 -5.20
CA TRP A 74 -10.19 -2.03 -5.57
C TRP A 74 -10.85 -2.85 -4.48
N ARG A 75 -10.34 -2.75 -3.26
CA ARG A 75 -10.85 -3.56 -2.17
C ARG A 75 -12.28 -3.18 -1.82
N ALA A 76 -12.60 -1.91 -1.99
CA ALA A 76 -13.93 -1.40 -1.70
C ALA A 76 -14.96 -1.96 -2.69
N ALA A 77 -14.53 -2.20 -3.92
CA ALA A 77 -15.41 -2.68 -4.97
C ALA A 77 -15.54 -4.16 -4.84
N ASN A 78 -14.45 -4.77 -4.44
CA ASN A 78 -14.37 -6.19 -4.24
C ASN A 78 -15.22 -6.64 -3.06
N GLY A 79 -15.44 -5.74 -2.12
CA GLY A 79 -16.16 -6.08 -0.93
C GLY A 79 -15.24 -6.67 0.10
N LYS A 80 -14.02 -6.19 0.07
CA LYS A 80 -12.97 -6.62 0.95
C LYS A 80 -12.90 -5.67 2.14
N SER A 81 -11.80 -5.71 2.83
CA SER A 81 -11.57 -4.84 3.96
C SER A 81 -11.34 -3.39 3.49
N GLY A 82 -11.27 -2.49 4.44
CA GLY A 82 -11.02 -1.10 4.17
C GLY A 82 -9.86 -0.63 5.00
N PHE A 83 -9.92 0.59 5.46
CA PHE A 83 -8.97 1.11 6.37
C PHE A 83 -9.74 1.58 7.57
N LYS A 84 -9.06 2.01 8.59
CA LYS A 84 -9.71 2.56 9.72
C LYS A 84 -10.00 4.02 9.39
N GLN A 85 -10.99 4.58 10.03
CA GLN A 85 -11.51 5.86 9.78
C GLN A 85 -10.52 6.99 10.09
N GLY A 86 -9.68 7.27 9.15
CA GLY A 86 -8.75 8.36 9.21
C GLY A 86 -7.89 8.31 8.00
N GLU A 2 5.23 -0.35 14.25
CA GLU A 2 3.86 -0.48 14.74
C GLU A 2 3.35 -1.89 14.44
N LEU A 3 2.44 -2.37 15.27
CA LEU A 3 1.78 -3.65 15.09
C LEU A 3 0.29 -3.39 15.05
N LYS A 4 -0.42 -4.17 14.29
CA LYS A 4 -1.83 -3.95 14.11
C LYS A 4 -2.57 -5.25 14.19
N HIS A 5 -3.89 -5.18 14.03
CA HIS A 5 -4.68 -6.39 13.94
C HIS A 5 -4.96 -6.73 12.47
N SER A 6 -5.14 -5.71 11.63
CA SER A 6 -5.43 -5.93 10.22
C SER A 6 -5.08 -4.68 9.40
N ILE A 7 -5.42 -4.69 8.11
CA ILE A 7 -5.21 -3.54 7.25
C ILE A 7 -6.22 -2.42 7.64
N SER A 8 -7.32 -2.82 8.25
CA SER A 8 -8.36 -1.91 8.64
C SER A 8 -8.05 -1.28 9.99
N ASP A 9 -6.94 -1.72 10.58
CA ASP A 9 -6.41 -1.10 11.81
C ASP A 9 -5.77 0.22 11.39
N TYR A 10 -5.26 0.22 10.17
CA TYR A 10 -4.65 1.38 9.58
C TYR A 10 -5.73 2.32 9.12
N THR A 11 -5.52 3.56 9.35
CA THR A 11 -6.36 4.56 8.77
C THR A 11 -5.80 4.77 7.37
N GLU A 12 -6.54 5.42 6.49
CA GLU A 12 -6.09 5.65 5.13
C GLU A 12 -4.75 6.38 5.13
N ALA A 13 -4.60 7.33 6.03
CA ALA A 13 -3.37 8.11 6.16
C ALA A 13 -2.16 7.22 6.57
N GLU A 14 -2.31 6.41 7.62
CA GLU A 14 -1.23 5.50 8.08
C GLU A 14 -0.85 4.50 7.01
N PHE A 15 -1.82 4.07 6.26
CA PHE A 15 -1.55 3.15 5.20
C PHE A 15 -0.96 3.89 4.04
N LEU A 16 -1.34 5.08 3.86
CA LEU A 16 -0.77 5.89 2.82
C LEU A 16 0.67 6.21 3.14
N GLU A 17 0.98 6.18 4.39
CA GLU A 17 2.34 6.26 4.81
C GLU A 17 3.10 4.97 4.48
N PHE A 18 2.37 3.84 4.25
CA PHE A 18 3.01 2.55 3.83
C PHE A 18 3.84 2.82 2.63
N VAL A 19 3.21 3.42 1.69
CA VAL A 19 3.80 3.68 0.42
C VAL A 19 4.81 4.80 0.50
N LYS A 20 4.55 5.77 1.35
CA LYS A 20 5.51 6.83 1.59
C LYS A 20 6.83 6.24 2.14
N LYS A 21 6.67 5.32 3.11
CA LYS A 21 7.79 4.59 3.71
C LYS A 21 8.53 3.77 2.65
N ILE A 22 7.79 3.15 1.76
CA ILE A 22 8.38 2.34 0.72
C ILE A 22 9.12 3.22 -0.29
N CYS A 23 8.57 4.39 -0.56
CA CYS A 23 9.20 5.33 -1.49
C CYS A 23 10.55 5.82 -0.92
N ARG A 24 10.67 5.85 0.40
CA ARG A 24 11.91 6.26 1.05
C ARG A 24 12.74 5.06 1.51
N ALA A 25 12.32 3.87 1.15
CA ALA A 25 12.95 2.63 1.62
C ALA A 25 14.22 2.25 0.84
N GLU A 26 14.81 3.21 0.19
CA GLU A 26 16.00 2.99 -0.61
C GLU A 26 17.28 2.95 0.26
N GLY A 27 17.07 2.79 1.57
CA GLY A 27 18.12 2.83 2.55
C GLY A 27 19.21 1.80 2.36
N ALA A 28 18.89 0.57 2.64
CA ALA A 28 19.89 -0.48 2.54
C ALA A 28 20.03 -0.99 1.12
N THR A 29 19.03 -1.69 0.69
CA THR A 29 19.06 -2.42 -0.56
C THR A 29 17.63 -2.55 -1.05
N GLU A 30 17.40 -3.32 -2.11
CA GLU A 30 16.05 -3.56 -2.62
C GLU A 30 15.25 -4.39 -1.61
N GLU A 31 15.96 -5.02 -0.69
CA GLU A 31 15.40 -5.84 0.36
C GLU A 31 14.71 -4.93 1.36
N ASP A 32 15.24 -3.71 1.46
CA ASP A 32 14.75 -2.71 2.40
C ASP A 32 13.36 -2.31 1.95
N ASP A 33 13.22 -2.13 0.65
CA ASP A 33 11.93 -1.82 0.03
C ASP A 33 11.03 -3.03 0.19
N ASN A 34 11.53 -4.16 -0.28
CA ASN A 34 10.81 -5.44 -0.33
C ASN A 34 10.21 -5.85 0.98
N LYS A 35 10.98 -5.74 2.06
CA LYS A 35 10.51 -6.18 3.37
C LYS A 35 9.27 -5.39 3.79
N LEU A 36 9.21 -4.11 3.39
CA LEU A 36 8.05 -3.31 3.70
C LEU A 36 6.91 -3.72 2.79
N VAL A 37 7.19 -3.80 1.51
CA VAL A 37 6.19 -4.17 0.50
C VAL A 37 5.49 -5.48 0.88
N ARG A 38 6.27 -6.46 1.32
CA ARG A 38 5.70 -7.78 1.61
C ARG A 38 4.69 -7.77 2.75
N GLU A 39 4.90 -6.92 3.76
CA GLU A 39 3.96 -6.92 4.88
C GLU A 39 2.69 -6.23 4.47
N PHE A 40 2.85 -5.17 3.71
CA PHE A 40 1.75 -4.38 3.28
C PHE A 40 0.94 -5.09 2.22
N GLU A 41 1.63 -5.74 1.30
CA GLU A 41 0.98 -6.51 0.27
C GLU A 41 0.23 -7.74 0.78
N ARG A 42 0.51 -8.14 1.99
CA ARG A 42 -0.21 -9.25 2.57
C ARG A 42 -1.49 -8.73 3.21
N LEU A 43 -1.44 -7.49 3.60
CA LEU A 43 -2.57 -6.81 4.20
C LEU A 43 -3.61 -6.49 3.15
N THR A 44 -3.14 -6.06 2.02
CA THR A 44 -3.96 -5.67 0.92
C THR A 44 -4.39 -6.86 0.11
N GLU A 45 -3.44 -7.82 0.00
CA GLU A 45 -3.55 -9.00 -0.84
C GLU A 45 -3.70 -8.50 -2.26
N HIS A 46 -3.16 -7.32 -2.51
CA HIS A 46 -3.38 -6.65 -3.73
C HIS A 46 -2.55 -7.28 -4.88
N PRO A 47 -3.24 -7.67 -5.95
CA PRO A 47 -2.69 -8.45 -7.07
C PRO A 47 -1.47 -7.86 -7.68
N ASP A 48 -1.50 -6.59 -7.80
CA ASP A 48 -0.50 -5.89 -8.47
C ASP A 48 0.03 -4.89 -7.50
N GLY A 49 -0.15 -5.18 -6.22
CA GLY A 49 0.27 -4.25 -5.13
C GLY A 49 1.69 -3.87 -5.18
N SER A 50 2.53 -4.83 -5.30
CA SER A 50 3.95 -4.56 -5.45
C SER A 50 4.20 -3.74 -6.74
N ASP A 51 3.52 -4.12 -7.80
CA ASP A 51 3.60 -3.47 -9.11
C ASP A 51 3.16 -2.02 -9.03
N LEU A 52 2.19 -1.73 -8.16
CA LEU A 52 1.64 -0.37 -7.96
C LEU A 52 2.72 0.63 -7.63
N ILE A 53 3.67 0.15 -6.89
CA ILE A 53 4.73 0.99 -6.38
C ILE A 53 5.83 1.16 -7.41
N TYR A 54 6.07 0.10 -8.13
CA TYR A 54 7.17 0.03 -9.04
C TYR A 54 6.84 0.43 -10.48
N TYR A 55 5.63 0.20 -10.91
CA TYR A 55 5.23 0.48 -12.27
C TYR A 55 3.86 1.15 -12.30
N PRO A 56 3.82 2.42 -12.68
CA PRO A 56 2.57 3.15 -12.89
C PRO A 56 1.68 2.41 -13.90
N ARG A 57 0.49 2.03 -13.46
CA ARG A 57 -0.44 1.22 -14.26
C ARG A 57 -0.96 1.92 -15.52
N ASP A 58 -2.12 2.48 -15.42
CA ASP A 58 -2.80 3.08 -16.56
C ASP A 58 -3.02 4.56 -16.34
N ASP A 59 -3.86 4.87 -15.38
CA ASP A 59 -4.24 6.24 -15.08
C ASP A 59 -3.53 6.73 -13.84
N ARG A 60 -2.75 5.87 -13.25
CA ARG A 60 -2.14 6.20 -12.00
C ARG A 60 -1.08 7.22 -12.03
N GLU A 61 -1.17 8.02 -11.05
CA GLU A 61 -0.24 9.02 -10.74
C GLU A 61 0.65 8.41 -9.70
N ASP A 62 1.93 8.64 -9.81
CA ASP A 62 2.84 8.08 -8.85
C ASP A 62 2.89 8.97 -7.65
N SER A 63 1.93 8.81 -6.82
CA SER A 63 1.86 9.53 -5.63
C SER A 63 1.49 8.57 -4.54
N PRO A 64 1.91 8.83 -3.28
CA PRO A 64 1.50 8.00 -2.17
C PRO A 64 -0.04 7.92 -2.09
N GLU A 65 -0.73 9.01 -2.48
CA GLU A 65 -2.19 9.02 -2.52
C GLU A 65 -2.73 8.18 -3.68
N GLY A 66 -2.07 8.24 -4.82
CA GLY A 66 -2.50 7.53 -5.99
C GLY A 66 -2.37 6.03 -5.86
N ILE A 67 -1.27 5.59 -5.28
CA ILE A 67 -1.00 4.17 -5.07
C ILE A 67 -1.97 3.58 -4.05
N VAL A 68 -2.24 4.32 -3.00
CA VAL A 68 -3.21 3.92 -2.00
C VAL A 68 -4.61 3.87 -2.59
N LYS A 69 -4.84 4.70 -3.60
CA LYS A 69 -6.12 4.77 -4.21
C LYS A 69 -6.45 3.48 -4.96
N GLU A 70 -5.45 2.90 -5.58
CA GLU A 70 -5.62 1.62 -6.26
C GLU A 70 -6.11 0.58 -5.29
N ILE A 71 -5.42 0.53 -4.18
CA ILE A 71 -5.70 -0.38 -3.12
C ILE A 71 -7.08 -0.19 -2.52
N LYS A 72 -7.47 1.05 -2.24
CA LYS A 72 -8.77 1.29 -1.75
C LYS A 72 -9.82 0.91 -2.76
N GLU A 73 -9.77 1.48 -3.96
CA GLU A 73 -10.84 1.31 -4.95
C GLU A 73 -11.02 -0.15 -5.37
N TRP A 74 -9.93 -0.86 -5.48
CA TRP A 74 -9.99 -2.26 -5.85
C TRP A 74 -10.66 -3.07 -4.73
N ARG A 75 -10.20 -2.89 -3.50
CA ARG A 75 -10.78 -3.57 -2.34
C ARG A 75 -12.17 -3.06 -2.05
N ALA A 76 -12.38 -1.80 -2.35
CA ALA A 76 -13.64 -1.10 -2.20
C ALA A 76 -14.72 -1.75 -3.06
N ALA A 77 -14.36 -2.10 -4.29
CA ALA A 77 -15.27 -2.76 -5.22
C ALA A 77 -15.34 -4.26 -4.95
N ASN A 78 -14.22 -4.80 -4.54
CA ASN A 78 -14.06 -6.25 -4.31
C ASN A 78 -14.85 -6.71 -3.11
N GLY A 79 -14.95 -5.84 -2.13
CA GLY A 79 -15.62 -6.18 -0.91
C GLY A 79 -14.65 -6.78 0.07
N LYS A 80 -13.47 -6.22 0.10
CA LYS A 80 -12.44 -6.65 0.99
C LYS A 80 -12.41 -5.76 2.22
N SER A 81 -11.45 -5.99 3.08
CA SER A 81 -11.23 -5.20 4.25
C SER A 81 -10.93 -3.73 3.84
N GLY A 82 -11.04 -2.80 4.75
CA GLY A 82 -10.86 -1.41 4.37
C GLY A 82 -9.79 -0.73 5.18
N PHE A 83 -9.87 0.56 5.30
CA PHE A 83 -9.04 1.29 6.18
C PHE A 83 -9.96 1.89 7.22
N LYS A 84 -9.42 2.28 8.33
CA LYS A 84 -10.20 2.95 9.32
C LYS A 84 -10.65 4.29 8.74
N GLN A 85 -11.91 4.61 8.93
CA GLN A 85 -12.57 5.75 8.26
C GLN A 85 -12.21 7.13 8.83
N GLY A 86 -11.17 7.18 9.55
CA GLY A 86 -10.75 8.40 10.15
C GLY A 86 -10.41 8.16 11.57
N GLU A 2 4.77 0.35 16.02
CA GLU A 2 3.43 -0.06 16.41
C GLU A 2 3.19 -1.45 15.86
N LEU A 3 2.18 -2.12 16.34
CA LEU A 3 1.83 -3.42 15.81
C LEU A 3 0.39 -3.46 15.40
N LYS A 4 0.19 -3.36 14.13
CA LYS A 4 -1.12 -3.41 13.54
C LYS A 4 -1.66 -4.83 13.54
N HIS A 5 -2.95 -4.95 13.47
CA HIS A 5 -3.56 -6.26 13.39
C HIS A 5 -3.91 -6.63 11.94
N SER A 6 -4.31 -5.63 11.17
CA SER A 6 -4.70 -5.84 9.80
C SER A 6 -4.35 -4.62 8.97
N ILE A 7 -4.75 -4.62 7.71
CA ILE A 7 -4.64 -3.45 6.85
C ILE A 7 -5.63 -2.38 7.33
N SER A 8 -6.74 -2.85 7.89
CA SER A 8 -7.81 -1.99 8.38
C SER A 8 -7.43 -1.34 9.72
N ASP A 9 -6.23 -1.65 10.20
CA ASP A 9 -5.67 -1.00 11.39
C ASP A 9 -5.19 0.37 10.98
N TYR A 10 -4.74 0.44 9.74
CA TYR A 10 -4.25 1.65 9.15
C TYR A 10 -5.41 2.45 8.64
N THR A 11 -5.26 3.73 8.64
CA THR A 11 -6.22 4.58 8.00
C THR A 11 -5.74 4.74 6.57
N GLU A 12 -6.51 5.38 5.73
CA GLU A 12 -6.11 5.58 4.34
C GLU A 12 -4.85 6.45 4.33
N ALA A 13 -4.79 7.39 5.27
CA ALA A 13 -3.68 8.29 5.43
C ALA A 13 -2.43 7.56 5.91
N GLU A 14 -2.57 6.71 6.90
CA GLU A 14 -1.41 5.99 7.46
C GLU A 14 -0.91 4.93 6.53
N PHE A 15 -1.80 4.41 5.75
CA PHE A 15 -1.44 3.46 4.74
C PHE A 15 -0.79 4.18 3.60
N LEU A 16 -1.20 5.38 3.37
CA LEU A 16 -0.61 6.21 2.34
C LEU A 16 0.82 6.54 2.71
N GLU A 17 1.08 6.51 3.96
CA GLU A 17 2.42 6.66 4.42
C GLU A 17 3.24 5.36 4.13
N PHE A 18 2.54 4.19 3.98
CA PHE A 18 3.21 2.88 3.68
C PHE A 18 4.08 3.03 2.47
N VAL A 19 3.45 3.55 1.47
CA VAL A 19 4.05 3.66 0.18
C VAL A 19 5.11 4.74 0.14
N LYS A 20 4.85 5.83 0.84
CA LYS A 20 5.81 6.89 0.94
C LYS A 20 7.08 6.37 1.60
N LYS A 21 6.87 5.61 2.67
CA LYS A 21 7.92 5.04 3.47
C LYS A 21 8.74 4.05 2.66
N ILE A 22 8.11 3.33 1.77
CA ILE A 22 8.84 2.41 0.91
C ILE A 22 9.73 3.20 -0.07
N CYS A 23 9.21 4.28 -0.56
CA CYS A 23 9.93 5.11 -1.47
C CYS A 23 11.11 5.84 -0.76
N ARG A 24 10.87 6.37 0.44
CA ARG A 24 11.86 7.21 1.14
C ARG A 24 12.69 6.47 2.21
N ALA A 25 12.09 5.55 2.90
CA ALA A 25 12.69 4.87 4.04
C ALA A 25 13.02 3.44 3.69
N GLU A 26 13.14 3.19 2.39
CA GLU A 26 13.40 1.89 1.77
C GLU A 26 14.33 0.96 2.60
N GLY A 27 15.46 1.48 3.02
CA GLY A 27 16.36 0.71 3.82
C GLY A 27 17.77 0.94 3.38
N ALA A 28 18.58 -0.08 3.46
CA ALA A 28 19.95 0.02 3.05
C ALA A 28 20.11 -0.65 1.71
N THR A 29 19.34 -1.67 1.51
CA THR A 29 19.38 -2.45 0.31
C THR A 29 17.95 -2.57 -0.25
N GLU A 30 17.81 -3.18 -1.40
CA GLU A 30 16.51 -3.33 -2.01
C GLU A 30 15.76 -4.50 -1.42
N GLU A 31 16.47 -5.37 -0.68
CA GLU A 31 15.80 -6.44 0.06
C GLU A 31 15.06 -5.83 1.23
N ASP A 32 15.49 -4.65 1.63
CA ASP A 32 14.82 -3.93 2.70
C ASP A 32 13.54 -3.36 2.16
N ASP A 33 13.67 -2.80 0.99
CA ASP A 33 12.56 -2.21 0.24
C ASP A 33 11.49 -3.28 -0.03
N ASN A 34 11.92 -4.41 -0.60
CA ASN A 34 10.99 -5.47 -0.98
C ASN A 34 10.23 -6.05 0.21
N LYS A 35 10.88 -6.22 1.35
CA LYS A 35 10.20 -6.80 2.49
C LYS A 35 9.19 -5.86 3.11
N LEU A 36 9.35 -4.55 2.88
CA LEU A 36 8.33 -3.62 3.31
C LEU A 36 7.11 -3.85 2.47
N VAL A 37 7.32 -3.83 1.17
CA VAL A 37 6.26 -4.06 0.19
C VAL A 37 5.55 -5.37 0.49
N ARG A 38 6.33 -6.42 0.70
CA ARG A 38 5.80 -7.75 0.91
C ARG A 38 5.01 -7.90 2.23
N GLU A 39 5.26 -7.05 3.23
CA GLU A 39 4.47 -7.16 4.44
C GLU A 39 3.16 -6.39 4.23
N PHE A 40 3.26 -5.26 3.56
CA PHE A 40 2.09 -4.46 3.27
C PHE A 40 1.19 -5.15 2.25
N GLU A 41 1.80 -5.75 1.24
CA GLU A 41 1.12 -6.51 0.22
C GLU A 41 0.48 -7.78 0.75
N ARG A 42 0.90 -8.19 1.92
CA ARG A 42 0.30 -9.33 2.60
C ARG A 42 -1.04 -8.88 3.17
N LEU A 43 -1.03 -7.66 3.65
CA LEU A 43 -2.18 -7.04 4.27
C LEU A 43 -3.23 -6.68 3.20
N THR A 44 -2.78 -6.06 2.14
CA THR A 44 -3.65 -5.60 1.04
C THR A 44 -4.26 -6.76 0.31
N GLU A 45 -3.44 -7.81 0.11
CA GLU A 45 -3.76 -8.96 -0.67
C GLU A 45 -3.95 -8.49 -2.12
N HIS A 46 -3.34 -7.35 -2.42
CA HIS A 46 -3.55 -6.70 -3.66
C HIS A 46 -2.74 -7.40 -4.79
N PRO A 47 -3.34 -7.54 -5.96
CA PRO A 47 -2.72 -8.22 -7.10
C PRO A 47 -1.50 -7.57 -7.63
N ASP A 48 -1.59 -6.30 -7.79
CA ASP A 48 -0.59 -5.55 -8.44
C ASP A 48 0.01 -4.62 -7.47
N GLY A 49 -0.20 -4.93 -6.20
CA GLY A 49 0.26 -4.04 -5.12
C GLY A 49 1.70 -3.76 -5.14
N SER A 50 2.44 -4.78 -5.28
CA SER A 50 3.85 -4.66 -5.40
C SER A 50 4.22 -3.87 -6.67
N ASP A 51 3.54 -4.20 -7.76
CA ASP A 51 3.72 -3.51 -9.05
C ASP A 51 3.44 -2.02 -8.92
N LEU A 52 2.39 -1.67 -8.15
CA LEU A 52 1.93 -0.27 -7.94
C LEU A 52 3.07 0.65 -7.54
N ILE A 53 3.93 0.13 -6.73
CA ILE A 53 4.99 0.91 -6.13
C ILE A 53 6.14 1.07 -7.10
N TYR A 54 6.33 0.06 -7.87
CA TYR A 54 7.45 0.00 -8.75
C TYR A 54 7.16 0.54 -10.14
N TYR A 55 6.00 0.27 -10.66
CA TYR A 55 5.65 0.64 -12.00
C TYR A 55 4.22 1.21 -12.01
N PRO A 56 4.02 2.40 -12.60
CA PRO A 56 2.70 3.03 -12.71
C PRO A 56 1.76 2.20 -13.59
N ARG A 57 0.47 2.37 -13.44
CA ARG A 57 -0.45 1.60 -14.22
C ARG A 57 -0.75 2.29 -15.55
N ASP A 58 -1.98 2.70 -15.76
CA ASP A 58 -2.31 3.42 -16.98
C ASP A 58 -2.86 4.78 -16.68
N ASP A 59 -4.05 4.80 -16.13
CA ASP A 59 -4.74 6.05 -15.88
C ASP A 59 -4.57 6.44 -14.43
N ARG A 60 -4.11 5.51 -13.64
CA ARG A 60 -3.93 5.72 -12.25
C ARG A 60 -2.77 6.66 -12.02
N GLU A 61 -2.96 7.53 -11.09
CA GLU A 61 -1.96 8.50 -10.71
C GLU A 61 -0.84 7.79 -9.98
N ASP A 62 0.36 8.03 -10.39
CA ASP A 62 1.49 7.44 -9.73
C ASP A 62 1.97 8.36 -8.65
N SER A 63 1.34 8.27 -7.53
CA SER A 63 1.69 9.05 -6.41
C SER A 63 1.46 8.20 -5.18
N PRO A 64 2.02 8.56 -4.02
CA PRO A 64 1.77 7.84 -2.77
C PRO A 64 0.26 7.83 -2.48
N GLU A 65 -0.43 8.84 -2.95
CA GLU A 65 -1.86 8.96 -2.81
C GLU A 65 -2.55 7.96 -3.74
N GLY A 66 -2.20 8.02 -5.02
CA GLY A 66 -2.84 7.20 -6.03
C GLY A 66 -2.62 5.72 -5.85
N ILE A 67 -1.47 5.34 -5.31
CA ILE A 67 -1.18 3.95 -5.05
C ILE A 67 -2.12 3.38 -3.97
N VAL A 68 -2.33 4.14 -2.91
CA VAL A 68 -3.27 3.75 -1.88
C VAL A 68 -4.65 3.74 -2.44
N LYS A 69 -4.93 4.75 -3.24
CA LYS A 69 -6.20 4.93 -3.84
C LYS A 69 -6.59 3.72 -4.66
N GLU A 70 -5.63 3.16 -5.39
CA GLU A 70 -5.88 2.00 -6.22
C GLU A 70 -6.36 0.84 -5.34
N ILE A 71 -5.55 0.52 -4.32
CA ILE A 71 -5.87 -0.54 -3.36
C ILE A 71 -7.23 -0.29 -2.70
N LYS A 72 -7.44 0.95 -2.33
CA LYS A 72 -8.62 1.39 -1.63
C LYS A 72 -9.87 1.24 -2.50
N GLU A 73 -9.84 1.81 -3.71
CA GLU A 73 -11.00 1.74 -4.61
C GLU A 73 -11.23 0.31 -5.10
N TRP A 74 -10.16 -0.43 -5.30
CA TRP A 74 -10.22 -1.81 -5.74
C TRP A 74 -10.81 -2.72 -4.65
N ARG A 75 -10.27 -2.66 -3.43
CA ARG A 75 -10.77 -3.48 -2.33
C ARG A 75 -12.22 -3.19 -2.03
N ALA A 76 -12.58 -1.93 -2.06
CA ALA A 76 -13.96 -1.54 -1.80
C ALA A 76 -14.89 -1.92 -2.96
N ALA A 77 -14.31 -2.17 -4.13
CA ALA A 77 -15.08 -2.58 -5.30
C ALA A 77 -15.32 -4.04 -5.22
N ASN A 78 -14.32 -4.72 -4.72
CA ASN A 78 -14.31 -6.15 -4.57
C ASN A 78 -15.22 -6.61 -3.45
N GLY A 79 -15.47 -5.74 -2.51
CA GLY A 79 -16.28 -6.11 -1.36
C GLY A 79 -15.39 -6.54 -0.22
N LYS A 80 -14.15 -6.14 -0.30
CA LYS A 80 -13.18 -6.42 0.69
C LYS A 80 -13.21 -5.35 1.73
N SER A 81 -12.51 -5.55 2.80
CA SER A 81 -12.45 -4.63 3.87
C SER A 81 -11.55 -3.45 3.48
N GLY A 82 -11.69 -2.36 4.19
CA GLY A 82 -10.97 -1.17 3.84
C GLY A 82 -10.00 -0.76 4.90
N PHE A 83 -9.95 0.50 5.17
CA PHE A 83 -9.08 1.05 6.14
C PHE A 83 -9.86 1.53 7.34
N LYS A 84 -9.15 2.00 8.31
CA LYS A 84 -9.73 2.57 9.49
C LYS A 84 -10.15 4.00 9.21
N GLN A 85 -11.27 4.37 9.71
CA GLN A 85 -11.70 5.73 9.66
C GLN A 85 -11.67 6.30 11.07
N GLY A 86 -10.54 6.86 11.42
CA GLY A 86 -10.34 7.42 12.71
C GLY A 86 -9.22 8.40 12.67
N GLU A 2 5.04 0.50 16.90
CA GLU A 2 3.75 0.03 17.42
C GLU A 2 3.23 -1.08 16.53
N LEU A 3 2.12 -1.70 16.90
CA LEU A 3 1.54 -2.74 16.12
C LEU A 3 0.08 -2.55 15.84
N LYS A 4 -0.28 -2.98 14.67
CA LYS A 4 -1.63 -3.00 14.16
C LYS A 4 -2.18 -4.41 14.24
N HIS A 5 -3.44 -4.59 13.91
CA HIS A 5 -3.99 -5.93 13.79
C HIS A 5 -4.08 -6.35 12.31
N SER A 6 -4.74 -5.53 11.51
CA SER A 6 -4.90 -5.80 10.09
C SER A 6 -4.68 -4.53 9.29
N ILE A 7 -5.03 -4.55 8.02
CA ILE A 7 -4.90 -3.39 7.16
C ILE A 7 -5.83 -2.26 7.60
N SER A 8 -7.00 -2.63 8.11
CA SER A 8 -7.99 -1.68 8.48
C SER A 8 -7.69 -1.10 9.87
N ASP A 9 -6.52 -1.43 10.39
CA ASP A 9 -6.04 -0.81 11.62
C ASP A 9 -5.43 0.53 11.24
N TYR A 10 -4.98 0.59 10.02
CA TYR A 10 -4.38 1.77 9.45
C TYR A 10 -5.49 2.61 8.86
N THR A 11 -5.42 3.90 9.05
CA THR A 11 -6.28 4.78 8.31
C THR A 11 -5.76 4.82 6.88
N GLU A 12 -6.48 5.50 6.01
CA GLU A 12 -6.05 5.66 4.65
C GLU A 12 -4.71 6.37 4.66
N ALA A 13 -4.60 7.35 5.56
CA ALA A 13 -3.39 8.16 5.73
C ALA A 13 -2.19 7.33 6.19
N GLU A 14 -2.38 6.51 7.24
CA GLU A 14 -1.29 5.67 7.79
C GLU A 14 -0.83 4.64 6.79
N PHE A 15 -1.76 4.14 6.02
CA PHE A 15 -1.44 3.19 5.02
C PHE A 15 -0.83 3.90 3.84
N LEU A 16 -1.24 5.08 3.61
CA LEU A 16 -0.67 5.89 2.56
C LEU A 16 0.76 6.24 2.90
N GLU A 17 1.04 6.23 4.15
CA GLU A 17 2.39 6.38 4.60
C GLU A 17 3.18 5.09 4.33
N PHE A 18 2.47 3.92 4.15
CA PHE A 18 3.14 2.61 3.84
C PHE A 18 3.99 2.81 2.65
N VAL A 19 3.37 3.34 1.67
CA VAL A 19 3.96 3.53 0.40
C VAL A 19 4.95 4.67 0.41
N LYS A 20 4.66 5.72 1.16
CA LYS A 20 5.59 6.83 1.29
C LYS A 20 6.88 6.36 1.97
N LYS A 21 6.70 5.47 2.93
CA LYS A 21 7.80 4.85 3.64
C LYS A 21 8.63 4.04 2.69
N ILE A 22 7.98 3.18 1.92
CA ILE A 22 8.68 2.34 0.93
C ILE A 22 9.37 3.24 -0.12
N CYS A 23 8.73 4.35 -0.43
CA CYS A 23 9.25 5.34 -1.36
C CYS A 23 10.57 5.94 -0.82
N ARG A 24 10.72 6.02 0.49
CA ARG A 24 11.98 6.50 1.06
C ARG A 24 12.88 5.35 1.53
N ALA A 25 12.37 4.15 1.43
CA ALA A 25 13.05 2.93 1.85
C ALA A 25 13.47 2.11 0.65
N GLU A 26 13.58 2.77 -0.49
CA GLU A 26 13.92 2.15 -1.77
C GLU A 26 15.16 1.28 -1.69
N GLY A 27 16.15 1.71 -0.93
CA GLY A 27 17.33 0.92 -0.90
C GLY A 27 18.30 1.20 0.21
N ALA A 28 18.09 0.57 1.36
CA ALA A 28 19.19 0.43 2.32
C ALA A 28 19.92 -0.79 1.80
N THR A 29 19.10 -1.64 1.27
CA THR A 29 19.36 -2.81 0.51
C THR A 29 17.99 -3.01 -0.12
N GLU A 30 17.86 -3.61 -1.26
CA GLU A 30 16.53 -3.68 -1.90
C GLU A 30 15.59 -4.62 -1.18
N GLU A 31 16.17 -5.52 -0.39
CA GLU A 31 15.40 -6.40 0.45
C GLU A 31 14.62 -5.61 1.51
N ASP A 32 15.15 -4.44 1.92
CA ASP A 32 14.51 -3.62 2.95
C ASP A 32 13.20 -3.08 2.42
N ASP A 33 13.26 -2.65 1.18
CA ASP A 33 12.10 -2.18 0.39
C ASP A 33 11.09 -3.32 0.27
N ASN A 34 11.56 -4.41 -0.31
CA ASN A 34 10.77 -5.59 -0.62
C ASN A 34 10.10 -6.21 0.62
N LYS A 35 10.81 -6.29 1.74
CA LYS A 35 10.23 -6.90 2.92
C LYS A 35 9.12 -6.05 3.50
N LEU A 36 9.19 -4.72 3.30
CA LEU A 36 8.11 -3.87 3.74
C LEU A 36 6.93 -4.10 2.84
N VAL A 37 7.21 -4.09 1.54
CA VAL A 37 6.20 -4.34 0.52
C VAL A 37 5.43 -5.61 0.82
N ARG A 38 6.16 -6.67 1.11
CA ARG A 38 5.56 -7.97 1.38
C ARG A 38 4.55 -7.97 2.54
N GLU A 39 4.86 -7.29 3.65
CA GLU A 39 3.93 -7.31 4.77
C GLU A 39 2.68 -6.52 4.43
N PHE A 40 2.88 -5.42 3.72
CA PHE A 40 1.80 -4.56 3.32
C PHE A 40 0.93 -5.21 2.24
N GLU A 41 1.57 -5.88 1.31
CA GLU A 41 0.89 -6.58 0.24
C GLU A 41 0.11 -7.80 0.70
N ARG A 42 0.40 -8.25 1.88
CA ARG A 42 -0.36 -9.34 2.49
C ARG A 42 -1.56 -8.76 3.23
N LEU A 43 -1.47 -7.50 3.56
CA LEU A 43 -2.57 -6.80 4.21
C LEU A 43 -3.63 -6.48 3.16
N THR A 44 -3.17 -6.02 2.02
CA THR A 44 -4.02 -5.62 0.94
C THR A 44 -4.54 -6.81 0.17
N GLU A 45 -3.68 -7.87 0.08
CA GLU A 45 -3.93 -9.07 -0.72
C GLU A 45 -3.92 -8.64 -2.17
N HIS A 46 -3.31 -7.51 -2.42
CA HIS A 46 -3.35 -6.90 -3.69
C HIS A 46 -2.39 -7.61 -4.69
N PRO A 47 -2.87 -7.84 -5.89
CA PRO A 47 -2.14 -8.54 -6.94
C PRO A 47 -0.91 -7.82 -7.42
N ASP A 48 -1.09 -6.59 -7.76
CA ASP A 48 -0.06 -5.82 -8.40
C ASP A 48 0.41 -4.82 -7.42
N GLY A 49 0.17 -5.11 -6.16
CA GLY A 49 0.49 -4.16 -5.09
C GLY A 49 1.92 -3.81 -5.03
N SER A 50 2.74 -4.80 -5.16
CA SER A 50 4.17 -4.55 -5.20
C SER A 50 4.49 -3.67 -6.42
N ASP A 51 3.91 -4.05 -7.58
CA ASP A 51 4.08 -3.31 -8.84
C ASP A 51 3.65 -1.87 -8.72
N LEU A 52 2.58 -1.62 -7.97
CA LEU A 52 2.02 -0.26 -7.75
C LEU A 52 3.07 0.69 -7.24
N ILE A 53 3.94 0.17 -6.41
CA ILE A 53 4.94 0.94 -5.70
C ILE A 53 6.05 1.32 -6.64
N TYR A 54 6.23 0.49 -7.61
CA TYR A 54 7.26 0.66 -8.56
C TYR A 54 6.75 1.43 -9.78
N TYR A 55 5.56 1.06 -10.24
CA TYR A 55 4.97 1.63 -11.42
C TYR A 55 3.50 1.99 -11.16
N PRO A 56 3.21 3.26 -10.85
CA PRO A 56 1.83 3.73 -10.77
C PRO A 56 1.18 3.62 -12.16
N ARG A 57 0.34 2.60 -12.31
CA ARG A 57 -0.30 2.10 -13.57
C ARG A 57 -0.29 3.03 -14.82
N ASP A 58 -1.46 3.45 -15.23
CA ASP A 58 -1.61 4.23 -16.45
C ASP A 58 -2.25 5.59 -16.18
N ASP A 59 -3.51 5.54 -15.80
CA ASP A 59 -4.31 6.74 -15.57
C ASP A 59 -4.25 7.11 -14.10
N ARG A 60 -3.82 6.15 -13.33
CA ARG A 60 -3.66 6.30 -11.93
C ARG A 60 -2.53 7.26 -11.66
N GLU A 61 -2.78 8.12 -10.74
CA GLU A 61 -1.86 9.16 -10.35
C GLU A 61 -0.54 8.58 -9.86
N ASP A 62 0.54 9.18 -10.30
CA ASP A 62 1.86 8.77 -9.88
C ASP A 62 2.14 9.45 -8.57
N SER A 63 1.49 8.98 -7.53
CA SER A 63 1.68 9.51 -6.23
C SER A 63 1.47 8.39 -5.21
N PRO A 64 2.15 8.47 -4.04
CA PRO A 64 1.91 7.55 -2.90
C PRO A 64 0.39 7.40 -2.64
N GLU A 65 -0.31 8.52 -2.73
CA GLU A 65 -1.75 8.58 -2.54
C GLU A 65 -2.49 7.78 -3.62
N GLY A 66 -1.94 7.81 -4.81
CA GLY A 66 -2.53 7.12 -5.95
C GLY A 66 -2.42 5.62 -5.82
N ILE A 67 -1.36 5.19 -5.20
CA ILE A 67 -1.12 3.79 -4.96
C ILE A 67 -2.17 3.26 -3.96
N VAL A 68 -2.41 4.02 -2.94
CA VAL A 68 -3.46 3.74 -1.95
C VAL A 68 -4.85 3.77 -2.60
N LYS A 69 -5.01 4.63 -3.60
CA LYS A 69 -6.24 4.67 -4.36
C LYS A 69 -6.48 3.33 -5.03
N GLU A 70 -5.42 2.76 -5.58
CA GLU A 70 -5.48 1.43 -6.16
C GLU A 70 -5.81 0.40 -5.11
N ILE A 71 -5.27 0.59 -3.92
CA ILE A 71 -5.52 -0.33 -2.83
C ILE A 71 -6.98 -0.27 -2.40
N LYS A 72 -7.49 0.94 -2.15
CA LYS A 72 -8.82 1.08 -1.71
C LYS A 72 -9.77 0.62 -2.77
N GLU A 73 -9.65 1.17 -3.97
CA GLU A 73 -10.61 0.93 -5.02
C GLU A 73 -10.65 -0.51 -5.51
N TRP A 74 -9.52 -1.18 -5.54
CA TRP A 74 -9.52 -2.54 -5.99
C TRP A 74 -10.19 -3.43 -4.94
N ARG A 75 -9.87 -3.21 -3.68
CA ARG A 75 -10.46 -3.99 -2.60
C ARG A 75 -11.91 -3.59 -2.43
N ALA A 76 -12.17 -2.33 -2.69
CA ALA A 76 -13.48 -1.71 -2.65
C ALA A 76 -14.43 -2.38 -3.62
N ALA A 77 -13.91 -2.73 -4.79
CA ALA A 77 -14.70 -3.33 -5.84
C ALA A 77 -14.82 -4.80 -5.61
N ASN A 78 -13.85 -5.33 -4.93
CA ASN A 78 -13.76 -6.76 -4.66
C ASN A 78 -14.48 -7.17 -3.40
N GLY A 79 -15.18 -6.22 -2.79
CA GLY A 79 -15.94 -6.49 -1.58
C GLY A 79 -15.07 -6.94 -0.43
N LYS A 80 -13.89 -6.36 -0.34
CA LYS A 80 -12.94 -6.69 0.68
C LYS A 80 -12.99 -5.68 1.83
N SER A 81 -11.96 -5.72 2.63
CA SER A 81 -11.81 -4.85 3.75
C SER A 81 -11.47 -3.43 3.26
N GLY A 82 -11.52 -2.48 4.15
CA GLY A 82 -11.20 -1.11 3.83
C GLY A 82 -10.05 -0.63 4.68
N PHE A 83 -10.04 0.64 4.97
CA PHE A 83 -9.12 1.21 5.88
C PHE A 83 -9.90 1.73 7.07
N LYS A 84 -9.19 2.19 8.06
CA LYS A 84 -9.80 2.77 9.22
C LYS A 84 -10.12 4.21 8.91
N GLN A 85 -11.24 4.66 9.36
CA GLN A 85 -11.65 6.02 9.13
C GLN A 85 -11.77 6.75 10.44
N GLY A 86 -11.09 7.84 10.54
CA GLY A 86 -11.09 8.64 11.72
C GLY A 86 -10.78 10.04 11.35
N GLU A 2 5.21 1.42 15.08
CA GLU A 2 4.23 0.68 15.89
C GLU A 2 3.84 -0.59 15.15
N LEU A 3 3.08 -1.44 15.80
CA LEU A 3 2.61 -2.66 15.18
C LEU A 3 1.11 -2.66 15.06
N LYS A 4 0.63 -3.45 14.15
CA LYS A 4 -0.76 -3.53 13.83
C LYS A 4 -1.18 -4.99 13.70
N HIS A 5 -2.36 -5.21 13.20
CA HIS A 5 -2.82 -6.55 12.95
C HIS A 5 -3.23 -6.73 11.48
N SER A 6 -3.71 -5.66 10.83
CA SER A 6 -4.17 -5.77 9.47
C SER A 6 -4.12 -4.42 8.77
N ILE A 7 -4.59 -4.41 7.52
CA ILE A 7 -4.70 -3.20 6.72
C ILE A 7 -5.74 -2.25 7.33
N SER A 8 -6.78 -2.82 7.94
CA SER A 8 -7.85 -2.02 8.47
C SER A 8 -7.46 -1.44 9.82
N ASP A 9 -6.28 -1.78 10.32
CA ASP A 9 -5.79 -1.14 11.53
C ASP A 9 -5.07 0.16 11.16
N TYR A 10 -4.76 0.29 9.90
CA TYR A 10 -4.16 1.49 9.38
C TYR A 10 -5.25 2.43 8.98
N THR A 11 -5.09 3.68 9.27
CA THR A 11 -6.00 4.67 8.78
C THR A 11 -5.65 4.89 7.33
N GLU A 12 -6.47 5.59 6.57
CA GLU A 12 -6.16 5.83 5.18
C GLU A 12 -4.86 6.61 5.09
N ALA A 13 -4.66 7.50 6.05
CA ALA A 13 -3.45 8.30 6.13
C ALA A 13 -2.23 7.42 6.44
N GLU A 14 -2.33 6.56 7.46
CA GLU A 14 -1.21 5.66 7.83
C GLU A 14 -0.90 4.67 6.73
N PHE A 15 -1.91 4.26 6.03
CA PHE A 15 -1.73 3.36 4.93
C PHE A 15 -1.18 4.13 3.76
N LEU A 16 -1.55 5.34 3.64
CA LEU A 16 -1.04 6.15 2.56
C LEU A 16 0.42 6.49 2.84
N GLU A 17 0.77 6.40 4.07
CA GLU A 17 2.12 6.48 4.47
C GLU A 17 2.87 5.17 4.15
N PHE A 18 2.14 4.03 3.97
CA PHE A 18 2.78 2.70 3.65
C PHE A 18 3.63 2.87 2.44
N VAL A 19 3.03 3.44 1.46
CA VAL A 19 3.60 3.57 0.17
C VAL A 19 4.71 4.62 0.16
N LYS A 20 4.51 5.69 0.90
CA LYS A 20 5.52 6.72 1.01
C LYS A 20 6.72 6.15 1.75
N LYS A 21 6.42 5.36 2.78
CA LYS A 21 7.39 4.71 3.62
C LYS A 21 8.23 3.77 2.78
N ILE A 22 7.58 3.08 1.88
CA ILE A 22 8.26 2.20 0.95
C ILE A 22 9.20 2.98 0.03
N CYS A 23 8.73 4.11 -0.45
CA CYS A 23 9.50 4.94 -1.36
C CYS A 23 10.77 5.49 -0.67
N ARG A 24 10.69 5.68 0.63
CA ARG A 24 11.82 6.16 1.42
C ARG A 24 12.51 4.99 2.14
N ALA A 25 12.10 3.78 1.86
CA ALA A 25 12.56 2.60 2.59
C ALA A 25 13.86 2.02 2.06
N GLU A 26 14.61 2.83 1.33
CA GLU A 26 15.86 2.39 0.73
C GLU A 26 16.84 1.84 1.78
N GLY A 27 16.82 2.47 2.97
CA GLY A 27 17.55 2.02 4.14
C GLY A 27 18.97 1.59 3.89
N ALA A 28 19.15 0.29 3.81
CA ALA A 28 20.44 -0.29 3.59
C ALA A 28 20.47 -1.06 2.29
N THR A 29 19.51 -1.94 2.09
CA THR A 29 19.49 -2.79 0.93
C THR A 29 18.09 -2.82 0.29
N GLU A 30 18.01 -3.43 -0.86
CA GLU A 30 16.77 -3.55 -1.63
C GLU A 30 15.76 -4.43 -0.93
N GLU A 31 16.25 -5.43 -0.21
CA GLU A 31 15.38 -6.31 0.51
C GLU A 31 14.75 -5.59 1.68
N ASP A 32 15.39 -4.51 2.11
CA ASP A 32 14.91 -3.72 3.23
C ASP A 32 13.69 -2.91 2.77
N ASP A 33 13.67 -2.58 1.48
CA ASP A 33 12.50 -1.95 0.86
C ASP A 33 11.44 -3.00 0.72
N ASN A 34 11.83 -4.05 0.01
CA ASN A 34 10.97 -5.16 -0.38
C ASN A 34 10.26 -5.81 0.78
N LYS A 35 10.93 -6.02 1.90
CA LYS A 35 10.30 -6.68 3.02
C LYS A 35 9.18 -5.84 3.63
N LEU A 36 9.18 -4.53 3.40
CA LEU A 36 8.04 -3.73 3.81
C LEU A 36 6.93 -3.97 2.81
N VAL A 37 7.28 -3.90 1.53
CA VAL A 37 6.33 -4.07 0.43
C VAL A 37 5.53 -5.37 0.58
N ARG A 38 6.24 -6.42 0.89
CA ARG A 38 5.64 -7.75 0.99
C ARG A 38 4.64 -7.85 2.14
N GLU A 39 4.91 -7.19 3.27
CA GLU A 39 3.97 -7.27 4.37
C GLU A 39 2.72 -6.49 4.01
N PHE A 40 2.90 -5.41 3.29
CA PHE A 40 1.81 -4.61 2.86
C PHE A 40 0.98 -5.32 1.81
N GLU A 41 1.62 -6.03 0.89
CA GLU A 41 0.92 -6.90 -0.06
C GLU A 41 0.10 -7.96 0.70
N ARG A 42 0.65 -8.44 1.79
CA ARG A 42 -0.01 -9.47 2.58
C ARG A 42 -1.26 -8.89 3.27
N LEU A 43 -1.15 -7.64 3.70
CA LEU A 43 -2.26 -6.94 4.34
C LEU A 43 -3.34 -6.60 3.34
N THR A 44 -2.90 -6.04 2.24
CA THR A 44 -3.78 -5.58 1.20
C THR A 44 -4.46 -6.71 0.49
N GLU A 45 -3.80 -7.88 0.46
CA GLU A 45 -4.26 -9.02 -0.28
C GLU A 45 -4.27 -8.61 -1.76
N HIS A 46 -3.43 -7.64 -2.07
CA HIS A 46 -3.41 -7.06 -3.36
C HIS A 46 -2.39 -7.79 -4.24
N PRO A 47 -2.86 -8.29 -5.39
CA PRO A 47 -2.10 -9.12 -6.32
C PRO A 47 -0.84 -8.47 -6.82
N ASP A 48 -1.00 -7.27 -7.23
CA ASP A 48 0.04 -6.54 -7.82
C ASP A 48 0.45 -5.47 -6.89
N GLY A 49 0.29 -5.75 -5.59
CA GLY A 49 0.66 -4.79 -4.52
C GLY A 49 2.06 -4.26 -4.64
N SER A 50 2.91 -5.03 -5.21
CA SER A 50 4.25 -4.59 -5.44
C SER A 50 4.32 -3.73 -6.70
N ASP A 51 3.73 -4.24 -7.79
CA ASP A 51 3.69 -3.55 -9.09
C ASP A 51 3.05 -2.18 -8.99
N LEU A 52 2.07 -2.03 -8.09
CA LEU A 52 1.36 -0.75 -7.86
C LEU A 52 2.32 0.36 -7.55
N ILE A 53 3.34 0.00 -6.80
CA ILE A 53 4.32 0.94 -6.29
C ILE A 53 5.26 1.34 -7.38
N TYR A 54 5.47 0.44 -8.27
CA TYR A 54 6.41 0.63 -9.30
C TYR A 54 5.79 1.19 -10.58
N TYR A 55 4.66 0.67 -10.99
CA TYR A 55 4.03 1.08 -12.23
C TYR A 55 2.56 1.38 -12.03
N PRO A 56 2.21 2.61 -11.68
CA PRO A 56 0.81 3.05 -11.60
C PRO A 56 0.19 3.04 -13.00
N ARG A 57 -0.78 2.12 -13.19
CA ARG A 57 -1.43 1.77 -14.49
C ARG A 57 -1.26 2.73 -15.70
N ASP A 58 -2.33 3.32 -16.14
CA ASP A 58 -2.31 4.17 -17.33
C ASP A 58 -2.75 5.60 -17.04
N ASP A 59 -3.96 5.73 -16.54
CA ASP A 59 -4.55 7.05 -16.24
C ASP A 59 -4.39 7.33 -14.77
N ARG A 60 -3.85 6.36 -14.09
CA ARG A 60 -3.59 6.42 -12.72
C ARG A 60 -2.34 7.25 -12.48
N GLU A 61 -2.46 8.13 -11.56
CA GLU A 61 -1.43 9.07 -11.21
C GLU A 61 -0.28 8.38 -10.49
N ASP A 62 0.90 8.88 -10.69
CA ASP A 62 2.09 8.35 -10.09
C ASP A 62 2.34 9.10 -8.80
N SER A 63 1.58 8.80 -7.78
CA SER A 63 1.79 9.42 -6.51
C SER A 63 1.53 8.40 -5.44
N PRO A 64 2.14 8.55 -4.24
CA PRO A 64 1.85 7.69 -3.09
C PRO A 64 0.33 7.62 -2.84
N GLU A 65 -0.34 8.74 -3.05
CA GLU A 65 -1.77 8.85 -2.87
C GLU A 65 -2.52 8.10 -3.97
N GLY A 66 -2.06 8.28 -5.21
CA GLY A 66 -2.67 7.63 -6.35
C GLY A 66 -2.56 6.14 -6.27
N ILE A 67 -1.44 5.67 -5.74
CA ILE A 67 -1.24 4.25 -5.53
C ILE A 67 -2.24 3.73 -4.51
N VAL A 68 -2.39 4.44 -3.39
CA VAL A 68 -3.35 4.08 -2.34
C VAL A 68 -4.77 4.01 -2.90
N LYS A 69 -5.04 4.87 -3.86
CA LYS A 69 -6.32 4.93 -4.50
C LYS A 69 -6.60 3.62 -5.25
N GLU A 70 -5.55 3.01 -5.79
CA GLU A 70 -5.67 1.71 -6.47
C GLU A 70 -6.10 0.65 -5.49
N ILE A 71 -5.45 0.62 -4.32
CA ILE A 71 -5.82 -0.33 -3.27
C ILE A 71 -7.28 -0.13 -2.91
N LYS A 72 -7.69 1.13 -2.79
CA LYS A 72 -9.03 1.46 -2.48
C LYS A 72 -9.97 1.02 -3.54
N GLU A 73 -9.78 1.50 -4.75
CA GLU A 73 -10.69 1.26 -5.82
C GLU A 73 -10.81 -0.23 -6.18
N TRP A 74 -9.74 -0.96 -6.01
CA TRP A 74 -9.76 -2.40 -6.20
C TRP A 74 -10.48 -3.10 -5.01
N ARG A 75 -9.97 -2.93 -3.77
CA ARG A 75 -10.55 -3.61 -2.59
C ARG A 75 -11.98 -3.21 -2.32
N ALA A 76 -12.28 -1.95 -2.50
CA ALA A 76 -13.60 -1.45 -2.26
C ALA A 76 -14.59 -1.90 -3.35
N ALA A 77 -14.06 -2.28 -4.52
CA ALA A 77 -14.89 -2.76 -5.61
C ALA A 77 -15.17 -4.21 -5.42
N ASN A 78 -14.18 -4.88 -4.87
CA ASN A 78 -14.23 -6.29 -4.59
C ASN A 78 -15.22 -6.60 -3.49
N GLY A 79 -15.39 -5.65 -2.61
CA GLY A 79 -16.24 -5.87 -1.47
C GLY A 79 -15.41 -6.30 -0.28
N LYS A 80 -14.15 -5.88 -0.29
CA LYS A 80 -13.24 -6.18 0.76
C LYS A 80 -13.29 -5.10 1.83
N SER A 81 -12.45 -5.24 2.79
CA SER A 81 -12.37 -4.34 3.88
C SER A 81 -11.53 -3.12 3.46
N GLY A 82 -11.57 -2.09 4.26
CA GLY A 82 -10.89 -0.87 3.94
C GLY A 82 -9.89 -0.53 5.01
N PHE A 83 -9.85 0.72 5.38
CA PHE A 83 -8.93 1.20 6.35
C PHE A 83 -9.69 1.62 7.60
N LYS A 84 -8.96 2.06 8.58
CA LYS A 84 -9.54 2.63 9.77
C LYS A 84 -9.86 4.07 9.45
N GLN A 85 -10.97 4.54 9.91
CA GLN A 85 -11.45 5.85 9.52
C GLN A 85 -11.80 6.68 10.73
N GLY A 86 -11.21 6.33 11.82
CA GLY A 86 -11.40 7.04 13.04
C GLY A 86 -10.92 6.20 14.17
N GLU A 2 2.79 -3.71 19.40
CA GLU A 2 1.58 -3.15 18.81
C GLU A 2 1.96 -2.27 17.62
N LEU A 3 1.12 -2.31 16.61
CA LEU A 3 1.24 -1.54 15.46
C LEU A 3 -0.12 -1.45 14.86
N LYS A 4 -0.56 -2.56 14.39
CA LYS A 4 -1.90 -2.74 13.90
C LYS A 4 -2.29 -4.17 14.12
N HIS A 5 -3.55 -4.46 14.02
CA HIS A 5 -4.03 -5.83 14.10
C HIS A 5 -4.53 -6.30 12.74
N SER A 6 -4.65 -5.36 11.80
CA SER A 6 -5.15 -5.66 10.47
C SER A 6 -4.90 -4.48 9.55
N ILE A 7 -5.22 -4.65 8.28
CA ILE A 7 -5.16 -3.57 7.31
C ILE A 7 -6.22 -2.51 7.66
N SER A 8 -7.31 -2.97 8.26
CA SER A 8 -8.42 -2.12 8.55
C SER A 8 -8.17 -1.30 9.82
N ASP A 9 -6.99 -1.48 10.42
CA ASP A 9 -6.59 -0.68 11.56
C ASP A 9 -5.67 0.47 11.09
N TYR A 10 -5.29 0.41 9.84
CA TYR A 10 -4.55 1.51 9.23
C TYR A 10 -5.57 2.45 8.67
N THR A 11 -5.43 3.72 8.91
CA THR A 11 -6.28 4.67 8.24
C THR A 11 -5.71 4.89 6.84
N GLU A 12 -6.42 5.63 5.99
CA GLU A 12 -5.92 5.90 4.65
C GLU A 12 -4.59 6.64 4.73
N ALA A 13 -4.53 7.56 5.66
CA ALA A 13 -3.34 8.39 5.88
C ALA A 13 -2.13 7.55 6.24
N GLU A 14 -2.33 6.59 7.13
CA GLU A 14 -1.26 5.71 7.58
C GLU A 14 -0.84 4.76 6.50
N PHE A 15 -1.79 4.33 5.71
CA PHE A 15 -1.49 3.43 4.63
C PHE A 15 -0.80 4.19 3.53
N LEU A 16 -1.17 5.41 3.36
CA LEU A 16 -0.48 6.30 2.45
C LEU A 16 0.95 6.45 2.88
N GLU A 17 1.16 6.58 4.14
CA GLU A 17 2.48 6.65 4.63
C GLU A 17 3.29 5.34 4.35
N PHE A 18 2.58 4.18 4.09
CA PHE A 18 3.25 2.88 3.74
C PHE A 18 4.09 3.07 2.53
N VAL A 19 3.47 3.61 1.53
CA VAL A 19 4.06 3.72 0.25
C VAL A 19 5.14 4.78 0.22
N LYS A 20 4.92 5.85 0.95
CA LYS A 20 5.91 6.89 1.06
C LYS A 20 7.16 6.33 1.73
N LYS A 21 6.92 5.52 2.76
CA LYS A 21 7.97 4.89 3.54
C LYS A 21 8.81 3.99 2.65
N ILE A 22 8.17 3.27 1.78
CA ILE A 22 8.87 2.39 0.86
C ILE A 22 9.68 3.21 -0.14
N CYS A 23 9.09 4.31 -0.57
CA CYS A 23 9.72 5.19 -1.53
C CYS A 23 10.94 5.91 -0.91
N ARG A 24 10.86 6.27 0.36
CA ARG A 24 11.92 7.03 1.00
C ARG A 24 12.90 6.20 1.86
N ALA A 25 12.39 5.21 2.53
CA ALA A 25 13.14 4.50 3.54
C ALA A 25 13.52 3.11 3.08
N GLU A 26 13.54 2.91 1.76
CA GLU A 26 13.85 1.61 1.10
C GLU A 26 15.04 0.83 1.68
N GLY A 27 15.98 1.51 2.28
CA GLY A 27 17.04 0.82 2.96
C GLY A 27 18.35 0.97 2.28
N ALA A 28 18.77 -0.06 1.60
CA ALA A 28 20.03 -0.06 0.93
C ALA A 28 19.95 -0.88 -0.34
N THR A 29 19.47 -2.09 -0.20
CA THR A 29 19.23 -2.95 -1.32
C THR A 29 17.72 -3.00 -1.51
N GLU A 30 17.28 -3.33 -2.70
CA GLU A 30 15.86 -3.34 -3.02
C GLU A 30 15.14 -4.52 -2.32
N GLU A 31 15.91 -5.41 -1.71
CA GLU A 31 15.35 -6.49 -0.91
C GLU A 31 14.70 -5.91 0.35
N ASP A 32 15.26 -4.80 0.85
CA ASP A 32 14.78 -4.16 2.06
C ASP A 32 13.50 -3.43 1.71
N ASP A 33 13.52 -2.86 0.52
CA ASP A 33 12.37 -2.19 -0.10
C ASP A 33 11.22 -3.18 -0.21
N ASN A 34 11.50 -4.27 -0.90
CA ASN A 34 10.56 -5.31 -1.17
C ASN A 34 10.02 -5.96 0.10
N LYS A 35 10.82 -6.10 1.16
CA LYS A 35 10.29 -6.71 2.36
C LYS A 35 9.26 -5.85 3.06
N LEU A 36 9.27 -4.55 2.80
CA LEU A 36 8.17 -3.72 3.28
C LEU A 36 6.97 -4.04 2.45
N VAL A 37 7.18 -3.99 1.15
CA VAL A 37 6.14 -4.24 0.17
C VAL A 37 5.42 -5.55 0.49
N ARG A 38 6.17 -6.60 0.72
CA ARG A 38 5.61 -7.91 1.01
C ARG A 38 4.71 -7.96 2.25
N GLU A 39 5.00 -7.17 3.29
CA GLU A 39 4.12 -7.18 4.47
C GLU A 39 2.83 -6.43 4.15
N PHE A 40 2.97 -5.39 3.35
CA PHE A 40 1.83 -4.60 2.96
C PHE A 40 0.98 -5.32 1.90
N GLU A 41 1.63 -6.05 0.99
CA GLU A 41 0.95 -6.91 0.02
C GLU A 41 0.13 -7.96 0.73
N ARG A 42 0.58 -8.39 1.89
CA ARG A 42 -0.13 -9.37 2.69
C ARG A 42 -1.32 -8.75 3.34
N LEU A 43 -1.10 -7.60 3.90
CA LEU A 43 -2.18 -6.83 4.53
C LEU A 43 -3.30 -6.55 3.53
N THR A 44 -2.93 -6.22 2.32
CA THR A 44 -3.88 -5.93 1.28
C THR A 44 -4.30 -7.15 0.50
N GLU A 45 -3.51 -8.23 0.61
CA GLU A 45 -3.72 -9.48 -0.15
C GLU A 45 -3.71 -9.10 -1.64
N HIS A 46 -2.97 -8.03 -1.93
CA HIS A 46 -3.04 -7.38 -3.19
C HIS A 46 -2.01 -7.96 -4.17
N PRO A 47 -2.49 -8.36 -5.35
CA PRO A 47 -1.70 -9.01 -6.40
C PRO A 47 -0.58 -8.14 -6.90
N ASP A 48 -0.96 -6.96 -7.32
CA ASP A 48 -0.09 -6.02 -7.90
C ASP A 48 0.44 -5.11 -6.83
N GLY A 49 0.35 -5.56 -5.57
CA GLY A 49 0.77 -4.70 -4.41
C GLY A 49 2.18 -4.24 -4.51
N SER A 50 2.94 -5.01 -5.19
CA SER A 50 4.29 -4.65 -5.46
C SER A 50 4.36 -3.71 -6.67
N ASP A 51 3.73 -4.14 -7.77
CA ASP A 51 3.68 -3.39 -9.04
C ASP A 51 3.21 -1.98 -8.84
N LEU A 52 2.20 -1.78 -7.98
CA LEU A 52 1.59 -0.47 -7.71
C LEU A 52 2.62 0.54 -7.28
N ILE A 53 3.58 0.08 -6.52
CA ILE A 53 4.58 0.95 -5.94
C ILE A 53 5.60 1.33 -6.96
N TYR A 54 5.84 0.43 -7.83
CA TYR A 54 6.83 0.61 -8.82
C TYR A 54 6.26 1.30 -10.05
N TYR A 55 5.00 1.05 -10.33
CA TYR A 55 4.33 1.61 -11.47
C TYR A 55 2.86 1.84 -11.11
N PRO A 56 2.46 3.07 -10.78
CA PRO A 56 1.05 3.37 -10.60
C PRO A 56 0.40 3.27 -11.97
N ARG A 57 -0.28 2.14 -12.19
CA ARG A 57 -0.73 1.59 -13.51
C ARG A 57 -0.65 2.53 -14.71
N ASP A 58 -1.77 2.87 -15.27
CA ASP A 58 -1.76 3.77 -16.41
C ASP A 58 -2.57 5.01 -16.14
N ASP A 59 -3.78 4.78 -15.62
CA ASP A 59 -4.74 5.87 -15.31
C ASP A 59 -4.33 6.62 -14.06
N ARG A 60 -3.39 6.06 -13.34
CA ARG A 60 -2.99 6.61 -12.07
C ARG A 60 -2.15 7.84 -12.12
N GLU A 61 -2.33 8.60 -11.10
CA GLU A 61 -1.53 9.73 -10.81
C GLU A 61 -0.26 9.21 -10.16
N ASP A 62 0.84 9.85 -10.39
CA ASP A 62 2.08 9.41 -9.81
C ASP A 62 2.26 10.05 -8.47
N SER A 63 1.55 9.56 -7.49
CA SER A 63 1.70 10.08 -6.17
C SER A 63 1.56 8.96 -5.17
N PRO A 64 2.28 9.04 -4.03
CA PRO A 64 2.09 8.10 -2.92
C PRO A 64 0.58 7.88 -2.61
N GLU A 65 -0.23 8.95 -2.62
CA GLU A 65 -1.67 8.81 -2.40
C GLU A 65 -2.35 8.10 -3.57
N GLY A 66 -1.90 8.36 -4.79
CA GLY A 66 -2.47 7.74 -5.98
C GLY A 66 -2.26 6.25 -5.98
N ILE A 67 -1.20 5.80 -5.35
CA ILE A 67 -0.94 4.40 -5.20
C ILE A 67 -1.93 3.79 -4.22
N VAL A 68 -2.21 4.51 -3.14
CA VAL A 68 -3.19 4.06 -2.14
C VAL A 68 -4.56 3.92 -2.77
N LYS A 69 -4.82 4.76 -3.75
CA LYS A 69 -6.05 4.74 -4.49
C LYS A 69 -6.24 3.39 -5.17
N GLU A 70 -5.14 2.84 -5.68
CA GLU A 70 -5.14 1.51 -6.29
C GLU A 70 -5.63 0.48 -5.31
N ILE A 71 -5.02 0.47 -4.13
CA ILE A 71 -5.43 -0.43 -3.08
C ILE A 71 -6.88 -0.16 -2.69
N LYS A 72 -7.20 1.11 -2.50
CA LYS A 72 -8.53 1.55 -2.09
C LYS A 72 -9.59 1.01 -3.02
N GLU A 73 -9.47 1.31 -4.29
CA GLU A 73 -10.44 0.92 -5.26
C GLU A 73 -10.52 -0.58 -5.41
N TRP A 74 -9.39 -1.24 -5.32
CA TRP A 74 -9.34 -2.68 -5.46
C TRP A 74 -10.02 -3.34 -4.26
N ARG A 75 -9.60 -2.97 -3.04
CA ARG A 75 -10.17 -3.54 -1.80
C ARG A 75 -11.68 -3.25 -1.77
N ALA A 76 -12.04 -2.04 -2.17
CA ALA A 76 -13.41 -1.58 -2.17
C ALA A 76 -14.28 -2.33 -3.19
N ALA A 77 -13.71 -2.67 -4.34
CA ALA A 77 -14.48 -3.28 -5.42
C ALA A 77 -14.62 -4.74 -5.16
N ASN A 78 -13.60 -5.27 -4.52
CA ASN A 78 -13.54 -6.66 -4.18
C ASN A 78 -14.43 -7.00 -3.00
N GLY A 79 -14.99 -5.98 -2.34
CA GLY A 79 -15.83 -6.21 -1.20
C GLY A 79 -15.03 -6.67 0.00
N LYS A 80 -13.78 -6.28 0.01
CA LYS A 80 -12.87 -6.63 1.05
C LYS A 80 -12.87 -5.56 2.10
N SER A 81 -12.17 -5.80 3.17
CA SER A 81 -12.01 -4.88 4.24
C SER A 81 -11.20 -3.66 3.75
N GLY A 82 -11.53 -2.51 4.28
CA GLY A 82 -10.89 -1.30 3.86
C GLY A 82 -10.11 -0.71 4.98
N PHE A 83 -9.69 0.52 4.86
CA PHE A 83 -8.89 1.15 5.86
C PHE A 83 -9.77 1.66 6.98
N LYS A 84 -9.17 2.06 8.06
CA LYS A 84 -9.88 2.61 9.16
C LYS A 84 -10.35 3.98 8.78
N GLN A 85 -11.65 4.12 8.80
CA GLN A 85 -12.34 5.32 8.36
C GLN A 85 -12.08 6.53 9.24
N GLY A 86 -11.05 7.24 8.90
CA GLY A 86 -10.75 8.48 9.53
C GLY A 86 -10.80 9.55 8.49
N GLU A 2 2.55 2.98 18.19
CA GLU A 2 1.54 1.95 18.32
C GLU A 2 1.67 1.02 17.13
N LEU A 3 1.36 -0.23 17.35
CA LEU A 3 1.44 -1.22 16.33
C LEU A 3 0.08 -1.80 16.00
N LYS A 4 -0.13 -1.99 14.74
CA LYS A 4 -1.34 -2.54 14.19
C LYS A 4 -1.35 -4.07 14.23
N HIS A 5 -2.45 -4.61 13.83
CA HIS A 5 -2.63 -6.05 13.72
C HIS A 5 -3.21 -6.37 12.34
N SER A 6 -3.95 -5.44 11.77
CA SER A 6 -4.56 -5.66 10.48
C SER A 6 -4.42 -4.41 9.63
N ILE A 7 -4.78 -4.52 8.35
CA ILE A 7 -4.77 -3.38 7.45
C ILE A 7 -5.86 -2.38 7.86
N SER A 8 -6.94 -2.88 8.41
CA SER A 8 -8.06 -2.05 8.75
C SER A 8 -7.81 -1.39 10.11
N ASP A 9 -6.66 -1.62 10.69
CA ASP A 9 -6.26 -0.92 11.89
C ASP A 9 -5.55 0.37 11.47
N TYR A 10 -5.10 0.40 10.22
CA TYR A 10 -4.49 1.58 9.63
C TYR A 10 -5.59 2.45 9.11
N THR A 11 -5.47 3.74 9.24
CA THR A 11 -6.35 4.63 8.53
C THR A 11 -5.87 4.69 7.09
N GLU A 12 -6.63 5.32 6.23
CA GLU A 12 -6.23 5.50 4.84
C GLU A 12 -4.89 6.25 4.83
N ALA A 13 -4.79 7.25 5.68
CA ALA A 13 -3.59 8.07 5.81
C ALA A 13 -2.37 7.23 6.20
N GLU A 14 -2.52 6.37 7.20
CA GLU A 14 -1.42 5.52 7.68
C GLU A 14 -1.00 4.51 6.64
N PHE A 15 -1.95 4.03 5.89
CA PHE A 15 -1.66 3.11 4.81
C PHE A 15 -1.05 3.88 3.67
N LEU A 16 -1.46 5.07 3.49
CA LEU A 16 -0.91 5.92 2.46
C LEU A 16 0.52 6.30 2.80
N GLU A 17 0.81 6.24 4.04
CA GLU A 17 2.14 6.39 4.48
C GLU A 17 2.94 5.10 4.27
N PHE A 18 2.24 3.94 4.09
CA PHE A 18 2.93 2.64 3.83
C PHE A 18 3.81 2.84 2.65
N VAL A 19 3.21 3.39 1.65
CA VAL A 19 3.84 3.56 0.39
C VAL A 19 4.89 4.67 0.44
N LYS A 20 4.55 5.78 1.09
CA LYS A 20 5.51 6.88 1.28
C LYS A 20 6.75 6.37 2.00
N LYS A 21 6.51 5.52 2.99
CA LYS A 21 7.55 4.90 3.77
C LYS A 21 8.42 4.05 2.88
N ILE A 22 7.82 3.23 2.05
CA ILE A 22 8.55 2.39 1.12
C ILE A 22 9.38 3.24 0.16
N CYS A 23 8.76 4.32 -0.31
CA CYS A 23 9.40 5.28 -1.18
C CYS A 23 10.69 5.85 -0.54
N ARG A 24 10.62 6.23 0.72
CA ARG A 24 11.77 6.85 1.39
C ARG A 24 12.72 5.83 2.06
N ALA A 25 12.20 4.68 2.41
CA ALA A 25 12.92 3.67 3.16
C ALA A 25 13.39 2.51 2.28
N GLU A 26 13.49 2.77 0.98
CA GLU A 26 13.92 1.76 -0.02
C GLU A 26 15.21 0.99 0.40
N GLY A 27 16.07 1.64 1.16
CA GLY A 27 17.24 0.99 1.67
C GLY A 27 18.38 0.90 0.70
N ALA A 28 19.21 -0.09 0.88
CA ALA A 28 20.39 -0.26 0.05
C ALA A 28 20.06 -1.10 -1.16
N THR A 29 19.59 -2.28 -0.90
CA THR A 29 19.17 -3.17 -1.92
C THR A 29 17.65 -3.22 -1.89
N GLU A 30 17.02 -3.52 -3.02
CA GLU A 30 15.56 -3.47 -3.08
C GLU A 30 14.87 -4.51 -2.23
N GLU A 31 15.61 -5.44 -1.67
CA GLU A 31 15.05 -6.39 -0.75
C GLU A 31 14.57 -5.67 0.52
N ASP A 32 15.24 -4.57 0.85
CA ASP A 32 14.95 -3.79 2.05
C ASP A 32 13.69 -2.98 1.84
N ASP A 33 13.43 -2.73 0.59
CA ASP A 33 12.23 -2.05 0.09
C ASP A 33 11.11 -3.08 0.03
N ASN A 34 11.39 -4.15 -0.70
CA ASN A 34 10.49 -5.26 -0.94
C ASN A 34 10.00 -5.90 0.35
N LYS A 35 10.87 -5.99 1.37
CA LYS A 35 10.48 -6.60 2.64
C LYS A 35 9.26 -5.88 3.21
N LEU A 36 9.22 -4.56 3.02
CA LEU A 36 8.08 -3.78 3.48
C LEU A 36 6.90 -4.07 2.60
N VAL A 37 7.11 -3.97 1.31
CA VAL A 37 6.06 -4.19 0.30
C VAL A 37 5.30 -5.51 0.55
N ARG A 38 6.04 -6.58 0.79
CA ARG A 38 5.45 -7.91 0.97
C ARG A 38 4.50 -7.95 2.16
N GLU A 39 4.86 -7.32 3.29
CA GLU A 39 3.99 -7.37 4.46
C GLU A 39 2.70 -6.64 4.18
N PHE A 40 2.78 -5.60 3.35
CA PHE A 40 1.64 -4.82 2.96
C PHE A 40 0.79 -5.55 1.92
N GLU A 41 1.45 -6.24 0.98
CA GLU A 41 0.75 -7.10 0.01
C GLU A 41 -0.04 -8.21 0.72
N ARG A 42 0.50 -8.67 1.84
CA ARG A 42 -0.14 -9.70 2.65
C ARG A 42 -1.32 -9.13 3.44
N LEU A 43 -1.23 -7.85 3.77
CA LEU A 43 -2.29 -7.15 4.47
C LEU A 43 -3.48 -6.86 3.55
N THR A 44 -3.16 -6.57 2.32
CA THR A 44 -4.14 -6.17 1.34
C THR A 44 -4.76 -7.34 0.60
N GLU A 45 -3.94 -8.38 0.40
CA GLU A 45 -4.21 -9.49 -0.48
C GLU A 45 -4.17 -8.94 -1.91
N HIS A 46 -3.44 -7.84 -2.07
CA HIS A 46 -3.38 -7.17 -3.32
C HIS A 46 -2.27 -7.79 -4.19
N PRO A 47 -2.67 -8.25 -5.38
CA PRO A 47 -1.80 -8.95 -6.34
C PRO A 47 -0.65 -8.13 -6.81
N ASP A 48 -0.97 -6.96 -7.25
CA ASP A 48 -0.05 -6.10 -7.86
C ASP A 48 0.44 -5.13 -6.85
N GLY A 49 0.29 -5.48 -5.55
CA GLY A 49 0.74 -4.59 -4.46
C GLY A 49 2.16 -4.19 -4.58
N SER A 50 2.93 -5.05 -5.13
CA SER A 50 4.30 -4.73 -5.39
C SER A 50 4.44 -3.90 -6.67
N ASP A 51 3.75 -4.32 -7.72
CA ASP A 51 3.80 -3.65 -9.02
C ASP A 51 3.34 -2.20 -8.93
N LEU A 52 2.43 -1.90 -8.03
CA LEU A 52 1.93 -0.51 -7.81
C LEU A 52 3.08 0.40 -7.40
N ILE A 53 3.98 -0.17 -6.67
CA ILE A 53 5.09 0.59 -6.12
C ILE A 53 6.26 0.60 -7.09
N TYR A 54 6.43 -0.50 -7.77
CA TYR A 54 7.54 -0.68 -8.67
C TYR A 54 7.28 -0.20 -10.10
N TYR A 55 6.06 -0.31 -10.55
CA TYR A 55 5.68 0.09 -11.88
C TYR A 55 4.54 1.07 -11.77
N PRO A 56 4.86 2.35 -11.92
CA PRO A 56 3.90 3.45 -11.79
C PRO A 56 2.55 3.24 -12.48
N ARG A 57 1.54 3.69 -11.79
CA ARG A 57 0.15 3.60 -12.22
C ARG A 57 -0.22 4.91 -12.83
N ASP A 58 0.66 5.42 -13.64
CA ASP A 58 0.51 6.71 -14.38
C ASP A 58 -0.80 6.78 -15.21
N ASP A 59 -1.55 5.69 -15.19
CA ASP A 59 -2.83 5.55 -15.84
C ASP A 59 -3.85 6.33 -15.00
N ARG A 60 -3.59 6.38 -13.71
CA ARG A 60 -4.34 7.16 -12.77
C ARG A 60 -3.32 8.09 -12.15
N GLU A 61 -3.60 8.67 -11.01
CA GLU A 61 -2.58 9.45 -10.37
C GLU A 61 -1.58 8.49 -9.74
N ASP A 62 -0.36 8.61 -10.13
CA ASP A 62 0.69 7.80 -9.59
C ASP A 62 1.46 8.61 -8.58
N SER A 63 1.01 8.53 -7.39
CA SER A 63 1.61 9.18 -6.29
C SER A 63 1.37 8.30 -5.09
N PRO A 64 2.03 8.53 -3.92
CA PRO A 64 1.72 7.78 -2.69
C PRO A 64 0.20 7.79 -2.39
N GLU A 65 -0.48 8.83 -2.86
CA GLU A 65 -1.90 9.00 -2.66
C GLU A 65 -2.69 8.16 -3.68
N GLY A 66 -2.34 8.30 -4.94
CA GLY A 66 -3.06 7.58 -6.00
C GLY A 66 -2.78 6.10 -5.98
N ILE A 67 -1.61 5.70 -5.47
CA ILE A 67 -1.31 4.30 -5.30
C ILE A 67 -2.30 3.69 -4.32
N VAL A 68 -2.55 4.37 -3.22
CA VAL A 68 -3.52 3.90 -2.21
C VAL A 68 -4.91 3.83 -2.81
N LYS A 69 -5.19 4.75 -3.70
CA LYS A 69 -6.46 4.76 -4.39
C LYS A 69 -6.64 3.48 -5.20
N GLU A 70 -5.55 2.95 -5.73
CA GLU A 70 -5.60 1.71 -6.49
C GLU A 70 -6.04 0.58 -5.57
N ILE A 71 -5.37 0.45 -4.39
CA ILE A 71 -5.75 -0.56 -3.40
C ILE A 71 -7.19 -0.34 -2.98
N LYS A 72 -7.53 0.92 -2.73
CA LYS A 72 -8.86 1.31 -2.32
C LYS A 72 -9.91 0.84 -3.31
N GLU A 73 -9.77 1.26 -4.56
CA GLU A 73 -10.75 0.95 -5.57
C GLU A 73 -10.81 -0.54 -5.86
N TRP A 74 -9.67 -1.20 -5.81
CA TRP A 74 -9.60 -2.62 -6.06
C TRP A 74 -10.32 -3.37 -4.94
N ARG A 75 -9.93 -3.10 -3.68
CA ARG A 75 -10.52 -3.82 -2.56
C ARG A 75 -11.98 -3.46 -2.43
N ALA A 76 -12.32 -2.23 -2.77
CA ALA A 76 -13.68 -1.75 -2.74
C ALA A 76 -14.55 -2.49 -3.78
N ALA A 77 -13.96 -2.82 -4.92
CA ALA A 77 -14.70 -3.47 -6.02
C ALA A 77 -14.78 -4.94 -5.77
N ASN A 78 -13.82 -5.42 -5.02
CA ASN A 78 -13.73 -6.79 -4.65
C ASN A 78 -14.65 -7.09 -3.48
N GLY A 79 -15.17 -6.04 -2.87
CA GLY A 79 -16.03 -6.19 -1.72
C GLY A 79 -15.24 -6.56 -0.49
N LYS A 80 -13.97 -6.25 -0.52
CA LYS A 80 -13.06 -6.55 0.55
C LYS A 80 -13.13 -5.47 1.61
N SER A 81 -12.28 -5.59 2.57
CA SER A 81 -12.19 -4.68 3.67
C SER A 81 -11.60 -3.33 3.20
N GLY A 82 -11.61 -2.36 4.08
CA GLY A 82 -11.10 -1.07 3.76
C GLY A 82 -10.02 -0.68 4.74
N PHE A 83 -10.03 0.57 5.13
CA PHE A 83 -9.11 1.09 6.07
C PHE A 83 -9.92 1.68 7.23
N LYS A 84 -9.26 1.97 8.32
CA LYS A 84 -9.88 2.55 9.49
C LYS A 84 -10.15 4.01 9.23
N GLN A 85 -11.14 4.54 9.88
CA GLN A 85 -11.47 5.92 9.80
C GLN A 85 -11.29 6.55 11.16
N GLY A 86 -10.67 7.69 11.19
CA GLY A 86 -10.41 8.36 12.44
C GLY A 86 -11.42 9.42 12.72
N GLU A 2 3.08 2.16 16.45
CA GLU A 2 1.98 1.33 16.91
C GLU A 2 1.88 0.10 16.03
N LEU A 3 1.36 -0.95 16.56
CA LEU A 3 1.18 -2.14 15.79
C LEU A 3 -0.28 -2.43 15.57
N LYS A 4 -0.58 -2.69 14.34
CA LYS A 4 -1.91 -3.02 13.89
C LYS A 4 -2.22 -4.50 14.16
N HIS A 5 -3.41 -4.90 13.78
CA HIS A 5 -3.74 -6.30 13.73
C HIS A 5 -4.10 -6.68 12.26
N SER A 6 -4.51 -5.67 11.48
CA SER A 6 -4.95 -5.87 10.10
C SER A 6 -4.68 -4.60 9.29
N ILE A 7 -5.01 -4.64 8.00
CA ILE A 7 -4.90 -3.46 7.13
C ILE A 7 -5.93 -2.41 7.55
N SER A 8 -7.08 -2.87 8.00
CA SER A 8 -8.18 -2.01 8.33
C SER A 8 -8.00 -1.37 9.70
N ASP A 9 -6.90 -1.72 10.34
CA ASP A 9 -6.53 -1.13 11.60
C ASP A 9 -5.74 0.15 11.32
N TYR A 10 -5.23 0.25 10.09
CA TYR A 10 -4.57 1.47 9.64
C TYR A 10 -5.62 2.45 9.21
N THR A 11 -5.28 3.67 9.23
CA THR A 11 -6.15 4.66 8.71
C THR A 11 -5.83 4.81 7.25
N GLU A 12 -6.70 5.46 6.51
CA GLU A 12 -6.47 5.69 5.10
C GLU A 12 -5.17 6.48 4.96
N ALA A 13 -4.98 7.44 5.84
CA ALA A 13 -3.83 8.27 5.86
C ALA A 13 -2.54 7.50 6.23
N GLU A 14 -2.58 6.66 7.28
CA GLU A 14 -1.37 5.91 7.69
C GLU A 14 -1.00 4.84 6.68
N PHE A 15 -1.98 4.30 6.03
CA PHE A 15 -1.71 3.35 4.97
C PHE A 15 -1.15 4.08 3.80
N LEU A 16 -1.56 5.27 3.61
CA LEU A 16 -1.05 6.07 2.54
C LEU A 16 0.38 6.49 2.84
N GLU A 17 0.72 6.39 4.05
CA GLU A 17 2.07 6.55 4.45
C GLU A 17 2.88 5.27 4.19
N PHE A 18 2.19 4.08 4.04
CA PHE A 18 2.87 2.74 3.79
C PHE A 18 3.75 2.90 2.62
N VAL A 19 3.19 3.48 1.64
CA VAL A 19 3.79 3.62 0.37
C VAL A 19 4.90 4.66 0.38
N LYS A 20 4.68 5.76 1.07
CA LYS A 20 5.69 6.81 1.19
C LYS A 20 6.89 6.27 1.99
N LYS A 21 6.56 5.45 2.97
CA LYS A 21 7.52 4.78 3.85
C LYS A 21 8.37 3.82 3.02
N ILE A 22 7.77 3.22 2.01
CA ILE A 22 8.46 2.33 1.08
C ILE A 22 9.31 3.15 0.11
N CYS A 23 8.82 4.32 -0.25
CA CYS A 23 9.55 5.23 -1.11
C CYS A 23 10.86 5.68 -0.44
N ARG A 24 10.84 5.76 0.87
CA ARG A 24 12.00 6.11 1.65
C ARG A 24 12.70 4.87 2.24
N ALA A 25 12.23 3.70 1.84
CA ALA A 25 12.71 2.40 2.37
C ALA A 25 13.88 1.85 1.60
N GLU A 26 14.59 2.72 0.90
CA GLU A 26 15.78 2.36 0.12
C GLU A 26 16.73 1.46 0.94
N GLY A 27 16.95 1.84 2.21
CA GLY A 27 17.74 1.05 3.12
C GLY A 27 19.19 0.97 2.72
N ALA A 28 19.53 -0.09 2.09
CA ALA A 28 20.85 -0.32 1.57
C ALA A 28 20.70 -1.16 0.34
N THR A 29 20.10 -2.31 0.53
CA THR A 29 19.77 -3.18 -0.54
C THR A 29 18.27 -3.13 -0.76
N GLU A 30 17.84 -3.42 -1.97
CA GLU A 30 16.41 -3.34 -2.32
C GLU A 30 15.53 -4.30 -1.52
N GLU A 31 16.13 -5.29 -0.87
CA GLU A 31 15.39 -6.21 -0.04
C GLU A 31 14.78 -5.48 1.15
N ASP A 32 15.40 -4.36 1.55
CA ASP A 32 14.91 -3.57 2.70
C ASP A 32 13.59 -2.94 2.32
N ASP A 33 13.56 -2.47 1.12
CA ASP A 33 12.37 -1.90 0.49
C ASP A 33 11.34 -3.00 0.28
N ASN A 34 11.76 -4.03 -0.42
CA ASN A 34 10.92 -5.17 -0.76
C ASN A 34 10.31 -5.86 0.45
N LYS A 35 11.06 -6.01 1.54
CA LYS A 35 10.53 -6.69 2.73
C LYS A 35 9.34 -5.97 3.31
N LEU A 36 9.29 -4.65 3.13
CA LEU A 36 8.11 -3.91 3.56
C LEU A 36 6.97 -4.18 2.60
N VAL A 37 7.26 -4.06 1.31
CA VAL A 37 6.26 -4.24 0.24
C VAL A 37 5.50 -5.57 0.40
N ARG A 38 6.26 -6.65 0.58
CA ARG A 38 5.71 -8.02 0.68
C ARG A 38 4.65 -8.12 1.80
N GLU A 39 4.88 -7.47 2.94
CA GLU A 39 3.93 -7.59 4.05
C GLU A 39 2.67 -6.81 3.71
N PHE A 40 2.86 -5.65 3.10
CA PHE A 40 1.76 -4.81 2.72
C PHE A 40 0.92 -5.47 1.65
N GLU A 41 1.55 -6.19 0.74
CA GLU A 41 0.86 -6.98 -0.27
C GLU A 41 -0.05 -8.03 0.37
N ARG A 42 0.33 -8.52 1.54
CA ARG A 42 -0.47 -9.51 2.20
C ARG A 42 -1.63 -8.85 2.91
N LEU A 43 -1.35 -7.71 3.50
CA LEU A 43 -2.36 -6.91 4.19
C LEU A 43 -3.44 -6.47 3.21
N THR A 44 -3.01 -5.95 2.10
CA THR A 44 -3.89 -5.45 1.06
C THR A 44 -4.54 -6.59 0.34
N GLU A 45 -3.76 -7.68 0.23
CA GLU A 45 -4.06 -8.83 -0.54
C GLU A 45 -4.10 -8.39 -2.01
N HIS A 46 -3.36 -7.32 -2.29
CA HIS A 46 -3.36 -6.73 -3.57
C HIS A 46 -2.30 -7.40 -4.46
N PRO A 47 -2.74 -7.85 -5.64
CA PRO A 47 -1.94 -8.62 -6.59
C PRO A 47 -0.74 -7.89 -7.11
N ASP A 48 -0.93 -6.65 -7.38
CA ASP A 48 0.07 -5.87 -7.97
C ASP A 48 0.64 -4.97 -6.93
N GLY A 49 0.45 -5.36 -5.65
CA GLY A 49 0.92 -4.53 -4.50
C GLY A 49 2.35 -4.14 -4.59
N SER A 50 3.13 -4.93 -5.22
CA SER A 50 4.49 -4.60 -5.45
C SER A 50 4.59 -3.67 -6.66
N ASP A 51 4.12 -4.15 -7.80
CA ASP A 51 4.17 -3.41 -9.08
C ASP A 51 3.63 -1.99 -8.99
N LEU A 52 2.61 -1.77 -8.13
CA LEU A 52 2.02 -0.42 -7.91
C LEU A 52 3.08 0.57 -7.47
N ILE A 53 3.98 0.10 -6.66
CA ILE A 53 4.99 0.95 -6.06
C ILE A 53 6.14 1.16 -7.01
N TYR A 54 6.38 0.18 -7.80
CA TYR A 54 7.51 0.18 -8.69
C TYR A 54 7.18 0.80 -10.05
N TYR A 55 5.94 0.66 -10.49
CA TYR A 55 5.52 1.14 -11.79
C TYR A 55 4.15 1.77 -11.66
N PRO A 56 3.94 2.90 -12.33
CA PRO A 56 2.62 3.54 -12.38
C PRO A 56 1.69 2.78 -13.34
N ARG A 57 0.37 2.96 -13.20
CA ARG A 57 -0.51 2.35 -14.17
C ARG A 57 -0.73 3.29 -15.36
N ASP A 58 -1.97 3.68 -15.61
CA ASP A 58 -2.26 4.61 -16.68
C ASP A 58 -3.00 5.83 -16.16
N ASP A 59 -4.23 5.57 -15.75
CA ASP A 59 -5.19 6.59 -15.35
C ASP A 59 -4.99 6.99 -13.90
N ARG A 60 -4.28 6.14 -13.17
CA ARG A 60 -3.93 6.39 -11.80
C ARG A 60 -3.10 7.60 -11.65
N GLU A 61 -3.27 8.22 -10.55
CA GLU A 61 -2.43 9.27 -10.14
C GLU A 61 -1.18 8.60 -9.69
N ASP A 62 -0.07 9.00 -10.19
CA ASP A 62 1.13 8.36 -9.77
C ASP A 62 1.74 9.11 -8.66
N SER A 63 1.24 8.81 -7.52
CA SER A 63 1.67 9.39 -6.33
C SER A 63 1.54 8.31 -5.29
N PRO A 64 2.20 8.45 -4.12
CA PRO A 64 1.99 7.56 -2.99
C PRO A 64 0.46 7.39 -2.74
N GLU A 65 -0.28 8.49 -2.84
CA GLU A 65 -1.71 8.48 -2.67
C GLU A 65 -2.41 7.63 -3.75
N GLY A 66 -2.06 7.85 -5.00
CA GLY A 66 -2.66 7.12 -6.11
C GLY A 66 -2.41 5.63 -6.03
N ILE A 67 -1.24 5.27 -5.55
CA ILE A 67 -0.89 3.86 -5.33
C ILE A 67 -1.87 3.25 -4.32
N VAL A 68 -2.15 4.00 -3.28
CA VAL A 68 -3.11 3.61 -2.27
C VAL A 68 -4.49 3.55 -2.87
N LYS A 69 -4.82 4.55 -3.67
CA LYS A 69 -6.11 4.67 -4.27
C LYS A 69 -6.44 3.47 -5.16
N GLU A 70 -5.42 2.93 -5.82
CA GLU A 70 -5.57 1.74 -6.64
C GLU A 70 -6.04 0.57 -5.74
N ILE A 71 -5.35 0.39 -4.62
CA ILE A 71 -5.66 -0.63 -3.61
C ILE A 71 -7.03 -0.39 -2.99
N LYS A 72 -7.30 0.85 -2.70
CA LYS A 72 -8.48 1.31 -2.05
C LYS A 72 -9.72 1.04 -2.92
N GLU A 73 -9.71 1.54 -4.14
CA GLU A 73 -10.85 1.38 -5.04
C GLU A 73 -11.08 -0.09 -5.39
N TRP A 74 -9.99 -0.84 -5.52
CA TRP A 74 -10.04 -2.25 -5.88
C TRP A 74 -10.72 -3.06 -4.77
N ARG A 75 -10.19 -2.95 -3.55
CA ARG A 75 -10.72 -3.71 -2.40
C ARG A 75 -12.16 -3.36 -2.10
N ALA A 76 -12.50 -2.11 -2.30
CA ALA A 76 -13.84 -1.62 -2.06
C ALA A 76 -14.84 -2.21 -3.06
N ALA A 77 -14.36 -2.58 -4.24
CA ALA A 77 -15.23 -3.11 -5.27
C ALA A 77 -15.42 -4.57 -5.05
N ASN A 78 -14.38 -5.18 -4.53
CA ASN A 78 -14.36 -6.58 -4.29
C ASN A 78 -15.17 -6.93 -3.06
N GLY A 79 -15.00 -6.14 -2.02
CA GLY A 79 -15.64 -6.43 -0.76
C GLY A 79 -14.63 -6.94 0.24
N LYS A 80 -13.45 -6.36 0.19
CA LYS A 80 -12.37 -6.72 1.05
C LYS A 80 -12.28 -5.77 2.23
N SER A 81 -11.29 -5.97 3.08
CA SER A 81 -11.06 -5.17 4.22
C SER A 81 -10.78 -3.70 3.80
N GLY A 82 -11.07 -2.75 4.67
CA GLY A 82 -10.92 -1.35 4.32
C GLY A 82 -9.82 -0.71 5.12
N PHE A 83 -9.96 0.57 5.41
CA PHE A 83 -9.10 1.26 6.30
C PHE A 83 -9.97 1.85 7.37
N LYS A 84 -9.39 2.44 8.34
CA LYS A 84 -10.12 3.14 9.34
C LYS A 84 -10.15 4.61 8.91
N GLN A 85 -11.31 5.18 8.95
CA GLN A 85 -11.50 6.55 8.42
C GLN A 85 -11.32 7.62 9.48
N GLY A 86 -10.79 7.21 10.56
CA GLY A 86 -10.53 8.09 11.63
C GLY A 86 -9.27 7.65 12.25
N GLU A 2 2.45 -1.68 19.63
CA GLU A 2 2.31 -1.89 18.19
C GLU A 2 1.35 -3.04 17.97
N LEU A 3 1.36 -3.61 16.77
CA LEU A 3 0.54 -4.74 16.39
C LEU A 3 -0.88 -4.37 16.11
N LYS A 4 -1.11 -4.21 14.85
CA LYS A 4 -2.42 -3.95 14.30
C LYS A 4 -3.17 -5.25 14.10
N HIS A 5 -4.48 -5.19 13.99
CA HIS A 5 -5.24 -6.40 13.77
C HIS A 5 -5.32 -6.71 12.27
N SER A 6 -5.24 -5.68 11.43
CA SER A 6 -5.36 -5.84 10.01
C SER A 6 -4.83 -4.60 9.31
N ILE A 7 -4.99 -4.57 7.99
CA ILE A 7 -4.69 -3.40 7.20
C ILE A 7 -5.69 -2.27 7.55
N SER A 8 -6.88 -2.66 7.98
CA SER A 8 -7.92 -1.71 8.28
C SER A 8 -7.73 -1.13 9.68
N ASP A 9 -6.65 -1.52 10.32
CA ASP A 9 -6.26 -0.94 11.60
C ASP A 9 -5.45 0.34 11.30
N TYR A 10 -4.99 0.44 10.05
CA TYR A 10 -4.26 1.59 9.56
C TYR A 10 -5.23 2.53 8.92
N THR A 11 -5.11 3.80 9.17
CA THR A 11 -5.90 4.77 8.45
C THR A 11 -5.35 4.89 7.04
N GLU A 12 -6.08 5.56 6.16
CA GLU A 12 -5.61 5.79 4.80
C GLU A 12 -4.26 6.48 4.86
N ALA A 13 -4.17 7.46 5.74
CA ALA A 13 -2.95 8.27 5.89
C ALA A 13 -1.73 7.43 6.31
N GLU A 14 -1.93 6.49 7.21
CA GLU A 14 -0.84 5.62 7.70
C GLU A 14 -0.39 4.67 6.62
N PHE A 15 -1.34 4.19 5.89
CA PHE A 15 -1.06 3.28 4.83
C PHE A 15 -0.52 4.05 3.65
N LEU A 16 -0.95 5.24 3.48
CA LEU A 16 -0.46 6.08 2.43
C LEU A 16 1.00 6.45 2.68
N GLU A 17 1.38 6.37 3.90
CA GLU A 17 2.76 6.47 4.24
C GLU A 17 3.51 5.17 3.94
N PHE A 18 2.79 4.03 3.82
CA PHE A 18 3.44 2.71 3.49
C PHE A 18 4.25 2.87 2.27
N VAL A 19 3.62 3.44 1.30
CA VAL A 19 4.18 3.60 0.00
C VAL A 19 5.29 4.64 -0.02
N LYS A 20 5.08 5.71 0.73
CA LYS A 20 6.09 6.74 0.86
C LYS A 20 7.34 6.16 1.53
N LYS A 21 7.09 5.33 2.54
CA LYS A 21 8.12 4.63 3.30
C LYS A 21 8.88 3.67 2.40
N ILE A 22 8.19 3.08 1.43
CA ILE A 22 8.82 2.17 0.49
C ILE A 22 9.64 2.95 -0.54
N CYS A 23 9.10 4.07 -0.97
CA CYS A 23 9.78 4.90 -1.94
C CYS A 23 11.10 5.44 -1.37
N ARG A 24 11.12 5.64 -0.06
CA ARG A 24 12.31 6.14 0.61
C ARG A 24 13.11 5.02 1.27
N ALA A 25 12.71 3.77 1.00
CA ALA A 25 13.28 2.58 1.66
C ALA A 25 14.70 2.18 1.18
N GLU A 26 15.41 3.13 0.62
CA GLU A 26 16.77 2.90 0.11
C GLU A 26 17.80 2.97 1.28
N GLY A 27 17.31 2.81 2.49
CA GLY A 27 18.09 2.93 3.71
C GLY A 27 19.24 1.96 3.80
N ALA A 28 18.96 0.74 4.18
CA ALA A 28 19.99 -0.27 4.32
C ALA A 28 20.41 -0.76 2.95
N THR A 29 19.46 -1.31 2.27
CA THR A 29 19.60 -1.85 0.95
C THR A 29 18.21 -1.86 0.35
N GLU A 30 18.10 -2.07 -0.95
CA GLU A 30 16.81 -2.02 -1.65
C GLU A 30 15.92 -3.25 -1.29
N GLU A 31 16.42 -4.06 -0.39
CA GLU A 31 15.69 -5.17 0.17
C GLU A 31 14.67 -4.63 1.18
N ASP A 32 15.00 -3.45 1.75
CA ASP A 32 14.17 -2.79 2.76
C ASP A 32 12.85 -2.45 2.12
N ASP A 33 12.97 -2.03 0.86
CA ASP A 33 11.85 -1.75 -0.05
C ASP A 33 10.94 -2.97 -0.17
N ASN A 34 11.54 -4.05 -0.59
CA ASN A 34 10.83 -5.28 -0.88
C ASN A 34 10.17 -5.89 0.36
N LYS A 35 10.85 -5.87 1.49
CA LYS A 35 10.27 -6.46 2.69
C LYS A 35 9.07 -5.63 3.16
N LEU A 36 9.10 -4.32 2.88
CA LEU A 36 7.96 -3.49 3.18
C LEU A 36 6.83 -3.88 2.26
N VAL A 37 7.14 -3.96 0.97
CA VAL A 37 6.16 -4.33 -0.02
C VAL A 37 5.49 -5.66 0.33
N ARG A 38 6.29 -6.63 0.70
CA ARG A 38 5.77 -7.97 0.98
C ARG A 38 4.92 -8.02 2.24
N GLU A 39 5.18 -7.15 3.21
CA GLU A 39 4.34 -7.15 4.39
C GLU A 39 3.03 -6.44 4.09
N PHE A 40 3.12 -5.36 3.35
CA PHE A 40 1.96 -4.57 3.01
C PHE A 40 1.07 -5.27 1.99
N GLU A 41 1.67 -5.90 0.98
CA GLU A 41 0.93 -6.64 -0.03
C GLU A 41 0.25 -7.87 0.53
N ARG A 42 0.71 -8.30 1.66
CA ARG A 42 0.13 -9.39 2.38
C ARG A 42 -1.11 -8.91 3.10
N LEU A 43 -1.05 -7.70 3.53
CA LEU A 43 -2.12 -7.04 4.21
C LEU A 43 -3.22 -6.59 3.24
N THR A 44 -2.84 -6.24 2.04
CA THR A 44 -3.78 -5.71 1.05
C THR A 44 -4.50 -6.78 0.32
N GLU A 45 -3.78 -7.89 0.05
CA GLU A 45 -4.26 -8.97 -0.75
C GLU A 45 -4.50 -8.42 -2.17
N HIS A 46 -3.71 -7.38 -2.51
CA HIS A 46 -3.85 -6.71 -3.76
C HIS A 46 -2.96 -7.39 -4.83
N PRO A 47 -3.48 -7.59 -6.04
CA PRO A 47 -2.78 -8.27 -7.14
C PRO A 47 -1.63 -7.50 -7.72
N ASP A 48 -1.85 -6.25 -7.90
CA ASP A 48 -0.95 -5.41 -8.63
C ASP A 48 -0.27 -4.54 -7.63
N GLY A 49 -0.40 -4.91 -6.38
CA GLY A 49 0.08 -4.09 -5.27
C GLY A 49 1.53 -3.79 -5.33
N SER A 50 2.30 -4.81 -5.52
CA SER A 50 3.75 -4.61 -5.61
C SER A 50 4.04 -3.73 -6.84
N ASP A 51 3.39 -4.07 -7.97
CA ASP A 51 3.51 -3.34 -9.23
C ASP A 51 3.22 -1.87 -9.02
N LEU A 52 2.14 -1.55 -8.29
CA LEU A 52 1.70 -0.17 -8.02
C LEU A 52 2.83 0.71 -7.51
N ILE A 53 3.64 0.13 -6.67
CA ILE A 53 4.66 0.84 -5.95
C ILE A 53 5.79 1.19 -6.85
N TYR A 54 5.98 0.35 -7.80
CA TYR A 54 7.01 0.50 -8.74
C TYR A 54 6.50 1.24 -9.98
N TYR A 55 5.28 0.93 -10.40
CA TYR A 55 4.65 1.45 -11.58
C TYR A 55 3.14 1.58 -11.33
N PRO A 56 2.65 2.77 -10.99
CA PRO A 56 1.20 3.02 -10.84
C PRO A 56 0.53 2.79 -12.18
N ARG A 57 -0.22 1.66 -12.27
CA ARG A 57 -0.77 1.03 -13.52
C ARG A 57 -0.73 1.92 -14.80
N ASP A 58 -1.86 2.25 -15.34
CA ASP A 58 -1.91 3.21 -16.44
C ASP A 58 -2.77 4.39 -16.11
N ASP A 59 -3.96 4.08 -15.67
CA ASP A 59 -5.00 5.05 -15.38
C ASP A 59 -4.93 5.52 -13.95
N ARG A 60 -3.94 5.09 -13.25
CA ARG A 60 -3.83 5.46 -11.93
C ARG A 60 -2.82 6.55 -11.78
N GLU A 61 -3.20 7.50 -10.97
CA GLU A 61 -2.40 8.61 -10.57
C GLU A 61 -1.05 8.14 -10.08
N ASP A 62 -0.02 8.74 -10.60
CA ASP A 62 1.30 8.42 -10.18
C ASP A 62 1.64 9.25 -8.96
N SER A 63 1.13 8.81 -7.84
CA SER A 63 1.46 9.42 -6.60
C SER A 63 1.42 8.35 -5.54
N PRO A 64 2.05 8.56 -4.36
CA PRO A 64 1.93 7.63 -3.26
C PRO A 64 0.47 7.50 -2.86
N GLU A 65 -0.25 8.60 -3.06
CA GLU A 65 -1.66 8.68 -2.82
C GLU A 65 -2.39 7.72 -3.75
N GLY A 66 -2.14 7.86 -5.05
CA GLY A 66 -2.80 7.05 -6.06
C GLY A 66 -2.59 5.56 -5.88
N ILE A 67 -1.41 5.20 -5.44
CA ILE A 67 -1.08 3.80 -5.18
C ILE A 67 -2.00 3.22 -4.08
N VAL A 68 -2.15 4.00 -3.04
CA VAL A 68 -2.99 3.65 -1.89
C VAL A 68 -4.45 3.69 -2.29
N LYS A 69 -4.76 4.67 -3.09
CA LYS A 69 -6.09 4.91 -3.55
C LYS A 69 -6.54 3.78 -4.48
N GLU A 70 -5.62 3.26 -5.29
CA GLU A 70 -5.89 2.13 -6.17
C GLU A 70 -6.27 0.93 -5.30
N ILE A 71 -5.45 0.66 -4.29
CA ILE A 71 -5.71 -0.39 -3.32
C ILE A 71 -7.08 -0.21 -2.64
N LYS A 72 -7.38 1.01 -2.26
CA LYS A 72 -8.63 1.30 -1.61
C LYS A 72 -9.81 1.02 -2.52
N GLU A 73 -9.75 1.54 -3.73
CA GLU A 73 -10.85 1.41 -4.70
C GLU A 73 -11.06 -0.02 -5.13
N TRP A 74 -9.98 -0.71 -5.40
CA TRP A 74 -10.04 -2.08 -5.84
C TRP A 74 -10.67 -2.96 -4.76
N ARG A 75 -10.16 -2.83 -3.55
CA ARG A 75 -10.69 -3.63 -2.45
C ARG A 75 -12.12 -3.21 -2.13
N ALA A 76 -12.41 -1.94 -2.39
CA ALA A 76 -13.73 -1.37 -2.22
C ALA A 76 -14.71 -1.97 -3.23
N ALA A 77 -14.21 -2.34 -4.40
CA ALA A 77 -15.04 -2.85 -5.47
C ALA A 77 -15.26 -4.30 -5.24
N ASN A 78 -14.20 -4.94 -4.77
CA ASN A 78 -14.20 -6.34 -4.51
C ASN A 78 -15.10 -6.71 -3.35
N GLY A 79 -15.18 -5.84 -2.37
CA GLY A 79 -15.94 -6.15 -1.19
C GLY A 79 -15.01 -6.69 -0.14
N LYS A 80 -13.83 -6.17 -0.13
CA LYS A 80 -12.81 -6.54 0.78
C LYS A 80 -12.75 -5.53 1.92
N SER A 81 -11.76 -5.63 2.76
CA SER A 81 -11.63 -4.78 3.90
C SER A 81 -11.16 -3.37 3.45
N GLY A 82 -11.02 -2.44 4.38
CA GLY A 82 -10.68 -1.09 3.98
C GLY A 82 -9.53 -0.54 4.77
N PHE A 83 -9.59 0.72 5.10
CA PHE A 83 -8.68 1.34 5.99
C PHE A 83 -9.47 1.83 7.17
N LYS A 84 -8.80 2.27 8.16
CA LYS A 84 -9.43 2.85 9.28
C LYS A 84 -9.77 4.26 8.91
N GLN A 85 -10.96 4.62 9.17
CA GLN A 85 -11.49 5.87 8.83
C GLN A 85 -11.02 6.92 9.82
N GLY A 86 -10.04 7.66 9.42
CA GLY A 86 -9.49 8.68 10.24
C GLY A 86 -8.72 9.64 9.41
N GLU A 2 2.19 1.05 17.79
CA GLU A 2 2.89 0.22 16.83
C GLU A 2 2.19 -1.12 16.78
N LEU A 3 2.31 -1.80 15.63
CA LEU A 3 1.72 -3.11 15.36
C LEU A 3 0.21 -2.99 15.19
N LYS A 4 -0.33 -3.77 14.32
CA LYS A 4 -1.72 -3.69 14.00
C LYS A 4 -2.36 -5.05 14.02
N HIS A 5 -3.63 -5.10 13.74
CA HIS A 5 -4.32 -6.36 13.58
C HIS A 5 -4.50 -6.65 12.10
N SER A 6 -4.50 -5.58 11.28
CA SER A 6 -4.68 -5.71 9.83
C SER A 6 -4.49 -4.36 9.18
N ILE A 7 -4.72 -4.31 7.88
CA ILE A 7 -4.71 -3.08 7.10
C ILE A 7 -5.86 -2.17 7.57
N SER A 8 -6.91 -2.78 8.09
CA SER A 8 -8.08 -2.10 8.53
C SER A 8 -7.80 -1.32 9.84
N ASP A 9 -6.68 -1.61 10.49
CA ASP A 9 -6.30 -0.80 11.66
C ASP A 9 -5.67 0.53 11.21
N TYR A 10 -5.10 0.50 10.03
CA TYR A 10 -4.49 1.69 9.45
C TYR A 10 -5.58 2.55 8.86
N THR A 11 -5.41 3.83 8.92
CA THR A 11 -6.29 4.71 8.23
C THR A 11 -5.74 4.88 6.82
N GLU A 12 -6.52 5.44 5.93
CA GLU A 12 -6.08 5.65 4.55
C GLU A 12 -4.83 6.54 4.55
N ALA A 13 -4.82 7.52 5.45
CA ALA A 13 -3.71 8.45 5.61
C ALA A 13 -2.43 7.73 6.08
N GLU A 14 -2.56 6.86 7.08
CA GLU A 14 -1.42 6.10 7.61
C GLU A 14 -0.94 5.06 6.64
N PHE A 15 -1.84 4.56 5.86
CA PHE A 15 -1.52 3.63 4.83
C PHE A 15 -0.86 4.37 3.70
N LEU A 16 -1.24 5.58 3.50
CA LEU A 16 -0.63 6.42 2.49
C LEU A 16 0.79 6.75 2.89
N GLU A 17 1.03 6.68 4.13
CA GLU A 17 2.36 6.79 4.61
C GLU A 17 3.15 5.48 4.35
N PHE A 18 2.43 4.33 4.16
CA PHE A 18 3.09 3.00 3.89
C PHE A 18 3.99 3.15 2.71
N VAL A 19 3.43 3.71 1.71
CA VAL A 19 4.05 3.83 0.44
C VAL A 19 5.15 4.86 0.45
N LYS A 20 4.88 6.02 1.04
CA LYS A 20 5.89 7.07 1.14
C LYS A 20 7.08 6.56 1.92
N LYS A 21 6.78 5.78 2.96
CA LYS A 21 7.78 5.16 3.78
C LYS A 21 8.64 4.26 2.95
N ILE A 22 8.03 3.45 2.11
CA ILE A 22 8.78 2.56 1.21
C ILE A 22 9.68 3.40 0.29
N CYS A 23 9.12 4.47 -0.24
CA CYS A 23 9.81 5.41 -1.10
C CYS A 23 11.08 6.00 -0.41
N ARG A 24 11.00 6.27 0.89
CA ARG A 24 12.12 6.89 1.61
C ARG A 24 12.98 5.90 2.43
N ALA A 25 12.39 4.82 2.85
CA ALA A 25 13.01 3.84 3.74
C ALA A 25 13.52 2.62 2.98
N GLU A 26 13.76 2.81 1.67
CA GLU A 26 14.31 1.78 0.74
C GLU A 26 15.36 0.89 1.42
N GLY A 27 16.23 1.50 2.19
CA GLY A 27 17.17 0.76 2.96
C GLY A 27 18.50 0.64 2.29
N ALA A 28 19.17 -0.45 2.55
CA ALA A 28 20.47 -0.70 1.99
C ALA A 28 20.35 -1.43 0.67
N THR A 29 19.56 -2.45 0.66
CA THR A 29 19.40 -3.28 -0.50
C THR A 29 17.95 -3.35 -0.92
N GLU A 30 17.72 -3.87 -2.10
CA GLU A 30 16.39 -4.02 -2.68
C GLU A 30 15.49 -4.86 -1.80
N GLU A 31 16.07 -5.86 -1.14
CA GLU A 31 15.30 -6.72 -0.27
C GLU A 31 14.74 -5.92 0.93
N ASP A 32 15.42 -4.84 1.29
CA ASP A 32 14.98 -4.00 2.39
C ASP A 32 13.74 -3.23 2.01
N ASP A 33 13.73 -2.78 0.78
CA ASP A 33 12.59 -2.07 0.19
C ASP A 33 11.42 -3.02 0.05
N ASN A 34 11.69 -4.11 -0.64
CA ASN A 34 10.70 -5.10 -0.96
C ASN A 34 10.14 -5.80 0.30
N LYS A 35 10.96 -5.95 1.35
CA LYS A 35 10.45 -6.60 2.56
C LYS A 35 9.40 -5.74 3.25
N LEU A 36 9.41 -4.44 2.98
CA LEU A 36 8.36 -3.59 3.48
C LEU A 36 7.14 -3.83 2.63
N VAL A 37 7.34 -3.72 1.32
CA VAL A 37 6.28 -3.90 0.32
C VAL A 37 5.52 -5.21 0.55
N ARG A 38 6.25 -6.29 0.72
CA ARG A 38 5.67 -7.62 0.89
C ARG A 38 4.77 -7.74 2.13
N GLU A 39 5.02 -6.97 3.18
CA GLU A 39 4.14 -7.08 4.35
C GLU A 39 2.84 -6.37 4.03
N PHE A 40 2.96 -5.25 3.32
CA PHE A 40 1.84 -4.46 2.95
C PHE A 40 1.00 -5.16 1.90
N GLU A 41 1.66 -5.82 0.96
CA GLU A 41 0.99 -6.65 -0.03
C GLU A 41 0.15 -7.73 0.62
N ARG A 42 0.56 -8.22 1.76
CA ARG A 42 -0.17 -9.28 2.38
C ARG A 42 -1.32 -8.72 3.19
N LEU A 43 -1.09 -7.55 3.75
CA LEU A 43 -2.13 -6.82 4.48
C LEU A 43 -3.25 -6.43 3.52
N THR A 44 -2.87 -6.02 2.34
CA THR A 44 -3.81 -5.59 1.32
C THR A 44 -4.42 -6.77 0.61
N GLU A 45 -3.62 -7.85 0.52
CA GLU A 45 -3.89 -9.03 -0.22
C GLU A 45 -3.98 -8.62 -1.68
N HIS A 46 -3.19 -7.59 -1.99
CA HIS A 46 -3.19 -7.01 -3.27
C HIS A 46 -2.12 -7.69 -4.13
N PRO A 47 -2.55 -8.17 -5.31
CA PRO A 47 -1.71 -8.91 -6.23
C PRO A 47 -0.48 -8.18 -6.68
N ASP A 48 -0.70 -7.04 -7.23
CA ASP A 48 0.32 -6.28 -7.82
C ASP A 48 0.68 -5.18 -6.87
N GLY A 49 0.51 -5.45 -5.57
CA GLY A 49 0.85 -4.45 -4.52
C GLY A 49 2.25 -3.96 -4.60
N SER A 50 3.08 -4.76 -5.15
CA SER A 50 4.44 -4.38 -5.37
C SER A 50 4.55 -3.54 -6.64
N ASP A 51 3.94 -4.04 -7.73
CA ASP A 51 3.90 -3.35 -9.04
C ASP A 51 3.37 -1.95 -8.89
N LEU A 52 2.36 -1.77 -8.02
CA LEU A 52 1.71 -0.47 -7.78
C LEU A 52 2.70 0.63 -7.49
N ILE A 53 3.72 0.28 -6.74
CA ILE A 53 4.71 1.25 -6.30
C ILE A 53 5.72 1.47 -7.39
N TYR A 54 6.01 0.43 -8.08
CA TYR A 54 7.08 0.43 -9.04
C TYR A 54 6.63 0.93 -10.42
N TYR A 55 5.44 0.55 -10.82
CA TYR A 55 4.92 0.85 -12.13
C TYR A 55 3.45 1.28 -11.98
N PRO A 56 3.10 2.51 -12.34
CA PRO A 56 1.71 2.95 -12.32
C PRO A 56 0.91 2.28 -13.44
N ARG A 57 -0.41 2.35 -13.37
CA ARG A 57 -1.21 1.79 -14.43
C ARG A 57 -1.30 2.72 -15.64
N ASP A 58 -2.48 3.19 -15.94
CA ASP A 58 -2.65 4.11 -17.07
C ASP A 58 -3.21 5.43 -16.65
N ASP A 59 -4.34 5.40 -16.05
CA ASP A 59 -4.98 6.61 -15.59
C ASP A 59 -4.68 6.84 -14.13
N ARG A 60 -4.37 5.75 -13.43
CA ARG A 60 -4.10 5.81 -12.03
C ARG A 60 -2.91 6.66 -11.73
N GLU A 61 -3.08 7.50 -10.75
CA GLU A 61 -2.10 8.45 -10.35
C GLU A 61 -0.87 7.79 -9.75
N ASP A 62 0.27 8.23 -10.17
CA ASP A 62 1.50 7.70 -9.68
C ASP A 62 2.05 8.60 -8.62
N SER A 63 1.48 8.49 -7.46
CA SER A 63 1.92 9.23 -6.33
C SER A 63 1.67 8.34 -5.15
N PRO A 64 2.32 8.59 -3.99
CA PRO A 64 2.06 7.84 -2.75
C PRO A 64 0.55 7.85 -2.43
N GLU A 65 -0.10 8.92 -2.82
CA GLU A 65 -1.50 9.10 -2.59
C GLU A 65 -2.33 8.23 -3.56
N GLY A 66 -1.96 8.26 -4.84
CA GLY A 66 -2.67 7.50 -5.84
C GLY A 66 -2.43 6.00 -5.78
N ILE A 67 -1.28 5.61 -5.27
CA ILE A 67 -0.97 4.19 -5.07
C ILE A 67 -1.91 3.61 -4.02
N VAL A 68 -2.15 4.38 -2.96
CA VAL A 68 -3.09 4.00 -1.94
C VAL A 68 -4.49 3.92 -2.51
N LYS A 69 -4.81 4.89 -3.34
CA LYS A 69 -6.11 4.98 -3.96
C LYS A 69 -6.40 3.74 -4.77
N GLU A 70 -5.38 3.21 -5.42
CA GLU A 70 -5.49 2.02 -6.21
C GLU A 70 -6.00 0.86 -5.35
N ILE A 71 -5.28 0.60 -4.26
CA ILE A 71 -5.64 -0.44 -3.29
C ILE A 71 -7.02 -0.19 -2.69
N LYS A 72 -7.24 1.03 -2.32
CA LYS A 72 -8.44 1.48 -1.69
C LYS A 72 -9.65 1.22 -2.58
N GLU A 73 -9.62 1.72 -3.81
CA GLU A 73 -10.72 1.54 -4.73
C GLU A 73 -10.85 0.08 -5.18
N TRP A 74 -9.73 -0.61 -5.28
CA TRP A 74 -9.68 -2.02 -5.69
C TRP A 74 -10.35 -2.90 -4.62
N ARG A 75 -9.91 -2.76 -3.36
CA ARG A 75 -10.47 -3.56 -2.25
C ARG A 75 -11.93 -3.29 -2.04
N ALA A 76 -12.32 -2.05 -2.22
CA ALA A 76 -13.71 -1.67 -2.06
C ALA A 76 -14.57 -2.30 -3.16
N ALA A 77 -13.99 -2.49 -4.34
CA ALA A 77 -14.71 -3.01 -5.48
C ALA A 77 -14.76 -4.51 -5.39
N ASN A 78 -13.70 -5.05 -4.84
CA ASN A 78 -13.54 -6.47 -4.63
C ASN A 78 -14.50 -7.02 -3.61
N GLY A 79 -15.03 -6.16 -2.78
CA GLY A 79 -15.91 -6.61 -1.72
C GLY A 79 -15.09 -7.04 -0.53
N LYS A 80 -13.95 -6.41 -0.38
CA LYS A 80 -13.06 -6.65 0.69
C LYS A 80 -13.27 -5.59 1.75
N SER A 81 -12.37 -5.49 2.65
CA SER A 81 -12.44 -4.51 3.68
C SER A 81 -11.61 -3.29 3.26
N GLY A 82 -11.59 -2.30 4.10
CA GLY A 82 -10.90 -1.09 3.79
C GLY A 82 -9.99 -0.71 4.90
N PHE A 83 -9.91 0.55 5.14
CA PHE A 83 -9.07 1.09 6.16
C PHE A 83 -9.94 1.52 7.31
N LYS A 84 -9.33 2.01 8.35
CA LYS A 84 -10.05 2.58 9.44
C LYS A 84 -10.51 3.93 8.98
N GLN A 85 -11.77 4.15 9.13
CA GLN A 85 -12.44 5.36 8.65
C GLN A 85 -12.17 6.58 9.53
N GLY A 86 -11.41 6.37 10.53
CA GLY A 86 -11.14 7.38 11.49
C GLY A 86 -11.96 7.16 12.73
N GLU A 2 5.08 -0.16 14.99
CA GLU A 2 3.71 -0.13 15.49
C GLU A 2 2.97 -1.30 14.92
N LEU A 3 1.98 -1.81 15.64
CA LEU A 3 1.27 -2.96 15.19
C LEU A 3 -0.20 -2.74 14.93
N LYS A 4 -0.76 -3.70 14.24
CA LYS A 4 -2.12 -3.74 13.83
C LYS A 4 -2.69 -5.12 14.01
N HIS A 5 -3.99 -5.22 13.95
CA HIS A 5 -4.64 -6.52 13.91
C HIS A 5 -5.01 -6.87 12.46
N SER A 6 -5.13 -5.84 11.60
CA SER A 6 -5.51 -6.04 10.20
C SER A 6 -5.03 -4.83 9.39
N ILE A 7 -5.29 -4.83 8.08
CA ILE A 7 -5.01 -3.67 7.26
C ILE A 7 -6.00 -2.56 7.59
N SER A 8 -7.19 -2.95 8.03
CA SER A 8 -8.21 -2.02 8.39
C SER A 8 -7.91 -1.41 9.77
N ASP A 9 -6.74 -1.76 10.31
CA ASP A 9 -6.26 -1.15 11.52
C ASP A 9 -5.20 -0.09 11.15
N TYR A 10 -4.98 0.07 9.88
CA TYR A 10 -4.18 1.15 9.38
C TYR A 10 -5.10 2.19 8.91
N THR A 11 -4.86 3.40 9.27
CA THR A 11 -5.65 4.48 8.75
C THR A 11 -5.25 4.69 7.31
N GLU A 12 -6.11 5.33 6.57
CA GLU A 12 -5.86 5.56 5.19
C GLU A 12 -4.62 6.43 5.06
N ALA A 13 -4.47 7.36 5.99
CA ALA A 13 -3.31 8.22 6.02
C ALA A 13 -2.02 7.43 6.36
N GLU A 14 -2.07 6.57 7.39
CA GLU A 14 -0.87 5.78 7.77
C GLU A 14 -0.50 4.75 6.74
N PHE A 15 -1.47 4.26 6.04
CA PHE A 15 -1.20 3.34 4.98
C PHE A 15 -0.71 4.11 3.80
N LEU A 16 -1.17 5.28 3.63
CA LEU A 16 -0.71 6.12 2.56
C LEU A 16 0.73 6.55 2.82
N GLU A 17 1.09 6.49 4.05
CA GLU A 17 2.45 6.68 4.43
C GLU A 17 3.29 5.44 4.06
N PHE A 18 2.62 4.26 3.86
CA PHE A 18 3.29 2.98 3.50
C PHE A 18 4.11 3.19 2.28
N VAL A 19 3.46 3.74 1.33
CA VAL A 19 4.01 3.89 0.01
C VAL A 19 5.09 4.96 -0.05
N LYS A 20 4.89 6.03 0.69
CA LYS A 20 5.87 7.09 0.77
C LYS A 20 7.14 6.53 1.42
N LYS A 21 6.90 5.72 2.45
CA LYS A 21 7.93 5.06 3.23
C LYS A 21 8.69 4.06 2.36
N ILE A 22 7.99 3.37 1.49
CA ILE A 22 8.61 2.41 0.59
C ILE A 22 9.47 3.11 -0.46
N CYS A 23 9.02 4.28 -0.90
CA CYS A 23 9.78 5.06 -1.85
C CYS A 23 11.15 5.44 -1.25
N ARG A 24 11.16 5.71 0.05
CA ARG A 24 12.37 6.06 0.76
C ARG A 24 13.01 4.86 1.46
N ALA A 25 12.50 3.67 1.19
CA ALA A 25 12.97 2.41 1.84
C ALA A 25 14.34 1.94 1.35
N GLU A 26 15.09 2.85 0.79
CA GLU A 26 16.46 2.63 0.31
C GLU A 26 17.45 2.65 1.51
N GLY A 27 16.95 2.27 2.67
CA GLY A 27 17.70 2.36 3.90
C GLY A 27 18.86 1.43 3.96
N ALA A 28 18.60 0.17 4.13
CA ALA A 28 19.66 -0.78 4.20
C ALA A 28 19.97 -1.33 2.83
N THR A 29 19.04 -2.08 2.30
CA THR A 29 19.18 -2.73 1.02
C THR A 29 17.83 -2.77 0.34
N GLU A 30 17.78 -3.35 -0.84
CA GLU A 30 16.53 -3.47 -1.59
C GLU A 30 15.58 -4.49 -0.94
N GLU A 31 16.09 -5.33 -0.07
CA GLU A 31 15.24 -6.25 0.65
C GLU A 31 14.54 -5.53 1.79
N ASP A 32 15.16 -4.44 2.26
CA ASP A 32 14.59 -3.56 3.31
C ASP A 32 13.34 -2.88 2.75
N ASP A 33 13.37 -2.69 1.45
CA ASP A 33 12.24 -2.19 0.67
C ASP A 33 11.19 -3.28 0.51
N ASN A 34 11.62 -4.39 -0.07
CA ASN A 34 10.75 -5.51 -0.39
C ASN A 34 10.02 -6.09 0.81
N LYS A 35 10.68 -6.17 1.97
CA LYS A 35 10.04 -6.71 3.17
C LYS A 35 8.84 -5.85 3.59
N LEU A 36 8.95 -4.53 3.37
CA LEU A 36 7.84 -3.62 3.67
C LEU A 36 6.73 -3.89 2.70
N VAL A 37 7.08 -3.89 1.41
CA VAL A 37 6.12 -4.13 0.34
C VAL A 37 5.33 -5.41 0.61
N ARG A 38 6.06 -6.45 0.98
CA ARG A 38 5.44 -7.73 1.24
C ARG A 38 4.42 -7.69 2.35
N GLU A 39 4.73 -7.04 3.47
CA GLU A 39 3.79 -7.04 4.58
C GLU A 39 2.57 -6.23 4.23
N PHE A 40 2.78 -5.14 3.52
CA PHE A 40 1.69 -4.29 3.10
C PHE A 40 0.84 -4.99 2.05
N GLU A 41 1.49 -5.67 1.13
CA GLU A 41 0.80 -6.39 0.09
C GLU A 41 0.01 -7.60 0.57
N ARG A 42 0.36 -8.11 1.71
CA ARG A 42 -0.41 -9.20 2.31
C ARG A 42 -1.56 -8.63 3.12
N LEU A 43 -1.42 -7.38 3.47
CA LEU A 43 -2.46 -6.64 4.15
C LEU A 43 -3.53 -6.26 3.14
N THR A 44 -3.09 -5.84 1.97
CA THR A 44 -3.97 -5.40 0.91
C THR A 44 -4.53 -6.57 0.16
N GLU A 45 -3.70 -7.64 0.04
CA GLU A 45 -4.03 -8.83 -0.75
C GLU A 45 -4.11 -8.38 -2.20
N HIS A 46 -3.40 -7.31 -2.49
CA HIS A 46 -3.48 -6.69 -3.76
C HIS A 46 -2.54 -7.41 -4.77
N PRO A 47 -3.01 -7.61 -5.98
CA PRO A 47 -2.27 -8.32 -7.03
C PRO A 47 -1.06 -7.59 -7.52
N ASP A 48 -1.26 -6.36 -7.83
CA ASP A 48 -0.28 -5.58 -8.49
C ASP A 48 0.20 -4.56 -7.54
N GLY A 49 0.03 -4.85 -6.27
CA GLY A 49 0.38 -3.87 -5.22
C GLY A 49 1.82 -3.54 -5.20
N SER A 50 2.60 -4.55 -5.32
CA SER A 50 4.03 -4.35 -5.42
C SER A 50 4.35 -3.56 -6.70
N ASP A 51 3.68 -3.96 -7.78
CA ASP A 51 3.81 -3.30 -9.09
C ASP A 51 3.43 -1.84 -9.00
N LEU A 52 2.39 -1.53 -8.21
CA LEU A 52 1.89 -0.14 -8.00
C LEU A 52 3.00 0.79 -7.56
N ILE A 53 3.95 0.24 -6.87
CA ILE A 53 5.01 1.03 -6.29
C ILE A 53 6.14 1.19 -7.28
N TYR A 54 6.39 0.14 -8.00
CA TYR A 54 7.52 0.08 -8.88
C TYR A 54 7.22 0.60 -10.29
N TYR A 55 5.98 0.49 -10.71
CA TYR A 55 5.57 0.85 -12.05
C TYR A 55 4.22 1.55 -11.95
N PRO A 56 3.92 2.45 -12.85
CA PRO A 56 2.58 3.06 -12.95
C PRO A 56 1.61 2.08 -13.64
N ARG A 57 0.32 2.36 -13.58
CA ARG A 57 -0.63 1.52 -14.30
C ARG A 57 -0.93 2.15 -15.67
N ASP A 58 -2.19 2.50 -15.90
CA ASP A 58 -2.60 3.20 -17.09
C ASP A 58 -3.31 4.50 -16.73
N ASP A 59 -4.44 4.36 -16.06
CA ASP A 59 -5.34 5.47 -15.75
C ASP A 59 -5.16 6.06 -14.36
N ARG A 60 -4.21 5.57 -13.60
CA ARG A 60 -4.07 6.02 -12.26
C ARG A 60 -3.10 7.18 -12.17
N GLU A 61 -3.38 8.08 -11.28
CA GLU A 61 -2.51 9.19 -10.96
C GLU A 61 -1.27 8.66 -10.26
N ASP A 62 -0.14 9.22 -10.59
CA ASP A 62 1.09 8.83 -9.96
C ASP A 62 1.30 9.68 -8.75
N SER A 63 0.78 9.26 -7.64
CA SER A 63 1.02 9.93 -6.43
C SER A 63 1.01 8.89 -5.31
N PRO A 64 1.74 9.13 -4.18
CA PRO A 64 1.65 8.25 -3.00
C PRO A 64 0.17 8.11 -2.56
N GLU A 65 -0.64 9.13 -2.84
CA GLU A 65 -2.07 9.09 -2.59
C GLU A 65 -2.77 8.13 -3.57
N GLY A 66 -2.47 8.28 -4.85
CA GLY A 66 -3.10 7.48 -5.91
C GLY A 66 -2.87 6.00 -5.78
N ILE A 67 -1.67 5.61 -5.38
CA ILE A 67 -1.34 4.19 -5.17
C ILE A 67 -2.25 3.57 -4.09
N VAL A 68 -2.46 4.33 -3.04
CA VAL A 68 -3.31 3.92 -1.93
C VAL A 68 -4.77 3.93 -2.36
N LYS A 69 -5.08 4.89 -3.20
CA LYS A 69 -6.40 5.09 -3.69
C LYS A 69 -6.77 3.94 -4.64
N GLU A 70 -5.79 3.44 -5.37
CA GLU A 70 -6.00 2.29 -6.25
C GLU A 70 -6.35 1.08 -5.39
N ILE A 71 -5.54 0.87 -4.34
CA ILE A 71 -5.73 -0.20 -3.40
C ILE A 71 -7.12 -0.18 -2.78
N LYS A 72 -7.56 0.98 -2.31
CA LYS A 72 -8.85 1.08 -1.74
C LYS A 72 -9.93 0.75 -2.73
N GLU A 73 -9.85 1.30 -3.94
CA GLU A 73 -10.90 1.14 -4.94
C GLU A 73 -11.03 -0.29 -5.38
N TRP A 74 -9.90 -0.95 -5.55
CA TRP A 74 -9.88 -2.33 -5.94
C TRP A 74 -10.54 -3.17 -4.85
N ARG A 75 -10.11 -2.97 -3.62
CA ARG A 75 -10.62 -3.75 -2.50
C ARG A 75 -12.07 -3.38 -2.21
N ALA A 76 -12.39 -2.13 -2.45
CA ALA A 76 -13.71 -1.57 -2.27
C ALA A 76 -14.71 -2.26 -3.21
N ALA A 77 -14.24 -2.57 -4.43
CA ALA A 77 -15.07 -3.15 -5.46
C ALA A 77 -15.15 -4.65 -5.27
N ASN A 78 -14.06 -5.18 -4.76
CA ASN A 78 -13.93 -6.60 -4.49
C ASN A 78 -14.73 -7.03 -3.29
N GLY A 79 -14.95 -6.11 -2.37
CA GLY A 79 -15.65 -6.44 -1.15
C GLY A 79 -14.68 -6.95 -0.11
N LYS A 80 -13.51 -6.36 -0.12
CA LYS A 80 -12.45 -6.71 0.76
C LYS A 80 -12.38 -5.74 1.94
N SER A 81 -11.33 -5.86 2.71
CA SER A 81 -11.08 -5.04 3.85
C SER A 81 -10.83 -3.56 3.45
N GLY A 82 -10.69 -2.69 4.44
CA GLY A 82 -10.52 -1.28 4.15
C GLY A 82 -9.38 -0.68 4.92
N PHE A 83 -9.50 0.58 5.26
CA PHE A 83 -8.59 1.22 6.12
C PHE A 83 -9.37 1.76 7.29
N LYS A 84 -8.70 2.08 8.34
CA LYS A 84 -9.29 2.62 9.51
C LYS A 84 -9.58 4.07 9.29
N GLN A 85 -10.80 4.43 9.53
CA GLN A 85 -11.32 5.77 9.27
C GLN A 85 -10.97 6.80 10.37
N GLY A 86 -9.89 6.57 11.05
CA GLY A 86 -9.47 7.47 12.10
C GLY A 86 -9.58 6.80 13.45
N GLU A 2 6.79 -0.58 15.85
CA GLU A 2 5.38 -0.24 15.75
C GLU A 2 4.64 -1.39 15.12
N LEU A 3 3.50 -1.75 15.67
CA LEU A 3 2.73 -2.86 15.17
C LEU A 3 1.26 -2.53 15.03
N LYS A 4 0.62 -3.25 14.14
CA LYS A 4 -0.77 -3.16 13.88
C LYS A 4 -1.34 -4.56 13.75
N HIS A 5 -2.64 -4.68 13.72
CA HIS A 5 -3.25 -5.99 13.56
C HIS A 5 -3.51 -6.32 12.07
N SER A 6 -3.88 -5.33 11.27
CA SER A 6 -4.23 -5.60 9.87
C SER A 6 -4.13 -4.32 9.04
N ILE A 7 -4.50 -4.45 7.77
CA ILE A 7 -4.62 -3.31 6.85
C ILE A 7 -5.73 -2.36 7.32
N SER A 8 -6.78 -2.92 7.92
CA SER A 8 -7.93 -2.15 8.33
C SER A 8 -7.63 -1.32 9.59
N ASP A 9 -6.46 -1.57 10.20
CA ASP A 9 -6.00 -0.73 11.32
C ASP A 9 -5.56 0.61 10.78
N TYR A 10 -5.03 0.58 9.58
CA TYR A 10 -4.55 1.75 8.91
C TYR A 10 -5.70 2.55 8.37
N THR A 11 -5.59 3.83 8.44
CA THR A 11 -6.54 4.70 7.80
C THR A 11 -6.04 4.90 6.39
N GLU A 12 -6.73 5.68 5.57
CA GLU A 12 -6.21 5.98 4.25
C GLU A 12 -4.89 6.72 4.41
N ALA A 13 -4.83 7.57 5.43
CA ALA A 13 -3.64 8.35 5.73
C ALA A 13 -2.49 7.46 6.18
N GLU A 14 -2.75 6.56 7.12
CA GLU A 14 -1.68 5.68 7.64
C GLU A 14 -1.24 4.70 6.59
N PHE A 15 -2.17 4.25 5.80
CA PHE A 15 -1.87 3.34 4.74
C PHE A 15 -1.11 4.06 3.66
N LEU A 16 -1.40 5.31 3.48
CA LEU A 16 -0.68 6.14 2.54
C LEU A 16 0.74 6.26 2.97
N GLU A 17 0.93 6.19 4.22
CA GLU A 17 2.23 6.23 4.73
C GLU A 17 2.96 4.92 4.44
N PHE A 18 2.21 3.80 4.22
CA PHE A 18 2.82 2.48 3.86
C PHE A 18 3.68 2.71 2.65
N VAL A 19 3.08 3.27 1.67
CA VAL A 19 3.69 3.45 0.40
C VAL A 19 4.74 4.55 0.41
N LYS A 20 4.48 5.63 1.14
CA LYS A 20 5.46 6.68 1.26
C LYS A 20 6.73 6.12 1.92
N LYS A 21 6.51 5.30 2.96
CA LYS A 21 7.55 4.63 3.73
C LYS A 21 8.35 3.72 2.82
N ILE A 22 7.67 3.03 1.95
CA ILE A 22 8.30 2.14 1.00
C ILE A 22 9.12 2.92 -0.01
N CYS A 23 8.56 4.02 -0.48
CA CYS A 23 9.21 4.89 -1.45
C CYS A 23 10.55 5.41 -0.86
N ARG A 24 10.56 5.67 0.43
CA ARG A 24 11.74 6.14 1.13
C ARG A 24 12.54 4.98 1.78
N ALA A 25 12.12 3.76 1.51
CA ALA A 25 12.71 2.57 2.14
C ALA A 25 13.87 1.99 1.35
N GLU A 26 14.47 2.81 0.48
CA GLU A 26 15.60 2.37 -0.34
C GLU A 26 16.73 1.81 0.53
N GLY A 27 16.88 2.38 1.74
CA GLY A 27 17.78 1.89 2.78
C GLY A 27 19.15 1.53 2.30
N ALA A 28 19.59 0.34 2.65
CA ALA A 28 20.86 -0.16 2.19
C ALA A 28 20.73 -0.57 0.73
N THR A 29 19.89 -1.53 0.52
CA THR A 29 19.55 -2.01 -0.78
C THR A 29 18.04 -2.08 -0.75
N GLU A 30 17.39 -2.31 -1.89
CA GLU A 30 15.92 -2.39 -1.93
C GLU A 30 15.35 -3.63 -1.18
N GLU A 31 16.20 -4.31 -0.46
CA GLU A 31 15.80 -5.39 0.42
C GLU A 31 15.00 -4.81 1.60
N ASP A 32 15.36 -3.56 1.97
CA ASP A 32 14.71 -2.82 3.07
C ASP A 32 13.28 -2.49 2.63
N ASP A 33 13.21 -2.13 1.37
CA ASP A 33 11.98 -1.86 0.63
C ASP A 33 11.10 -3.10 0.56
N ASN A 34 11.66 -4.15 0.01
CA ASN A 34 10.97 -5.40 -0.23
C ASN A 34 10.36 -6.00 1.03
N LYS A 35 11.12 -6.05 2.13
CA LYS A 35 10.59 -6.63 3.38
C LYS A 35 9.33 -5.89 3.85
N LEU A 36 9.26 -4.59 3.58
CA LEU A 36 8.08 -3.83 3.91
C LEU A 36 6.96 -4.17 2.95
N VAL A 37 7.26 -4.12 1.65
CA VAL A 37 6.29 -4.37 0.59
C VAL A 37 5.56 -5.70 0.81
N ARG A 38 6.33 -6.73 1.10
CA ARG A 38 5.80 -8.08 1.25
C ARG A 38 4.78 -8.18 2.40
N GLU A 39 5.00 -7.45 3.51
CA GLU A 39 4.05 -7.56 4.61
C GLU A 39 2.80 -6.78 4.31
N PHE A 40 2.96 -5.63 3.69
CA PHE A 40 1.86 -4.78 3.34
C PHE A 40 1.00 -5.43 2.29
N GLU A 41 1.62 -6.04 1.31
CA GLU A 41 0.92 -6.74 0.26
C GLU A 41 0.17 -7.96 0.75
N ARG A 42 0.54 -8.47 1.89
CA ARG A 42 -0.17 -9.59 2.43
C ARG A 42 -1.42 -9.10 3.12
N LEU A 43 -1.34 -7.90 3.65
CA LEU A 43 -2.46 -7.25 4.32
C LEU A 43 -3.51 -6.88 3.28
N THR A 44 -3.05 -6.31 2.19
CA THR A 44 -3.90 -5.81 1.13
C THR A 44 -4.53 -6.95 0.37
N GLU A 45 -3.71 -8.00 0.16
CA GLU A 45 -4.01 -9.13 -0.65
C GLU A 45 -4.21 -8.62 -2.07
N HIS A 46 -3.57 -7.48 -2.34
CA HIS A 46 -3.76 -6.83 -3.57
C HIS A 46 -2.90 -7.49 -4.66
N PRO A 47 -3.49 -7.80 -5.79
CA PRO A 47 -2.86 -8.51 -6.90
C PRO A 47 -1.62 -7.84 -7.42
N ASP A 48 -1.76 -6.59 -7.70
CA ASP A 48 -0.75 -5.83 -8.35
C ASP A 48 -0.22 -4.85 -7.39
N GLY A 49 -0.40 -5.14 -6.12
CA GLY A 49 0.06 -4.23 -5.04
C GLY A 49 1.50 -3.94 -5.14
N SER A 50 2.24 -4.96 -5.32
CA SER A 50 3.66 -4.85 -5.52
C SER A 50 3.93 -4.01 -6.78
N ASP A 51 3.17 -4.29 -7.80
CA ASP A 51 3.31 -3.65 -9.10
C ASP A 51 2.79 -2.22 -9.11
N LEU A 52 2.22 -1.79 -8.00
CA LEU A 52 1.80 -0.38 -7.81
C LEU A 52 3.00 0.39 -7.34
N ILE A 53 3.86 -0.30 -6.66
CA ILE A 53 5.02 0.29 -6.05
C ILE A 53 6.20 0.23 -6.99
N TYR A 54 6.38 -0.91 -7.58
CA TYR A 54 7.50 -1.17 -8.43
C TYR A 54 7.31 -0.63 -9.85
N TYR A 55 6.06 -0.45 -10.25
CA TYR A 55 5.74 0.01 -11.56
C TYR A 55 4.71 1.12 -11.43
N PRO A 56 4.90 2.20 -12.14
CA PRO A 56 3.96 3.30 -12.12
C PRO A 56 2.62 2.95 -12.78
N ARG A 57 1.59 3.48 -12.20
CA ARG A 57 0.20 3.21 -12.58
C ARG A 57 -0.41 4.48 -13.06
N ASP A 58 0.33 5.18 -13.86
CA ASP A 58 -0.06 6.51 -14.45
C ASP A 58 -1.49 6.54 -15.07
N ASP A 59 -2.11 5.38 -15.16
CA ASP A 59 -3.50 5.27 -15.65
C ASP A 59 -4.43 5.92 -14.62
N ARG A 60 -3.93 6.05 -13.41
CA ARG A 60 -4.56 6.80 -12.37
C ARG A 60 -3.49 7.72 -11.78
N GLU A 61 -3.74 8.31 -10.64
CA GLU A 61 -2.72 9.11 -9.99
C GLU A 61 -1.57 8.20 -9.55
N ASP A 62 -0.38 8.52 -10.00
CA ASP A 62 0.78 7.72 -9.65
C ASP A 62 1.58 8.45 -8.61
N SER A 63 1.08 8.40 -7.42
CA SER A 63 1.65 9.02 -6.28
C SER A 63 1.31 8.14 -5.08
N PRO A 64 1.95 8.35 -3.90
CA PRO A 64 1.63 7.60 -2.67
C PRO A 64 0.09 7.44 -2.45
N GLU A 65 -0.70 8.51 -2.66
CA GLU A 65 -2.14 8.41 -2.51
C GLU A 65 -2.75 7.54 -3.59
N GLY A 66 -2.33 7.76 -4.82
CA GLY A 66 -2.88 7.04 -5.96
C GLY A 66 -2.68 5.54 -5.86
N ILE A 67 -1.53 5.15 -5.32
CA ILE A 67 -1.23 3.74 -5.09
C ILE A 67 -2.21 3.16 -4.06
N VAL A 68 -2.43 3.91 -3.00
CA VAL A 68 -3.41 3.57 -1.98
C VAL A 68 -4.79 3.52 -2.59
N LYS A 69 -5.05 4.47 -3.46
CA LYS A 69 -6.32 4.65 -4.09
C LYS A 69 -6.66 3.48 -5.01
N GLU A 70 -5.66 2.84 -5.57
CA GLU A 70 -5.90 1.67 -6.38
C GLU A 70 -6.44 0.58 -5.45
N ILE A 71 -5.71 0.32 -4.39
CA ILE A 71 -6.10 -0.66 -3.37
C ILE A 71 -7.47 -0.32 -2.79
N LYS A 72 -7.68 0.94 -2.53
CA LYS A 72 -8.88 1.51 -1.98
C LYS A 72 -10.10 1.18 -2.85
N GLU A 73 -10.05 1.59 -4.10
CA GLU A 73 -11.18 1.46 -4.99
C GLU A 73 -11.36 0.02 -5.42
N TRP A 74 -10.27 -0.70 -5.53
CA TRP A 74 -10.31 -2.10 -5.88
C TRP A 74 -10.89 -2.93 -4.74
N ARG A 75 -10.49 -2.62 -3.49
CA ARG A 75 -11.01 -3.36 -2.35
C ARG A 75 -12.46 -3.04 -2.07
N ALA A 76 -12.86 -1.83 -2.40
CA ALA A 76 -14.25 -1.44 -2.28
C ALA A 76 -15.10 -2.10 -3.37
N ALA A 77 -14.48 -2.43 -4.49
CA ALA A 77 -15.18 -2.99 -5.62
C ALA A 77 -15.35 -4.46 -5.42
N ASN A 78 -14.32 -5.05 -4.91
CA ASN A 78 -14.26 -6.46 -4.63
C ASN A 78 -15.04 -6.82 -3.37
N GLY A 79 -15.41 -5.81 -2.60
CA GLY A 79 -16.14 -6.04 -1.37
C GLY A 79 -15.25 -6.65 -0.33
N LYS A 80 -14.10 -6.07 -0.17
CA LYS A 80 -13.12 -6.50 0.77
C LYS A 80 -13.28 -5.60 2.00
N SER A 81 -12.34 -5.66 2.89
CA SER A 81 -12.33 -4.82 4.05
C SER A 81 -11.72 -3.45 3.64
N GLY A 82 -11.83 -2.45 4.49
CA GLY A 82 -11.39 -1.13 4.12
C GLY A 82 -10.60 -0.48 5.21
N PHE A 83 -9.96 0.61 4.88
CA PHE A 83 -9.13 1.34 5.80
C PHE A 83 -10.00 2.00 6.85
N LYS A 84 -9.41 2.28 7.99
CA LYS A 84 -10.10 2.93 9.07
C LYS A 84 -10.46 4.36 8.66
N GLN A 85 -11.66 4.79 9.01
CA GLN A 85 -12.23 6.10 8.60
C GLN A 85 -11.64 7.27 9.44
N GLY A 86 -10.40 7.16 9.76
CA GLY A 86 -9.76 8.11 10.59
C GLY A 86 -9.85 7.65 12.00
N GLU A 2 4.36 -3.59 18.17
CA GLU A 2 3.02 -3.09 17.95
C GLU A 2 2.17 -4.23 17.43
N LEU A 3 0.87 -4.07 17.44
CA LEU A 3 -0.03 -5.09 16.96
C LEU A 3 -1.23 -4.52 16.24
N LYS A 4 -1.30 -4.83 14.99
CA LYS A 4 -2.44 -4.49 14.21
C LYS A 4 -3.24 -5.73 13.91
N HIS A 5 -4.50 -5.59 13.71
CA HIS A 5 -5.34 -6.75 13.46
C HIS A 5 -5.60 -6.96 11.96
N SER A 6 -5.57 -5.88 11.20
CA SER A 6 -5.83 -5.93 9.77
C SER A 6 -5.26 -4.69 9.12
N ILE A 7 -5.53 -4.52 7.84
CA ILE A 7 -5.18 -3.30 7.13
C ILE A 7 -6.11 -2.16 7.62
N SER A 8 -7.29 -2.55 8.09
CA SER A 8 -8.31 -1.62 8.55
C SER A 8 -7.98 -1.12 9.97
N ASP A 9 -6.87 -1.59 10.49
CA ASP A 9 -6.31 -1.12 11.74
C ASP A 9 -5.65 0.24 11.48
N TYR A 10 -5.12 0.37 10.28
CA TYR A 10 -4.44 1.57 9.83
C TYR A 10 -5.46 2.51 9.22
N THR A 11 -5.27 3.79 9.43
CA THR A 11 -6.12 4.76 8.79
C THR A 11 -5.60 4.98 7.37
N GLU A 12 -6.40 5.62 6.51
CA GLU A 12 -5.98 5.84 5.12
C GLU A 12 -4.69 6.61 5.08
N ALA A 13 -4.55 7.59 5.94
CA ALA A 13 -3.38 8.42 5.99
C ALA A 13 -2.13 7.63 6.42
N GLU A 14 -2.29 6.71 7.37
CA GLU A 14 -1.16 5.88 7.83
C GLU A 14 -0.80 4.86 6.78
N PHE A 15 -1.78 4.44 6.04
CA PHE A 15 -1.57 3.53 4.96
C PHE A 15 -0.98 4.28 3.78
N LEU A 16 -1.34 5.50 3.64
CA LEU A 16 -0.79 6.31 2.58
C LEU A 16 0.65 6.63 2.89
N GLU A 17 1.00 6.46 4.13
CA GLU A 17 2.37 6.51 4.54
C GLU A 17 3.09 5.20 4.19
N PHE A 18 2.31 4.09 3.98
CA PHE A 18 2.89 2.75 3.61
C PHE A 18 3.75 2.96 2.42
N VAL A 19 3.16 3.58 1.48
CA VAL A 19 3.73 3.79 0.20
C VAL A 19 4.85 4.84 0.25
N LYS A 20 4.63 5.91 0.97
CA LYS A 20 5.63 6.96 1.11
C LYS A 20 6.87 6.44 1.86
N LYS A 21 6.66 5.50 2.79
CA LYS A 21 7.77 4.84 3.49
C LYS A 21 8.54 3.98 2.52
N ILE A 22 7.83 3.36 1.60
CA ILE A 22 8.47 2.53 0.59
C ILE A 22 9.25 3.40 -0.39
N CYS A 23 8.71 4.55 -0.69
CA CYS A 23 9.37 5.53 -1.52
C CYS A 23 10.72 5.98 -0.92
N ARG A 24 10.84 5.96 0.41
CA ARG A 24 12.08 6.30 1.10
C ARG A 24 12.85 5.04 1.54
N ALA A 25 12.36 3.88 1.15
CA ALA A 25 12.83 2.60 1.70
C ALA A 25 14.09 2.02 1.08
N GLU A 26 14.88 2.85 0.43
CA GLU A 26 16.13 2.41 -0.22
C GLU A 26 17.04 1.57 0.72
N GLY A 27 17.13 1.97 1.99
CA GLY A 27 17.83 1.22 3.02
C GLY A 27 19.26 0.93 2.68
N ALA A 28 19.63 -0.33 2.73
CA ALA A 28 20.97 -0.71 2.42
C ALA A 28 21.03 -1.19 0.98
N THR A 29 19.96 -1.79 0.55
CA THR A 29 19.80 -2.27 -0.80
C THR A 29 18.29 -2.32 -1.05
N GLU A 30 17.86 -2.35 -2.30
CA GLU A 30 16.44 -2.30 -2.66
C GLU A 30 15.61 -3.50 -2.16
N GLU A 31 16.24 -4.46 -1.53
CA GLU A 31 15.53 -5.54 -0.89
C GLU A 31 14.88 -5.01 0.41
N ASP A 32 15.44 -3.92 0.96
CA ASP A 32 14.87 -3.27 2.15
C ASP A 32 13.60 -2.54 1.79
N ASP A 33 13.53 -2.19 0.52
CA ASP A 33 12.36 -1.55 -0.09
C ASP A 33 11.23 -2.58 -0.13
N ASN A 34 11.56 -3.74 -0.72
CA ASN A 34 10.62 -4.85 -0.89
C ASN A 34 10.17 -5.39 0.48
N LYS A 35 11.04 -5.27 1.46
CA LYS A 35 10.82 -5.67 2.81
C LYS A 35 9.59 -4.96 3.41
N LEU A 36 9.43 -3.69 3.10
CA LEU A 36 8.27 -2.98 3.55
C LEU A 36 7.07 -3.38 2.73
N VAL A 37 7.28 -3.52 1.44
CA VAL A 37 6.23 -3.91 0.50
C VAL A 37 5.56 -5.22 0.93
N ARG A 38 6.38 -6.19 1.33
CA ARG A 38 5.88 -7.52 1.69
C ARG A 38 4.85 -7.48 2.83
N GLU A 39 5.15 -6.70 3.88
CA GLU A 39 4.21 -6.63 5.01
C GLU A 39 2.90 -5.97 4.59
N PHE A 40 3.03 -4.92 3.80
CA PHE A 40 1.89 -4.16 3.37
C PHE A 40 1.05 -4.92 2.37
N GLU A 41 1.70 -5.64 1.48
CA GLU A 41 1.00 -6.47 0.51
C GLU A 41 0.27 -7.64 1.10
N ARG A 42 0.61 -7.98 2.32
CA ARG A 42 -0.11 -9.00 3.05
C ARG A 42 -1.40 -8.40 3.58
N LEU A 43 -1.30 -7.19 3.98
CA LEU A 43 -2.41 -6.43 4.55
C LEU A 43 -3.43 -6.07 3.47
N THR A 44 -2.95 -5.66 2.34
CA THR A 44 -3.79 -5.28 1.24
C THR A 44 -4.36 -6.51 0.56
N GLU A 45 -3.50 -7.56 0.47
CA GLU A 45 -3.74 -8.75 -0.25
C GLU A 45 -4.00 -8.33 -1.69
N HIS A 46 -3.27 -7.31 -2.11
CA HIS A 46 -3.48 -6.74 -3.38
C HIS A 46 -2.64 -7.49 -4.43
N PRO A 47 -3.20 -7.77 -5.59
CA PRO A 47 -2.56 -8.54 -6.66
C PRO A 47 -1.33 -7.89 -7.23
N ASP A 48 -1.41 -6.64 -7.44
CA ASP A 48 -0.39 -5.93 -8.13
C ASP A 48 0.20 -4.95 -7.21
N GLY A 49 -0.04 -5.17 -5.95
CA GLY A 49 0.37 -4.21 -4.91
C GLY A 49 1.80 -3.83 -4.94
N SER A 50 2.65 -4.80 -5.03
CA SER A 50 4.08 -4.49 -5.13
C SER A 50 4.34 -3.74 -6.44
N ASP A 51 3.75 -4.24 -7.51
CA ASP A 51 3.89 -3.68 -8.84
C ASP A 51 3.37 -2.25 -8.92
N LEU A 52 2.38 -1.90 -8.10
CA LEU A 52 1.79 -0.55 -8.04
C LEU A 52 2.82 0.47 -7.66
N ILE A 53 3.72 0.07 -6.82
CA ILE A 53 4.70 0.95 -6.25
C ILE A 53 5.78 1.20 -7.26
N TYR A 54 6.10 0.17 -7.96
CA TYR A 54 7.16 0.21 -8.91
C TYR A 54 6.69 0.73 -10.25
N TYR A 55 5.47 0.42 -10.59
CA TYR A 55 4.90 0.82 -11.85
C TYR A 55 3.43 1.22 -11.65
N PRO A 56 3.15 2.49 -11.39
CA PRO A 56 1.77 2.97 -11.33
C PRO A 56 1.18 2.89 -12.74
N ARG A 57 0.36 1.84 -12.94
CA ARG A 57 -0.17 1.31 -14.24
C ARG A 57 -0.01 2.22 -15.47
N ASP A 58 -1.11 2.70 -16.02
CA ASP A 58 -1.06 3.57 -17.19
C ASP A 58 -1.72 4.92 -16.92
N ASP A 59 -3.02 4.88 -16.70
CA ASP A 59 -3.82 6.09 -16.50
C ASP A 59 -3.77 6.54 -15.07
N ARG A 60 -3.43 5.62 -14.19
CA ARG A 60 -3.33 5.90 -12.77
C ARG A 60 -2.40 7.04 -12.45
N GLU A 61 -2.74 7.72 -11.40
CA GLU A 61 -1.99 8.79 -10.89
C GLU A 61 -0.70 8.22 -10.34
N ASP A 62 0.39 8.74 -10.75
CA ASP A 62 1.68 8.20 -10.36
C ASP A 62 2.08 8.83 -9.04
N SER A 63 1.33 8.56 -8.01
CA SER A 63 1.64 9.13 -6.74
C SER A 63 1.40 8.11 -5.66
N PRO A 64 2.06 8.27 -4.47
CA PRO A 64 1.76 7.45 -3.30
C PRO A 64 0.25 7.43 -3.01
N GLU A 65 -0.39 8.55 -3.27
CA GLU A 65 -1.81 8.72 -3.11
C GLU A 65 -2.58 7.86 -4.12
N GLY A 66 -2.16 7.91 -5.38
CA GLY A 66 -2.77 7.14 -6.43
C GLY A 66 -2.59 5.64 -6.24
N ILE A 67 -1.49 5.26 -5.62
CA ILE A 67 -1.22 3.86 -5.28
C ILE A 67 -2.22 3.39 -4.21
N VAL A 68 -2.38 4.18 -3.18
CA VAL A 68 -3.41 3.96 -2.15
C VAL A 68 -4.79 3.91 -2.79
N LYS A 69 -5.00 4.74 -3.79
CA LYS A 69 -6.25 4.78 -4.53
C LYS A 69 -6.50 3.44 -5.21
N GLU A 70 -5.45 2.88 -5.78
CA GLU A 70 -5.49 1.55 -6.37
C GLU A 70 -5.93 0.51 -5.35
N ILE A 71 -5.37 0.61 -4.15
CA ILE A 71 -5.70 -0.31 -3.07
C ILE A 71 -7.16 -0.09 -2.64
N LYS A 72 -7.52 1.18 -2.59
CA LYS A 72 -8.85 1.60 -2.20
C LYS A 72 -9.91 1.13 -3.16
N GLU A 73 -9.77 1.51 -4.41
CA GLU A 73 -10.78 1.24 -5.41
C GLU A 73 -10.95 -0.24 -5.67
N TRP A 74 -9.86 -0.97 -5.61
CA TRP A 74 -9.91 -2.37 -5.89
C TRP A 74 -10.55 -3.14 -4.71
N ARG A 75 -10.14 -2.82 -3.49
CA ARG A 75 -10.67 -3.52 -2.30
C ARG A 75 -12.08 -3.12 -1.99
N ALA A 76 -12.41 -1.85 -2.23
CA ALA A 76 -13.74 -1.34 -1.99
C ALA A 76 -14.76 -1.98 -2.96
N ALA A 77 -14.29 -2.31 -4.16
CA ALA A 77 -15.15 -2.88 -5.18
C ALA A 77 -15.29 -4.37 -4.96
N ASN A 78 -14.18 -4.97 -4.61
CA ASN A 78 -14.09 -6.39 -4.36
C ASN A 78 -14.85 -6.80 -3.12
N GLY A 79 -14.86 -5.95 -2.13
CA GLY A 79 -15.54 -6.26 -0.90
C GLY A 79 -14.58 -6.76 0.14
N LYS A 80 -13.39 -6.21 0.11
CA LYS A 80 -12.38 -6.55 1.04
C LYS A 80 -12.39 -5.56 2.18
N SER A 81 -11.42 -5.66 3.05
CA SER A 81 -11.29 -4.80 4.17
C SER A 81 -11.05 -3.33 3.72
N GLY A 82 -11.08 -2.41 4.66
CA GLY A 82 -10.91 -1.02 4.31
C GLY A 82 -9.80 -0.40 5.10
N PHE A 83 -9.85 0.87 5.30
CA PHE A 83 -8.94 1.53 6.16
C PHE A 83 -9.74 2.07 7.31
N LYS A 84 -9.08 2.47 8.34
CA LYS A 84 -9.72 3.10 9.45
C LYS A 84 -9.97 4.55 9.06
N GLN A 85 -11.11 5.05 9.36
CA GLN A 85 -11.45 6.46 9.06
C GLN A 85 -11.37 7.29 10.31
N GLY A 86 -11.06 6.62 11.34
CA GLY A 86 -10.93 7.17 12.64
C GLY A 86 -11.92 6.53 13.54
N GLU A 2 2.41 1.38 18.99
CA GLU A 2 1.28 0.52 18.70
C GLU A 2 1.62 -0.40 17.54
N LEU A 3 0.97 -1.53 17.47
CA LEU A 3 1.12 -2.44 16.37
C LEU A 3 -0.21 -2.74 15.78
N LYS A 4 -0.26 -2.67 14.49
CA LYS A 4 -1.45 -2.99 13.77
C LYS A 4 -1.76 -4.48 13.76
N HIS A 5 -3.01 -4.79 13.81
CA HIS A 5 -3.46 -6.15 13.78
C HIS A 5 -3.85 -6.54 12.35
N SER A 6 -4.25 -5.54 11.56
CA SER A 6 -4.73 -5.79 10.22
C SER A 6 -4.43 -4.58 9.35
N ILE A 7 -4.88 -4.64 8.09
CA ILE A 7 -4.77 -3.51 7.20
C ILE A 7 -5.76 -2.41 7.63
N SER A 8 -6.88 -2.83 8.22
CA SER A 8 -7.91 -1.91 8.65
C SER A 8 -7.52 -1.25 9.98
N ASP A 9 -6.32 -1.52 10.44
CA ASP A 9 -5.75 -0.82 11.59
C ASP A 9 -5.04 0.43 11.05
N TYR A 10 -4.78 0.42 9.76
CA TYR A 10 -4.20 1.55 9.09
C TYR A 10 -5.30 2.42 8.58
N THR A 11 -5.19 3.70 8.80
CA THR A 11 -6.13 4.60 8.21
C THR A 11 -5.72 4.78 6.75
N GLU A 12 -6.52 5.49 5.99
CA GLU A 12 -6.17 5.78 4.61
C GLU A 12 -4.82 6.52 4.61
N ALA A 13 -4.64 7.37 5.61
CA ALA A 13 -3.44 8.16 5.77
C ALA A 13 -2.23 7.29 6.18
N GLU A 14 -2.40 6.43 7.18
CA GLU A 14 -1.31 5.55 7.65
C GLU A 14 -0.83 4.62 6.57
N PHE A 15 -1.75 4.17 5.76
CA PHE A 15 -1.41 3.29 4.69
C PHE A 15 -0.82 4.09 3.56
N LEU A 16 -1.25 5.30 3.41
CA LEU A 16 -0.70 6.16 2.38
C LEU A 16 0.72 6.53 2.73
N GLU A 17 1.03 6.43 3.95
CA GLU A 17 2.39 6.56 4.36
C GLU A 17 3.18 5.28 4.09
N PHE A 18 2.47 4.12 3.94
CA PHE A 18 3.15 2.80 3.66
C PHE A 18 4.02 2.97 2.48
N VAL A 19 3.44 3.55 1.48
CA VAL A 19 4.05 3.71 0.23
C VAL A 19 5.14 4.75 0.28
N LYS A 20 4.87 5.86 0.94
CA LYS A 20 5.85 6.93 1.05
C LYS A 20 7.07 6.46 1.85
N LYS A 21 6.81 5.55 2.79
CA LYS A 21 7.81 4.94 3.62
C LYS A 21 8.65 3.97 2.77
N ILE A 22 8.02 3.38 1.77
CA ILE A 22 8.71 2.51 0.84
C ILE A 22 9.51 3.36 -0.15
N CYS A 23 8.96 4.49 -0.54
CA CYS A 23 9.63 5.42 -1.42
C CYS A 23 10.98 5.87 -0.81
N ARG A 24 10.99 6.08 0.52
CA ARG A 24 12.21 6.49 1.22
C ARG A 24 13.01 5.26 1.69
N ALA A 25 12.53 4.09 1.33
CA ALA A 25 13.13 2.80 1.69
C ALA A 25 14.03 2.32 0.58
N GLU A 26 14.48 3.30 -0.24
CA GLU A 26 15.33 3.13 -1.45
C GLU A 26 16.26 1.96 -1.32
N GLY A 27 16.94 1.86 -0.21
CA GLY A 27 17.73 0.74 -0.01
C GLY A 27 18.78 0.90 1.03
N ALA A 28 18.53 0.31 2.18
CA ALA A 28 19.58 0.10 3.16
C ALA A 28 20.30 -1.14 2.63
N THR A 29 19.47 -1.91 1.95
CA THR A 29 19.75 -3.05 1.17
C THR A 29 18.42 -3.19 0.41
N GLU A 30 18.41 -3.75 -0.77
CA GLU A 30 17.18 -3.79 -1.57
C GLU A 30 16.12 -4.71 -0.96
N GLU A 31 16.56 -5.67 -0.18
CA GLU A 31 15.65 -6.54 0.53
C GLU A 31 14.78 -5.76 1.51
N ASP A 32 15.29 -4.60 1.98
CA ASP A 32 14.55 -3.78 2.93
C ASP A 32 13.32 -3.18 2.27
N ASP A 33 13.48 -2.84 1.00
CA ASP A 33 12.41 -2.29 0.17
C ASP A 33 11.30 -3.33 0.04
N ASN A 34 11.69 -4.48 -0.47
CA ASN A 34 10.79 -5.57 -0.75
C ASN A 34 10.11 -6.12 0.50
N LYS A 35 10.85 -6.25 1.61
CA LYS A 35 10.23 -6.78 2.81
C LYS A 35 9.16 -5.86 3.36
N LEU A 36 9.27 -4.55 3.11
CA LEU A 36 8.20 -3.64 3.50
C LEU A 36 7.02 -3.91 2.61
N VAL A 37 7.28 -3.93 1.31
CA VAL A 37 6.26 -4.16 0.31
C VAL A 37 5.48 -5.44 0.60
N ARG A 38 6.18 -6.48 0.96
CA ARG A 38 5.54 -7.76 1.18
C ARG A 38 4.63 -7.79 2.40
N GLU A 39 4.97 -7.08 3.49
CA GLU A 39 4.10 -7.11 4.67
C GLU A 39 2.80 -6.39 4.32
N PHE A 40 2.94 -5.34 3.54
CA PHE A 40 1.82 -4.56 3.11
C PHE A 40 1.00 -5.30 2.07
N GLU A 41 1.68 -5.94 1.14
CA GLU A 41 1.05 -6.75 0.11
C GLU A 41 0.38 -8.00 0.64
N ARG A 42 0.71 -8.38 1.85
CA ARG A 42 0.06 -9.47 2.50
C ARG A 42 -1.25 -8.97 3.08
N LEU A 43 -1.17 -7.82 3.69
CA LEU A 43 -2.30 -7.14 4.30
C LEU A 43 -3.40 -6.85 3.29
N THR A 44 -3.00 -6.39 2.14
CA THR A 44 -3.90 -5.94 1.11
C THR A 44 -4.57 -7.08 0.41
N GLU A 45 -3.79 -8.16 0.23
CA GLU A 45 -4.15 -9.30 -0.52
C GLU A 45 -4.34 -8.84 -1.97
N HIS A 46 -3.56 -7.81 -2.31
CA HIS A 46 -3.67 -7.18 -3.58
C HIS A 46 -2.74 -7.92 -4.58
N PRO A 47 -3.16 -8.01 -5.83
CA PRO A 47 -2.39 -8.65 -6.92
C PRO A 47 -1.21 -7.87 -7.43
N ASP A 48 -1.42 -6.63 -7.71
CA ASP A 48 -0.47 -5.82 -8.38
C ASP A 48 0.10 -4.86 -7.41
N GLY A 49 -0.08 -5.17 -6.14
CA GLY A 49 0.32 -4.25 -5.04
C GLY A 49 1.73 -3.84 -5.07
N SER A 50 2.57 -4.76 -5.30
CA SER A 50 3.99 -4.46 -5.37
C SER A 50 4.26 -3.61 -6.61
N ASP A 51 3.63 -3.99 -7.72
CA ASP A 51 3.80 -3.32 -9.01
C ASP A 51 3.25 -1.91 -8.99
N LEU A 52 2.30 -1.65 -8.10
CA LEU A 52 1.73 -0.32 -7.92
C LEU A 52 2.80 0.65 -7.47
N ILE A 53 3.66 0.15 -6.62
CA ILE A 53 4.70 0.94 -5.99
C ILE A 53 5.80 1.14 -6.98
N TYR A 54 5.99 0.15 -7.78
CA TYR A 54 7.02 0.16 -8.75
C TYR A 54 6.63 1.03 -9.93
N TYR A 55 5.39 0.92 -10.35
CA TYR A 55 4.89 1.63 -11.50
C TYR A 55 3.44 2.05 -11.26
N PRO A 56 3.18 3.34 -11.00
CA PRO A 56 1.81 3.86 -10.98
C PRO A 56 1.19 3.61 -12.36
N ARG A 57 0.25 2.67 -12.40
CA ARG A 57 -0.31 2.07 -13.62
C ARG A 57 -0.63 2.96 -14.83
N ASP A 58 -1.88 3.10 -15.11
CA ASP A 58 -2.30 3.82 -16.30
C ASP A 58 -3.14 5.00 -15.95
N ASP A 59 -4.27 4.74 -15.35
CA ASP A 59 -5.23 5.81 -15.05
C ASP A 59 -4.83 6.51 -13.79
N ARG A 60 -3.95 5.88 -13.05
CA ARG A 60 -3.51 6.43 -11.82
C ARG A 60 -2.64 7.61 -11.95
N GLU A 61 -2.82 8.45 -11.00
CA GLU A 61 -2.00 9.57 -10.81
C GLU A 61 -0.70 9.07 -10.22
N ASP A 62 0.37 9.74 -10.52
CA ASP A 62 1.66 9.36 -10.04
C ASP A 62 1.82 9.97 -8.66
N SER A 63 1.23 9.35 -7.69
CA SER A 63 1.36 9.80 -6.37
C SER A 63 1.38 8.63 -5.42
N PRO A 64 2.03 8.78 -4.25
CA PRO A 64 1.94 7.80 -3.17
C PRO A 64 0.44 7.56 -2.83
N GLU A 65 -0.38 8.62 -2.97
CA GLU A 65 -1.82 8.52 -2.78
C GLU A 65 -2.42 7.57 -3.81
N GLY A 66 -2.05 7.77 -5.07
CA GLY A 66 -2.56 6.98 -6.18
C GLY A 66 -2.34 5.50 -5.99
N ILE A 67 -1.21 5.17 -5.44
CA ILE A 67 -0.84 3.78 -5.16
C ILE A 67 -1.78 3.17 -4.10
N VAL A 68 -2.09 3.95 -3.09
CA VAL A 68 -3.03 3.50 -2.05
C VAL A 68 -4.44 3.47 -2.62
N LYS A 69 -4.70 4.40 -3.51
CA LYS A 69 -6.00 4.53 -4.13
C LYS A 69 -6.30 3.29 -4.96
N GLU A 70 -5.28 2.76 -5.60
CA GLU A 70 -5.40 1.50 -6.32
C GLU A 70 -5.89 0.41 -5.39
N ILE A 71 -5.18 0.26 -4.29
CA ILE A 71 -5.51 -0.70 -3.28
C ILE A 71 -6.89 -0.51 -2.70
N LYS A 72 -7.23 0.71 -2.32
CA LYS A 72 -8.50 0.97 -1.73
C LYS A 72 -9.62 0.75 -2.71
N GLU A 73 -9.52 1.31 -3.92
CA GLU A 73 -10.61 1.25 -4.87
C GLU A 73 -10.81 -0.16 -5.41
N TRP A 74 -9.73 -0.90 -5.53
CA TRP A 74 -9.80 -2.26 -6.01
C TRP A 74 -10.50 -3.11 -4.95
N ARG A 75 -10.05 -3.00 -3.71
CA ARG A 75 -10.66 -3.76 -2.62
C ARG A 75 -12.10 -3.31 -2.43
N ALA A 76 -12.30 -2.02 -2.63
CA ALA A 76 -13.60 -1.38 -2.54
C ALA A 76 -14.58 -1.96 -3.59
N ALA A 77 -14.06 -2.31 -4.75
CA ALA A 77 -14.86 -2.83 -5.85
C ALA A 77 -15.08 -4.31 -5.66
N ASN A 78 -14.15 -4.90 -4.97
CA ASN A 78 -14.15 -6.32 -4.69
C ASN A 78 -14.99 -6.66 -3.48
N GLY A 79 -15.42 -5.65 -2.75
CA GLY A 79 -16.20 -5.86 -1.55
C GLY A 79 -15.33 -6.39 -0.43
N LYS A 80 -14.08 -5.98 -0.45
CA LYS A 80 -13.11 -6.37 0.52
C LYS A 80 -13.03 -5.38 1.65
N SER A 81 -12.12 -5.64 2.57
CA SER A 81 -11.87 -4.84 3.71
C SER A 81 -11.38 -3.44 3.28
N GLY A 82 -11.54 -2.48 4.14
CA GLY A 82 -11.10 -1.14 3.85
C GLY A 82 -10.02 -0.71 4.80
N PHE A 83 -9.88 0.58 4.97
CA PHE A 83 -8.96 1.15 5.90
C PHE A 83 -9.71 1.65 7.13
N LYS A 84 -8.96 2.02 8.13
CA LYS A 84 -9.46 2.56 9.35
C LYS A 84 -9.96 3.97 9.13
N GLN A 85 -11.12 4.19 9.58
CA GLN A 85 -11.81 5.38 9.44
C GLN A 85 -12.01 6.00 10.81
N GLY A 86 -11.14 6.90 11.17
CA GLY A 86 -11.26 7.53 12.45
C GLY A 86 -10.61 6.71 13.52
N GLU A 2 5.07 0.26 16.72
CA GLU A 2 3.89 -0.54 17.09
C GLU A 2 3.67 -1.60 16.05
N LEU A 3 2.96 -2.66 16.41
CA LEU A 3 2.68 -3.70 15.47
C LEU A 3 1.19 -3.86 15.23
N LYS A 4 0.80 -3.39 14.10
CA LYS A 4 -0.54 -3.48 13.58
C LYS A 4 -0.98 -4.91 13.35
N HIS A 5 -2.22 -5.18 13.64
CA HIS A 5 -2.79 -6.50 13.44
C HIS A 5 -3.26 -6.68 11.98
N SER A 6 -3.69 -5.59 11.35
CA SER A 6 -4.22 -5.68 10.00
C SER A 6 -4.04 -4.34 9.30
N ILE A 7 -4.56 -4.27 8.08
CA ILE A 7 -4.59 -3.04 7.32
C ILE A 7 -5.64 -2.08 7.92
N SER A 8 -6.57 -2.65 8.70
CA SER A 8 -7.63 -1.90 9.29
C SER A 8 -7.16 -1.25 10.59
N ASP A 9 -5.90 -1.48 10.91
CA ASP A 9 -5.27 -0.78 12.02
C ASP A 9 -4.72 0.55 11.50
N TYR A 10 -4.54 0.60 10.19
CA TYR A 10 -4.08 1.80 9.52
C TYR A 10 -5.27 2.56 8.98
N THR A 11 -5.27 3.85 9.13
CA THR A 11 -6.27 4.66 8.45
C THR A 11 -5.87 4.73 6.98
N GLU A 12 -6.68 5.38 6.19
CA GLU A 12 -6.39 5.58 4.79
C GLU A 12 -5.09 6.41 4.67
N ALA A 13 -4.95 7.35 5.59
CA ALA A 13 -3.79 8.24 5.64
C ALA A 13 -2.51 7.51 6.06
N GLU A 14 -2.62 6.62 7.04
CA GLU A 14 -1.46 5.87 7.52
C GLU A 14 -1.03 4.85 6.50
N PHE A 15 -1.99 4.32 5.79
CA PHE A 15 -1.72 3.42 4.72
C PHE A 15 -1.11 4.18 3.57
N LEU A 16 -1.49 5.39 3.43
CA LEU A 16 -0.93 6.21 2.39
C LEU A 16 0.53 6.54 2.73
N GLU A 17 0.83 6.47 3.96
CA GLU A 17 2.19 6.53 4.37
C GLU A 17 2.93 5.20 4.09
N PHE A 18 2.18 4.06 3.91
CA PHE A 18 2.80 2.72 3.59
C PHE A 18 3.68 2.90 2.41
N VAL A 19 3.11 3.48 1.42
CA VAL A 19 3.73 3.64 0.15
C VAL A 19 4.83 4.69 0.19
N LYS A 20 4.61 5.73 0.95
CA LYS A 20 5.60 6.76 1.09
C LYS A 20 6.81 6.21 1.85
N LYS A 21 6.53 5.37 2.85
CA LYS A 21 7.55 4.69 3.64
C LYS A 21 8.33 3.74 2.75
N ILE A 22 7.64 3.09 1.83
CA ILE A 22 8.28 2.17 0.91
C ILE A 22 9.21 2.94 -0.04
N CYS A 23 8.77 4.10 -0.48
CA CYS A 23 9.57 4.94 -1.36
C CYS A 23 10.91 5.33 -0.69
N ARG A 24 10.91 5.42 0.64
CA ARG A 24 12.13 5.75 1.37
C ARG A 24 12.81 4.50 1.93
N ALA A 25 12.22 3.34 1.70
CA ALA A 25 12.65 2.09 2.32
C ALA A 25 13.92 1.48 1.69
N GLU A 26 14.66 2.28 0.99
CA GLU A 26 15.93 1.86 0.43
C GLU A 26 17.06 2.20 1.41
N GLY A 27 16.69 2.30 2.70
CA GLY A 27 17.61 2.65 3.77
C GLY A 27 18.87 1.86 3.75
N ALA A 28 18.73 0.55 3.79
CA ALA A 28 19.89 -0.29 3.67
C ALA A 28 20.10 -0.60 2.20
N THR A 29 19.13 -1.25 1.62
CA THR A 29 19.12 -1.61 0.23
C THR A 29 17.62 -1.81 -0.07
N GLU A 30 17.22 -2.02 -1.34
CA GLU A 30 15.83 -2.18 -1.69
C GLU A 30 15.20 -3.49 -1.18
N GLU A 31 15.92 -4.24 -0.39
CA GLU A 31 15.37 -5.42 0.24
C GLU A 31 14.51 -4.99 1.43
N ASP A 32 14.84 -3.81 2.00
CA ASP A 32 14.05 -3.25 3.10
C ASP A 32 12.72 -2.77 2.55
N ASP A 33 12.81 -2.28 1.33
CA ASP A 33 11.66 -1.87 0.49
C ASP A 33 10.72 -3.04 0.33
N ASN A 34 11.25 -4.10 -0.27
CA ASN A 34 10.53 -5.33 -0.56
C ASN A 34 9.92 -5.93 0.71
N LYS A 35 10.65 -5.88 1.80
CA LYS A 35 10.26 -6.36 3.10
C LYS A 35 8.93 -5.73 3.53
N LEU A 36 8.83 -4.42 3.36
CA LEU A 36 7.61 -3.74 3.69
C LEU A 36 6.53 -4.10 2.71
N VAL A 37 6.89 -4.08 1.43
CA VAL A 37 5.96 -4.36 0.34
C VAL A 37 5.23 -5.69 0.58
N ARG A 38 5.98 -6.70 1.00
CA ARG A 38 5.43 -8.03 1.23
C ARG A 38 4.30 -8.02 2.25
N GLU A 39 4.54 -7.41 3.42
CA GLU A 39 3.51 -7.43 4.45
C GLU A 39 2.31 -6.61 4.05
N PHE A 40 2.56 -5.47 3.41
CA PHE A 40 1.50 -4.61 2.97
C PHE A 40 0.67 -5.28 1.90
N GLU A 41 1.31 -5.99 1.02
CA GLU A 41 0.62 -6.72 -0.01
C GLU A 41 -0.17 -7.91 0.50
N ARG A 42 0.16 -8.36 1.68
CA ARG A 42 -0.61 -9.41 2.34
C ARG A 42 -1.77 -8.79 3.09
N LEU A 43 -1.61 -7.52 3.39
CA LEU A 43 -2.62 -6.72 4.06
C LEU A 43 -3.70 -6.30 3.06
N THR A 44 -3.28 -6.01 1.86
CA THR A 44 -4.15 -5.57 0.82
C THR A 44 -4.72 -6.75 0.06
N GLU A 45 -3.86 -7.78 -0.12
CA GLU A 45 -4.15 -8.96 -0.93
C GLU A 45 -4.36 -8.49 -2.36
N HIS A 46 -3.66 -7.40 -2.67
CA HIS A 46 -3.79 -6.74 -3.92
C HIS A 46 -2.89 -7.44 -4.99
N PRO A 47 -3.41 -7.61 -6.20
CA PRO A 47 -2.75 -8.32 -7.30
C PRO A 47 -1.51 -7.67 -7.82
N ASP A 48 -1.57 -6.40 -7.95
CA ASP A 48 -0.53 -5.68 -8.59
C ASP A 48 0.05 -4.75 -7.60
N GLY A 49 -0.22 -5.03 -6.35
CA GLY A 49 0.18 -4.13 -5.25
C GLY A 49 1.62 -3.79 -5.22
N SER A 50 2.44 -4.77 -5.37
CA SER A 50 3.85 -4.52 -5.42
C SER A 50 4.18 -3.68 -6.66
N ASP A 51 3.64 -4.08 -7.82
CA ASP A 51 3.86 -3.35 -9.08
C ASP A 51 3.39 -1.92 -9.01
N LEU A 52 2.33 -1.65 -8.24
CA LEU A 52 1.77 -0.29 -8.06
C LEU A 52 2.83 0.67 -7.59
N ILE A 53 3.71 0.16 -6.76
CA ILE A 53 4.70 0.95 -6.08
C ILE A 53 5.87 1.23 -7.01
N TYR A 54 6.10 0.30 -7.88
CA TYR A 54 7.21 0.37 -8.77
C TYR A 54 6.82 1.02 -10.09
N TYR A 55 5.68 0.64 -10.60
CA TYR A 55 5.17 1.13 -11.86
C TYR A 55 3.67 1.39 -11.73
N PRO A 56 3.25 2.62 -11.41
CA PRO A 56 1.83 2.97 -11.39
C PRO A 56 1.24 2.73 -12.79
N ARG A 57 0.28 1.79 -12.86
CA ARG A 57 -0.32 1.18 -14.10
C ARG A 57 -0.03 1.89 -15.45
N ASP A 58 -1.04 2.43 -16.06
CA ASP A 58 -0.88 3.10 -17.35
C ASP A 58 -1.31 4.54 -17.25
N ASP A 59 -2.56 4.74 -16.90
CA ASP A 59 -3.14 6.07 -16.74
C ASP A 59 -3.21 6.43 -15.27
N ARG A 60 -2.61 5.61 -14.44
CA ARG A 60 -2.62 5.84 -13.01
C ARG A 60 -1.84 7.04 -12.62
N GLU A 61 -2.36 7.67 -11.64
CA GLU A 61 -1.76 8.79 -11.02
C GLU A 61 -0.49 8.34 -10.34
N ASP A 62 0.60 8.84 -10.83
CA ASP A 62 1.89 8.52 -10.30
C ASP A 62 2.11 9.31 -9.02
N SER A 63 1.45 8.91 -7.98
CA SER A 63 1.61 9.55 -6.73
C SER A 63 1.48 8.49 -5.65
N PRO A 64 2.05 8.70 -4.44
CA PRO A 64 1.88 7.78 -3.32
C PRO A 64 0.37 7.63 -2.99
N GLU A 65 -0.36 8.70 -3.32
CA GLU A 65 -1.79 8.76 -3.11
C GLU A 65 -2.52 7.88 -4.14
N GLY A 66 -2.05 7.94 -5.39
CA GLY A 66 -2.63 7.19 -6.49
C GLY A 66 -2.46 5.70 -6.31
N ILE A 67 -1.33 5.32 -5.77
CA ILE A 67 -1.01 3.94 -5.46
C ILE A 67 -2.00 3.41 -4.41
N VAL A 68 -2.22 4.21 -3.39
CA VAL A 68 -3.20 3.91 -2.36
C VAL A 68 -4.58 3.83 -2.95
N LYS A 69 -4.90 4.81 -3.76
CA LYS A 69 -6.20 4.96 -4.35
C LYS A 69 -6.58 3.74 -5.17
N GLU A 70 -5.60 3.15 -5.82
CA GLU A 70 -5.80 1.93 -6.57
C GLU A 70 -6.31 0.83 -5.63
N ILE A 71 -5.54 0.57 -4.57
CA ILE A 71 -5.87 -0.41 -3.55
C ILE A 71 -7.21 -0.09 -2.89
N LYS A 72 -7.40 1.18 -2.60
CA LYS A 72 -8.55 1.71 -1.95
C LYS A 72 -9.82 1.40 -2.77
N GLU A 73 -9.84 1.86 -4.01
CA GLU A 73 -11.01 1.70 -4.87
C GLU A 73 -11.22 0.23 -5.22
N TRP A 74 -10.14 -0.49 -5.36
CA TRP A 74 -10.17 -1.90 -5.71
C TRP A 74 -10.79 -2.72 -4.60
N ARG A 75 -10.28 -2.58 -3.38
CA ARG A 75 -10.75 -3.41 -2.29
C ARG A 75 -12.17 -3.07 -1.91
N ALA A 76 -12.51 -1.80 -2.06
CA ALA A 76 -13.84 -1.33 -1.77
C ALA A 76 -14.85 -1.89 -2.77
N ALA A 77 -14.36 -2.18 -3.98
CA ALA A 77 -15.18 -2.71 -5.05
C ALA A 77 -15.30 -4.19 -4.89
N ASN A 78 -14.24 -4.76 -4.39
CA ASN A 78 -14.14 -6.18 -4.16
C ASN A 78 -14.95 -6.63 -2.96
N GLY A 79 -15.39 -5.68 -2.14
CA GLY A 79 -16.12 -6.02 -0.95
C GLY A 79 -15.20 -6.56 0.11
N LYS A 80 -13.99 -6.05 0.10
CA LYS A 80 -12.94 -6.47 0.98
C LYS A 80 -12.86 -5.63 2.23
N SER A 81 -11.89 -5.90 3.05
CA SER A 81 -11.62 -5.18 4.24
C SER A 81 -11.29 -3.71 3.90
N GLY A 82 -11.47 -2.83 4.84
CA GLY A 82 -11.25 -1.43 4.57
C GLY A 82 -10.06 -0.91 5.32
N PHE A 83 -10.03 0.36 5.56
CA PHE A 83 -9.03 0.96 6.38
C PHE A 83 -9.67 1.31 7.70
N LYS A 84 -8.90 1.81 8.61
CA LYS A 84 -9.43 2.31 9.86
C LYS A 84 -10.06 3.64 9.54
N GLN A 85 -11.22 3.88 10.06
CA GLN A 85 -12.00 5.06 9.69
C GLN A 85 -11.79 6.25 10.63
N GLY A 86 -10.69 6.24 11.30
CA GLY A 86 -10.34 7.31 12.17
C GLY A 86 -9.98 6.79 13.51
N GLU A 2 4.14 -0.16 17.26
CA GLU A 2 2.81 -0.73 17.46
C GLU A 2 2.55 -1.80 16.40
N LEU A 3 1.67 -2.74 16.71
CA LEU A 3 1.27 -3.78 15.79
C LEU A 3 -0.24 -3.83 15.70
N LYS A 4 -0.71 -3.45 14.54
CA LYS A 4 -2.14 -3.42 14.19
C LYS A 4 -2.77 -4.83 14.23
N HIS A 5 -4.09 -4.88 14.32
CA HIS A 5 -4.79 -6.14 14.23
C HIS A 5 -5.03 -6.51 12.75
N SER A 6 -5.22 -5.50 11.91
CA SER A 6 -5.46 -5.71 10.49
C SER A 6 -5.07 -4.46 9.74
N ILE A 7 -5.14 -4.50 8.42
CA ILE A 7 -4.89 -3.32 7.59
C ILE A 7 -5.99 -2.29 7.84
N SER A 8 -7.16 -2.77 8.24
CA SER A 8 -8.31 -1.93 8.47
C SER A 8 -8.16 -1.18 9.80
N ASP A 9 -7.08 -1.46 10.52
CA ASP A 9 -6.74 -0.72 11.73
C ASP A 9 -5.93 0.52 11.34
N TYR A 10 -5.33 0.47 10.16
CA TYR A 10 -4.62 1.59 9.59
C TYR A 10 -5.62 2.51 8.98
N THR A 11 -5.50 3.77 9.19
CA THR A 11 -6.34 4.70 8.48
C THR A 11 -5.84 4.79 7.05
N GLU A 12 -6.62 5.39 6.19
CA GLU A 12 -6.23 5.53 4.80
C GLU A 12 -4.96 6.35 4.73
N ALA A 13 -4.85 7.33 5.61
CA ALA A 13 -3.69 8.20 5.68
C ALA A 13 -2.43 7.43 6.09
N GLU A 14 -2.55 6.59 7.12
CA GLU A 14 -1.42 5.78 7.62
C GLU A 14 -0.94 4.78 6.59
N PHE A 15 -1.86 4.25 5.83
CA PHE A 15 -1.50 3.35 4.78
C PHE A 15 -0.91 4.12 3.64
N LEU A 16 -1.38 5.30 3.46
CA LEU A 16 -0.86 6.15 2.44
C LEU A 16 0.55 6.62 2.81
N GLU A 17 0.85 6.50 4.05
CA GLU A 17 2.17 6.68 4.52
C GLU A 17 3.03 5.46 4.18
N PHE A 18 2.40 4.25 4.00
CA PHE A 18 3.13 2.96 3.70
C PHE A 18 4.01 3.17 2.52
N VAL A 19 3.40 3.72 1.53
CA VAL A 19 4.00 3.90 0.25
C VAL A 19 5.06 4.98 0.28
N LYS A 20 4.78 6.03 1.03
CA LYS A 20 5.72 7.10 1.19
C LYS A 20 6.97 6.57 1.91
N LYS A 21 6.74 5.73 2.93
CA LYS A 21 7.80 5.07 3.69
C LYS A 21 8.65 4.26 2.77
N ILE A 22 8.04 3.42 1.97
CA ILE A 22 8.77 2.54 1.04
C ILE A 22 9.64 3.37 0.09
N CYS A 23 9.07 4.45 -0.39
CA CYS A 23 9.76 5.35 -1.30
C CYS A 23 11.05 5.95 -0.64
N ARG A 24 10.99 6.22 0.65
CA ARG A 24 12.10 6.85 1.36
C ARG A 24 13.00 5.87 2.14
N ALA A 25 12.39 4.92 2.80
CA ALA A 25 13.01 4.00 3.76
C ALA A 25 13.65 2.77 3.13
N GLU A 26 14.02 2.87 1.84
CA GLU A 26 14.63 1.77 1.02
C GLU A 26 15.62 0.89 1.82
N GLY A 27 16.38 1.52 2.70
CA GLY A 27 17.29 0.79 3.54
C GLY A 27 18.66 0.75 2.97
N ALA A 28 18.87 -0.16 2.05
CA ALA A 28 20.16 -0.31 1.41
C ALA A 28 19.95 -0.90 0.04
N THR A 29 19.65 -2.18 0.00
CA THR A 29 19.38 -2.84 -1.22
C THR A 29 17.87 -2.94 -1.45
N GLU A 30 17.49 -3.15 -2.69
CA GLU A 30 16.08 -3.22 -3.15
C GLU A 30 15.23 -4.19 -2.30
N GLU A 31 15.87 -5.22 -1.78
CA GLU A 31 15.22 -6.23 -0.94
C GLU A 31 14.67 -5.62 0.37
N ASP A 32 15.33 -4.60 0.92
CA ASP A 32 14.91 -4.02 2.21
C ASP A 32 13.67 -3.15 1.98
N ASP A 33 13.65 -2.59 0.81
CA ASP A 33 12.51 -1.84 0.27
C ASP A 33 11.35 -2.82 0.07
N ASN A 34 11.68 -3.90 -0.60
CA ASN A 34 10.76 -4.99 -0.90
C ASN A 34 10.18 -5.60 0.37
N LYS A 35 10.98 -5.60 1.43
CA LYS A 35 10.64 -6.12 2.72
C LYS A 35 9.41 -5.41 3.28
N LEU A 36 9.32 -4.12 3.02
CA LEU A 36 8.18 -3.36 3.43
C LEU A 36 7.00 -3.73 2.56
N VAL A 37 7.25 -3.72 1.26
CA VAL A 37 6.23 -4.03 0.26
C VAL A 37 5.53 -5.36 0.57
N ARG A 38 6.32 -6.37 0.90
CA ARG A 38 5.79 -7.70 1.18
C ARG A 38 4.77 -7.73 2.29
N GLU A 39 5.06 -7.06 3.41
CA GLU A 39 4.15 -7.12 4.54
C GLU A 39 2.89 -6.32 4.25
N PHE A 40 3.05 -5.24 3.52
CA PHE A 40 1.93 -4.40 3.17
C PHE A 40 1.05 -5.07 2.15
N GLU A 41 1.67 -5.79 1.22
CA GLU A 41 0.94 -6.52 0.20
C GLU A 41 0.17 -7.71 0.73
N ARG A 42 0.51 -8.17 1.92
CA ARG A 42 -0.28 -9.22 2.54
C ARG A 42 -1.44 -8.62 3.30
N LEU A 43 -1.27 -7.38 3.67
CA LEU A 43 -2.30 -6.62 4.32
C LEU A 43 -3.37 -6.27 3.30
N THR A 44 -2.96 -6.00 2.11
CA THR A 44 -3.84 -5.61 1.05
C THR A 44 -4.38 -6.78 0.28
N GLU A 45 -3.54 -7.85 0.16
CA GLU A 45 -3.86 -9.04 -0.62
C GLU A 45 -4.03 -8.59 -2.06
N HIS A 46 -3.32 -7.52 -2.39
CA HIS A 46 -3.50 -6.87 -3.63
C HIS A 46 -2.65 -7.54 -4.74
N PRO A 47 -3.23 -7.74 -5.93
CA PRO A 47 -2.58 -8.41 -7.06
C PRO A 47 -1.46 -7.63 -7.68
N ASP A 48 -1.65 -6.38 -7.78
CA ASP A 48 -0.77 -5.56 -8.52
C ASP A 48 -0.09 -4.65 -7.56
N GLY A 49 -0.22 -4.99 -6.29
CA GLY A 49 0.29 -4.13 -5.20
C GLY A 49 1.72 -3.86 -5.25
N SER A 50 2.48 -4.89 -5.34
CA SER A 50 3.92 -4.70 -5.45
C SER A 50 4.25 -3.93 -6.74
N ASP A 51 3.53 -4.26 -7.82
CA ASP A 51 3.67 -3.59 -9.11
C ASP A 51 3.31 -2.12 -9.03
N LEU A 52 2.42 -1.75 -8.11
CA LEU A 52 1.99 -0.34 -7.93
C LEU A 52 3.17 0.53 -7.57
N ILE A 53 4.03 -0.02 -6.76
CA ILE A 53 5.16 0.72 -6.25
C ILE A 53 6.28 0.67 -7.27
N TYR A 54 6.37 -0.45 -7.91
CA TYR A 54 7.44 -0.70 -8.82
C TYR A 54 7.20 -0.18 -10.24
N TYR A 55 5.96 -0.01 -10.61
CA TYR A 55 5.59 0.44 -11.94
C TYR A 55 4.32 1.29 -11.88
N PRO A 56 4.42 2.60 -12.18
CA PRO A 56 3.24 3.46 -12.34
C PRO A 56 2.32 2.82 -13.36
N ARG A 57 1.02 2.85 -13.14
CA ARG A 57 0.17 2.08 -14.01
C ARG A 57 -0.20 2.82 -15.30
N ASP A 58 -1.47 3.07 -15.50
CA ASP A 58 -1.89 3.69 -16.73
C ASP A 58 -2.62 4.99 -16.52
N ASP A 59 -3.80 4.90 -15.97
CA ASP A 59 -4.66 6.07 -15.78
C ASP A 59 -4.54 6.57 -14.35
N ARG A 60 -3.98 5.74 -13.51
CA ARG A 60 -3.81 6.03 -12.14
C ARG A 60 -2.68 7.05 -11.95
N GLU A 61 -2.86 7.90 -10.97
CA GLU A 61 -1.92 8.96 -10.64
C GLU A 61 -0.57 8.39 -10.19
N ASP A 62 0.47 9.17 -10.42
CA ASP A 62 1.82 8.82 -10.03
C ASP A 62 2.12 9.55 -8.74
N SER A 63 1.55 9.07 -7.66
CA SER A 63 1.79 9.64 -6.38
C SER A 63 1.68 8.57 -5.30
N PRO A 64 2.16 8.84 -4.06
CA PRO A 64 1.93 7.96 -2.93
C PRO A 64 0.39 7.79 -2.71
N GLU A 65 -0.35 8.84 -3.07
CA GLU A 65 -1.82 8.83 -2.99
C GLU A 65 -2.41 7.89 -4.03
N GLY A 66 -1.91 8.00 -5.25
CA GLY A 66 -2.40 7.19 -6.35
C GLY A 66 -2.21 5.70 -6.14
N ILE A 67 -1.09 5.35 -5.54
CA ILE A 67 -0.80 3.95 -5.24
C ILE A 67 -1.81 3.42 -4.21
N VAL A 68 -2.12 4.24 -3.23
CA VAL A 68 -3.11 3.89 -2.23
C VAL A 68 -4.46 3.78 -2.87
N LYS A 69 -4.75 4.70 -3.77
CA LYS A 69 -6.02 4.79 -4.44
C LYS A 69 -6.39 3.48 -5.12
N GLU A 70 -5.41 2.86 -5.76
CA GLU A 70 -5.62 1.56 -6.39
C GLU A 70 -6.12 0.56 -5.41
N ILE A 71 -5.35 0.35 -4.36
CA ILE A 71 -5.66 -0.57 -3.30
C ILE A 71 -6.99 -0.22 -2.64
N LYS A 72 -7.21 1.05 -2.48
CA LYS A 72 -8.37 1.58 -1.82
C LYS A 72 -9.63 1.29 -2.63
N GLU A 73 -9.65 1.71 -3.88
CA GLU A 73 -10.81 1.53 -4.75
C GLU A 73 -11.03 0.06 -5.09
N TRP A 74 -9.94 -0.68 -5.17
CA TRP A 74 -9.99 -2.09 -5.53
C TRP A 74 -10.64 -2.90 -4.41
N ARG A 75 -10.09 -2.82 -3.21
CA ARG A 75 -10.56 -3.67 -2.13
C ARG A 75 -11.97 -3.33 -1.71
N ALA A 76 -12.32 -2.07 -1.82
CA ALA A 76 -13.66 -1.61 -1.47
C ALA A 76 -14.70 -2.16 -2.46
N ALA A 77 -14.28 -2.32 -3.72
CA ALA A 77 -15.16 -2.76 -4.77
C ALA A 77 -15.25 -4.26 -4.76
N ASN A 78 -14.22 -4.86 -4.21
CA ASN A 78 -14.12 -6.28 -4.08
C ASN A 78 -14.90 -6.78 -2.88
N GLY A 79 -15.07 -5.92 -1.90
CA GLY A 79 -15.73 -6.32 -0.70
C GLY A 79 -14.73 -6.94 0.25
N LYS A 80 -13.52 -6.45 0.17
CA LYS A 80 -12.42 -6.89 0.97
C LYS A 80 -12.24 -5.96 2.16
N SER A 81 -11.17 -6.16 2.90
CA SER A 81 -10.84 -5.35 4.03
C SER A 81 -10.60 -3.88 3.61
N GLY A 82 -10.51 -2.98 4.56
CA GLY A 82 -10.38 -1.60 4.19
C GLY A 82 -9.36 -0.90 5.00
N PHE A 83 -9.64 0.33 5.33
CA PHE A 83 -8.85 1.11 6.19
C PHE A 83 -9.77 1.63 7.25
N LYS A 84 -9.22 2.13 8.30
CA LYS A 84 -9.99 2.72 9.35
C LYS A 84 -10.41 4.09 8.89
N GLN A 85 -11.68 4.29 8.92
CA GLN A 85 -12.33 5.51 8.39
C GLN A 85 -12.27 6.69 9.36
N GLY A 86 -11.45 6.55 10.34
CA GLY A 86 -11.27 7.55 11.33
C GLY A 86 -10.68 6.95 12.55
N GLU A 2 4.79 0.73 16.97
CA GLU A 2 3.38 0.42 16.89
C GLU A 2 3.19 -0.68 15.88
N LEU A 3 2.24 -1.55 16.12
CA LEU A 3 1.98 -2.66 15.23
C LEU A 3 0.50 -2.87 15.10
N LYS A 4 0.06 -3.06 13.87
CA LYS A 4 -1.34 -3.29 13.60
C LYS A 4 -1.73 -4.74 13.80
N HIS A 5 -2.99 -5.01 13.62
CA HIS A 5 -3.51 -6.35 13.66
C HIS A 5 -4.09 -6.72 12.29
N SER A 6 -4.22 -5.71 11.41
CA SER A 6 -4.79 -5.88 10.09
C SER A 6 -4.49 -4.64 9.27
N ILE A 7 -4.86 -4.67 7.99
CA ILE A 7 -4.74 -3.48 7.16
C ILE A 7 -5.79 -2.45 7.56
N SER A 8 -6.93 -2.92 8.06
CA SER A 8 -8.02 -2.05 8.40
C SER A 8 -7.72 -1.27 9.68
N ASP A 9 -6.58 -1.55 10.29
CA ASP A 9 -6.11 -0.77 11.43
C ASP A 9 -5.25 0.40 10.94
N TYR A 10 -4.83 0.32 9.69
CA TYR A 10 -4.14 1.43 9.06
C TYR A 10 -5.19 2.37 8.59
N THR A 11 -5.01 3.62 8.84
CA THR A 11 -5.91 4.60 8.32
C THR A 11 -5.55 4.84 6.86
N GLU A 12 -6.37 5.58 6.14
CA GLU A 12 -6.07 5.92 4.76
C GLU A 12 -4.73 6.64 4.74
N ALA A 13 -4.56 7.52 5.71
CA ALA A 13 -3.36 8.30 5.86
C ALA A 13 -2.14 7.43 6.15
N GLU A 14 -2.23 6.56 7.16
CA GLU A 14 -1.09 5.72 7.54
C GLU A 14 -0.73 4.70 6.48
N PHE A 15 -1.71 4.23 5.76
CA PHE A 15 -1.45 3.33 4.67
C PHE A 15 -0.87 4.08 3.52
N LEU A 16 -1.26 5.29 3.37
CA LEU A 16 -0.71 6.13 2.32
C LEU A 16 0.73 6.43 2.64
N GLU A 17 1.03 6.37 3.87
CA GLU A 17 2.36 6.49 4.29
C GLU A 17 3.16 5.20 3.99
N PHE A 18 2.45 4.05 3.80
CA PHE A 18 3.10 2.74 3.48
C PHE A 18 3.95 2.93 2.27
N VAL A 19 3.32 3.47 1.29
CA VAL A 19 3.89 3.62 0.00
C VAL A 19 4.96 4.71 -0.04
N LYS A 20 4.75 5.76 0.72
CA LYS A 20 5.72 6.81 0.82
C LYS A 20 6.97 6.26 1.50
N LYS A 21 6.73 5.48 2.58
CA LYS A 21 7.77 4.83 3.35
C LYS A 21 8.55 3.91 2.46
N ILE A 22 7.87 3.16 1.61
CA ILE A 22 8.51 2.24 0.69
C ILE A 22 9.39 2.98 -0.31
N CYS A 23 8.95 4.13 -0.76
CA CYS A 23 9.72 4.89 -1.73
C CYS A 23 11.00 5.46 -1.08
N ARG A 24 10.96 5.69 0.22
CA ARG A 24 12.11 6.16 0.98
C ARG A 24 12.81 5.03 1.78
N ALA A 25 12.38 3.80 1.54
CA ALA A 25 12.76 2.62 2.36
C ALA A 25 14.16 2.08 2.16
N GLU A 26 15.08 2.92 1.64
CA GLU A 26 16.49 2.56 1.37
C GLU A 26 17.08 1.69 2.47
N GLY A 27 16.98 2.20 3.71
CA GLY A 27 17.41 1.46 4.88
C GLY A 27 18.81 0.90 4.75
N ALA A 28 18.92 -0.39 4.91
CA ALA A 28 20.18 -1.07 4.81
C ALA A 28 20.45 -1.53 3.38
N THR A 29 19.43 -2.04 2.74
CA THR A 29 19.51 -2.55 1.37
C THR A 29 18.06 -2.66 0.86
N GLU A 30 17.89 -2.74 -0.46
CA GLU A 30 16.56 -2.81 -1.13
C GLU A 30 15.69 -4.00 -0.69
N GLU A 31 16.27 -4.92 0.06
CA GLU A 31 15.52 -6.04 0.59
C GLU A 31 14.60 -5.54 1.71
N ASP A 32 14.96 -4.39 2.28
CA ASP A 32 14.20 -3.79 3.34
C ASP A 32 12.93 -3.22 2.76
N ASP A 33 13.08 -2.56 1.60
CA ASP A 33 11.96 -2.03 0.81
C ASP A 33 11.00 -3.15 0.52
N ASN A 34 11.55 -4.21 -0.03
CA ASN A 34 10.79 -5.36 -0.47
C ASN A 34 10.06 -6.06 0.67
N LYS A 35 10.67 -6.17 1.86
CA LYS A 35 9.95 -6.83 2.94
C LYS A 35 8.81 -5.97 3.45
N LEU A 36 8.88 -4.66 3.22
CA LEU A 36 7.75 -3.79 3.50
C LEU A 36 6.66 -4.11 2.51
N VAL A 37 7.02 -4.07 1.22
CA VAL A 37 6.08 -4.35 0.14
C VAL A 37 5.39 -5.70 0.35
N ARG A 38 6.15 -6.68 0.81
CA ARG A 38 5.63 -8.00 1.05
C ARG A 38 4.59 -8.08 2.14
N GLU A 39 4.75 -7.35 3.23
CA GLU A 39 3.75 -7.42 4.28
C GLU A 39 2.50 -6.71 3.84
N PHE A 40 2.68 -5.54 3.23
CA PHE A 40 1.59 -4.72 2.80
C PHE A 40 0.77 -5.40 1.74
N GLU A 41 1.44 -6.07 0.82
CA GLU A 41 0.78 -6.81 -0.23
C GLU A 41 0.04 -8.05 0.24
N ARG A 42 0.34 -8.48 1.43
CA ARG A 42 -0.38 -9.58 2.03
C ARG A 42 -1.59 -9.03 2.73
N LEU A 43 -1.40 -7.89 3.33
CA LEU A 43 -2.45 -7.16 4.01
C LEU A 43 -3.54 -6.73 3.01
N THR A 44 -3.11 -6.35 1.82
CA THR A 44 -4.00 -5.92 0.77
C THR A 44 -4.55 -7.08 -0.02
N GLU A 45 -3.68 -8.08 -0.28
CA GLU A 45 -3.93 -9.21 -1.18
C GLU A 45 -4.07 -8.66 -2.58
N HIS A 46 -3.49 -7.50 -2.79
CA HIS A 46 -3.65 -6.81 -4.00
C HIS A 46 -2.74 -7.44 -5.11
N PRO A 47 -3.29 -7.66 -6.29
CA PRO A 47 -2.59 -8.28 -7.42
C PRO A 47 -1.47 -7.46 -8.00
N ASP A 48 -1.73 -6.21 -8.10
CA ASP A 48 -0.85 -5.33 -8.80
C ASP A 48 -0.18 -4.48 -7.79
N GLY A 49 -0.31 -4.89 -6.55
CA GLY A 49 0.19 -4.08 -5.42
C GLY A 49 1.62 -3.78 -5.50
N SER A 50 2.39 -4.79 -5.70
CA SER A 50 3.81 -4.55 -5.86
C SER A 50 4.12 -3.74 -7.12
N ASP A 51 3.33 -3.93 -8.17
CA ASP A 51 3.51 -3.18 -9.41
C ASP A 51 3.15 -1.72 -9.24
N LEU A 52 2.16 -1.43 -8.38
CA LEU A 52 1.69 -0.06 -8.09
C LEU A 52 2.82 0.83 -7.62
N ILE A 53 3.70 0.24 -6.87
CA ILE A 53 4.77 0.98 -6.22
C ILE A 53 5.93 1.17 -7.18
N TYR A 54 6.15 0.17 -7.97
CA TYR A 54 7.26 0.15 -8.86
C TYR A 54 6.96 0.85 -10.18
N TYR A 55 5.72 0.83 -10.61
CA TYR A 55 5.35 1.43 -11.86
C TYR A 55 4.02 2.15 -11.73
N PRO A 56 3.90 3.36 -12.28
CA PRO A 56 2.61 4.01 -12.40
C PRO A 56 1.78 3.19 -13.40
N ARG A 57 0.48 3.25 -13.34
CA ARG A 57 -0.27 2.38 -14.22
C ARG A 57 -0.81 3.11 -15.44
N ASP A 58 -2.12 3.19 -15.54
CA ASP A 58 -2.78 3.84 -16.66
C ASP A 58 -3.67 4.98 -16.22
N ASP A 59 -4.71 4.63 -15.49
CA ASP A 59 -5.72 5.58 -15.05
C ASP A 59 -5.33 6.23 -13.72
N ARG A 60 -4.26 5.74 -13.13
CA ARG A 60 -3.80 6.26 -11.86
C ARG A 60 -3.14 7.60 -11.93
N GLU A 61 -3.25 8.27 -10.83
CA GLU A 61 -2.48 9.41 -10.53
C GLU A 61 -1.21 8.86 -9.95
N ASP A 62 -0.11 9.26 -10.44
CA ASP A 62 1.12 8.72 -9.93
C ASP A 62 1.56 9.52 -8.73
N SER A 63 1.03 9.15 -7.61
CA SER A 63 1.39 9.72 -6.38
C SER A 63 1.24 8.63 -5.33
N PRO A 64 1.91 8.76 -4.17
CA PRO A 64 1.74 7.83 -3.05
C PRO A 64 0.23 7.69 -2.71
N GLU A 65 -0.48 8.80 -2.82
CA GLU A 65 -1.92 8.86 -2.58
C GLU A 65 -2.69 8.10 -3.68
N GLY A 66 -2.32 8.33 -4.92
CA GLY A 66 -2.98 7.68 -6.05
C GLY A 66 -2.76 6.19 -6.08
N ILE A 67 -1.66 5.75 -5.54
CA ILE A 67 -1.40 4.34 -5.39
C ILE A 67 -2.40 3.74 -4.44
N VAL A 68 -2.58 4.40 -3.29
CA VAL A 68 -3.55 3.99 -2.26
C VAL A 68 -4.94 3.91 -2.84
N LYS A 69 -5.21 4.76 -3.82
CA LYS A 69 -6.47 4.78 -4.50
C LYS A 69 -6.82 3.44 -5.09
N GLU A 70 -5.89 2.79 -5.75
CA GLU A 70 -6.21 1.49 -6.30
C GLU A 70 -6.36 0.42 -5.28
N ILE A 71 -5.59 0.46 -4.19
CA ILE A 71 -5.83 -0.47 -3.12
C ILE A 71 -7.25 -0.22 -2.54
N LYS A 72 -7.62 1.05 -2.48
CA LYS A 72 -8.94 1.47 -2.04
C LYS A 72 -10.04 0.96 -2.96
N GLU A 73 -9.98 1.38 -4.24
CA GLU A 73 -11.03 1.09 -5.20
C GLU A 73 -11.21 -0.40 -5.42
N TRP A 74 -10.11 -1.09 -5.49
CA TRP A 74 -10.13 -2.49 -5.80
C TRP A 74 -10.67 -3.32 -4.64
N ARG A 75 -10.27 -3.00 -3.41
CA ARG A 75 -10.73 -3.78 -2.27
C ARG A 75 -12.14 -3.40 -1.90
N ALA A 76 -12.48 -2.14 -2.12
CA ALA A 76 -13.83 -1.64 -1.87
C ALA A 76 -14.80 -2.25 -2.87
N ALA A 77 -14.27 -2.69 -4.01
CA ALA A 77 -15.05 -3.34 -5.03
C ALA A 77 -15.20 -4.79 -4.69
N ASN A 78 -14.08 -5.37 -4.34
CA ASN A 78 -13.99 -6.80 -4.01
C ASN A 78 -14.76 -7.18 -2.75
N GLY A 79 -14.87 -6.26 -1.83
CA GLY A 79 -15.54 -6.58 -0.57
C GLY A 79 -14.55 -7.12 0.43
N LYS A 80 -13.35 -6.59 0.35
CA LYS A 80 -12.26 -6.97 1.21
C LYS A 80 -12.19 -6.04 2.40
N SER A 81 -11.12 -6.15 3.16
CA SER A 81 -10.86 -5.31 4.27
C SER A 81 -10.67 -3.84 3.82
N GLY A 82 -10.55 -2.91 4.75
CA GLY A 82 -10.46 -1.53 4.37
C GLY A 82 -9.34 -0.84 5.07
N PHE A 83 -9.53 0.42 5.37
CA PHE A 83 -8.66 1.18 6.16
C PHE A 83 -9.49 1.73 7.30
N LYS A 84 -8.84 2.20 8.30
CA LYS A 84 -9.50 2.82 9.41
C LYS A 84 -9.72 4.28 9.07
N GLN A 85 -10.72 4.88 9.67
CA GLN A 85 -11.10 6.21 9.38
C GLN A 85 -10.10 7.24 9.91
N GLY A 86 -9.20 7.62 9.06
CA GLY A 86 -8.25 8.64 9.33
C GLY A 86 -7.57 8.98 8.06
N GLU A 2 3.70 0.62 15.36
CA GLU A 2 2.37 0.37 15.87
C GLU A 2 1.89 -1.00 15.40
N LEU A 3 1.25 -1.74 16.27
CA LEU A 3 0.73 -3.02 15.91
C LEU A 3 -0.74 -2.97 15.60
N LYS A 4 -1.03 -3.34 14.40
CA LYS A 4 -2.35 -3.40 13.87
C LYS A 4 -3.03 -4.71 14.24
N HIS A 5 -4.28 -4.82 13.89
CA HIS A 5 -4.99 -6.07 13.97
C HIS A 5 -5.24 -6.60 12.55
N SER A 6 -5.00 -5.72 11.54
CA SER A 6 -5.23 -6.03 10.12
C SER A 6 -4.83 -4.82 9.28
N ILE A 7 -5.09 -4.89 7.96
CA ILE A 7 -4.91 -3.74 7.08
C ILE A 7 -5.95 -2.65 7.44
N SER A 8 -7.06 -3.07 8.03
CA SER A 8 -8.14 -2.19 8.36
C SER A 8 -7.83 -1.37 9.62
N ASP A 9 -6.75 -1.74 10.30
CA ASP A 9 -6.28 -1.01 11.48
C ASP A 9 -5.61 0.28 11.03
N TYR A 10 -5.13 0.25 9.81
CA TYR A 10 -4.48 1.37 9.21
C TYR A 10 -5.52 2.35 8.76
N THR A 11 -5.23 3.59 8.89
CA THR A 11 -6.07 4.60 8.34
C THR A 11 -5.58 4.83 6.93
N GLU A 12 -6.29 5.61 6.14
CA GLU A 12 -5.84 5.90 4.79
C GLU A 12 -4.50 6.58 4.87
N ALA A 13 -4.41 7.55 5.77
CA ALA A 13 -3.21 8.34 5.97
C ALA A 13 -2.00 7.49 6.36
N GLU A 14 -2.16 6.59 7.31
CA GLU A 14 -1.04 5.75 7.75
C GLU A 14 -0.69 4.67 6.76
N PHE A 15 -1.65 4.25 5.99
CA PHE A 15 -1.36 3.30 4.96
C PHE A 15 -0.75 4.03 3.80
N LEU A 16 -1.13 5.25 3.61
CA LEU A 16 -0.55 6.08 2.60
C LEU A 16 0.89 6.39 2.96
N GLU A 17 1.17 6.27 4.22
CA GLU A 17 2.52 6.34 4.68
C GLU A 17 3.27 5.06 4.33
N PHE A 18 2.56 3.93 4.05
CA PHE A 18 3.22 2.63 3.70
C PHE A 18 4.07 2.86 2.51
N VAL A 19 3.46 3.43 1.54
CA VAL A 19 4.06 3.63 0.26
C VAL A 19 5.13 4.71 0.31
N LYS A 20 4.88 5.74 1.08
CA LYS A 20 5.85 6.79 1.27
C LYS A 20 7.06 6.26 2.03
N LYS A 21 6.79 5.36 2.97
CA LYS A 21 7.81 4.71 3.77
C LYS A 21 8.63 3.81 2.88
N ILE A 22 7.99 3.21 1.90
CA ILE A 22 8.66 2.36 0.92
C ILE A 22 9.46 3.23 -0.06
N CYS A 23 8.96 4.40 -0.36
CA CYS A 23 9.65 5.33 -1.22
C CYS A 23 10.97 5.80 -0.55
N ARG A 24 10.95 5.89 0.77
CA ARG A 24 12.14 6.25 1.55
C ARG A 24 12.85 5.02 2.16
N ALA A 25 12.40 3.83 1.77
CA ALA A 25 12.88 2.55 2.32
C ALA A 25 14.17 2.05 1.67
N GLU A 26 14.93 2.94 1.05
CA GLU A 26 16.19 2.56 0.40
C GLU A 26 17.14 1.83 1.37
N GLY A 27 17.16 2.30 2.63
CA GLY A 27 17.86 1.66 3.73
C GLY A 27 19.31 1.29 3.45
N ALA A 28 19.53 0.05 3.11
CA ALA A 28 20.85 -0.47 2.87
C ALA A 28 20.89 -1.19 1.54
N THR A 29 20.01 -2.14 1.38
CA THR A 29 19.94 -2.93 0.18
C THR A 29 18.45 -2.97 -0.26
N GLU A 30 18.18 -3.40 -1.50
CA GLU A 30 16.80 -3.38 -2.07
C GLU A 30 15.86 -4.33 -1.33
N GLU A 31 16.44 -5.24 -0.59
CA GLU A 31 15.69 -6.15 0.22
C GLU A 31 15.01 -5.44 1.38
N ASP A 32 15.56 -4.32 1.78
CA ASP A 32 15.01 -3.53 2.87
C ASP A 32 13.78 -2.79 2.37
N ASP A 33 13.75 -2.57 1.05
CA ASP A 33 12.60 -1.99 0.38
C ASP A 33 11.56 -3.06 0.22
N ASN A 34 11.97 -4.13 -0.48
CA ASN A 34 11.06 -5.19 -0.88
C ASN A 34 10.39 -5.89 0.26
N LYS A 35 11.07 -6.02 1.40
CA LYS A 35 10.48 -6.70 2.54
C LYS A 35 9.27 -5.93 3.04
N LEU A 36 9.31 -4.60 2.95
CA LEU A 36 8.18 -3.82 3.38
C LEU A 36 7.04 -4.04 2.42
N VAL A 37 7.35 -3.97 1.13
CA VAL A 37 6.38 -4.17 0.07
C VAL A 37 5.67 -5.52 0.25
N ARG A 38 6.48 -6.55 0.45
CA ARG A 38 6.02 -7.91 0.60
C ARG A 38 5.01 -8.11 1.73
N GLU A 39 5.19 -7.45 2.87
CA GLU A 39 4.23 -7.61 3.95
C GLU A 39 2.96 -6.84 3.64
N PHE A 40 3.11 -5.68 3.02
CA PHE A 40 1.99 -4.87 2.65
C PHE A 40 1.18 -5.54 1.54
N GLU A 41 1.87 -6.21 0.62
CA GLU A 41 1.22 -7.01 -0.43
C GLU A 41 0.32 -8.08 0.17
N ARG A 42 0.68 -8.58 1.33
CA ARG A 42 -0.11 -9.59 2.01
C ARG A 42 -1.27 -8.96 2.76
N LEU A 43 -1.05 -7.79 3.29
CA LEU A 43 -2.10 -7.05 3.99
C LEU A 43 -3.16 -6.57 3.01
N THR A 44 -2.71 -6.12 1.88
CA THR A 44 -3.59 -5.62 0.86
C THR A 44 -4.14 -6.75 0.03
N GLU A 45 -3.36 -7.84 -0.04
CA GLU A 45 -3.65 -9.01 -0.86
C GLU A 45 -3.75 -8.52 -2.29
N HIS A 46 -2.96 -7.49 -2.56
CA HIS A 46 -3.07 -6.78 -3.77
C HIS A 46 -2.14 -7.34 -4.87
N PRO A 47 -2.73 -7.64 -6.03
CA PRO A 47 -2.06 -8.24 -7.21
C PRO A 47 -0.98 -7.39 -7.79
N ASP A 48 -1.17 -6.13 -7.70
CA ASP A 48 -0.25 -5.20 -8.27
C ASP A 48 0.50 -4.56 -7.15
N GLY A 49 0.39 -5.15 -5.97
CA GLY A 49 1.00 -4.57 -4.73
C GLY A 49 2.41 -4.15 -4.86
N SER A 50 3.19 -4.89 -5.54
CA SER A 50 4.55 -4.47 -5.74
C SER A 50 4.67 -3.52 -6.91
N ASP A 51 4.01 -3.88 -8.00
CA ASP A 51 4.00 -3.10 -9.23
C ASP A 51 3.54 -1.68 -9.00
N LEU A 52 2.51 -1.49 -8.18
CA LEU A 52 1.92 -0.16 -7.91
C LEU A 52 2.93 0.83 -7.41
N ILE A 53 3.83 0.37 -6.59
CA ILE A 53 4.79 1.24 -5.92
C ILE A 53 5.77 1.80 -6.90
N TYR A 54 6.05 1.00 -7.85
CA TYR A 54 6.98 1.32 -8.84
C TYR A 54 6.28 1.94 -10.07
N TYR A 55 5.11 1.41 -10.39
CA TYR A 55 4.34 1.82 -11.54
C TYR A 55 2.83 1.75 -11.20
N PRO A 56 2.22 2.86 -10.76
CA PRO A 56 0.78 2.90 -10.52
C PRO A 56 0.04 2.67 -11.85
N ARG A 57 -0.80 1.62 -11.86
CA ARG A 57 -1.44 1.01 -13.08
C ARG A 57 -1.37 1.81 -14.39
N ASP A 58 -2.49 2.24 -14.91
CA ASP A 58 -2.47 3.00 -16.15
C ASP A 58 -3.10 4.35 -15.98
N ASP A 59 -4.32 4.32 -15.47
CA ASP A 59 -5.16 5.50 -15.33
C ASP A 59 -4.99 6.16 -14.01
N ARG A 60 -4.24 5.54 -13.13
CA ARG A 60 -4.09 6.02 -11.83
C ARG A 60 -3.09 7.12 -11.78
N GLU A 61 -3.37 8.08 -10.92
CA GLU A 61 -2.46 9.17 -10.65
C GLU A 61 -1.16 8.60 -10.13
N ASP A 62 -0.07 9.17 -10.56
CA ASP A 62 1.22 8.67 -10.17
C ASP A 62 1.64 9.34 -8.89
N SER A 63 1.10 8.87 -7.81
CA SER A 63 1.45 9.40 -6.54
C SER A 63 1.35 8.29 -5.52
N PRO A 64 2.06 8.41 -4.36
CA PRO A 64 1.91 7.47 -3.25
C PRO A 64 0.43 7.38 -2.85
N GLU A 65 -0.24 8.51 -3.02
CA GLU A 65 -1.64 8.65 -2.72
C GLU A 65 -2.46 7.80 -3.69
N GLY A 66 -2.15 7.93 -4.98
CA GLY A 66 -2.84 7.18 -6.01
C GLY A 66 -2.68 5.68 -5.83
N ILE A 67 -1.52 5.28 -5.37
CA ILE A 67 -1.23 3.88 -5.10
C ILE A 67 -2.17 3.34 -4.00
N VAL A 68 -2.24 4.07 -2.91
CA VAL A 68 -3.13 3.76 -1.78
C VAL A 68 -4.59 3.84 -2.22
N LYS A 69 -4.86 4.77 -3.08
CA LYS A 69 -6.18 5.00 -3.60
C LYS A 69 -6.58 3.82 -4.50
N GLU A 70 -5.61 3.27 -5.20
CA GLU A 70 -5.82 2.12 -6.06
C GLU A 70 -6.21 0.93 -5.18
N ILE A 71 -5.51 0.81 -4.03
CA ILE A 71 -5.76 -0.26 -3.06
C ILE A 71 -7.19 -0.19 -2.59
N LYS A 72 -7.60 1.02 -2.15
CA LYS A 72 -8.89 1.23 -1.60
C LYS A 72 -9.95 0.91 -2.60
N GLU A 73 -9.84 1.45 -3.81
CA GLU A 73 -10.89 1.29 -4.80
C GLU A 73 -11.06 -0.14 -5.23
N TRP A 74 -9.98 -0.87 -5.23
CA TRP A 74 -9.99 -2.25 -5.59
C TRP A 74 -10.67 -3.05 -4.49
N ARG A 75 -10.20 -2.90 -3.26
CA ARG A 75 -10.74 -3.62 -2.13
C ARG A 75 -12.17 -3.17 -1.82
N ALA A 76 -12.43 -1.91 -2.03
CA ALA A 76 -13.75 -1.30 -1.84
C ALA A 76 -14.75 -1.86 -2.87
N ALA A 77 -14.25 -2.26 -4.02
CA ALA A 77 -15.10 -2.76 -5.09
C ALA A 77 -15.36 -4.20 -4.84
N ASN A 78 -14.30 -4.88 -4.42
CA ASN A 78 -14.33 -6.27 -4.14
C ASN A 78 -15.24 -6.58 -2.97
N GLY A 79 -15.24 -5.72 -1.99
CA GLY A 79 -15.99 -5.96 -0.79
C GLY A 79 -15.09 -6.44 0.31
N LYS A 80 -13.80 -6.23 0.11
CA LYS A 80 -12.80 -6.59 1.04
C LYS A 80 -12.71 -5.53 2.11
N SER A 81 -12.01 -5.83 3.16
CA SER A 81 -11.83 -4.93 4.25
C SER A 81 -10.99 -3.73 3.81
N GLY A 82 -11.32 -2.56 4.32
CA GLY A 82 -10.66 -1.35 3.88
C GLY A 82 -10.02 -0.63 5.03
N PHE A 83 -9.37 0.48 4.76
CA PHE A 83 -8.69 1.26 5.77
C PHE A 83 -9.70 1.97 6.63
N LYS A 84 -9.27 2.39 7.78
CA LYS A 84 -10.10 3.15 8.65
C LYS A 84 -10.13 4.58 8.15
N GLN A 85 -11.31 5.04 7.92
CA GLN A 85 -11.57 6.34 7.27
C GLN A 85 -11.37 7.56 8.17
N GLY A 86 -10.69 7.39 9.23
CA GLY A 86 -10.44 8.46 10.15
C GLY A 86 -10.07 7.91 11.47
N GLU A 2 5.58 0.57 14.51
CA GLU A 2 4.19 0.23 14.28
C GLU A 2 3.91 -1.20 14.71
N LEU A 3 2.69 -1.45 15.08
CA LEU A 3 2.17 -2.76 15.40
C LEU A 3 0.67 -2.73 15.25
N LYS A 4 0.20 -3.33 14.19
CA LYS A 4 -1.21 -3.39 13.93
C LYS A 4 -1.66 -4.83 13.94
N HIS A 5 -2.96 -5.01 13.85
CA HIS A 5 -3.48 -6.36 13.74
C HIS A 5 -3.94 -6.65 12.30
N SER A 6 -4.12 -5.60 11.48
CA SER A 6 -4.61 -5.79 10.10
C SER A 6 -4.46 -4.53 9.26
N ILE A 7 -4.89 -4.60 7.99
CA ILE A 7 -4.88 -3.45 7.08
C ILE A 7 -5.95 -2.44 7.50
N SER A 8 -7.03 -2.94 8.10
CA SER A 8 -8.14 -2.10 8.48
C SER A 8 -7.85 -1.43 9.84
N ASP A 9 -6.70 -1.79 10.41
CA ASP A 9 -6.23 -1.18 11.65
C ASP A 9 -5.48 0.11 11.27
N TYR A 10 -5.20 0.23 10.00
CA TYR A 10 -4.59 1.40 9.43
C TYR A 10 -5.68 2.32 8.97
N THR A 11 -5.48 3.57 9.13
CA THR A 11 -6.32 4.52 8.50
C THR A 11 -5.76 4.75 7.11
N GLU A 12 -6.53 5.41 6.24
CA GLU A 12 -6.06 5.69 4.89
C GLU A 12 -4.73 6.41 4.95
N ALA A 13 -4.65 7.40 5.82
CA ALA A 13 -3.44 8.22 5.96
C ALA A 13 -2.22 7.39 6.38
N GLU A 14 -2.38 6.52 7.38
CA GLU A 14 -1.25 5.68 7.86
C GLU A 14 -0.80 4.72 6.81
N PHE A 15 -1.72 4.21 6.06
CA PHE A 15 -1.41 3.28 5.00
C PHE A 15 -0.86 4.04 3.84
N LEU A 16 -1.30 5.23 3.66
CA LEU A 16 -0.80 6.06 2.61
C LEU A 16 0.64 6.48 2.91
N GLU A 17 0.98 6.40 4.15
CA GLU A 17 2.34 6.56 4.57
C GLU A 17 3.15 5.28 4.27
N PHE A 18 2.46 4.11 4.10
CA PHE A 18 3.13 2.81 3.78
C PHE A 18 4.00 3.00 2.59
N VAL A 19 3.40 3.56 1.60
CA VAL A 19 4.01 3.71 0.32
C VAL A 19 5.09 4.79 0.33
N LYS A 20 4.84 5.84 1.09
CA LYS A 20 5.80 6.91 1.20
C LYS A 20 7.03 6.42 1.97
N LYS A 21 6.77 5.56 2.96
CA LYS A 21 7.80 4.94 3.75
C LYS A 21 8.60 4.03 2.88
N ILE A 22 7.94 3.29 2.01
CA ILE A 22 8.61 2.39 1.07
C ILE A 22 9.47 3.18 0.09
N CYS A 23 8.99 4.33 -0.31
CA CYS A 23 9.74 5.22 -1.19
C CYS A 23 11.07 5.64 -0.54
N ARG A 24 11.05 5.83 0.78
CA ARG A 24 12.23 6.21 1.55
C ARG A 24 12.88 5.01 2.28
N ALA A 25 12.41 3.81 1.98
CA ALA A 25 12.84 2.53 2.62
C ALA A 25 14.18 2.04 2.08
N GLU A 26 14.92 2.95 1.54
CA GLU A 26 16.20 2.70 0.92
C GLU A 26 17.30 2.55 2.02
N GLY A 27 17.01 1.74 3.02
CA GLY A 27 17.88 1.54 4.18
C GLY A 27 19.26 1.01 3.84
N ALA A 28 19.32 0.04 2.98
CA ALA A 28 20.60 -0.54 2.60
C ALA A 28 20.56 -1.01 1.17
N THR A 29 19.70 -1.94 0.92
CA THR A 29 19.52 -2.51 -0.37
C THR A 29 18.02 -2.51 -0.61
N GLU A 30 17.57 -2.88 -1.80
CA GLU A 30 16.15 -2.92 -2.14
C GLU A 30 15.37 -3.94 -1.30
N GLU A 31 16.08 -4.71 -0.49
CA GLU A 31 15.47 -5.69 0.37
C GLU A 31 14.72 -4.98 1.47
N ASP A 32 15.24 -3.82 1.86
CA ASP A 32 14.66 -3.02 2.94
C ASP A 32 13.33 -2.45 2.47
N ASP A 33 13.29 -2.12 1.20
CA ASP A 33 12.08 -1.64 0.52
C ASP A 33 11.11 -2.80 0.37
N ASN A 34 11.60 -3.84 -0.29
CA ASN A 34 10.83 -5.00 -0.65
C ASN A 34 10.18 -5.67 0.53
N LYS A 35 10.90 -5.84 1.64
CA LYS A 35 10.32 -6.50 2.80
C LYS A 35 9.12 -5.77 3.36
N LEU A 36 9.10 -4.44 3.20
CA LEU A 36 7.91 -3.68 3.60
C LEU A 36 6.80 -4.01 2.64
N VAL A 37 7.11 -3.93 1.34
CA VAL A 37 6.15 -4.20 0.29
C VAL A 37 5.49 -5.56 0.50
N ARG A 38 6.32 -6.54 0.84
CA ARG A 38 5.87 -7.90 1.05
C ARG A 38 4.84 -8.00 2.17
N GLU A 39 5.05 -7.31 3.30
CA GLU A 39 4.09 -7.43 4.39
C GLU A 39 2.81 -6.70 4.06
N PHE A 40 2.94 -5.54 3.44
CA PHE A 40 1.80 -4.75 3.07
C PHE A 40 0.98 -5.47 2.02
N GLU A 41 1.65 -6.13 1.11
CA GLU A 41 0.99 -6.88 0.07
C GLU A 41 0.26 -8.13 0.59
N ARG A 42 0.63 -8.56 1.77
CA ARG A 42 -0.07 -9.66 2.42
C ARG A 42 -1.32 -9.11 3.13
N LEU A 43 -1.30 -7.82 3.39
CA LEU A 43 -2.39 -7.14 4.04
C LEU A 43 -3.42 -6.68 3.00
N THR A 44 -2.92 -6.23 1.88
CA THR A 44 -3.76 -5.71 0.82
C THR A 44 -4.36 -6.81 -0.01
N GLU A 45 -3.60 -7.89 -0.20
CA GLU A 45 -3.95 -8.99 -1.07
C GLU A 45 -4.03 -8.41 -2.50
N HIS A 46 -3.31 -7.32 -2.72
CA HIS A 46 -3.46 -6.61 -3.93
C HIS A 46 -2.63 -7.25 -5.09
N PRO A 47 -3.31 -7.56 -6.18
CA PRO A 47 -2.76 -8.28 -7.34
C PRO A 47 -1.63 -7.59 -8.01
N ASP A 48 -1.66 -6.32 -7.95
CA ASP A 48 -0.71 -5.54 -8.64
C ASP A 48 -0.03 -4.70 -7.63
N GLY A 49 -0.22 -5.08 -6.36
CA GLY A 49 0.27 -4.28 -5.21
C GLY A 49 1.69 -3.91 -5.27
N SER A 50 2.51 -4.89 -5.41
CA SER A 50 3.92 -4.65 -5.54
C SER A 50 4.22 -3.79 -6.78
N ASP A 51 3.55 -4.11 -7.87
CA ASP A 51 3.67 -3.40 -9.13
C ASP A 51 3.21 -1.95 -9.03
N LEU A 52 2.32 -1.65 -8.08
CA LEU A 52 1.81 -0.28 -7.88
C LEU A 52 2.91 0.64 -7.44
N ILE A 53 3.75 0.12 -6.60
CA ILE A 53 4.79 0.92 -5.98
C ILE A 53 5.93 1.10 -6.94
N TYR A 54 6.13 0.09 -7.71
CA TYR A 54 7.23 0.03 -8.59
C TYR A 54 6.92 0.55 -9.99
N TYR A 55 5.73 0.35 -10.43
CA TYR A 55 5.36 0.71 -11.76
C TYR A 55 4.09 1.55 -11.76
N PRO A 56 4.02 2.52 -12.61
CA PRO A 56 2.80 3.21 -12.87
C PRO A 56 1.91 2.29 -13.70
N ARG A 57 0.63 2.45 -13.59
CA ARG A 57 -0.24 1.61 -14.36
C ARG A 57 -0.63 2.37 -15.60
N ASP A 58 -1.88 2.67 -15.73
CA ASP A 58 -2.33 3.48 -16.85
C ASP A 58 -2.99 4.75 -16.34
N ASP A 59 -4.11 4.56 -15.69
CA ASP A 59 -4.91 5.67 -15.16
C ASP A 59 -4.50 6.01 -13.75
N ARG A 60 -3.78 5.10 -13.14
CA ARG A 60 -3.33 5.22 -11.79
C ARG A 60 -2.57 6.51 -11.56
N GLU A 61 -2.91 7.15 -10.50
CA GLU A 61 -2.33 8.43 -10.14
C GLU A 61 -0.90 8.19 -9.68
N ASP A 62 0.03 8.88 -10.27
CA ASP A 62 1.43 8.64 -9.94
C ASP A 62 1.81 9.45 -8.73
N SER A 63 1.30 9.03 -7.62
CA SER A 63 1.60 9.63 -6.37
C SER A 63 1.55 8.54 -5.31
N PRO A 64 2.14 8.78 -4.11
CA PRO A 64 1.99 7.87 -2.97
C PRO A 64 0.48 7.68 -2.67
N GLU A 65 -0.30 8.71 -2.98
CA GLU A 65 -1.73 8.69 -2.78
C GLU A 65 -2.42 7.71 -3.75
N GLY A 66 -2.08 7.81 -5.02
CA GLY A 66 -2.68 6.97 -6.05
C GLY A 66 -2.51 5.49 -5.82
N ILE A 67 -1.35 5.12 -5.35
CA ILE A 67 -1.03 3.72 -5.06
C ILE A 67 -1.96 3.17 -3.98
N VAL A 68 -2.12 3.92 -2.94
CA VAL A 68 -3.00 3.60 -1.84
C VAL A 68 -4.46 3.65 -2.28
N LYS A 69 -4.74 4.49 -3.24
CA LYS A 69 -6.08 4.60 -3.74
C LYS A 69 -6.46 3.38 -4.53
N GLU A 70 -5.49 2.82 -5.25
CA GLU A 70 -5.69 1.57 -5.96
C GLU A 70 -6.12 0.50 -4.98
N ILE A 71 -5.52 0.55 -3.81
CA ILE A 71 -5.85 -0.40 -2.76
C ILE A 71 -7.29 -0.19 -2.32
N LYS A 72 -7.66 1.08 -2.03
CA LYS A 72 -8.97 1.38 -1.56
C LYS A 72 -10.01 1.05 -2.60
N GLU A 73 -9.85 1.56 -3.82
CA GLU A 73 -10.85 1.41 -4.87
C GLU A 73 -11.05 -0.03 -5.26
N TRP A 74 -9.98 -0.80 -5.27
CA TRP A 74 -10.06 -2.18 -5.65
C TRP A 74 -10.76 -2.98 -4.57
N ARG A 75 -10.31 -2.83 -3.33
CA ARG A 75 -10.90 -3.54 -2.21
C ARG A 75 -12.31 -3.05 -1.93
N ALA A 76 -12.56 -1.80 -2.27
CA ALA A 76 -13.87 -1.19 -2.16
C ALA A 76 -14.83 -1.80 -3.18
N ALA A 77 -14.31 -2.15 -4.37
CA ALA A 77 -15.12 -2.67 -5.46
C ALA A 77 -15.31 -4.15 -5.28
N ASN A 78 -14.32 -4.76 -4.70
CA ASN A 78 -14.30 -6.17 -4.45
C ASN A 78 -15.22 -6.56 -3.31
N GLY A 79 -15.46 -5.65 -2.40
CA GLY A 79 -16.28 -5.96 -1.25
C GLY A 79 -15.43 -6.52 -0.14
N LYS A 80 -14.25 -5.98 -0.02
CA LYS A 80 -13.31 -6.37 0.95
C LYS A 80 -13.26 -5.35 2.05
N SER A 81 -12.34 -5.55 2.95
CA SER A 81 -12.13 -4.67 4.05
C SER A 81 -11.33 -3.46 3.57
N GLY A 82 -11.53 -2.36 4.23
CA GLY A 82 -10.93 -1.12 3.81
C GLY A 82 -10.17 -0.48 4.93
N PHE A 83 -9.79 0.77 4.76
CA PHE A 83 -9.03 1.46 5.75
C PHE A 83 -9.96 2.15 6.71
N LYS A 84 -9.42 2.54 7.81
CA LYS A 84 -10.16 3.24 8.79
C LYS A 84 -10.18 4.74 8.46
N GLN A 85 -11.32 5.34 8.63
CA GLN A 85 -11.48 6.79 8.40
C GLN A 85 -11.90 7.45 9.69
N GLY A 86 -11.75 6.70 10.72
CA GLY A 86 -12.18 7.07 12.03
C GLY A 86 -13.14 6.03 12.50
N GLU A 2 4.09 1.08 16.58
CA GLU A 2 2.81 0.40 16.65
C GLU A 2 2.83 -0.75 15.66
N LEU A 3 1.95 -1.70 15.88
CA LEU A 3 1.81 -2.83 15.01
C LEU A 3 0.38 -3.13 14.78
N LYS A 4 -0.02 -3.00 13.55
CA LYS A 4 -1.38 -3.28 13.14
C LYS A 4 -1.83 -4.71 13.43
N HIS A 5 -3.12 -4.87 13.52
CA HIS A 5 -3.72 -6.17 13.68
C HIS A 5 -4.31 -6.62 12.34
N SER A 6 -4.43 -5.67 11.40
CA SER A 6 -4.99 -5.92 10.09
C SER A 6 -4.65 -4.73 9.20
N ILE A 7 -5.09 -4.77 7.96
CA ILE A 7 -4.94 -3.62 7.07
C ILE A 7 -5.90 -2.51 7.53
N SER A 8 -7.00 -2.92 8.15
CA SER A 8 -8.03 -2.01 8.58
C SER A 8 -7.64 -1.31 9.89
N ASP A 9 -6.45 -1.60 10.38
CA ASP A 9 -5.90 -0.90 11.54
C ASP A 9 -5.42 0.47 11.08
N TYR A 10 -4.92 0.48 9.85
CA TYR A 10 -4.42 1.68 9.21
C TYR A 10 -5.58 2.48 8.67
N THR A 11 -5.40 3.77 8.55
CA THR A 11 -6.34 4.59 7.86
C THR A 11 -5.81 4.76 6.43
N GLU A 12 -6.52 5.48 5.58
CA GLU A 12 -6.02 5.76 4.22
C GLU A 12 -4.69 6.47 4.34
N ALA A 13 -4.66 7.45 5.23
CA ALA A 13 -3.49 8.30 5.43
C ALA A 13 -2.27 7.55 5.95
N GLU A 14 -2.47 6.69 6.94
CA GLU A 14 -1.36 5.94 7.53
C GLU A 14 -0.84 4.89 6.56
N PHE A 15 -1.73 4.36 5.76
CA PHE A 15 -1.33 3.40 4.79
C PHE A 15 -0.70 4.09 3.63
N LEU A 16 -1.13 5.26 3.35
CA LEU A 16 -0.57 6.10 2.31
C LEU A 16 0.86 6.44 2.65
N GLU A 17 1.14 6.40 3.89
CA GLU A 17 2.48 6.56 4.32
C GLU A 17 3.30 5.27 4.14
N PHE A 18 2.63 4.10 4.00
CA PHE A 18 3.32 2.78 3.72
C PHE A 18 4.18 2.97 2.50
N VAL A 19 3.56 3.50 1.51
CA VAL A 19 4.16 3.66 0.23
C VAL A 19 5.20 4.77 0.23
N LYS A 20 4.92 5.81 0.98
CA LYS A 20 5.87 6.90 1.11
C LYS A 20 7.14 6.38 1.80
N LYS A 21 6.91 5.53 2.80
CA LYS A 21 7.97 4.85 3.54
C LYS A 21 8.80 4.01 2.59
N ILE A 22 8.13 3.26 1.73
CA ILE A 22 8.81 2.40 0.75
C ILE A 22 9.61 3.26 -0.24
N CYS A 23 9.04 4.39 -0.60
CA CYS A 23 9.70 5.34 -1.48
C CYS A 23 11.06 5.77 -0.87
N ARG A 24 11.09 5.95 0.44
CA ARG A 24 12.30 6.38 1.14
C ARG A 24 13.04 5.19 1.81
N ALA A 25 12.59 3.97 1.54
CA ALA A 25 13.05 2.75 2.25
C ALA A 25 14.39 2.19 1.80
N GLU A 26 15.24 3.03 1.16
CA GLU A 26 16.58 2.63 0.62
C GLU A 26 17.33 1.68 1.55
N GLY A 27 17.41 2.06 2.84
CA GLY A 27 17.97 1.21 3.89
C GLY A 27 19.32 0.63 3.58
N ALA A 28 19.44 -0.67 3.75
CA ALA A 28 20.66 -1.37 3.45
C ALA A 28 20.74 -1.68 1.98
N THR A 29 19.66 -2.22 1.45
CA THR A 29 19.53 -2.58 0.05
C THR A 29 18.01 -2.69 -0.18
N GLU A 30 17.57 -2.75 -1.44
CA GLU A 30 16.16 -2.84 -1.82
C GLU A 30 15.41 -4.02 -1.19
N GLU A 31 16.13 -4.95 -0.61
CA GLU A 31 15.52 -6.05 0.11
C GLU A 31 14.69 -5.51 1.27
N ASP A 32 15.11 -4.35 1.79
CA ASP A 32 14.46 -3.71 2.92
C ASP A 32 13.14 -3.13 2.43
N ASP A 33 13.18 -2.48 1.25
CA ASP A 33 11.97 -1.96 0.59
C ASP A 33 11.02 -3.11 0.35
N ASN A 34 11.55 -4.14 -0.30
CA ASN A 34 10.78 -5.30 -0.74
C ASN A 34 10.12 -6.04 0.42
N LYS A 35 10.79 -6.20 1.55
CA LYS A 35 10.16 -6.89 2.66
C LYS A 35 9.03 -6.07 3.26
N LEU A 36 9.16 -4.74 3.21
CA LEU A 36 8.09 -3.86 3.61
C LEU A 36 6.94 -4.05 2.65
N VAL A 37 7.26 -3.99 1.35
CA VAL A 37 6.27 -4.20 0.29
C VAL A 37 5.54 -5.51 0.52
N ARG A 38 6.28 -6.57 0.73
CA ARG A 38 5.71 -7.88 0.89
C ARG A 38 4.86 -8.04 2.15
N GLU A 39 5.10 -7.24 3.18
CA GLU A 39 4.24 -7.35 4.36
C GLU A 39 2.97 -6.52 4.13
N PHE A 40 3.14 -5.35 3.54
CA PHE A 40 2.02 -4.47 3.24
C PHE A 40 1.14 -5.09 2.17
N GLU A 41 1.76 -5.68 1.17
CA GLU A 41 1.07 -6.37 0.11
C GLU A 41 0.40 -7.64 0.56
N ARG A 42 0.79 -8.12 1.71
CA ARG A 42 0.14 -9.25 2.29
C ARG A 42 -1.12 -8.77 3.00
N LEU A 43 -1.03 -7.58 3.55
CA LEU A 43 -2.13 -6.91 4.23
C LEU A 43 -3.20 -6.50 3.23
N THR A 44 -2.79 -5.98 2.12
CA THR A 44 -3.67 -5.54 1.07
C THR A 44 -4.18 -6.71 0.30
N GLU A 45 -3.32 -7.73 0.19
CA GLU A 45 -3.55 -8.90 -0.55
C GLU A 45 -3.76 -8.48 -2.01
N HIS A 46 -3.16 -7.33 -2.35
CA HIS A 46 -3.41 -6.70 -3.58
C HIS A 46 -2.56 -7.34 -4.70
N PRO A 47 -3.17 -7.57 -5.84
CA PRO A 47 -2.53 -8.21 -7.01
C PRO A 47 -1.42 -7.44 -7.62
N ASP A 48 -1.63 -6.17 -7.73
CA ASP A 48 -0.74 -5.32 -8.43
C ASP A 48 -0.12 -4.40 -7.46
N GLY A 49 -0.22 -4.77 -6.21
CA GLY A 49 0.24 -3.87 -5.14
C GLY A 49 1.69 -3.58 -5.20
N SER A 50 2.47 -4.60 -5.35
CA SER A 50 3.91 -4.40 -5.47
C SER A 50 4.18 -3.64 -6.78
N ASP A 51 3.42 -4.00 -7.82
CA ASP A 51 3.48 -3.34 -9.14
C ASP A 51 3.26 -1.86 -9.00
N LEU A 52 2.28 -1.47 -8.17
CA LEU A 52 1.89 -0.06 -7.93
C LEU A 52 3.06 0.78 -7.50
N ILE A 53 3.93 0.19 -6.72
CA ILE A 53 5.02 0.92 -6.11
C ILE A 53 6.13 1.07 -7.10
N TYR A 54 6.34 0.03 -7.83
CA TYR A 54 7.42 -0.04 -8.77
C TYR A 54 7.06 0.69 -10.05
N TYR A 55 5.85 0.52 -10.50
CA TYR A 55 5.38 1.12 -11.72
C TYR A 55 3.95 1.60 -11.54
N PRO A 56 3.73 2.92 -11.29
CA PRO A 56 2.39 3.50 -11.31
C PRO A 56 1.72 3.14 -12.62
N ARG A 57 0.45 2.76 -12.56
CA ARG A 57 -0.21 2.10 -13.69
C ARG A 57 -0.52 2.99 -14.90
N ASP A 58 -1.77 3.16 -15.20
CA ASP A 58 -2.17 3.89 -16.41
C ASP A 58 -3.02 5.09 -16.10
N ASP A 59 -4.22 4.83 -15.66
CA ASP A 59 -5.21 5.86 -15.43
C ASP A 59 -5.08 6.44 -14.04
N ARG A 60 -4.48 5.66 -13.16
CA ARG A 60 -4.32 6.05 -11.81
C ARG A 60 -3.21 7.07 -11.67
N GLU A 61 -3.43 7.99 -10.78
CA GLU A 61 -2.49 9.05 -10.48
C GLU A 61 -1.16 8.47 -9.99
N ASP A 62 -0.11 9.13 -10.34
CA ASP A 62 1.23 8.75 -9.97
C ASP A 62 1.55 9.42 -8.65
N SER A 63 1.02 8.91 -7.58
CA SER A 63 1.34 9.46 -6.30
C SER A 63 1.29 8.38 -5.24
N PRO A 64 1.94 8.61 -4.04
CA PRO A 64 1.81 7.72 -2.88
C PRO A 64 0.32 7.57 -2.51
N GLU A 65 -0.45 8.58 -2.89
CA GLU A 65 -1.87 8.64 -2.68
C GLU A 65 -2.58 7.70 -3.65
N GLY A 66 -2.28 7.86 -4.94
CA GLY A 66 -2.87 7.05 -5.99
C GLY A 66 -2.61 5.56 -5.83
N ILE A 67 -1.44 5.24 -5.33
CA ILE A 67 -1.07 3.86 -5.06
C ILE A 67 -2.00 3.23 -4.01
N VAL A 68 -2.26 3.96 -2.94
CA VAL A 68 -3.16 3.48 -1.90
C VAL A 68 -4.60 3.48 -2.40
N LYS A 69 -4.90 4.43 -3.25
CA LYS A 69 -6.22 4.57 -3.82
C LYS A 69 -6.58 3.35 -4.64
N GLU A 70 -5.62 2.85 -5.42
CA GLU A 70 -5.82 1.61 -6.18
C GLU A 70 -6.22 0.49 -5.26
N ILE A 71 -5.45 0.32 -4.22
CA ILE A 71 -5.66 -0.71 -3.25
C ILE A 71 -7.02 -0.60 -2.59
N LYS A 72 -7.34 0.59 -2.12
CA LYS A 72 -8.55 0.81 -1.42
C LYS A 72 -9.74 0.65 -2.33
N GLU A 73 -9.70 1.26 -3.52
CA GLU A 73 -10.85 1.21 -4.41
C GLU A 73 -11.08 -0.19 -4.94
N TRP A 74 -9.99 -0.91 -5.19
CA TRP A 74 -10.08 -2.26 -5.67
C TRP A 74 -10.69 -3.15 -4.59
N ARG A 75 -10.20 -3.02 -3.36
CA ARG A 75 -10.76 -3.80 -2.26
C ARG A 75 -12.18 -3.36 -1.94
N ALA A 76 -12.42 -2.08 -2.09
CA ALA A 76 -13.73 -1.48 -1.85
C ALA A 76 -14.77 -2.02 -2.84
N ALA A 77 -14.35 -2.24 -4.08
CA ALA A 77 -15.25 -2.66 -5.14
C ALA A 77 -15.46 -4.15 -5.06
N ASN A 78 -14.46 -4.81 -4.57
CA ASN A 78 -14.45 -6.25 -4.44
C ASN A 78 -15.13 -6.72 -3.18
N GLY A 79 -15.64 -5.79 -2.39
CA GLY A 79 -16.33 -6.16 -1.16
C GLY A 79 -15.39 -6.72 -0.13
N LYS A 80 -14.19 -6.23 -0.15
CA LYS A 80 -13.17 -6.63 0.75
C LYS A 80 -13.01 -5.54 1.78
N SER A 81 -12.34 -5.84 2.85
CA SER A 81 -12.14 -4.93 3.93
C SER A 81 -11.27 -3.74 3.50
N GLY A 82 -11.46 -2.61 4.14
CA GLY A 82 -10.75 -1.41 3.77
C GLY A 82 -9.89 -0.92 4.89
N PHE A 83 -9.88 0.37 5.10
CA PHE A 83 -9.10 0.97 6.12
C PHE A 83 -9.99 1.42 7.26
N LYS A 84 -9.37 1.92 8.28
CA LYS A 84 -10.05 2.44 9.42
C LYS A 84 -10.65 3.79 9.05
N GLN A 85 -11.77 4.10 9.64
CA GLN A 85 -12.47 5.30 9.36
C GLN A 85 -11.79 6.49 9.99
N GLY A 86 -11.10 7.21 9.16
CA GLY A 86 -10.41 8.39 9.52
C GLY A 86 -9.89 8.98 8.27
N GLU A 2 3.10 2.06 17.96
CA GLU A 2 1.86 1.69 17.29
C GLU A 2 2.08 0.44 16.47
N LEU A 3 1.19 -0.49 16.63
CA LEU A 3 1.16 -1.70 15.84
C LEU A 3 -0.25 -1.88 15.33
N LYS A 4 -0.39 -2.67 14.32
CA LYS A 4 -1.68 -2.88 13.68
C LYS A 4 -2.06 -4.34 13.73
N HIS A 5 -3.33 -4.62 13.66
CA HIS A 5 -3.77 -5.99 13.59
C HIS A 5 -3.91 -6.41 12.11
N SER A 6 -4.24 -5.43 11.24
CA SER A 6 -4.44 -5.72 9.83
C SER A 6 -4.34 -4.43 9.02
N ILE A 7 -4.73 -4.51 7.76
CA ILE A 7 -4.83 -3.38 6.86
C ILE A 7 -5.88 -2.37 7.38
N SER A 8 -6.89 -2.88 8.05
CA SER A 8 -7.97 -2.04 8.52
C SER A 8 -7.58 -1.28 9.76
N ASP A 9 -6.42 -1.61 10.34
CA ASP A 9 -5.95 -0.82 11.47
C ASP A 9 -5.17 0.37 10.92
N TYR A 10 -4.74 0.25 9.68
CA TYR A 10 -4.07 1.32 9.02
C TYR A 10 -5.09 2.30 8.53
N THR A 11 -4.85 3.52 8.78
CA THR A 11 -5.67 4.54 8.23
C THR A 11 -5.20 4.76 6.82
N GLU A 12 -6.01 5.35 5.99
CA GLU A 12 -5.64 5.64 4.63
C GLU A 12 -4.39 6.54 4.65
N ALA A 13 -4.33 7.43 5.63
CA ALA A 13 -3.21 8.33 5.82
C ALA A 13 -1.93 7.58 6.20
N GLU A 14 -2.02 6.63 7.13
CA GLU A 14 -0.86 5.84 7.51
C GLU A 14 -0.49 4.82 6.47
N PHE A 15 -1.46 4.42 5.68
CA PHE A 15 -1.18 3.50 4.62
C PHE A 15 -0.49 4.28 3.51
N LEU A 16 -0.85 5.51 3.36
CA LEU A 16 -0.13 6.42 2.48
C LEU A 16 1.32 6.48 2.91
N GLU A 17 1.53 6.52 4.18
CA GLU A 17 2.85 6.48 4.68
C GLU A 17 3.60 5.16 4.30
N PHE A 18 2.84 4.06 3.98
CA PHE A 18 3.45 2.77 3.58
C PHE A 18 4.29 2.99 2.37
N VAL A 19 3.65 3.56 1.39
CA VAL A 19 4.21 3.75 0.11
C VAL A 19 5.26 4.84 0.14
N LYS A 20 5.02 5.85 0.95
CA LYS A 20 6.00 6.89 1.11
C LYS A 20 7.24 6.34 1.73
N LYS A 21 7.07 5.48 2.71
CA LYS A 21 8.18 4.83 3.40
C LYS A 21 8.94 3.96 2.41
N ILE A 22 8.21 3.27 1.56
CA ILE A 22 8.81 2.45 0.52
C ILE A 22 9.61 3.33 -0.46
N CYS A 23 9.13 4.53 -0.70
CA CYS A 23 9.80 5.46 -1.56
C CYS A 23 11.03 6.13 -0.86
N ARG A 24 10.88 6.48 0.42
CA ARG A 24 11.96 7.20 1.12
C ARG A 24 12.86 6.34 1.99
N ALA A 25 12.27 5.44 2.72
CA ALA A 25 12.94 4.60 3.69
C ALA A 25 13.14 3.21 3.12
N GLU A 26 13.13 3.17 1.77
CA GLU A 26 13.15 1.97 0.90
C GLU A 26 13.74 0.76 1.61
N GLY A 27 15.02 0.78 1.80
CA GLY A 27 15.65 -0.30 2.45
C GLY A 27 17.10 -0.04 2.64
N ALA A 28 17.70 -0.78 3.54
CA ALA A 28 19.14 -0.74 3.74
C ALA A 28 19.80 -1.53 2.62
N THR A 29 19.00 -2.38 2.02
CA THR A 29 19.34 -3.18 0.88
C THR A 29 17.99 -3.58 0.29
N GLU A 30 17.95 -4.02 -0.94
CA GLU A 30 16.70 -4.36 -1.63
C GLU A 30 15.89 -5.46 -0.92
N GLU A 31 16.57 -6.32 -0.15
CA GLU A 31 15.88 -7.34 0.65
C GLU A 31 15.03 -6.68 1.76
N ASP A 32 15.58 -5.64 2.35
CA ASP A 32 14.93 -4.90 3.45
C ASP A 32 13.80 -4.03 2.89
N ASP A 33 13.96 -3.67 1.63
CA ASP A 33 12.96 -2.94 0.86
C ASP A 33 11.76 -3.83 0.57
N ASN A 34 12.03 -4.97 -0.04
CA ASN A 34 11.02 -5.92 -0.48
C ASN A 34 10.18 -6.47 0.67
N LYS A 35 10.79 -6.67 1.83
CA LYS A 35 10.05 -7.19 2.97
C LYS A 35 9.04 -6.18 3.53
N LEU A 36 9.22 -4.91 3.22
CA LEU A 36 8.18 -3.95 3.54
C LEU A 36 7.06 -4.17 2.59
N VAL A 37 7.40 -4.12 1.32
CA VAL A 37 6.44 -4.25 0.24
C VAL A 37 5.60 -5.52 0.38
N ARG A 38 6.26 -6.63 0.71
CA ARG A 38 5.58 -7.92 0.85
C ARG A 38 4.59 -7.95 2.00
N GLU A 39 4.89 -7.30 3.16
CA GLU A 39 3.93 -7.36 4.26
C GLU A 39 2.71 -6.54 3.88
N PHE A 40 2.95 -5.47 3.15
CA PHE A 40 1.89 -4.62 2.71
C PHE A 40 1.05 -5.32 1.65
N GLU A 41 1.73 -6.01 0.71
CA GLU A 41 1.05 -6.85 -0.28
C GLU A 41 0.25 -7.95 0.39
N ARG A 42 0.69 -8.39 1.56
CA ARG A 42 0.02 -9.43 2.33
C ARG A 42 -1.21 -8.87 3.02
N LEU A 43 -1.04 -7.75 3.69
CA LEU A 43 -2.13 -7.05 4.40
C LEU A 43 -3.26 -6.70 3.45
N THR A 44 -2.90 -6.29 2.28
CA THR A 44 -3.85 -5.90 1.30
C THR A 44 -4.31 -7.09 0.49
N GLU A 45 -3.50 -8.16 0.53
CA GLU A 45 -3.63 -9.32 -0.28
C GLU A 45 -3.77 -8.82 -1.73
N HIS A 46 -2.97 -7.80 -2.01
CA HIS A 46 -3.02 -7.12 -3.24
C HIS A 46 -1.95 -7.66 -4.17
N PRO A 47 -2.38 -8.11 -5.34
CA PRO A 47 -1.55 -8.76 -6.35
C PRO A 47 -0.36 -7.94 -6.76
N ASP A 48 -0.67 -6.77 -7.24
CA ASP A 48 0.29 -5.89 -7.77
C ASP A 48 0.68 -4.90 -6.75
N GLY A 49 0.59 -5.26 -5.46
CA GLY A 49 0.99 -4.32 -4.37
C GLY A 49 2.39 -3.80 -4.53
N SER A 50 3.17 -4.54 -5.23
CA SER A 50 4.50 -4.13 -5.59
C SER A 50 4.44 -3.24 -6.84
N ASP A 51 3.90 -3.79 -7.91
CA ASP A 51 3.78 -3.11 -9.20
C ASP A 51 3.05 -1.78 -9.12
N LEU A 52 2.12 -1.63 -8.17
CA LEU A 52 1.38 -0.37 -7.97
C LEU A 52 2.32 0.78 -7.70
N ILE A 53 3.37 0.48 -6.97
CA ILE A 53 4.29 1.53 -6.55
C ILE A 53 5.15 1.95 -7.71
N TYR A 54 5.44 0.99 -8.52
CA TYR A 54 6.36 1.14 -9.59
C TYR A 54 5.70 1.51 -10.92
N TYR A 55 4.44 1.18 -11.08
CA TYR A 55 3.69 1.41 -12.29
C TYR A 55 2.27 1.86 -11.95
N PRO A 56 1.84 3.03 -12.42
CA PRO A 56 0.46 3.47 -12.29
C PRO A 56 -0.43 2.64 -13.23
N ARG A 57 -1.69 2.47 -12.88
CA ARG A 57 -2.59 1.70 -13.72
C ARG A 57 -2.92 2.36 -15.04
N ASP A 58 -3.96 3.08 -15.05
CA ASP A 58 -4.41 3.71 -16.28
C ASP A 58 -4.44 5.20 -16.15
N ASP A 59 -5.27 5.68 -15.27
CA ASP A 59 -5.45 7.13 -15.15
C ASP A 59 -5.05 7.58 -13.77
N ARG A 60 -4.70 6.63 -12.95
CA ARG A 60 -4.42 6.88 -11.59
C ARG A 60 -3.21 7.80 -11.37
N GLU A 61 -3.45 8.76 -10.51
CA GLU A 61 -2.52 9.78 -10.05
C GLU A 61 -1.26 9.17 -9.51
N ASP A 62 -0.14 9.54 -10.06
CA ASP A 62 1.10 9.04 -9.55
C ASP A 62 1.50 9.84 -8.34
N SER A 63 0.94 9.48 -7.25
CA SER A 63 1.29 10.04 -6.03
C SER A 63 1.23 8.90 -5.04
N PRO A 64 2.04 8.92 -3.99
CA PRO A 64 1.95 7.95 -2.90
C PRO A 64 0.47 7.78 -2.43
N GLU A 65 -0.26 8.90 -2.38
CA GLU A 65 -1.67 8.91 -1.96
C GLU A 65 -2.53 8.18 -3.01
N GLY A 66 -2.23 8.41 -4.28
CA GLY A 66 -2.94 7.76 -5.36
C GLY A 66 -2.71 6.28 -5.38
N ILE A 67 -1.53 5.86 -4.98
CA ILE A 67 -1.19 4.45 -4.90
C ILE A 67 -2.06 3.77 -3.86
N VAL A 68 -2.31 4.43 -2.76
CA VAL A 68 -3.19 3.90 -1.72
C VAL A 68 -4.60 3.73 -2.27
N LYS A 69 -4.96 4.61 -3.19
CA LYS A 69 -6.24 4.54 -3.81
C LYS A 69 -6.33 3.29 -4.71
N GLU A 70 -5.20 2.84 -5.21
CA GLU A 70 -5.14 1.62 -6.01
C GLU A 70 -5.56 0.45 -5.18
N ILE A 71 -5.07 0.40 -3.94
CA ILE A 71 -5.46 -0.62 -3.03
C ILE A 71 -6.94 -0.51 -2.72
N LYS A 72 -7.40 0.70 -2.35
CA LYS A 72 -8.78 0.90 -1.99
C LYS A 72 -9.70 0.55 -3.13
N GLU A 73 -9.44 1.09 -4.32
CA GLU A 73 -10.30 0.86 -5.49
C GLU A 73 -10.43 -0.59 -5.84
N TRP A 74 -9.32 -1.28 -5.82
CA TRP A 74 -9.30 -2.68 -6.15
C TRP A 74 -10.05 -3.48 -5.07
N ARG A 75 -9.71 -3.25 -3.80
CA ARG A 75 -10.35 -3.95 -2.69
C ARG A 75 -11.83 -3.58 -2.56
N ALA A 76 -12.13 -2.33 -2.82
CA ALA A 76 -13.50 -1.81 -2.79
C ALA A 76 -14.34 -2.39 -3.93
N ALA A 77 -13.69 -2.74 -5.04
CA ALA A 77 -14.37 -3.32 -6.18
C ALA A 77 -14.53 -4.80 -5.95
N ASN A 78 -13.46 -5.39 -5.46
CA ASN A 78 -13.39 -6.80 -5.13
C ASN A 78 -14.45 -7.18 -4.11
N GLY A 79 -14.47 -6.47 -3.02
CA GLY A 79 -15.36 -6.80 -1.93
C GLY A 79 -14.58 -7.11 -0.68
N LYS A 80 -13.33 -6.66 -0.68
CA LYS A 80 -12.46 -6.84 0.42
C LYS A 80 -12.61 -5.65 1.36
N SER A 81 -12.06 -5.78 2.54
CA SER A 81 -12.12 -4.76 3.54
C SER A 81 -11.21 -3.57 3.17
N GLY A 82 -11.28 -2.51 3.92
CA GLY A 82 -10.54 -1.33 3.57
C GLY A 82 -9.60 -0.89 4.64
N PHE A 83 -9.42 0.41 4.75
CA PHE A 83 -8.56 1.01 5.71
C PHE A 83 -9.41 1.59 6.82
N LYS A 84 -8.77 2.16 7.79
CA LYS A 84 -9.46 2.85 8.83
C LYS A 84 -9.64 4.28 8.41
N GLN A 85 -10.81 4.79 8.58
CA GLN A 85 -11.08 6.16 8.23
C GLN A 85 -10.67 7.09 9.39
N GLY A 86 -9.38 7.33 9.46
CA GLY A 86 -8.82 8.18 10.46
C GLY A 86 -8.46 9.50 9.89
N GLU A 2 4.56 -1.49 17.02
CA GLU A 2 3.15 -1.66 17.38
C GLU A 2 2.53 -2.71 16.49
N LEU A 3 1.53 -3.37 16.96
CA LEU A 3 0.86 -4.36 16.17
C LEU A 3 -0.57 -3.92 15.90
N LYS A 4 -1.18 -4.50 14.92
CA LYS A 4 -2.54 -4.18 14.54
C LYS A 4 -3.28 -5.47 14.33
N HIS A 5 -4.54 -5.38 14.00
CA HIS A 5 -5.28 -6.58 13.66
C HIS A 5 -5.39 -6.78 12.14
N SER A 6 -5.39 -5.70 11.37
CA SER A 6 -5.52 -5.81 9.91
C SER A 6 -5.07 -4.54 9.22
N ILE A 7 -5.23 -4.50 7.90
CA ILE A 7 -4.96 -3.30 7.12
C ILE A 7 -6.00 -2.23 7.46
N SER A 8 -7.16 -2.67 7.89
CA SER A 8 -8.24 -1.79 8.21
C SER A 8 -8.05 -1.17 9.58
N ASP A 9 -6.99 -1.59 10.25
CA ASP A 9 -6.62 -1.00 11.51
C ASP A 9 -5.66 0.18 11.23
N TYR A 10 -5.20 0.26 9.97
CA TYR A 10 -4.40 1.36 9.49
C TYR A 10 -5.33 2.38 8.87
N THR A 11 -5.08 3.62 9.09
CA THR A 11 -5.85 4.67 8.44
C THR A 11 -5.35 4.82 7.03
N GLU A 12 -6.14 5.44 6.17
CA GLU A 12 -5.71 5.68 4.80
C GLU A 12 -4.43 6.48 4.82
N ALA A 13 -4.39 7.47 5.69
CA ALA A 13 -3.23 8.33 5.82
C ALA A 13 -1.97 7.54 6.21
N GLU A 14 -2.07 6.68 7.22
CA GLU A 14 -0.92 5.85 7.65
C GLU A 14 -0.50 4.85 6.62
N PHE A 15 -1.44 4.32 5.90
CA PHE A 15 -1.16 3.39 4.85
C PHE A 15 -0.62 4.13 3.66
N LEU A 16 -1.06 5.30 3.47
CA LEU A 16 -0.57 6.13 2.41
C LEU A 16 0.89 6.51 2.67
N GLU A 17 1.25 6.47 3.90
CA GLU A 17 2.62 6.63 4.29
C GLU A 17 3.43 5.34 3.95
N PHE A 18 2.71 4.18 3.79
CA PHE A 18 3.35 2.86 3.42
C PHE A 18 4.17 3.06 2.19
N VAL A 19 3.52 3.61 1.22
CA VAL A 19 4.07 3.76 -0.09
C VAL A 19 5.15 4.82 -0.13
N LYS A 20 4.98 5.86 0.64
CA LYS A 20 5.97 6.90 0.72
C LYS A 20 7.26 6.36 1.35
N LYS A 21 7.06 5.55 2.41
CA LYS A 21 8.16 4.90 3.11
C LYS A 21 8.88 3.94 2.19
N ILE A 22 8.12 3.27 1.34
CA ILE A 22 8.68 2.34 0.38
C ILE A 22 9.48 3.09 -0.67
N CYS A 23 8.96 4.20 -1.14
CA CYS A 23 9.64 5.02 -2.13
C CYS A 23 11.04 5.43 -1.61
N ARG A 24 11.13 5.69 -0.31
CA ARG A 24 12.39 6.10 0.30
C ARG A 24 13.13 4.92 0.93
N ALA A 25 12.63 3.71 0.74
CA ALA A 25 13.13 2.51 1.46
C ALA A 25 14.47 1.97 0.95
N GLU A 26 15.15 2.74 0.16
CA GLU A 26 16.50 2.42 -0.30
C GLU A 26 17.50 2.78 0.85
N GLY A 27 17.16 2.37 2.06
CA GLY A 27 17.90 2.72 3.23
C GLY A 27 19.04 1.78 3.49
N ALA A 28 18.74 0.67 4.09
CA ALA A 28 19.76 -0.30 4.43
C ALA A 28 20.20 -1.07 3.19
N THR A 29 19.23 -1.55 2.49
CA THR A 29 19.41 -2.32 1.29
C THR A 29 18.20 -2.09 0.44
N GLU A 30 18.17 -2.66 -0.72
CA GLU A 30 17.02 -2.54 -1.57
C GLU A 30 15.99 -3.61 -1.17
N GLU A 31 16.44 -4.60 -0.43
CA GLU A 31 15.52 -5.58 0.09
C GLU A 31 14.84 -5.04 1.33
N ASP A 32 15.42 -3.98 1.89
CA ASP A 32 14.83 -3.22 3.01
C ASP A 32 13.53 -2.57 2.51
N ASP A 33 13.52 -2.30 1.22
CA ASP A 33 12.36 -1.80 0.47
C ASP A 33 11.38 -2.94 0.27
N ASN A 34 11.88 -3.99 -0.35
CA ASN A 34 11.09 -5.17 -0.70
C ASN A 34 10.36 -5.81 0.47
N LYS A 35 11.01 -5.90 1.64
CA LYS A 35 10.37 -6.53 2.79
C LYS A 35 9.13 -5.76 3.21
N LEU A 36 9.17 -4.44 3.06
CA LEU A 36 8.02 -3.60 3.36
C LEU A 36 6.91 -3.92 2.41
N VAL A 37 7.25 -3.89 1.13
CA VAL A 37 6.30 -4.14 0.08
C VAL A 37 5.59 -5.46 0.29
N ARG A 38 6.38 -6.48 0.61
CA ARG A 38 5.83 -7.80 0.77
C ARG A 38 4.89 -7.88 1.98
N GLU A 39 5.22 -7.21 3.10
CA GLU A 39 4.36 -7.30 4.28
C GLU A 39 3.08 -6.51 4.06
N PHE A 40 3.20 -5.38 3.37
CA PHE A 40 2.04 -4.57 3.07
C PHE A 40 1.11 -5.31 2.11
N GLU A 41 1.70 -6.03 1.17
CA GLU A 41 0.94 -6.86 0.23
C GLU A 41 0.22 -8.02 0.91
N ARG A 42 0.60 -8.33 2.13
CA ARG A 42 -0.07 -9.38 2.92
C ARG A 42 -1.29 -8.78 3.57
N LEU A 43 -1.21 -7.50 3.84
CA LEU A 43 -2.25 -6.76 4.50
C LEU A 43 -3.34 -6.36 3.50
N THR A 44 -2.91 -5.98 2.31
CA THR A 44 -3.79 -5.53 1.27
C THR A 44 -4.57 -6.67 0.65
N GLU A 45 -3.90 -7.82 0.51
CA GLU A 45 -4.41 -8.97 -0.19
C GLU A 45 -4.58 -8.56 -1.66
N HIS A 46 -3.77 -7.60 -2.05
CA HIS A 46 -3.82 -7.04 -3.35
C HIS A 46 -2.88 -7.87 -4.26
N PRO A 47 -3.21 -8.00 -5.54
CA PRO A 47 -2.40 -8.74 -6.52
C PRO A 47 -1.15 -8.05 -7.00
N ASP A 48 -1.31 -6.83 -7.35
CA ASP A 48 -0.33 -6.08 -8.06
C ASP A 48 0.23 -5.05 -7.14
N GLY A 49 0.00 -5.26 -5.86
CA GLY A 49 0.40 -4.24 -4.82
C GLY A 49 1.82 -3.85 -4.87
N SER A 50 2.62 -4.80 -5.11
CA SER A 50 4.02 -4.60 -5.26
C SER A 50 4.31 -3.77 -6.51
N ASP A 51 3.72 -4.20 -7.58
CA ASP A 51 3.93 -3.63 -8.89
C ASP A 51 3.30 -2.26 -9.01
N LEU A 52 2.29 -1.99 -8.18
CA LEU A 52 1.65 -0.66 -8.08
C LEU A 52 2.67 0.39 -7.74
N ILE A 53 3.60 0.00 -6.91
CA ILE A 53 4.59 0.91 -6.37
C ILE A 53 5.67 1.12 -7.39
N TYR A 54 6.04 0.04 -8.00
CA TYR A 54 7.12 0.05 -8.91
C TYR A 54 6.74 0.58 -10.31
N TYR A 55 5.57 0.25 -10.77
CA TYR A 55 5.17 0.61 -12.11
C TYR A 55 3.79 1.27 -12.11
N PRO A 56 3.72 2.52 -12.60
CA PRO A 56 2.44 3.23 -12.76
C PRO A 56 1.61 2.59 -13.87
N ARG A 57 0.30 2.61 -13.74
CA ARG A 57 -0.53 1.98 -14.76
C ARG A 57 -1.03 2.93 -15.87
N ASP A 58 -2.34 3.11 -15.93
CA ASP A 58 -2.97 3.93 -16.96
C ASP A 58 -3.75 5.10 -16.37
N ASP A 59 -4.79 4.76 -15.65
CA ASP A 59 -5.74 5.72 -15.07
C ASP A 59 -5.16 6.37 -13.82
N ARG A 60 -4.13 5.78 -13.30
CA ARG A 60 -3.56 6.25 -12.07
C ARG A 60 -2.74 7.49 -12.21
N GLU A 61 -2.73 8.20 -11.15
CA GLU A 61 -1.90 9.31 -10.98
C GLU A 61 -0.70 8.80 -10.24
N ASP A 62 0.45 9.27 -10.60
CA ASP A 62 1.62 8.84 -9.92
C ASP A 62 1.82 9.66 -8.69
N SER A 63 1.17 9.25 -7.66
CA SER A 63 1.36 9.85 -6.41
C SER A 63 1.31 8.74 -5.38
N PRO A 64 1.97 8.90 -4.22
CA PRO A 64 1.85 7.95 -3.11
C PRO A 64 0.35 7.76 -2.80
N GLU A 65 -0.37 8.87 -2.90
CA GLU A 65 -1.81 8.94 -2.73
C GLU A 65 -2.53 8.01 -3.74
N GLY A 66 -2.19 8.18 -5.02
CA GLY A 66 -2.83 7.43 -6.09
C GLY A 66 -2.62 5.93 -6.00
N ILE A 67 -1.43 5.53 -5.60
CA ILE A 67 -1.09 4.12 -5.44
C ILE A 67 -1.96 3.50 -4.33
N VAL A 68 -2.11 4.25 -3.27
CA VAL A 68 -2.94 3.85 -2.15
C VAL A 68 -4.40 3.80 -2.55
N LYS A 69 -4.77 4.66 -3.46
CA LYS A 69 -6.11 4.72 -3.92
C LYS A 69 -6.46 3.49 -4.75
N GLU A 70 -5.49 2.94 -5.45
CA GLU A 70 -5.75 1.74 -6.24
C GLU A 70 -6.13 0.62 -5.29
N ILE A 71 -5.35 0.50 -4.23
CA ILE A 71 -5.59 -0.46 -3.19
C ILE A 71 -6.96 -0.25 -2.56
N LYS A 72 -7.32 0.99 -2.27
CA LYS A 72 -8.60 1.26 -1.71
C LYS A 72 -9.71 0.89 -2.67
N GLU A 73 -9.66 1.41 -3.89
CA GLU A 73 -10.72 1.25 -4.88
C GLU A 73 -10.94 -0.17 -5.31
N TRP A 74 -9.87 -0.91 -5.47
CA TRP A 74 -9.94 -2.29 -5.86
C TRP A 74 -10.62 -3.09 -4.77
N ARG A 75 -10.15 -2.93 -3.54
CA ARG A 75 -10.70 -3.67 -2.41
C ARG A 75 -12.12 -3.18 -2.13
N ALA A 76 -12.33 -1.90 -2.36
CA ALA A 76 -13.62 -1.23 -2.19
C ALA A 76 -14.67 -1.85 -3.12
N ALA A 77 -14.23 -2.25 -4.30
CA ALA A 77 -15.11 -2.80 -5.31
C ALA A 77 -15.31 -4.26 -5.04
N ASN A 78 -14.23 -4.89 -4.65
CA ASN A 78 -14.19 -6.30 -4.34
C ASN A 78 -15.04 -6.66 -3.14
N GLY A 79 -15.27 -5.70 -2.26
CA GLY A 79 -16.00 -5.96 -1.06
C GLY A 79 -15.10 -6.53 -0.01
N LYS A 80 -13.90 -6.02 -0.01
CA LYS A 80 -12.87 -6.43 0.88
C LYS A 80 -12.77 -5.47 2.04
N SER A 81 -11.75 -5.65 2.84
CA SER A 81 -11.43 -4.81 3.93
C SER A 81 -11.10 -3.37 3.44
N GLY A 82 -10.99 -2.44 4.38
CA GLY A 82 -10.74 -1.07 4.01
C GLY A 82 -9.63 -0.49 4.84
N PHE A 83 -9.73 0.77 5.15
CA PHE A 83 -8.85 1.43 6.04
C PHE A 83 -9.62 1.83 7.31
N LYS A 84 -8.94 2.37 8.27
CA LYS A 84 -9.55 2.86 9.50
C LYS A 84 -10.37 4.11 9.22
N GLN A 85 -11.56 4.12 9.71
CA GLN A 85 -12.43 5.26 9.55
C GLN A 85 -12.22 6.28 10.69
N GLY A 86 -11.10 6.97 10.63
CA GLY A 86 -10.81 7.99 11.60
C GLY A 86 -9.47 8.61 11.33
N GLU A 2 3.82 -0.07 16.52
CA GLU A 2 4.19 -0.96 15.44
C GLU A 2 3.16 -2.06 15.40
N LEU A 3 3.03 -2.72 14.25
CA LEU A 3 2.09 -3.79 14.02
C LEU A 3 0.68 -3.26 13.96
N LYS A 4 -0.26 -4.16 13.94
CA LYS A 4 -1.64 -3.79 13.79
C LYS A 4 -2.48 -5.00 14.11
N HIS A 5 -3.78 -4.83 14.07
CA HIS A 5 -4.64 -5.98 14.14
C HIS A 5 -4.93 -6.47 12.70
N SER A 6 -5.08 -5.51 11.77
CA SER A 6 -5.32 -5.82 10.35
C SER A 6 -4.97 -4.58 9.54
N ILE A 7 -5.19 -4.61 8.22
CA ILE A 7 -4.97 -3.42 7.39
C ILE A 7 -5.94 -2.30 7.82
N SER A 8 -7.08 -2.71 8.36
CA SER A 8 -8.12 -1.80 8.76
C SER A 8 -7.73 -1.14 10.11
N ASP A 9 -6.61 -1.56 10.66
CA ASP A 9 -6.04 -0.89 11.84
C ASP A 9 -5.42 0.41 11.40
N TYR A 10 -4.93 0.41 10.17
CA TYR A 10 -4.32 1.56 9.61
C TYR A 10 -5.36 2.45 9.02
N THR A 11 -5.27 3.69 9.33
CA THR A 11 -6.11 4.69 8.78
C THR A 11 -5.58 4.98 7.38
N GLU A 12 -6.42 5.53 6.52
CA GLU A 12 -6.05 5.86 5.15
C GLU A 12 -4.72 6.61 5.09
N ALA A 13 -4.58 7.62 5.92
CA ALA A 13 -3.38 8.43 5.98
C ALA A 13 -2.15 7.61 6.39
N GLU A 14 -2.32 6.69 7.34
CA GLU A 14 -1.24 5.84 7.84
C GLU A 14 -0.79 4.86 6.78
N PHE A 15 -1.75 4.38 6.04
CA PHE A 15 -1.48 3.50 4.94
C PHE A 15 -0.86 4.28 3.81
N LEU A 16 -1.24 5.49 3.67
CA LEU A 16 -0.67 6.34 2.65
C LEU A 16 0.79 6.66 2.98
N GLU A 17 1.09 6.55 4.21
CA GLU A 17 2.44 6.62 4.63
C GLU A 17 3.18 5.30 4.38
N PHE A 18 2.44 4.16 4.22
CA PHE A 18 3.07 2.84 3.90
C PHE A 18 3.95 3.01 2.72
N VAL A 19 3.37 3.62 1.72
CA VAL A 19 4.00 3.77 0.45
C VAL A 19 5.12 4.78 0.49
N LYS A 20 4.90 5.88 1.19
CA LYS A 20 5.93 6.89 1.36
C LYS A 20 7.11 6.29 2.16
N LYS A 21 6.78 5.41 3.09
CA LYS A 21 7.76 4.71 3.91
C LYS A 21 8.58 3.76 3.04
N ILE A 22 7.94 3.24 2.01
CA ILE A 22 8.61 2.39 1.04
C ILE A 22 9.47 3.23 0.12
N CYS A 23 9.01 4.42 -0.20
CA CYS A 23 9.76 5.37 -0.99
C CYS A 23 11.09 5.76 -0.32
N ARG A 24 11.15 5.69 1.00
CA ARG A 24 12.40 5.93 1.71
C ARG A 24 13.08 4.63 2.12
N ALA A 25 12.47 3.50 1.78
CA ALA A 25 12.90 2.18 2.29
C ALA A 25 14.07 1.56 1.56
N GLU A 26 14.72 2.33 0.70
CA GLU A 26 15.90 1.86 -0.01
C GLU A 26 16.99 1.41 0.96
N GLY A 27 17.05 2.11 2.11
CA GLY A 27 17.92 1.81 3.23
C GLY A 27 19.29 1.30 2.88
N ALA A 28 19.53 0.05 3.21
CA ALA A 28 20.80 -0.58 2.97
C ALA A 28 20.78 -1.40 1.69
N THR A 29 19.68 -2.06 1.43
CA THR A 29 19.55 -2.93 0.28
C THR A 29 18.08 -3.00 -0.09
N GLU A 30 17.78 -3.46 -1.30
CA GLU A 30 16.40 -3.52 -1.80
C GLU A 30 15.50 -4.48 -1.02
N GLU A 31 16.11 -5.27 -0.16
CA GLU A 31 15.36 -6.14 0.72
C GLU A 31 14.72 -5.33 1.84
N ASP A 32 15.20 -4.14 2.04
CA ASP A 32 14.63 -3.24 3.02
C ASP A 32 13.31 -2.76 2.44
N ASP A 33 13.36 -2.43 1.16
CA ASP A 33 12.18 -2.04 0.38
C ASP A 33 11.21 -3.18 0.33
N ASN A 34 11.66 -4.27 -0.28
CA ASN A 34 10.79 -5.39 -0.59
C ASN A 34 10.14 -6.02 0.63
N LYS A 35 10.84 -6.08 1.78
CA LYS A 35 10.24 -6.69 2.95
C LYS A 35 9.03 -5.90 3.41
N LEU A 36 9.06 -4.58 3.21
CA LEU A 36 7.93 -3.77 3.58
C LEU A 36 6.82 -4.01 2.59
N VAL A 37 7.16 -3.94 1.31
CA VAL A 37 6.19 -4.12 0.24
C VAL A 37 5.40 -5.42 0.41
N ARG A 38 6.13 -6.51 0.65
CA ARG A 38 5.53 -7.84 0.82
C ARG A 38 4.50 -7.90 1.95
N GLU A 39 4.77 -7.24 3.09
CA GLU A 39 3.83 -7.32 4.20
C GLU A 39 2.57 -6.54 3.85
N PHE A 40 2.75 -5.45 3.13
CA PHE A 40 1.66 -4.61 2.72
C PHE A 40 0.86 -5.26 1.59
N GLU A 41 1.54 -5.98 0.69
CA GLU A 41 0.88 -6.76 -0.36
C GLU A 41 -0.06 -7.80 0.26
N ARG A 42 0.30 -8.31 1.41
CA ARG A 42 -0.53 -9.27 2.15
C ARG A 42 -1.70 -8.58 2.83
N LEU A 43 -1.45 -7.40 3.39
CA LEU A 43 -2.49 -6.64 4.09
C LEU A 43 -3.61 -6.23 3.16
N THR A 44 -3.25 -6.00 1.94
CA THR A 44 -4.18 -5.61 0.94
C THR A 44 -4.69 -6.80 0.16
N GLU A 45 -3.89 -7.89 0.20
CA GLU A 45 -4.06 -9.08 -0.63
C GLU A 45 -3.95 -8.66 -2.09
N HIS A 46 -3.22 -7.57 -2.30
CA HIS A 46 -3.13 -6.97 -3.57
C HIS A 46 -1.95 -7.57 -4.36
N PRO A 47 -2.23 -8.12 -5.55
CA PRO A 47 -1.25 -8.77 -6.42
C PRO A 47 -0.11 -7.87 -6.81
N ASP A 48 -0.48 -6.77 -7.42
CA ASP A 48 0.42 -5.84 -7.97
C ASP A 48 0.87 -4.89 -6.92
N GLY A 49 0.68 -5.22 -5.64
CA GLY A 49 1.07 -4.33 -4.51
C GLY A 49 2.49 -3.88 -4.59
N SER A 50 3.29 -4.64 -5.26
CA SER A 50 4.65 -4.24 -5.50
C SER A 50 4.73 -3.32 -6.71
N ASP A 51 4.18 -3.79 -7.81
CA ASP A 51 4.18 -3.05 -9.07
C ASP A 51 3.47 -1.71 -8.93
N LEU A 52 2.52 -1.62 -8.00
CA LEU A 52 1.76 -0.38 -7.73
C LEU A 52 2.66 0.76 -7.41
N ILE A 53 3.70 0.46 -6.70
CA ILE A 53 4.58 1.48 -6.20
C ILE A 53 5.50 1.95 -7.28
N TYR A 54 5.85 1.03 -8.11
CA TYR A 54 6.82 1.27 -9.12
C TYR A 54 6.21 1.72 -10.45
N TYR A 55 5.03 1.25 -10.73
CA TYR A 55 4.35 1.54 -11.97
C TYR A 55 2.89 1.90 -11.72
N PRO A 56 2.39 2.92 -12.40
CA PRO A 56 0.97 3.22 -12.41
C PRO A 56 0.22 2.12 -13.20
N ARG A 57 -0.98 1.79 -12.79
CA ARG A 57 -1.70 0.70 -13.43
C ARG A 57 -2.36 1.08 -14.73
N ASP A 58 -3.55 1.56 -14.61
CA ASP A 58 -4.38 1.80 -15.76
C ASP A 58 -4.74 3.24 -15.89
N ASP A 59 -5.37 3.74 -14.89
CA ASP A 59 -5.84 5.11 -14.91
C ASP A 59 -5.22 5.86 -13.75
N ARG A 60 -4.74 5.10 -12.80
CA ARG A 60 -4.33 5.62 -11.53
C ARG A 60 -3.04 6.47 -11.57
N GLU A 61 -3.06 7.50 -10.74
CA GLU A 61 -2.01 8.48 -10.60
C GLU A 61 -0.73 7.88 -9.93
N ASP A 62 0.40 8.32 -10.38
CA ASP A 62 1.67 7.85 -9.85
C ASP A 62 2.13 8.78 -8.71
N SER A 63 1.49 8.67 -7.57
CA SER A 63 1.89 9.45 -6.42
C SER A 63 1.64 8.60 -5.18
N PRO A 64 2.37 8.83 -4.04
CA PRO A 64 2.12 8.11 -2.78
C PRO A 64 0.63 8.18 -2.37
N GLU A 65 -0.03 9.24 -2.79
CA GLU A 65 -1.44 9.42 -2.53
C GLU A 65 -2.29 8.60 -3.52
N GLY A 66 -1.97 8.73 -4.82
CA GLY A 66 -2.70 8.05 -5.86
C GLY A 66 -2.54 6.56 -5.80
N ILE A 67 -1.40 6.10 -5.33
CA ILE A 67 -1.16 4.67 -5.16
C ILE A 67 -2.18 4.11 -4.16
N VAL A 68 -2.37 4.80 -3.06
CA VAL A 68 -3.34 4.39 -2.04
C VAL A 68 -4.75 4.33 -2.62
N LYS A 69 -5.03 5.24 -3.54
CA LYS A 69 -6.29 5.30 -4.22
C LYS A 69 -6.54 4.03 -5.02
N GLU A 70 -5.46 3.48 -5.56
CA GLU A 70 -5.51 2.23 -6.30
C GLU A 70 -6.04 1.14 -5.38
N ILE A 71 -5.34 0.97 -4.25
CA ILE A 71 -5.68 -0.03 -3.23
C ILE A 71 -7.14 0.14 -2.78
N LYS A 72 -7.52 1.39 -2.58
CA LYS A 72 -8.81 1.77 -2.15
C LYS A 72 -9.90 1.30 -3.14
N GLU A 73 -9.78 1.76 -4.38
CA GLU A 73 -10.79 1.48 -5.40
C GLU A 73 -10.80 0.01 -5.79
N TRP A 74 -9.64 -0.60 -5.72
CA TRP A 74 -9.47 -1.99 -6.06
C TRP A 74 -10.14 -2.87 -5.01
N ARG A 75 -9.87 -2.62 -3.74
CA ARG A 75 -10.41 -3.46 -2.67
C ARG A 75 -11.90 -3.31 -2.55
N ALA A 76 -12.37 -2.08 -2.72
CA ALA A 76 -13.79 -1.80 -2.67
C ALA A 76 -14.54 -2.49 -3.80
N ALA A 77 -13.83 -2.76 -4.89
CA ALA A 77 -14.43 -3.41 -6.04
C ALA A 77 -14.43 -4.89 -5.81
N ASN A 78 -13.32 -5.34 -5.26
CA ASN A 78 -13.12 -6.74 -4.95
C ASN A 78 -14.07 -7.23 -3.88
N GLY A 79 -14.46 -6.34 -3.00
CA GLY A 79 -15.33 -6.72 -1.91
C GLY A 79 -14.51 -7.02 -0.69
N LYS A 80 -13.36 -6.39 -0.61
CA LYS A 80 -12.43 -6.57 0.44
C LYS A 80 -12.67 -5.55 1.55
N SER A 81 -11.71 -5.44 2.43
CA SER A 81 -11.80 -4.53 3.56
C SER A 81 -11.45 -3.10 3.12
N GLY A 82 -11.50 -2.18 4.07
CA GLY A 82 -11.17 -0.81 3.81
C GLY A 82 -10.03 -0.38 4.71
N PHE A 83 -9.89 0.90 4.92
CA PHE A 83 -8.94 1.41 5.85
C PHE A 83 -9.72 1.88 7.04
N LYS A 84 -9.02 2.25 8.07
CA LYS A 84 -9.67 2.87 9.17
C LYS A 84 -9.93 4.30 8.76
N GLN A 85 -11.04 4.79 9.16
CA GLN A 85 -11.46 6.10 8.79
C GLN A 85 -11.95 6.83 10.01
N GLY A 86 -11.42 7.99 10.24
CA GLY A 86 -11.79 8.73 11.40
C GLY A 86 -10.62 9.51 11.92
N GLU A 2 4.73 -1.45 13.35
CA GLU A 2 4.29 -1.78 14.71
C GLU A 2 3.33 -2.95 14.62
N LEU A 3 2.74 -3.36 15.72
CA LEU A 3 1.87 -4.49 15.68
C LEU A 3 0.41 -4.13 15.53
N LYS A 4 -0.14 -4.47 14.41
CA LYS A 4 -1.54 -4.25 14.12
C LYS A 4 -2.20 -5.58 13.90
N HIS A 5 -3.50 -5.61 13.79
CA HIS A 5 -4.19 -6.84 13.51
C HIS A 5 -4.55 -6.94 12.01
N SER A 6 -4.62 -5.80 11.30
CA SER A 6 -5.05 -5.83 9.91
C SER A 6 -4.64 -4.56 9.16
N ILE A 7 -5.05 -4.50 7.89
CA ILE A 7 -4.87 -3.32 7.05
C ILE A 7 -5.84 -2.23 7.53
N SER A 8 -6.94 -2.67 8.15
CA SER A 8 -7.98 -1.78 8.61
C SER A 8 -7.58 -1.13 9.93
N ASP A 9 -6.45 -1.54 10.47
CA ASP A 9 -5.91 -0.92 11.66
C ASP A 9 -5.20 0.36 11.25
N TYR A 10 -4.72 0.37 10.01
CA TYR A 10 -4.06 1.52 9.44
C TYR A 10 -5.12 2.47 8.93
N THR A 11 -4.91 3.73 9.11
CA THR A 11 -5.80 4.71 8.56
C THR A 11 -5.36 4.98 7.13
N GLU A 12 -6.15 5.73 6.37
CA GLU A 12 -5.78 6.01 4.98
C GLU A 12 -4.45 6.74 4.96
N ALA A 13 -4.30 7.69 5.85
CA ALA A 13 -3.09 8.50 5.94
C ALA A 13 -1.87 7.65 6.30
N GLU A 14 -2.01 6.76 7.29
CA GLU A 14 -0.89 5.93 7.74
C GLU A 14 -0.57 4.83 6.75
N PHE A 15 -1.57 4.41 6.00
CA PHE A 15 -1.37 3.45 4.95
C PHE A 15 -0.76 4.15 3.76
N LEU A 16 -1.13 5.36 3.58
CA LEU A 16 -0.57 6.16 2.51
C LEU A 16 0.88 6.46 2.83
N GLU A 17 1.18 6.42 4.08
CA GLU A 17 2.54 6.48 4.52
C GLU A 17 3.27 5.16 4.23
N PHE A 18 2.53 4.03 4.02
CA PHE A 18 3.17 2.71 3.66
C PHE A 18 4.01 2.96 2.46
N VAL A 19 3.36 3.51 1.49
CA VAL A 19 3.94 3.72 0.22
C VAL A 19 4.95 4.86 0.26
N LYS A 20 4.63 5.92 0.99
CA LYS A 20 5.56 7.03 1.13
C LYS A 20 6.84 6.56 1.77
N LYS A 21 6.73 5.71 2.79
CA LYS A 21 7.88 5.16 3.48
C LYS A 21 8.71 4.35 2.53
N ILE A 22 8.05 3.53 1.71
CA ILE A 22 8.74 2.73 0.70
C ILE A 22 9.44 3.67 -0.31
N CYS A 23 8.83 4.79 -0.58
CA CYS A 23 9.39 5.77 -1.47
C CYS A 23 10.60 6.49 -0.83
N ARG A 24 10.40 7.13 0.32
CA ARG A 24 11.43 7.94 0.97
C ARG A 24 12.50 7.14 1.69
N ALA A 25 12.06 6.16 2.42
CA ALA A 25 12.88 5.40 3.34
C ALA A 25 13.18 4.05 2.76
N GLU A 26 13.11 3.99 1.43
CA GLU A 26 13.14 2.78 0.58
C GLU A 26 13.81 1.56 1.23
N GLY A 27 15.08 1.60 1.45
CA GLY A 27 15.68 0.46 2.04
C GLY A 27 17.16 0.56 2.15
N ALA A 28 17.68 -0.09 3.17
CA ALA A 28 19.12 -0.21 3.38
C ALA A 28 19.70 -1.00 2.24
N THR A 29 19.00 -2.05 1.93
CA THR A 29 19.28 -2.93 0.88
C THR A 29 17.98 -3.06 0.14
N GLU A 30 18.01 -3.54 -1.06
CA GLU A 30 16.82 -3.68 -1.89
C GLU A 30 15.85 -4.69 -1.22
N GLU A 31 16.40 -5.58 -0.44
CA GLU A 31 15.61 -6.56 0.28
C GLU A 31 14.87 -5.91 1.48
N ASP A 32 15.37 -4.78 1.92
CA ASP A 32 14.78 -4.01 3.01
C ASP A 32 13.54 -3.29 2.50
N ASP A 33 13.61 -2.89 1.24
CA ASP A 33 12.48 -2.30 0.49
C ASP A 33 11.38 -3.35 0.38
N ASN A 34 11.79 -4.48 -0.17
CA ASN A 34 10.93 -5.64 -0.41
C ASN A 34 10.17 -6.08 0.84
N LYS A 35 10.85 -6.18 1.99
CA LYS A 35 10.18 -6.67 3.18
C LYS A 35 9.05 -5.74 3.64
N LEU A 36 9.18 -4.43 3.41
CA LEU A 36 8.08 -3.52 3.72
C LEU A 36 6.96 -3.83 2.78
N VAL A 37 7.30 -3.87 1.50
CA VAL A 37 6.36 -4.14 0.44
C VAL A 37 5.58 -5.43 0.72
N ARG A 38 6.28 -6.47 1.11
CA ARG A 38 5.65 -7.74 1.36
C ARG A 38 4.70 -7.74 2.53
N GLU A 39 5.04 -7.07 3.63
CA GLU A 39 4.12 -7.08 4.76
C GLU A 39 2.88 -6.28 4.42
N PHE A 40 3.08 -5.20 3.68
CA PHE A 40 1.98 -4.36 3.27
C PHE A 40 1.12 -5.07 2.25
N GLU A 41 1.74 -5.72 1.30
CA GLU A 41 1.05 -6.45 0.25
C GLU A 41 0.25 -7.66 0.72
N ARG A 42 0.54 -8.13 1.91
CA ARG A 42 -0.25 -9.21 2.49
C ARG A 42 -1.45 -8.64 3.23
N LEU A 43 -1.36 -7.39 3.59
CA LEU A 43 -2.44 -6.69 4.24
C LEU A 43 -3.44 -6.27 3.18
N THR A 44 -2.92 -5.88 2.04
CA THR A 44 -3.70 -5.41 0.94
C THR A 44 -4.26 -6.56 0.14
N GLU A 45 -3.51 -7.70 0.13
CA GLU A 45 -3.86 -8.90 -0.64
C GLU A 45 -3.86 -8.52 -2.10
N HIS A 46 -3.15 -7.45 -2.41
CA HIS A 46 -3.24 -6.85 -3.66
C HIS A 46 -2.36 -7.60 -4.71
N PRO A 47 -2.94 -7.81 -5.89
CA PRO A 47 -2.30 -8.54 -6.98
C PRO A 47 -1.03 -7.92 -7.48
N ASP A 48 -1.13 -6.68 -7.82
CA ASP A 48 -0.07 -5.98 -8.44
C ASP A 48 0.41 -4.95 -7.50
N GLY A 49 0.15 -5.20 -6.24
CA GLY A 49 0.48 -4.24 -5.16
C GLY A 49 1.91 -3.86 -5.13
N SER A 50 2.75 -4.83 -5.23
CA SER A 50 4.18 -4.54 -5.26
C SER A 50 4.50 -3.74 -6.54
N ASP A 51 3.92 -4.17 -7.65
CA ASP A 51 4.08 -3.53 -8.94
C ASP A 51 3.55 -2.11 -8.95
N LEU A 52 2.55 -1.81 -8.12
CA LEU A 52 1.94 -0.46 -8.00
C LEU A 52 2.97 0.57 -7.66
N ILE A 53 3.88 0.15 -6.81
CA ILE A 53 4.90 1.03 -6.28
C ILE A 53 5.97 1.21 -7.33
N TYR A 54 6.19 0.17 -8.06
CA TYR A 54 7.24 0.10 -9.01
C TYR A 54 6.85 0.69 -10.37
N TYR A 55 5.62 0.47 -10.76
CA TYR A 55 5.09 0.90 -12.03
C TYR A 55 3.65 1.34 -11.85
N PRO A 56 3.26 2.45 -12.44
CA PRO A 56 1.88 2.88 -12.45
C PRO A 56 1.05 2.07 -13.44
N ARG A 57 -0.24 2.31 -13.47
CA ARG A 57 -1.08 1.67 -14.48
C ARG A 57 -0.98 2.50 -15.76
N ASP A 58 -2.07 3.05 -16.20
CA ASP A 58 -2.04 4.01 -17.29
C ASP A 58 -2.63 5.31 -16.85
N ASP A 59 -3.85 5.21 -16.37
CA ASP A 59 -4.60 6.38 -15.91
C ASP A 59 -4.34 6.58 -14.44
N ARG A 60 -4.09 5.48 -13.75
CA ARG A 60 -3.93 5.51 -12.34
C ARG A 60 -2.69 6.25 -11.93
N GLU A 61 -2.94 7.20 -11.10
CA GLU A 61 -1.97 8.14 -10.57
C GLU A 61 -0.78 7.46 -9.92
N ASP A 62 0.38 7.92 -10.24
CA ASP A 62 1.60 7.40 -9.71
C ASP A 62 2.09 8.33 -8.63
N SER A 63 1.47 8.24 -7.50
CA SER A 63 1.84 9.04 -6.39
C SER A 63 1.58 8.20 -5.17
N PRO A 64 2.14 8.56 -3.99
CA PRO A 64 1.83 7.88 -2.74
C PRO A 64 0.31 7.85 -2.49
N GLU A 65 -0.39 8.84 -3.01
CA GLU A 65 -1.82 8.92 -2.85
C GLU A 65 -2.53 8.01 -3.86
N GLY A 66 -2.08 8.05 -5.11
CA GLY A 66 -2.72 7.27 -6.16
C GLY A 66 -2.51 5.78 -6.01
N ILE A 67 -1.40 5.39 -5.40
CA ILE A 67 -1.14 3.99 -5.14
C ILE A 67 -2.11 3.47 -4.07
N VAL A 68 -2.38 4.31 -3.08
CA VAL A 68 -3.38 4.01 -2.07
C VAL A 68 -4.76 3.98 -2.70
N LYS A 69 -4.98 4.90 -3.63
CA LYS A 69 -6.22 4.97 -4.39
C LYS A 69 -6.47 3.67 -5.13
N GLU A 70 -5.42 3.13 -5.71
CA GLU A 70 -5.48 1.87 -6.44
C GLU A 70 -6.03 0.78 -5.54
N ILE A 71 -5.39 0.62 -4.38
CA ILE A 71 -5.77 -0.36 -3.40
C ILE A 71 -7.17 -0.08 -2.86
N LYS A 72 -7.47 1.20 -2.69
CA LYS A 72 -8.79 1.65 -2.24
C LYS A 72 -9.87 1.21 -3.20
N GLU A 73 -9.76 1.62 -4.45
CA GLU A 73 -10.75 1.35 -5.48
C GLU A 73 -10.96 -0.13 -5.67
N TRP A 74 -9.88 -0.86 -5.64
CA TRP A 74 -9.89 -2.27 -5.85
C TRP A 74 -10.50 -3.01 -4.64
N ARG A 75 -10.01 -2.74 -3.43
CA ARG A 75 -10.52 -3.41 -2.23
C ARG A 75 -11.94 -3.01 -1.91
N ALA A 76 -12.30 -1.77 -2.22
CA ALA A 76 -13.66 -1.30 -2.03
C ALA A 76 -14.61 -1.98 -3.02
N ALA A 77 -14.10 -2.32 -4.21
CA ALA A 77 -14.92 -2.93 -5.26
C ALA A 77 -15.01 -4.40 -5.01
N ASN A 78 -13.92 -4.94 -4.48
CA ASN A 78 -13.83 -6.33 -4.10
C ASN A 78 -14.72 -6.63 -2.92
N GLY A 79 -14.97 -5.62 -2.12
CA GLY A 79 -15.76 -5.80 -0.94
C GLY A 79 -14.92 -6.26 0.20
N LYS A 80 -13.68 -5.89 0.15
CA LYS A 80 -12.74 -6.22 1.15
C LYS A 80 -12.73 -5.13 2.18
N SER A 81 -11.96 -5.33 3.19
CA SER A 81 -11.83 -4.39 4.24
C SER A 81 -11.03 -3.20 3.75
N GLY A 82 -11.32 -2.09 4.33
CA GLY A 82 -10.69 -0.86 3.94
C GLY A 82 -9.74 -0.37 4.99
N PHE A 83 -9.53 0.91 5.01
CA PHE A 83 -8.65 1.52 5.96
C PHE A 83 -9.47 2.12 7.07
N LYS A 84 -8.83 2.41 8.16
CA LYS A 84 -9.48 3.01 9.27
C LYS A 84 -9.77 4.47 8.98
N GLN A 85 -10.99 4.81 9.13
CA GLN A 85 -11.49 6.15 8.85
C GLN A 85 -11.99 6.77 10.13
N GLY A 86 -11.54 6.21 11.21
CA GLY A 86 -11.94 6.62 12.50
C GLY A 86 -12.58 5.47 13.22
N GLU A 2 6.62 -2.40 15.77
CA GLU A 2 5.24 -1.97 15.77
C GLU A 2 4.37 -3.14 15.32
N LEU A 3 3.20 -3.27 15.88
CA LEU A 3 2.29 -4.33 15.52
C LEU A 3 0.87 -3.84 15.32
N LYS A 4 0.31 -4.16 14.17
CA LYS A 4 -1.07 -3.86 13.86
C LYS A 4 -1.83 -5.18 13.84
N HIS A 5 -3.14 -5.12 13.74
CA HIS A 5 -3.94 -6.33 13.66
C HIS A 5 -4.41 -6.62 12.23
N SER A 6 -4.50 -5.59 11.40
CA SER A 6 -4.97 -5.76 10.05
C SER A 6 -4.64 -4.54 9.21
N ILE A 7 -5.02 -4.56 7.94
CA ILE A 7 -4.86 -3.40 7.08
C ILE A 7 -5.84 -2.31 7.55
N SER A 8 -6.93 -2.75 8.15
CA SER A 8 -7.96 -1.88 8.60
C SER A 8 -7.59 -1.18 9.92
N ASP A 9 -6.43 -1.53 10.47
CA ASP A 9 -5.91 -0.81 11.62
C ASP A 9 -5.20 0.45 11.13
N TYR A 10 -4.81 0.41 9.88
CA TYR A 10 -4.22 1.54 9.24
C TYR A 10 -5.34 2.38 8.63
N THR A 11 -5.20 3.67 8.68
CA THR A 11 -6.17 4.53 8.05
C THR A 11 -5.75 4.67 6.58
N GLU A 12 -6.56 5.31 5.73
CA GLU A 12 -6.14 5.49 4.35
C GLU A 12 -4.91 6.38 4.35
N ALA A 13 -4.90 7.34 5.25
CA ALA A 13 -3.79 8.27 5.40
C ALA A 13 -2.51 7.56 5.86
N GLU A 14 -2.62 6.67 6.85
CA GLU A 14 -1.47 5.91 7.35
C GLU A 14 -1.01 4.92 6.32
N PHE A 15 -1.93 4.39 5.59
CA PHE A 15 -1.62 3.48 4.53
C PHE A 15 -0.99 4.23 3.39
N LEU A 16 -1.38 5.44 3.21
CA LEU A 16 -0.80 6.29 2.19
C LEU A 16 0.62 6.63 2.58
N GLU A 17 0.88 6.54 3.82
CA GLU A 17 2.21 6.64 4.27
C GLU A 17 3.01 5.34 4.03
N PHE A 18 2.29 4.19 3.81
CA PHE A 18 2.95 2.87 3.48
C PHE A 18 3.83 3.09 2.30
N VAL A 19 3.24 3.65 1.31
CA VAL A 19 3.88 3.86 0.05
C VAL A 19 4.91 4.98 0.14
N LYS A 20 4.62 5.99 0.92
CA LYS A 20 5.57 7.05 1.14
C LYS A 20 6.84 6.51 1.80
N LYS A 21 6.65 5.59 2.76
CA LYS A 21 7.74 4.90 3.43
C LYS A 21 8.49 4.01 2.46
N ILE A 22 7.76 3.34 1.57
CA ILE A 22 8.39 2.47 0.59
C ILE A 22 9.21 3.27 -0.42
N CYS A 23 8.74 4.45 -0.75
CA CYS A 23 9.46 5.35 -1.64
C CYS A 23 10.86 5.68 -1.05
N ARG A 24 10.93 5.78 0.26
CA ARG A 24 12.17 6.07 0.97
C ARG A 24 12.83 4.81 1.58
N ALA A 25 12.29 3.65 1.25
CA ALA A 25 12.71 2.36 1.84
C ALA A 25 14.04 1.80 1.34
N GLU A 26 14.87 2.62 0.78
CA GLU A 26 16.19 2.18 0.39
C GLU A 26 17.18 2.56 1.50
N GLY A 27 16.72 2.39 2.74
CA GLY A 27 17.46 2.83 3.91
C GLY A 27 18.66 1.99 4.25
N ALA A 28 18.65 0.78 3.81
CA ALA A 28 19.74 -0.12 4.10
C ALA A 28 20.07 -0.93 2.89
N THR A 29 19.10 -1.68 2.48
CA THR A 29 19.22 -2.59 1.40
C THR A 29 17.91 -2.58 0.66
N GLU A 30 17.80 -3.38 -0.37
CA GLU A 30 16.56 -3.50 -1.10
C GLU A 30 15.57 -4.36 -0.30
N GLU A 31 16.11 -5.05 0.71
CA GLU A 31 15.32 -5.81 1.65
C GLU A 31 14.41 -4.84 2.38
N ASP A 32 14.95 -3.66 2.67
CA ASP A 32 14.26 -2.61 3.45
C ASP A 32 13.03 -2.10 2.68
N ASP A 33 13.10 -2.21 1.37
CA ASP A 33 12.01 -1.82 0.46
C ASP A 33 11.01 -2.94 0.35
N ASN A 34 11.50 -4.08 -0.06
CA ASN A 34 10.68 -5.22 -0.33
C ASN A 34 10.00 -5.80 0.91
N LYS A 35 10.65 -5.71 2.08
CA LYS A 35 10.04 -6.27 3.28
C LYS A 35 8.78 -5.50 3.65
N LEU A 36 8.77 -4.19 3.33
CA LEU A 36 7.60 -3.40 3.57
C LEU A 36 6.52 -3.84 2.65
N VAL A 37 6.88 -3.92 1.38
CA VAL A 37 5.95 -4.30 0.34
C VAL A 37 5.30 -5.66 0.66
N ARG A 38 6.10 -6.61 1.12
CA ARG A 38 5.60 -7.93 1.42
C ARG A 38 4.60 -7.96 2.57
N GLU A 39 4.77 -7.11 3.58
CA GLU A 39 3.80 -7.13 4.67
C GLU A 39 2.52 -6.45 4.21
N PHE A 40 2.68 -5.32 3.52
CA PHE A 40 1.57 -4.55 3.06
C PHE A 40 0.75 -5.32 2.02
N GLU A 41 1.42 -6.01 1.13
CA GLU A 41 0.75 -6.81 0.11
C GLU A 41 -0.02 -8.01 0.65
N ARG A 42 0.26 -8.39 1.87
CA ARG A 42 -0.52 -9.43 2.51
C ARG A 42 -1.72 -8.79 3.15
N LEU A 43 -1.50 -7.63 3.69
CA LEU A 43 -2.54 -6.82 4.30
C LEU A 43 -3.60 -6.45 3.26
N THR A 44 -3.14 -6.00 2.12
CA THR A 44 -3.99 -5.57 1.04
C THR A 44 -4.58 -6.76 0.32
N GLU A 45 -3.75 -7.83 0.19
CA GLU A 45 -4.05 -9.02 -0.58
C GLU A 45 -4.20 -8.59 -2.02
N HIS A 46 -3.48 -7.53 -2.36
CA HIS A 46 -3.59 -6.91 -3.62
C HIS A 46 -2.69 -7.65 -4.65
N PRO A 47 -3.20 -7.82 -5.87
CA PRO A 47 -2.52 -8.53 -6.94
C PRO A 47 -1.31 -7.84 -7.48
N ASP A 48 -1.46 -6.58 -7.73
CA ASP A 48 -0.47 -5.84 -8.45
C ASP A 48 0.16 -4.90 -7.50
N GLY A 49 -0.06 -5.16 -6.23
CA GLY A 49 0.37 -4.23 -5.17
C GLY A 49 1.79 -3.89 -5.19
N SER A 50 2.60 -4.89 -5.32
CA SER A 50 4.03 -4.63 -5.41
C SER A 50 4.31 -3.84 -6.71
N ASP A 51 3.70 -4.30 -7.80
CA ASP A 51 3.86 -3.70 -9.13
C ASP A 51 3.37 -2.25 -9.16
N LEU A 52 2.36 -1.93 -8.36
CA LEU A 52 1.81 -0.56 -8.23
C LEU A 52 2.91 0.42 -7.84
N ILE A 53 3.82 -0.07 -7.04
CA ILE A 53 4.86 0.75 -6.45
C ILE A 53 6.01 0.89 -7.42
N TYR A 54 6.21 -0.13 -8.20
CA TYR A 54 7.32 -0.18 -9.09
C TYR A 54 6.97 0.33 -10.50
N TYR A 55 5.79 0.02 -10.96
CA TYR A 55 5.36 0.32 -12.30
C TYR A 55 4.08 1.15 -12.29
N PRO A 56 4.14 2.38 -12.77
CA PRO A 56 2.96 3.22 -12.93
C PRO A 56 2.13 2.75 -14.13
N ARG A 57 0.80 2.89 -14.06
CA ARG A 57 -0.01 2.49 -15.21
C ARG A 57 -0.25 3.68 -16.15
N ASP A 58 -1.50 4.05 -16.38
CA ASP A 58 -1.78 5.21 -17.23
C ASP A 58 -2.60 6.28 -16.58
N ASP A 59 -3.87 5.96 -16.39
CA ASP A 59 -4.90 6.96 -16.02
C ASP A 59 -5.10 7.14 -14.56
N ARG A 60 -4.41 6.37 -13.77
CA ARG A 60 -4.54 6.53 -12.34
C ARG A 60 -3.68 7.68 -11.89
N GLU A 61 -3.84 8.08 -10.68
CA GLU A 61 -2.92 8.98 -10.09
C GLU A 61 -1.70 8.15 -9.74
N ASP A 62 -0.56 8.55 -10.15
CA ASP A 62 0.59 7.76 -9.78
C ASP A 62 1.44 8.58 -8.89
N SER A 63 1.10 8.51 -7.66
CA SER A 63 1.73 9.22 -6.61
C SER A 63 1.56 8.32 -5.40
N PRO A 64 2.09 8.69 -4.21
CA PRO A 64 1.82 7.93 -3.00
C PRO A 64 0.29 7.85 -2.74
N GLU A 65 -0.46 8.83 -3.24
CA GLU A 65 -1.91 8.82 -3.12
C GLU A 65 -2.54 7.80 -4.05
N GLY A 66 -2.17 7.87 -5.30
CA GLY A 66 -2.77 7.02 -6.31
C GLY A 66 -2.44 5.55 -6.14
N ILE A 67 -1.27 5.25 -5.62
CA ILE A 67 -0.91 3.87 -5.36
C ILE A 67 -1.84 3.29 -4.27
N VAL A 68 -2.18 4.11 -3.29
CA VAL A 68 -3.16 3.74 -2.29
C VAL A 68 -4.52 3.63 -2.92
N LYS A 69 -4.82 4.57 -3.79
CA LYS A 69 -6.09 4.65 -4.43
C LYS A 69 -6.41 3.37 -5.18
N GLU A 70 -5.41 2.79 -5.82
CA GLU A 70 -5.58 1.50 -6.50
C GLU A 70 -6.06 0.45 -5.50
N ILE A 71 -5.31 0.29 -4.43
CA ILE A 71 -5.60 -0.66 -3.38
C ILE A 71 -6.94 -0.37 -2.68
N LYS A 72 -7.21 0.89 -2.48
CA LYS A 72 -8.41 1.32 -1.81
C LYS A 72 -9.63 1.08 -2.72
N GLU A 73 -9.57 1.59 -3.94
CA GLU A 73 -10.68 1.46 -4.88
C GLU A 73 -10.97 0.02 -5.24
N TRP A 74 -9.93 -0.77 -5.40
CA TRP A 74 -10.05 -2.17 -5.76
C TRP A 74 -10.70 -2.97 -4.61
N ARG A 75 -10.13 -2.86 -3.42
CA ARG A 75 -10.65 -3.59 -2.26
C ARG A 75 -12.06 -3.18 -1.89
N ALA A 76 -12.36 -1.90 -2.01
CA ALA A 76 -13.70 -1.40 -1.72
C ALA A 76 -14.70 -1.91 -2.75
N ALA A 77 -14.22 -2.18 -3.94
CA ALA A 77 -15.07 -2.62 -5.02
C ALA A 77 -15.28 -4.10 -4.89
N ASN A 78 -14.24 -4.77 -4.46
CA ASN A 78 -14.23 -6.19 -4.24
C ASN A 78 -15.09 -6.58 -3.06
N GLY A 79 -15.11 -5.74 -2.04
CA GLY A 79 -15.83 -6.07 -0.84
C GLY A 79 -14.91 -6.66 0.17
N LYS A 80 -13.67 -6.23 0.12
CA LYS A 80 -12.64 -6.67 0.99
C LYS A 80 -12.57 -5.81 2.23
N SER A 81 -11.49 -5.94 2.94
CA SER A 81 -11.26 -5.19 4.14
C SER A 81 -11.12 -3.69 3.78
N GLY A 82 -11.18 -2.85 4.78
CA GLY A 82 -11.09 -1.44 4.56
C GLY A 82 -9.97 -0.86 5.34
N PHE A 83 -10.04 0.39 5.60
CA PHE A 83 -9.10 1.05 6.43
C PHE A 83 -9.81 1.53 7.68
N LYS A 84 -9.07 2.16 8.53
CA LYS A 84 -9.63 2.82 9.69
C LYS A 84 -9.97 4.24 9.25
N GLN A 85 -11.01 4.79 9.79
CA GLN A 85 -11.52 6.09 9.33
C GLN A 85 -11.02 7.25 10.19
N GLY A 86 -9.96 7.04 10.88
CA GLY A 86 -9.41 8.07 11.73
C GLY A 86 -9.38 7.60 13.14
N GLU A 2 2.75 1.75 17.60
CA GLU A 2 1.47 1.11 17.81
C GLU A 2 1.30 0.03 16.77
N LEU A 3 0.59 -1.02 17.10
CA LEU A 3 0.39 -2.08 16.18
C LEU A 3 -1.03 -2.21 15.72
N LYS A 4 -1.16 -2.92 14.65
CA LYS A 4 -2.39 -3.18 13.99
C LYS A 4 -2.71 -4.65 14.00
N HIS A 5 -3.96 -4.97 13.88
CA HIS A 5 -4.41 -6.34 13.79
C HIS A 5 -4.70 -6.72 12.32
N SER A 6 -5.08 -5.73 11.53
CA SER A 6 -5.44 -5.95 10.14
C SER A 6 -5.11 -4.72 9.34
N ILE A 7 -5.43 -4.72 8.05
CA ILE A 7 -5.25 -3.53 7.24
C ILE A 7 -6.30 -2.47 7.61
N SER A 8 -7.43 -2.91 8.13
CA SER A 8 -8.52 -2.01 8.48
C SER A 8 -8.17 -1.28 9.78
N ASP A 9 -7.04 -1.65 10.36
CA ASP A 9 -6.52 -0.99 11.54
C ASP A 9 -5.59 0.16 11.09
N TYR A 10 -5.42 0.28 9.80
CA TYR A 10 -4.68 1.38 9.24
C TYR A 10 -5.67 2.39 8.73
N THR A 11 -5.45 3.64 9.01
CA THR A 11 -6.24 4.65 8.39
C THR A 11 -5.74 4.83 6.97
N GLU A 12 -6.45 5.63 6.17
CA GLU A 12 -5.98 5.89 4.84
C GLU A 12 -4.62 6.53 4.95
N ALA A 13 -4.52 7.47 5.87
CA ALA A 13 -3.29 8.22 6.11
C ALA A 13 -2.13 7.32 6.57
N GLU A 14 -2.38 6.40 7.50
CA GLU A 14 -1.32 5.49 7.99
C GLU A 14 -0.88 4.50 6.94
N PHE A 15 -1.79 4.08 6.13
CA PHE A 15 -1.47 3.18 5.05
C PHE A 15 -0.87 3.96 3.92
N LEU A 16 -1.28 5.15 3.75
CA LEU A 16 -0.75 5.98 2.70
C LEU A 16 0.68 6.39 3.05
N GLU A 17 0.98 6.33 4.30
CA GLU A 17 2.33 6.46 4.75
C GLU A 17 3.14 5.23 4.37
N PHE A 18 2.47 4.05 4.20
CA PHE A 18 3.16 2.75 3.88
C PHE A 18 4.02 2.97 2.68
N VAL A 19 3.41 3.52 1.70
CA VAL A 19 4.02 3.69 0.42
C VAL A 19 5.08 4.79 0.44
N LYS A 20 4.81 5.85 1.16
CA LYS A 20 5.74 6.94 1.29
C LYS A 20 6.97 6.44 2.03
N LYS A 21 6.70 5.65 3.05
CA LYS A 21 7.69 5.00 3.89
C LYS A 21 8.59 4.14 3.05
N ILE A 22 8.00 3.30 2.22
CA ILE A 22 8.76 2.41 1.32
C ILE A 22 9.67 3.23 0.40
N CYS A 23 9.12 4.30 -0.15
CA CYS A 23 9.85 5.18 -1.04
C CYS A 23 11.09 5.78 -0.33
N ARG A 24 10.98 6.06 0.96
CA ARG A 24 12.05 6.64 1.74
C ARG A 24 12.83 5.60 2.58
N ALA A 25 12.52 4.33 2.40
CA ALA A 25 13.09 3.26 3.21
C ALA A 25 14.08 2.41 2.45
N GLU A 26 14.64 2.98 1.36
CA GLU A 26 15.61 2.29 0.46
C GLU A 26 16.63 1.45 1.22
N GLY A 27 17.30 2.09 2.17
CA GLY A 27 18.25 1.41 3.02
C GLY A 27 19.45 0.87 2.26
N ALA A 28 19.38 -0.40 1.91
CA ALA A 28 20.47 -1.07 1.24
C ALA A 28 20.26 -1.09 -0.27
N THR A 29 19.15 -1.68 -0.70
CA THR A 29 18.80 -1.83 -2.11
C THR A 29 17.29 -2.13 -2.11
N GLU A 30 16.64 -2.14 -3.30
CA GLU A 30 15.18 -2.35 -3.45
C GLU A 30 14.65 -3.60 -2.70
N GLU A 31 15.51 -4.54 -2.38
CA GLU A 31 15.15 -5.72 -1.59
C GLU A 31 14.62 -5.30 -0.20
N ASP A 32 15.16 -4.19 0.29
CA ASP A 32 14.83 -3.68 1.61
C ASP A 32 13.46 -3.04 1.55
N ASP A 33 13.23 -2.34 0.45
CA ASP A 33 11.92 -1.76 0.12
C ASP A 33 10.93 -2.90 0.02
N ASN A 34 11.31 -3.90 -0.75
CA ASN A 34 10.50 -5.07 -1.07
C ASN A 34 10.07 -5.82 0.17
N LYS A 35 10.96 -5.99 1.15
CA LYS A 35 10.54 -6.72 2.34
C LYS A 35 9.48 -5.97 3.14
N LEU A 36 9.37 -4.67 2.91
CA LEU A 36 8.27 -3.92 3.46
C LEU A 36 7.05 -4.15 2.60
N VAL A 37 7.24 -3.97 1.30
CA VAL A 37 6.17 -4.14 0.29
C VAL A 37 5.42 -5.45 0.50
N ARG A 38 6.17 -6.53 0.66
CA ARG A 38 5.60 -7.86 0.78
C ARG A 38 4.62 -8.01 1.94
N GLU A 39 4.87 -7.33 3.06
CA GLU A 39 3.96 -7.46 4.19
C GLU A 39 2.69 -6.67 3.92
N PHE A 40 2.85 -5.54 3.25
CA PHE A 40 1.73 -4.69 2.91
C PHE A 40 0.87 -5.33 1.83
N GLU A 41 1.50 -6.06 0.90
CA GLU A 41 0.79 -6.85 -0.12
C GLU A 41 -0.12 -7.90 0.53
N ARG A 42 0.28 -8.37 1.69
CA ARG A 42 -0.49 -9.38 2.39
C ARG A 42 -1.61 -8.74 3.20
N LEU A 43 -1.34 -7.55 3.72
CA LEU A 43 -2.35 -6.78 4.43
C LEU A 43 -3.50 -6.41 3.50
N THR A 44 -3.16 -6.12 2.28
CA THR A 44 -4.12 -5.73 1.28
C THR A 44 -4.68 -6.92 0.55
N GLU A 45 -3.94 -8.04 0.60
CA GLU A 45 -4.15 -9.19 -0.25
C GLU A 45 -4.08 -8.75 -1.70
N HIS A 46 -3.29 -7.72 -1.94
CA HIS A 46 -3.23 -7.12 -3.21
C HIS A 46 -2.14 -7.78 -4.06
N PRO A 47 -2.53 -8.24 -5.25
CA PRO A 47 -1.66 -8.92 -6.18
C PRO A 47 -0.49 -8.08 -6.61
N ASP A 48 -0.80 -6.96 -7.18
CA ASP A 48 0.13 -6.06 -7.78
C ASP A 48 0.62 -5.09 -6.76
N GLY A 49 0.47 -5.43 -5.47
CA GLY A 49 0.89 -4.53 -4.38
C GLY A 49 2.31 -4.07 -4.51
N SER A 50 3.11 -4.87 -5.13
CA SER A 50 4.48 -4.51 -5.37
C SER A 50 4.58 -3.66 -6.63
N ASP A 51 3.98 -4.14 -7.70
CA ASP A 51 3.95 -3.48 -8.99
C ASP A 51 3.38 -2.07 -8.88
N LEU A 52 2.46 -1.85 -7.95
CA LEU A 52 1.83 -0.54 -7.72
C LEU A 52 2.87 0.49 -7.34
N ILE A 53 3.79 0.09 -6.50
CA ILE A 53 4.76 1.00 -5.93
C ILE A 53 5.85 1.24 -6.90
N TYR A 54 6.17 0.21 -7.61
CA TYR A 54 7.22 0.24 -8.54
C TYR A 54 6.79 0.95 -9.82
N TYR A 55 5.58 0.67 -10.28
CA TYR A 55 5.07 1.24 -11.52
C TYR A 55 3.57 1.57 -11.40
N PRO A 56 3.21 2.80 -11.00
CA PRO A 56 1.82 3.25 -10.99
C PRO A 56 1.31 3.31 -12.43
N ARG A 57 0.52 2.29 -12.78
CA ARG A 57 0.06 1.92 -14.16
C ARG A 57 -0.10 3.06 -15.21
N ASP A 58 -1.30 3.28 -15.70
CA ASP A 58 -1.56 4.36 -16.66
C ASP A 58 -2.63 5.29 -16.12
N ASP A 59 -3.81 4.71 -15.97
CA ASP A 59 -5.01 5.37 -15.42
C ASP A 59 -4.75 5.86 -14.02
N ARG A 60 -3.97 5.09 -13.31
CA ARG A 60 -3.68 5.37 -11.98
C ARG A 60 -2.64 6.45 -11.87
N GLU A 61 -2.90 7.32 -10.95
CA GLU A 61 -2.04 8.44 -10.65
C GLU A 61 -0.72 7.95 -10.10
N ASP A 62 0.34 8.58 -10.51
CA ASP A 62 1.65 8.27 -10.01
C ASP A 62 1.93 9.12 -8.78
N SER A 63 1.36 8.74 -7.67
CA SER A 63 1.66 9.41 -6.45
C SER A 63 1.55 8.39 -5.32
N PRO A 64 2.19 8.64 -4.15
CA PRO A 64 2.02 7.77 -2.98
C PRO A 64 0.53 7.60 -2.65
N GLU A 65 -0.22 8.66 -2.90
CA GLU A 65 -1.65 8.67 -2.65
C GLU A 65 -2.38 7.80 -3.66
N GLY A 66 -2.01 7.94 -4.93
CA GLY A 66 -2.62 7.18 -6.01
C GLY A 66 -2.36 5.70 -5.90
N ILE A 67 -1.20 5.33 -5.41
CA ILE A 67 -0.86 3.94 -5.17
C ILE A 67 -1.82 3.33 -4.14
N VAL A 68 -2.06 4.09 -3.08
CA VAL A 68 -2.99 3.71 -2.04
C VAL A 68 -4.41 3.68 -2.59
N LYS A 69 -4.67 4.58 -3.52
CA LYS A 69 -5.93 4.70 -4.17
C LYS A 69 -6.23 3.44 -4.96
N GLU A 70 -5.22 2.87 -5.61
CA GLU A 70 -5.40 1.65 -6.39
C GLU A 70 -5.94 0.57 -5.48
N ILE A 71 -5.26 0.39 -4.36
CA ILE A 71 -5.65 -0.54 -3.31
C ILE A 71 -7.04 -0.24 -2.77
N LYS A 72 -7.30 1.03 -2.56
CA LYS A 72 -8.60 1.50 -2.10
C LYS A 72 -9.72 1.11 -3.07
N GLU A 73 -9.59 1.52 -4.32
CA GLU A 73 -10.59 1.25 -5.34
C GLU A 73 -10.72 -0.25 -5.61
N TRP A 74 -9.60 -0.94 -5.55
CA TRP A 74 -9.54 -2.37 -5.83
C TRP A 74 -10.30 -3.16 -4.78
N ARG A 75 -9.97 -2.92 -3.52
CA ARG A 75 -10.61 -3.66 -2.44
C ARG A 75 -12.08 -3.36 -2.35
N ALA A 76 -12.44 -2.12 -2.66
CA ALA A 76 -13.83 -1.70 -2.65
C ALA A 76 -14.62 -2.37 -3.78
N ALA A 77 -13.93 -2.73 -4.84
CA ALA A 77 -14.57 -3.36 -5.98
C ALA A 77 -14.67 -4.83 -5.69
N ASN A 78 -13.59 -5.36 -5.15
CA ASN A 78 -13.48 -6.75 -4.79
C ASN A 78 -14.40 -7.14 -3.65
N GLY A 79 -14.81 -6.16 -2.86
CA GLY A 79 -15.69 -6.43 -1.74
C GLY A 79 -14.90 -6.79 -0.52
N LYS A 80 -13.71 -6.29 -0.44
CA LYS A 80 -12.80 -6.55 0.61
C LYS A 80 -12.77 -5.40 1.59
N SER A 81 -11.97 -5.54 2.63
CA SER A 81 -11.80 -4.59 3.70
C SER A 81 -11.46 -3.17 3.20
N GLY A 82 -11.63 -2.22 4.10
CA GLY A 82 -11.31 -0.84 3.83
C GLY A 82 -10.22 -0.35 4.76
N PHE A 83 -10.15 0.93 4.98
CA PHE A 83 -9.25 1.51 5.91
C PHE A 83 -10.03 2.04 7.11
N LYS A 84 -9.33 2.57 8.06
CA LYS A 84 -9.90 3.16 9.23
C LYS A 84 -9.93 4.68 9.07
N GLN A 85 -10.77 5.33 9.81
CA GLN A 85 -10.75 6.75 9.96
C GLN A 85 -10.80 7.04 11.46
N GLY A 86 -9.68 7.43 12.00
CA GLY A 86 -9.56 7.63 13.40
C GLY A 86 -8.11 7.66 13.74
N GLU A 2 5.22 -0.27 17.09
CA GLU A 2 3.96 -0.11 16.40
C GLU A 2 3.51 -1.46 15.91
N LEU A 3 2.21 -1.69 15.93
CA LEU A 3 1.66 -2.96 15.48
C LEU A 3 0.25 -2.73 14.99
N LYS A 4 -0.24 -3.64 14.19
CA LYS A 4 -1.59 -3.58 13.72
C LYS A 4 -2.18 -4.97 13.72
N HIS A 5 -3.48 -5.07 13.59
CA HIS A 5 -4.10 -6.38 13.45
C HIS A 5 -4.28 -6.71 11.96
N SER A 6 -4.49 -5.68 11.14
CA SER A 6 -4.72 -5.87 9.71
C SER A 6 -4.51 -4.54 9.00
N ILE A 7 -4.86 -4.50 7.73
CA ILE A 7 -4.85 -3.29 6.94
C ILE A 7 -5.93 -2.31 7.44
N SER A 8 -6.99 -2.88 8.01
CA SER A 8 -8.12 -2.10 8.48
C SER A 8 -7.79 -1.44 9.82
N ASP A 9 -6.65 -1.81 10.38
CA ASP A 9 -6.17 -1.21 11.61
C ASP A 9 -5.62 0.16 11.26
N TYR A 10 -4.97 0.21 10.11
CA TYR A 10 -4.40 1.42 9.60
C TYR A 10 -5.49 2.32 9.09
N THR A 11 -5.38 3.58 9.36
CA THR A 11 -6.26 4.54 8.77
C THR A 11 -5.80 4.80 7.35
N GLU A 12 -6.62 5.46 6.56
CA GLU A 12 -6.26 5.81 5.20
C GLU A 12 -4.93 6.56 5.17
N ALA A 13 -4.78 7.51 6.08
CA ALA A 13 -3.58 8.33 6.15
C ALA A 13 -2.34 7.52 6.56
N GLU A 14 -2.49 6.59 7.49
CA GLU A 14 -1.34 5.75 7.95
C GLU A 14 -0.95 4.78 6.88
N PHE A 15 -1.93 4.29 6.19
CA PHE A 15 -1.68 3.39 5.10
C PHE A 15 -1.08 4.16 3.97
N LEU A 16 -1.45 5.37 3.83
CA LEU A 16 -0.89 6.19 2.81
C LEU A 16 0.56 6.54 3.16
N GLU A 17 0.87 6.40 4.39
CA GLU A 17 2.23 6.49 4.84
C GLU A 17 2.98 5.18 4.45
N PHE A 18 2.25 4.05 4.20
CA PHE A 18 2.88 2.74 3.80
C PHE A 18 3.74 2.99 2.62
N VAL A 19 3.15 3.59 1.66
CA VAL A 19 3.75 3.82 0.40
C VAL A 19 4.80 4.91 0.47
N LYS A 20 4.57 5.90 1.30
CA LYS A 20 5.55 6.95 1.48
C LYS A 20 6.79 6.39 2.18
N LYS A 21 6.55 5.51 3.15
CA LYS A 21 7.60 4.81 3.89
C LYS A 21 8.39 3.95 2.91
N ILE A 22 7.69 3.35 1.97
CA ILE A 22 8.31 2.55 0.93
C ILE A 22 9.10 3.42 -0.03
N CYS A 23 8.54 4.56 -0.37
CA CYS A 23 9.22 5.48 -1.27
C CYS A 23 10.56 5.91 -0.66
N ARG A 24 10.63 6.00 0.66
CA ARG A 24 11.86 6.38 1.35
C ARG A 24 12.60 5.14 1.88
N ALA A 25 12.12 3.97 1.54
CA ALA A 25 12.62 2.67 2.08
C ALA A 25 13.94 2.21 1.49
N GLU A 26 14.74 3.13 0.95
CA GLU A 26 16.05 2.81 0.37
C GLU A 26 16.86 1.87 1.28
N GLY A 27 16.87 2.17 2.58
CA GLY A 27 17.54 1.34 3.55
C GLY A 27 18.96 1.09 3.19
N ALA A 28 19.33 -0.15 3.10
CA ALA A 28 20.67 -0.51 2.70
C ALA A 28 20.66 -1.21 1.35
N THR A 29 19.60 -1.91 1.05
CA THR A 29 19.47 -2.64 -0.19
C THR A 29 17.98 -2.72 -0.52
N GLU A 30 17.65 -2.98 -1.78
CA GLU A 30 16.26 -3.04 -2.22
C GLU A 30 15.47 -4.16 -1.56
N GLU A 31 16.13 -5.15 -0.99
CA GLU A 31 15.45 -6.21 -0.25
C GLU A 31 14.73 -5.64 0.97
N ASP A 32 15.32 -4.61 1.57
CA ASP A 32 14.78 -3.95 2.75
C ASP A 32 13.50 -3.22 2.37
N ASP A 33 13.56 -2.64 1.19
CA ASP A 33 12.46 -1.95 0.54
C ASP A 33 11.35 -2.96 0.20
N ASN A 34 11.75 -4.00 -0.51
CA ASN A 34 10.88 -5.08 -0.97
C ASN A 34 10.14 -5.80 0.14
N LYS A 35 10.79 -6.05 1.26
CA LYS A 35 10.11 -6.74 2.34
C LYS A 35 8.98 -5.87 2.93
N LEU A 36 9.14 -4.55 2.89
CA LEU A 36 8.07 -3.65 3.34
C LEU A 36 6.92 -3.74 2.37
N VAL A 37 7.25 -3.78 1.10
CA VAL A 37 6.25 -3.90 0.06
C VAL A 37 5.44 -5.19 0.27
N ARG A 38 6.14 -6.29 0.50
CA ARG A 38 5.51 -7.59 0.73
C ARG A 38 4.67 -7.62 2.00
N GLU A 39 5.11 -6.88 3.02
CA GLU A 39 4.40 -6.71 4.26
C GLU A 39 3.03 -6.13 3.96
N PHE A 40 3.04 -5.10 3.18
CA PHE A 40 1.87 -4.38 2.84
C PHE A 40 1.03 -5.10 1.79
N GLU A 41 1.66 -5.81 0.86
CA GLU A 41 0.95 -6.68 -0.07
C GLU A 41 0.16 -7.73 0.67
N ARG A 42 0.73 -8.21 1.77
CA ARG A 42 0.06 -9.18 2.60
C ARG A 42 -1.22 -8.57 3.17
N LEU A 43 -1.06 -7.38 3.73
CA LEU A 43 -2.16 -6.64 4.36
C LEU A 43 -3.25 -6.29 3.34
N THR A 44 -2.83 -5.78 2.22
CA THR A 44 -3.75 -5.36 1.18
C THR A 44 -4.40 -6.54 0.52
N GLU A 45 -3.67 -7.67 0.49
CA GLU A 45 -4.04 -8.89 -0.18
C GLU A 45 -4.01 -8.61 -1.69
N HIS A 46 -3.34 -7.52 -2.05
CA HIS A 46 -3.34 -7.03 -3.38
C HIS A 46 -2.21 -7.69 -4.21
N PRO A 47 -2.60 -8.38 -5.31
CA PRO A 47 -1.69 -9.07 -6.23
C PRO A 47 -0.59 -8.19 -6.80
N ASP A 48 -0.99 -7.02 -7.25
CA ASP A 48 -0.13 -6.11 -7.93
C ASP A 48 0.33 -5.07 -6.98
N GLY A 49 0.17 -5.35 -5.70
CA GLY A 49 0.62 -4.41 -4.63
C GLY A 49 2.04 -3.97 -4.78
N SER A 50 2.86 -4.86 -5.21
CA SER A 50 4.23 -4.53 -5.45
C SER A 50 4.37 -3.78 -6.75
N ASP A 51 3.67 -4.26 -7.76
CA ASP A 51 3.69 -3.68 -9.09
C ASP A 51 3.16 -2.26 -9.12
N LEU A 52 2.27 -1.93 -8.17
CA LEU A 52 1.73 -0.56 -8.03
C LEU A 52 2.85 0.41 -7.77
N ILE A 53 3.80 -0.04 -7.00
CA ILE A 53 4.91 0.79 -6.56
C ILE A 53 6.05 0.70 -7.56
N TYR A 54 6.20 -0.46 -8.13
CA TYR A 54 7.29 -0.73 -9.03
C TYR A 54 7.01 -0.22 -10.45
N TYR A 55 5.76 -0.24 -10.86
CA TYR A 55 5.39 0.17 -12.21
C TYR A 55 4.09 0.97 -12.19
N PRO A 56 4.10 2.22 -12.65
CA PRO A 56 2.88 3.00 -12.80
C PRO A 56 2.01 2.39 -13.91
N ARG A 57 0.71 2.55 -13.80
CA ARG A 57 -0.17 1.98 -14.81
C ARG A 57 -0.41 2.96 -15.97
N ASP A 58 -1.64 3.40 -16.14
CA ASP A 58 -1.96 4.33 -17.21
C ASP A 58 -2.60 5.63 -16.77
N ASP A 59 -3.76 5.51 -16.20
CA ASP A 59 -4.57 6.67 -15.86
C ASP A 59 -4.42 7.05 -14.41
N ARG A 60 -4.00 6.10 -13.62
CA ARG A 60 -3.91 6.29 -12.22
C ARG A 60 -2.81 7.25 -11.87
N GLU A 61 -3.09 8.06 -10.89
CA GLU A 61 -2.16 9.02 -10.38
C GLU A 61 -1.01 8.29 -9.72
N ASP A 62 0.14 8.37 -10.30
CA ASP A 62 1.28 7.72 -9.75
C ASP A 62 1.86 8.58 -8.67
N SER A 63 1.33 8.45 -7.50
CA SER A 63 1.75 9.19 -6.37
C SER A 63 1.56 8.27 -5.16
N PRO A 64 2.18 8.57 -3.99
CA PRO A 64 1.92 7.82 -2.75
C PRO A 64 0.39 7.79 -2.47
N GLU A 65 -0.28 8.84 -2.87
CA GLU A 65 -1.70 9.00 -2.65
C GLU A 65 -2.53 8.14 -3.64
N GLY A 66 -2.08 8.10 -4.88
CA GLY A 66 -2.79 7.34 -5.90
C GLY A 66 -2.57 5.84 -5.78
N ILE A 67 -1.47 5.43 -5.18
CA ILE A 67 -1.22 4.01 -4.97
C ILE A 67 -2.19 3.49 -3.88
N VAL A 68 -2.43 4.30 -2.88
CA VAL A 68 -3.44 4.03 -1.86
C VAL A 68 -4.83 3.97 -2.50
N LYS A 69 -5.04 4.82 -3.50
CA LYS A 69 -6.27 4.83 -4.26
C LYS A 69 -6.47 3.49 -4.92
N GLU A 70 -5.40 2.94 -5.47
CA GLU A 70 -5.41 1.63 -6.10
C GLU A 70 -5.93 0.59 -5.15
N ILE A 71 -5.43 0.63 -3.92
CA ILE A 71 -5.82 -0.33 -2.91
C ILE A 71 -7.27 -0.12 -2.54
N LYS A 72 -7.62 1.15 -2.34
CA LYS A 72 -8.96 1.57 -1.96
C LYS A 72 -9.98 1.09 -2.95
N GLU A 73 -9.81 1.50 -4.20
CA GLU A 73 -10.74 1.19 -5.26
C GLU A 73 -10.84 -0.31 -5.46
N TRP A 74 -9.72 -0.98 -5.42
CA TRP A 74 -9.64 -2.41 -5.61
C TRP A 74 -10.38 -3.13 -4.50
N ARG A 75 -10.04 -2.86 -3.25
CA ARG A 75 -10.66 -3.54 -2.13
C ARG A 75 -12.12 -3.19 -1.97
N ALA A 76 -12.47 -1.95 -2.26
CA ALA A 76 -13.84 -1.51 -2.19
C ALA A 76 -14.70 -2.19 -3.27
N ALA A 77 -14.08 -2.49 -4.42
CA ALA A 77 -14.80 -3.09 -5.53
C ALA A 77 -14.91 -4.56 -5.31
N ASN A 78 -13.88 -5.10 -4.69
CA ASN A 78 -13.79 -6.50 -4.37
C ASN A 78 -14.75 -6.88 -3.24
N GLY A 79 -15.22 -5.89 -2.51
CA GLY A 79 -16.11 -6.17 -1.40
C GLY A 79 -15.31 -6.55 -0.16
N LYS A 80 -14.10 -6.08 -0.12
CA LYS A 80 -13.20 -6.35 0.95
C LYS A 80 -13.29 -5.24 1.98
N SER A 81 -12.61 -5.43 3.07
CA SER A 81 -12.57 -4.50 4.12
C SER A 81 -11.71 -3.30 3.71
N GLY A 82 -11.84 -2.22 4.44
CA GLY A 82 -11.17 -1.00 4.09
C GLY A 82 -10.34 -0.52 5.22
N PHE A 83 -9.88 0.70 5.13
CA PHE A 83 -9.01 1.27 6.12
C PHE A 83 -9.85 1.83 7.24
N LYS A 84 -9.22 2.15 8.34
CA LYS A 84 -9.91 2.81 9.39
C LYS A 84 -10.09 4.26 8.94
N GLN A 85 -11.22 4.82 9.22
CA GLN A 85 -11.58 6.10 8.63
C GLN A 85 -11.94 7.11 9.69
N GLY A 86 -11.33 6.96 10.84
CA GLY A 86 -11.59 7.86 11.92
C GLY A 86 -12.08 7.08 13.09
N GLU A 2 1.87 0.15 17.62
CA GLU A 2 2.39 -0.75 16.59
C GLU A 2 1.60 -2.04 16.64
N LEU A 3 1.64 -2.81 15.55
CA LEU A 3 0.92 -4.06 15.39
C LEU A 3 -0.57 -3.84 15.20
N LYS A 4 -0.99 -4.17 14.04
CA LYS A 4 -2.36 -4.03 13.62
C LYS A 4 -3.13 -5.30 13.88
N HIS A 5 -4.43 -5.24 13.68
CA HIS A 5 -5.25 -6.43 13.71
C HIS A 5 -5.48 -6.87 12.25
N SER A 6 -5.34 -5.91 11.33
CA SER A 6 -5.50 -6.12 9.90
C SER A 6 -5.07 -4.83 9.20
N ILE A 7 -5.28 -4.74 7.89
CA ILE A 7 -5.01 -3.52 7.17
C ILE A 7 -5.99 -2.43 7.61
N SER A 8 -7.19 -2.85 8.02
CA SER A 8 -8.24 -1.96 8.42
C SER A 8 -7.93 -1.34 9.78
N ASP A 9 -6.80 -1.73 10.36
CA ASP A 9 -6.32 -1.11 11.58
C ASP A 9 -5.56 0.19 11.25
N TYR A 10 -5.11 0.30 10.02
CA TYR A 10 -4.41 1.49 9.54
C TYR A 10 -5.42 2.42 8.94
N THR A 11 -5.33 3.70 9.21
CA THR A 11 -6.17 4.66 8.50
C THR A 11 -5.65 4.80 7.07
N GLU A 12 -6.39 5.49 6.22
CA GLU A 12 -5.97 5.73 4.87
C GLU A 12 -4.67 6.49 4.90
N ALA A 13 -4.57 7.42 5.84
CA ALA A 13 -3.39 8.24 6.00
C ALA A 13 -2.17 7.43 6.45
N GLU A 14 -2.36 6.50 7.38
CA GLU A 14 -1.27 5.63 7.87
C GLU A 14 -0.85 4.65 6.82
N PHE A 15 -1.79 4.20 6.05
CA PHE A 15 -1.49 3.32 4.97
C PHE A 15 -0.85 4.09 3.86
N LEU A 16 -1.22 5.30 3.71
CA LEU A 16 -0.62 6.15 2.71
C LEU A 16 0.81 6.46 3.12
N GLU A 17 1.08 6.30 4.38
CA GLU A 17 2.42 6.35 4.86
C GLU A 17 3.19 5.08 4.51
N PHE A 18 2.47 3.97 4.21
CA PHE A 18 3.10 2.69 3.81
C PHE A 18 3.98 2.96 2.63
N VAL A 19 3.38 3.57 1.68
CA VAL A 19 4.00 3.84 0.42
C VAL A 19 5.06 4.93 0.52
N LYS A 20 4.78 5.94 1.31
CA LYS A 20 5.73 7.00 1.56
C LYS A 20 6.99 6.46 2.24
N LYS A 21 6.78 5.50 3.14
CA LYS A 21 7.84 4.81 3.85
C LYS A 21 8.64 3.96 2.87
N ILE A 22 7.95 3.26 2.01
CA ILE A 22 8.60 2.40 1.01
C ILE A 22 9.44 3.24 0.05
N CYS A 23 8.94 4.39 -0.33
CA CYS A 23 9.64 5.29 -1.22
C CYS A 23 10.98 5.75 -0.60
N ARG A 24 11.01 5.85 0.72
CA ARG A 24 12.20 6.31 1.43
C ARG A 24 13.02 5.14 2.02
N ALA A 25 12.65 3.91 1.68
CA ALA A 25 13.28 2.70 2.27
C ALA A 25 14.62 2.34 1.60
N GLU A 26 15.24 3.30 0.94
CA GLU A 26 16.51 3.09 0.24
C GLU A 26 17.69 3.14 1.21
N GLY A 27 17.58 2.43 2.30
CA GLY A 27 18.60 2.41 3.30
C GLY A 27 19.75 1.51 2.93
N ALA A 28 19.52 0.22 3.02
CA ALA A 28 20.57 -0.73 2.71
C ALA A 28 20.57 -1.09 1.25
N THR A 29 19.50 -1.74 0.82
CA THR A 29 19.36 -2.17 -0.54
C THR A 29 17.86 -2.18 -0.82
N GLU A 30 17.45 -2.43 -2.07
CA GLU A 30 16.03 -2.53 -2.49
C GLU A 30 15.29 -3.67 -1.77
N GLU A 31 16.04 -4.46 -1.00
CA GLU A 31 15.52 -5.51 -0.16
C GLU A 31 14.67 -4.90 0.95
N ASP A 32 15.04 -3.68 1.35
CA ASP A 32 14.44 -2.99 2.47
C ASP A 32 13.06 -2.55 2.05
N ASP A 33 13.00 -2.04 0.84
CA ASP A 33 11.77 -1.64 0.16
C ASP A 33 10.85 -2.84 0.06
N ASN A 34 11.38 -3.88 -0.57
CA ASN A 34 10.63 -5.09 -0.87
C ASN A 34 10.05 -5.76 0.36
N LYS A 35 10.82 -5.86 1.43
CA LYS A 35 10.30 -6.52 2.63
C LYS A 35 9.17 -5.72 3.27
N LEU A 36 9.16 -4.41 3.05
CA LEU A 36 8.05 -3.60 3.52
C LEU A 36 6.85 -3.87 2.63
N VAL A 37 7.09 -3.87 1.32
CA VAL A 37 6.05 -4.14 0.32
C VAL A 37 5.36 -5.48 0.62
N ARG A 38 6.15 -6.48 0.98
CA ARG A 38 5.62 -7.82 1.26
C ARG A 38 4.59 -7.83 2.40
N GLU A 39 4.85 -7.09 3.48
CA GLU A 39 3.91 -7.11 4.59
C GLU A 39 2.63 -6.38 4.22
N PHE A 40 2.78 -5.26 3.55
CA PHE A 40 1.67 -4.45 3.16
C PHE A 40 0.81 -5.12 2.11
N GLU A 41 1.45 -5.79 1.17
CA GLU A 41 0.75 -6.51 0.13
C GLU A 41 -0.04 -7.72 0.61
N ARG A 42 0.27 -8.18 1.80
CA ARG A 42 -0.50 -9.26 2.42
C ARG A 42 -1.69 -8.69 3.17
N LEU A 43 -1.56 -7.45 3.51
CA LEU A 43 -2.61 -6.73 4.19
C LEU A 43 -3.66 -6.30 3.18
N THR A 44 -3.18 -5.91 2.03
CA THR A 44 -4.03 -5.46 0.96
C THR A 44 -4.61 -6.63 0.21
N GLU A 45 -3.74 -7.66 0.03
CA GLU A 45 -4.01 -8.84 -0.79
C GLU A 45 -4.17 -8.36 -2.22
N HIS A 46 -3.50 -7.25 -2.48
CA HIS A 46 -3.60 -6.58 -3.72
C HIS A 46 -2.67 -7.26 -4.76
N PRO A 47 -3.16 -7.41 -5.98
CA PRO A 47 -2.44 -8.06 -7.07
C PRO A 47 -1.27 -7.28 -7.59
N ASP A 48 -1.49 -6.03 -7.78
CA ASP A 48 -0.56 -5.21 -8.48
C ASP A 48 0.11 -4.35 -7.48
N GLY A 49 -0.09 -4.66 -6.23
CA GLY A 49 0.41 -3.79 -5.13
C GLY A 49 1.84 -3.53 -5.17
N SER A 50 2.60 -4.56 -5.33
CA SER A 50 4.03 -4.38 -5.49
C SER A 50 4.33 -3.56 -6.76
N ASP A 51 3.64 -3.88 -7.83
CA ASP A 51 3.77 -3.18 -9.11
C ASP A 51 3.45 -1.72 -8.98
N LEU A 52 2.43 -1.39 -8.19
CA LEU A 52 1.94 -0.01 -7.98
C LEU A 52 3.05 0.94 -7.61
N ILE A 53 3.96 0.45 -6.82
CA ILE A 53 4.99 1.29 -6.27
C ILE A 53 6.09 1.48 -7.28
N TYR A 54 6.38 0.44 -7.98
CA TYR A 54 7.51 0.40 -8.85
C TYR A 54 7.17 0.79 -10.29
N TYR A 55 6.02 0.40 -10.77
CA TYR A 55 5.64 0.61 -12.14
C TYR A 55 4.18 1.11 -12.20
N PRO A 56 3.98 2.40 -12.51
CA PRO A 56 2.65 3.01 -12.70
C PRO A 56 1.82 2.20 -13.68
N ARG A 57 0.55 2.02 -13.38
CA ARG A 57 -0.28 1.13 -14.17
C ARG A 57 -0.76 1.71 -15.51
N ASP A 58 -2.04 1.89 -15.62
CA ASP A 58 -2.63 2.32 -16.88
C ASP A 58 -3.23 3.70 -16.76
N ASP A 59 -4.25 3.80 -15.96
CA ASP A 59 -4.94 5.07 -15.77
C ASP A 59 -4.57 5.67 -14.45
N ARG A 60 -3.99 4.85 -13.62
CA ARG A 60 -3.65 5.20 -12.30
C ARG A 60 -2.46 6.15 -12.24
N GLU A 61 -2.56 7.10 -11.35
CA GLU A 61 -1.55 8.09 -11.12
C GLU A 61 -0.43 7.50 -10.28
N ASP A 62 0.76 7.96 -10.53
CA ASP A 62 1.90 7.54 -9.78
C ASP A 62 2.20 8.55 -8.70
N SER A 63 1.57 8.38 -7.60
CA SER A 63 1.81 9.19 -6.45
C SER A 63 1.58 8.29 -5.24
N PRO A 64 2.12 8.61 -4.05
CA PRO A 64 1.84 7.82 -2.86
C PRO A 64 0.33 7.75 -2.59
N GLU A 65 -0.39 8.81 -2.97
CA GLU A 65 -1.83 8.85 -2.82
C GLU A 65 -2.51 7.98 -3.88
N GLY A 66 -2.03 8.05 -5.11
CA GLY A 66 -2.59 7.26 -6.19
C GLY A 66 -2.38 5.77 -6.00
N ILE A 67 -1.25 5.41 -5.42
CA ILE A 67 -0.96 4.02 -5.11
C ILE A 67 -1.97 3.52 -4.07
N VAL A 68 -2.19 4.33 -3.04
CA VAL A 68 -3.19 4.02 -2.04
C VAL A 68 -4.55 3.93 -2.67
N LYS A 69 -4.84 4.89 -3.53
CA LYS A 69 -6.11 5.00 -4.21
C LYS A 69 -6.46 3.74 -4.97
N GLU A 70 -5.46 3.15 -5.64
CA GLU A 70 -5.66 1.92 -6.38
C GLU A 70 -6.15 0.83 -5.43
N ILE A 71 -5.35 0.58 -4.41
CA ILE A 71 -5.64 -0.41 -3.37
C ILE A 71 -6.98 -0.12 -2.68
N LYS A 72 -7.21 1.12 -2.45
CA LYS A 72 -8.40 1.60 -1.77
C LYS A 72 -9.65 1.30 -2.60
N GLU A 73 -9.68 1.77 -3.82
CA GLU A 73 -10.83 1.59 -4.70
C GLU A 73 -11.03 0.13 -5.10
N TRP A 74 -9.93 -0.58 -5.29
CA TRP A 74 -9.97 -1.96 -5.71
C TRP A 74 -10.58 -2.82 -4.61
N ARG A 75 -10.11 -2.65 -3.39
CA ARG A 75 -10.58 -3.49 -2.30
C ARG A 75 -12.01 -3.16 -1.95
N ALA A 76 -12.35 -1.89 -2.06
CA ALA A 76 -13.71 -1.43 -1.80
C ALA A 76 -14.68 -1.98 -2.84
N ALA A 77 -14.17 -2.28 -4.02
CA ALA A 77 -14.98 -2.80 -5.09
C ALA A 77 -15.12 -4.29 -4.92
N ASN A 78 -14.04 -4.88 -4.44
CA ASN A 78 -13.96 -6.30 -4.18
C ASN A 78 -14.84 -6.69 -2.99
N GLY A 79 -15.11 -5.74 -2.13
CA GLY A 79 -15.88 -6.03 -0.93
C GLY A 79 -14.95 -6.49 0.17
N LYS A 80 -13.70 -6.11 0.03
CA LYS A 80 -12.64 -6.47 0.93
C LYS A 80 -12.57 -5.54 2.13
N SER A 81 -11.53 -5.69 2.93
CA SER A 81 -11.29 -4.90 4.08
C SER A 81 -11.02 -3.42 3.68
N GLY A 82 -10.84 -2.56 4.65
CA GLY A 82 -10.68 -1.17 4.34
C GLY A 82 -9.53 -0.57 5.08
N PHE A 83 -9.75 0.60 5.59
CA PHE A 83 -8.86 1.29 6.42
C PHE A 83 -9.62 1.68 7.66
N LYS A 84 -8.92 2.02 8.69
CA LYS A 84 -9.51 2.46 9.92
C LYS A 84 -10.16 3.78 9.69
N GLN A 85 -11.28 3.97 10.31
CA GLN A 85 -12.01 5.15 10.15
C GLN A 85 -11.42 6.26 10.99
N GLY A 86 -10.85 7.21 10.31
CA GLY A 86 -10.27 8.33 10.95
C GLY A 86 -9.83 9.30 9.91
N GLU A 2 5.12 -0.27 17.01
CA GLU A 2 3.69 -0.48 17.24
C GLU A 2 3.21 -1.58 16.32
N LEU A 3 2.08 -2.15 16.61
CA LEU A 3 1.53 -3.22 15.79
C LEU A 3 0.06 -2.97 15.53
N LYS A 4 -0.51 -3.78 14.67
CA LYS A 4 -1.91 -3.67 14.34
C LYS A 4 -2.55 -5.04 14.40
N HIS A 5 -3.84 -5.08 14.16
CA HIS A 5 -4.56 -6.33 14.09
C HIS A 5 -4.89 -6.69 12.63
N SER A 6 -4.93 -5.68 11.75
CA SER A 6 -5.22 -5.90 10.34
C SER A 6 -4.91 -4.65 9.54
N ILE A 7 -5.10 -4.74 8.22
CA ILE A 7 -4.95 -3.60 7.31
C ILE A 7 -6.08 -2.59 7.61
N SER A 8 -7.15 -3.08 8.21
CA SER A 8 -8.28 -2.26 8.53
C SER A 8 -7.97 -1.44 9.80
N ASP A 9 -6.85 -1.73 10.42
CA ASP A 9 -6.39 -0.93 11.54
C ASP A 9 -5.39 0.12 11.04
N TYR A 10 -5.18 0.14 9.75
CA TYR A 10 -4.42 1.20 9.18
C TYR A 10 -5.37 2.25 8.73
N THR A 11 -5.11 3.44 9.10
CA THR A 11 -5.87 4.55 8.65
C THR A 11 -5.31 4.88 7.27
N GLU A 12 -6.10 5.52 6.41
CA GLU A 12 -5.64 5.84 5.04
C GLU A 12 -4.30 6.54 5.09
N ALA A 13 -4.19 7.49 5.98
CA ALA A 13 -2.97 8.28 6.14
C ALA A 13 -1.75 7.42 6.49
N GLU A 14 -1.94 6.47 7.41
CA GLU A 14 -0.84 5.59 7.87
C GLU A 14 -0.39 4.69 6.75
N PHE A 15 -1.34 4.26 5.98
CA PHE A 15 -1.07 3.40 4.87
C PHE A 15 -0.51 4.22 3.73
N LEU A 16 -0.93 5.42 3.62
CA LEU A 16 -0.44 6.29 2.60
C LEU A 16 1.01 6.65 2.88
N GLU A 17 1.36 6.58 4.13
CA GLU A 17 2.74 6.71 4.52
C GLU A 17 3.53 5.44 4.17
N PHE A 18 2.82 4.28 3.99
CA PHE A 18 3.47 2.98 3.58
C PHE A 18 4.27 3.20 2.34
N VAL A 19 3.62 3.75 1.38
CA VAL A 19 4.16 3.93 0.07
C VAL A 19 5.21 5.02 0.05
N LYS A 20 4.96 6.07 0.78
CA LYS A 20 5.88 7.17 0.89
C LYS A 20 7.18 6.71 1.55
N LYS A 21 7.04 5.81 2.52
CA LYS A 21 8.14 5.21 3.25
C LYS A 21 9.00 4.40 2.29
N ILE A 22 8.35 3.51 1.57
CA ILE A 22 9.01 2.64 0.59
C ILE A 22 9.72 3.50 -0.47
N CYS A 23 9.07 4.54 -0.90
CA CYS A 23 9.60 5.40 -1.93
C CYS A 23 10.76 6.27 -1.41
N ARG A 24 10.83 6.52 -0.12
CA ARG A 24 11.87 7.38 0.41
C ARG A 24 13.05 6.59 1.01
N ALA A 25 12.76 5.41 1.53
CA ALA A 25 13.76 4.62 2.26
C ALA A 25 14.56 3.70 1.34
N GLU A 26 14.53 4.04 0.03
CA GLU A 26 15.02 3.34 -1.20
C GLU A 26 16.15 2.33 -1.04
N GLY A 27 16.03 1.48 -0.14
CA GLY A 27 16.96 0.48 0.02
C GLY A 27 17.81 0.57 1.24
N ALA A 28 17.38 -0.06 2.32
CA ALA A 28 18.29 -0.24 3.46
C ALA A 28 19.12 -1.44 3.09
N THR A 29 18.44 -2.27 2.36
CA THR A 29 18.85 -3.44 1.68
C THR A 29 17.63 -3.67 0.87
N GLU A 30 17.72 -4.25 -0.27
CA GLU A 30 16.53 -4.42 -1.08
C GLU A 30 15.56 -5.37 -0.40
N GLU A 31 16.09 -6.27 0.43
CA GLU A 31 15.25 -7.14 1.17
C GLU A 31 14.43 -6.35 2.19
N ASP A 32 15.02 -5.30 2.77
CA ASP A 32 14.33 -4.51 3.82
C ASP A 32 13.13 -3.85 3.26
N ASP A 33 13.32 -3.24 2.14
CA ASP A 33 12.29 -2.55 1.43
C ASP A 33 11.23 -3.50 0.93
N ASN A 34 11.66 -4.60 0.29
CA ASN A 34 10.68 -5.53 -0.26
C ASN A 34 9.92 -6.26 0.83
N LYS A 35 10.55 -6.42 2.01
CA LYS A 35 9.91 -6.99 3.15
C LYS A 35 8.71 -6.16 3.54
N LEU A 36 8.89 -4.84 3.50
CA LEU A 36 7.80 -3.92 3.79
C LEU A 36 6.72 -4.10 2.75
N VAL A 37 7.14 -4.06 1.50
CA VAL A 37 6.23 -4.19 0.37
C VAL A 37 5.40 -5.48 0.50
N ARG A 38 6.04 -6.60 0.86
CA ARG A 38 5.36 -7.90 0.99
C ARG A 38 4.26 -7.83 2.03
N GLU A 39 4.57 -7.25 3.19
CA GLU A 39 3.61 -7.23 4.26
C GLU A 39 2.43 -6.35 3.88
N PHE A 40 2.71 -5.23 3.22
CA PHE A 40 1.68 -4.34 2.78
C PHE A 40 0.83 -5.01 1.69
N GLU A 41 1.50 -5.73 0.76
CA GLU A 41 0.82 -6.54 -0.26
C GLU A 41 -0.12 -7.54 0.39
N ARG A 42 0.35 -8.18 1.44
CA ARG A 42 -0.42 -9.21 2.15
C ARG A 42 -1.57 -8.59 2.90
N LEU A 43 -1.32 -7.48 3.55
CA LEU A 43 -2.35 -6.74 4.27
C LEU A 43 -3.52 -6.39 3.36
N THR A 44 -3.20 -5.92 2.18
CA THR A 44 -4.19 -5.51 1.22
C THR A 44 -4.67 -6.68 0.38
N GLU A 45 -3.95 -7.82 0.52
CA GLU A 45 -4.16 -9.03 -0.27
C GLU A 45 -4.08 -8.64 -1.75
N HIS A 46 -3.25 -7.63 -2.00
CA HIS A 46 -3.18 -7.02 -3.27
C HIS A 46 -2.06 -7.65 -4.11
N PRO A 47 -2.42 -8.11 -5.32
CA PRO A 47 -1.53 -8.82 -6.24
C PRO A 47 -0.37 -8.02 -6.73
N ASP A 48 -0.67 -6.86 -7.19
CA ASP A 48 0.26 -6.03 -7.86
C ASP A 48 0.79 -5.02 -6.88
N GLY A 49 0.57 -5.29 -5.57
CA GLY A 49 1.00 -4.34 -4.49
C GLY A 49 2.42 -3.89 -4.56
N SER A 50 3.25 -4.69 -5.15
CA SER A 50 4.62 -4.30 -5.33
C SER A 50 4.75 -3.44 -6.58
N ASP A 51 4.30 -3.98 -7.69
CA ASP A 51 4.34 -3.32 -8.99
C ASP A 51 3.64 -1.98 -8.97
N LEU A 52 2.62 -1.83 -8.11
CA LEU A 52 1.90 -0.55 -7.93
C LEU A 52 2.86 0.58 -7.68
N ILE A 53 3.86 0.28 -6.90
CA ILE A 53 4.82 1.28 -6.45
C ILE A 53 5.87 1.51 -7.51
N TYR A 54 6.21 0.46 -8.18
CA TYR A 54 7.32 0.46 -9.09
C TYR A 54 6.92 0.76 -10.55
N TYR A 55 5.70 0.48 -10.91
CA TYR A 55 5.22 0.69 -12.26
C TYR A 55 3.82 1.30 -12.23
N PRO A 56 3.69 2.55 -12.66
CA PRO A 56 2.38 3.21 -12.73
C PRO A 56 1.52 2.57 -13.80
N ARG A 57 0.20 2.64 -13.64
CA ARG A 57 -0.66 2.17 -14.70
C ARG A 57 -0.77 3.22 -15.82
N ASP A 58 -1.95 3.75 -16.06
CA ASP A 58 -2.09 4.76 -17.08
C ASP A 58 -2.69 6.06 -16.60
N ASP A 59 -3.95 6.01 -16.31
CA ASP A 59 -4.75 7.21 -16.13
C ASP A 59 -4.98 7.55 -14.68
N ARG A 60 -4.58 6.66 -13.79
CA ARG A 60 -4.80 6.90 -12.36
C ARG A 60 -3.92 8.04 -11.89
N GLU A 61 -4.18 8.54 -10.70
CA GLU A 61 -3.28 9.47 -10.10
C GLU A 61 -2.08 8.66 -9.71
N ASP A 62 -0.97 8.97 -10.25
CA ASP A 62 0.16 8.17 -9.94
C ASP A 62 1.04 8.88 -9.01
N SER A 63 0.72 8.71 -7.80
CA SER A 63 1.34 9.36 -6.73
C SER A 63 1.29 8.38 -5.59
N PRO A 64 2.00 8.63 -4.47
CA PRO A 64 1.84 7.81 -3.28
C PRO A 64 0.36 7.72 -2.88
N GLU A 65 -0.34 8.86 -3.00
CA GLU A 65 -1.76 8.94 -2.71
C GLU A 65 -2.58 8.04 -3.64
N GLY A 66 -2.30 8.09 -4.93
CA GLY A 66 -3.04 7.31 -5.91
C GLY A 66 -2.75 5.82 -5.85
N ILE A 67 -1.58 5.46 -5.34
CA ILE A 67 -1.26 4.05 -5.12
C ILE A 67 -2.14 3.51 -4.00
N VAL A 68 -2.36 4.33 -2.99
CA VAL A 68 -3.24 4.01 -1.88
C VAL A 68 -4.67 3.93 -2.41
N LYS A 69 -5.00 4.87 -3.28
CA LYS A 69 -6.28 4.93 -3.93
C LYS A 69 -6.53 3.69 -4.76
N GLU A 70 -5.49 3.24 -5.47
CA GLU A 70 -5.55 2.06 -6.32
C GLU A 70 -6.03 0.88 -5.48
N ILE A 71 -5.35 0.69 -4.35
CA ILE A 71 -5.70 -0.34 -3.38
C ILE A 71 -7.11 -0.13 -2.83
N LYS A 72 -7.44 1.11 -2.51
CA LYS A 72 -8.75 1.49 -2.02
C LYS A 72 -9.87 1.08 -2.99
N GLU A 73 -9.76 1.53 -4.23
CA GLU A 73 -10.76 1.25 -5.24
C GLU A 73 -10.84 -0.24 -5.54
N TRP A 74 -9.68 -0.87 -5.61
CA TRP A 74 -9.55 -2.27 -5.95
C TRP A 74 -10.22 -3.13 -4.90
N ARG A 75 -9.88 -2.90 -3.64
CA ARG A 75 -10.41 -3.70 -2.55
C ARG A 75 -11.91 -3.49 -2.39
N ALA A 76 -12.38 -2.30 -2.67
CA ALA A 76 -13.81 -1.99 -2.59
C ALA A 76 -14.59 -2.78 -3.64
N ALA A 77 -13.97 -3.00 -4.78
CA ALA A 77 -14.62 -3.68 -5.88
C ALA A 77 -14.50 -5.17 -5.68
N ASN A 78 -13.45 -5.55 -5.01
CA ASN A 78 -13.11 -6.93 -4.75
C ASN A 78 -13.70 -7.45 -3.44
N GLY A 79 -14.52 -6.63 -2.81
CA GLY A 79 -15.19 -7.03 -1.57
C GLY A 79 -14.23 -7.34 -0.44
N LYS A 80 -13.31 -6.45 -0.23
CA LYS A 80 -12.33 -6.58 0.78
C LYS A 80 -12.43 -5.46 1.77
N SER A 81 -11.59 -5.53 2.79
CA SER A 81 -11.54 -4.59 3.86
C SER A 81 -11.21 -3.17 3.37
N GLY A 82 -11.45 -2.18 4.22
CA GLY A 82 -11.11 -0.82 3.93
C GLY A 82 -9.95 -0.39 4.81
N PHE A 83 -9.97 0.85 5.21
CA PHE A 83 -9.01 1.40 6.10
C PHE A 83 -9.76 1.90 7.33
N LYS A 84 -9.05 2.13 8.40
CA LYS A 84 -9.60 2.70 9.60
C LYS A 84 -9.95 4.13 9.30
N GLN A 85 -11.07 4.61 9.76
CA GLN A 85 -11.53 5.93 9.34
C GLN A 85 -11.41 6.99 10.42
N GLY A 86 -10.74 6.66 11.45
CA GLY A 86 -10.55 7.58 12.53
C GLY A 86 -10.72 6.89 13.82
N GLU A 2 4.13 0.33 17.74
CA GLU A 2 3.10 -0.68 18.00
C GLU A 2 3.09 -1.66 16.85
N LEU A 3 2.28 -2.67 16.94
CA LEU A 3 2.10 -3.62 15.89
C LEU A 3 0.65 -3.78 15.57
N LYS A 4 0.28 -3.24 14.43
CA LYS A 4 -1.07 -3.36 13.88
C LYS A 4 -1.49 -4.81 13.68
N HIS A 5 -2.77 -5.00 13.52
CA HIS A 5 -3.28 -6.34 13.27
C HIS A 5 -3.60 -6.51 11.77
N SER A 6 -3.83 -5.42 11.05
CA SER A 6 -4.21 -5.51 9.65
C SER A 6 -4.04 -4.17 8.93
N ILE A 7 -4.42 -4.14 7.65
CA ILE A 7 -4.44 -2.90 6.87
C ILE A 7 -5.58 -2.00 7.34
N SER A 8 -6.64 -2.60 7.84
CA SER A 8 -7.77 -1.84 8.30
C SER A 8 -7.51 -1.29 9.70
N ASP A 9 -6.31 -1.57 10.20
CA ASP A 9 -5.83 -1.00 11.46
C ASP A 9 -5.08 0.29 11.10
N TYR A 10 -4.83 0.47 9.84
CA TYR A 10 -4.22 1.66 9.34
C TYR A 10 -5.29 2.58 8.90
N THR A 11 -5.11 3.83 9.14
CA THR A 11 -5.97 4.79 8.55
C THR A 11 -5.48 4.97 7.12
N GLU A 12 -6.26 5.62 6.29
CA GLU A 12 -5.90 5.80 4.91
C GLU A 12 -4.60 6.57 4.80
N ALA A 13 -4.41 7.52 5.69
CA ALA A 13 -3.18 8.32 5.72
C ALA A 13 -1.96 7.49 6.10
N GLU A 14 -2.08 6.69 7.16
CA GLU A 14 -0.95 5.82 7.62
C GLU A 14 -0.58 4.81 6.56
N PHE A 15 -1.57 4.31 5.88
CA PHE A 15 -1.32 3.38 4.82
C PHE A 15 -0.79 4.12 3.62
N LEU A 16 -1.19 5.30 3.42
CA LEU A 16 -0.67 6.10 2.34
C LEU A 16 0.78 6.47 2.61
N GLU A 17 1.12 6.43 3.85
CA GLU A 17 2.47 6.55 4.25
C GLU A 17 3.23 5.23 3.98
N PHE A 18 2.50 4.08 3.84
CA PHE A 18 3.14 2.75 3.54
C PHE A 18 3.99 2.91 2.32
N VAL A 19 3.37 3.44 1.33
CA VAL A 19 3.93 3.55 0.03
C VAL A 19 5.01 4.61 -0.01
N LYS A 20 4.77 5.72 0.64
CA LYS A 20 5.74 6.79 0.73
C LYS A 20 6.98 6.30 1.47
N LYS A 21 6.74 5.52 2.51
CA LYS A 21 7.79 4.94 3.34
C LYS A 21 8.65 4.01 2.50
N ILE A 22 8.03 3.17 1.72
CA ILE A 22 8.77 2.25 0.84
C ILE A 22 9.63 3.07 -0.12
N CYS A 23 9.02 4.09 -0.65
CA CYS A 23 9.66 4.99 -1.57
C CYS A 23 10.86 5.73 -0.92
N ARG A 24 10.67 6.25 0.28
CA ARG A 24 11.69 7.12 0.90
C ARG A 24 12.60 6.42 1.92
N ALA A 25 12.07 5.46 2.63
CA ALA A 25 12.71 4.87 3.79
C ALA A 25 13.21 3.46 3.50
N GLU A 26 13.42 3.18 2.20
CA GLU A 26 13.87 1.87 1.61
C GLU A 26 14.85 1.03 2.48
N GLY A 27 15.63 1.69 3.31
CA GLY A 27 16.49 1.00 4.22
C GLY A 27 17.91 1.10 3.77
N ALA A 28 18.22 0.36 2.75
CA ALA A 28 19.55 0.34 2.19
C ALA A 28 19.52 -0.37 0.88
N THR A 29 19.15 -1.60 0.96
CA THR A 29 19.09 -2.46 -0.15
C THR A 29 17.67 -2.55 -0.65
N GLU A 30 17.49 -3.07 -1.85
CA GLU A 30 16.17 -3.18 -2.41
C GLU A 30 15.41 -4.37 -1.80
N GLU A 31 16.13 -5.16 -1.01
CA GLU A 31 15.52 -6.26 -0.33
C GLU A 31 14.88 -5.80 0.97
N ASP A 32 15.41 -4.71 1.54
CA ASP A 32 14.81 -4.13 2.74
C ASP A 32 13.53 -3.42 2.29
N ASP A 33 13.64 -2.81 1.13
CA ASP A 33 12.55 -2.17 0.38
C ASP A 33 11.40 -3.15 0.16
N ASN A 34 11.71 -4.28 -0.47
CA ASN A 34 10.74 -5.30 -0.80
C ASN A 34 10.07 -5.89 0.44
N LYS A 35 10.81 -6.07 1.53
CA LYS A 35 10.19 -6.67 2.70
C LYS A 35 9.16 -5.76 3.37
N LEU A 36 9.23 -4.45 3.08
CA LEU A 36 8.17 -3.56 3.50
C LEU A 36 6.95 -3.87 2.66
N VAL A 37 7.17 -3.88 1.35
CA VAL A 37 6.13 -4.17 0.36
C VAL A 37 5.40 -5.46 0.71
N ARG A 38 6.15 -6.50 1.04
CA ARG A 38 5.57 -7.80 1.34
C ARG A 38 4.61 -7.81 2.53
N GLU A 39 4.88 -6.98 3.57
CA GLU A 39 3.97 -6.99 4.72
C GLU A 39 2.71 -6.24 4.37
N PHE A 40 2.87 -5.18 3.62
CA PHE A 40 1.76 -4.35 3.22
C PHE A 40 0.90 -5.06 2.19
N GLU A 41 1.54 -5.73 1.27
CA GLU A 41 0.87 -6.53 0.27
C GLU A 41 0.20 -7.76 0.86
N ARG A 42 0.62 -8.12 2.05
CA ARG A 42 -0.01 -9.22 2.76
C ARG A 42 -1.32 -8.73 3.33
N LEU A 43 -1.34 -7.47 3.63
CA LEU A 43 -2.49 -6.83 4.22
C LEU A 43 -3.53 -6.50 3.15
N THR A 44 -3.09 -5.94 2.05
CA THR A 44 -3.97 -5.52 0.96
C THR A 44 -4.56 -6.69 0.23
N GLU A 45 -3.74 -7.74 0.09
CA GLU A 45 -4.03 -8.90 -0.70
C GLU A 45 -4.16 -8.45 -2.16
N HIS A 46 -3.54 -7.31 -2.46
CA HIS A 46 -3.66 -6.71 -3.74
C HIS A 46 -2.75 -7.43 -4.77
N PRO A 47 -3.30 -7.82 -5.88
CA PRO A 47 -2.59 -8.59 -6.91
C PRO A 47 -1.39 -7.89 -7.46
N ASP A 48 -1.59 -6.66 -7.77
CA ASP A 48 -0.64 -5.89 -8.46
C ASP A 48 -0.09 -4.90 -7.50
N GLY A 49 -0.26 -5.19 -6.22
CA GLY A 49 0.17 -4.25 -5.16
C GLY A 49 1.60 -3.94 -5.20
N SER A 50 2.36 -4.96 -5.32
CA SER A 50 3.79 -4.80 -5.45
C SER A 50 4.09 -4.07 -6.77
N ASP A 51 3.35 -4.45 -7.80
CA ASP A 51 3.50 -3.90 -9.14
C ASP A 51 3.13 -2.40 -9.17
N LEU A 52 2.34 -1.94 -8.20
CA LEU A 52 1.94 -0.52 -8.08
C LEU A 52 3.13 0.33 -7.73
N ILE A 53 3.99 -0.25 -6.97
CA ILE A 53 5.15 0.45 -6.45
C ILE A 53 6.29 0.35 -7.46
N TYR A 54 6.41 -0.81 -8.03
CA TYR A 54 7.48 -1.10 -8.95
C TYR A 54 7.18 -0.68 -10.39
N TYR A 55 5.93 -0.58 -10.74
CA TYR A 55 5.52 -0.17 -12.06
C TYR A 55 4.44 0.89 -11.93
N PRO A 56 4.81 2.14 -12.21
CA PRO A 56 3.89 3.27 -12.15
C PRO A 56 2.54 3.02 -12.83
N ARG A 57 1.55 3.66 -12.29
CA ARG A 57 0.18 3.48 -12.69
C ARG A 57 -0.30 4.75 -13.27
N ASP A 58 0.50 5.33 -14.11
CA ASP A 58 0.17 6.57 -14.89
C ASP A 58 -1.16 6.40 -15.73
N ASP A 59 -1.78 5.24 -15.56
CA ASP A 59 -3.09 4.88 -16.06
C ASP A 59 -4.11 5.74 -15.29
N ARG A 60 -3.78 6.00 -14.05
CA ARG A 60 -4.53 6.86 -13.17
C ARG A 60 -3.55 7.91 -12.67
N GLU A 61 -3.87 8.59 -11.59
CA GLU A 61 -2.92 9.48 -11.01
C GLU A 61 -1.84 8.62 -10.38
N ASP A 62 -0.65 8.77 -10.83
CA ASP A 62 0.44 7.98 -10.32
C ASP A 62 1.10 8.74 -9.23
N SER A 63 0.67 8.46 -8.06
CA SER A 63 1.20 9.05 -6.91
C SER A 63 1.07 8.02 -5.81
N PRO A 64 1.80 8.17 -4.69
CA PRO A 64 1.61 7.32 -3.51
C PRO A 64 0.12 7.33 -3.10
N GLU A 65 -0.53 8.48 -3.31
CA GLU A 65 -1.93 8.67 -3.01
C GLU A 65 -2.79 7.80 -3.93
N GLY A 66 -2.47 7.82 -5.22
CA GLY A 66 -3.22 7.05 -6.19
C GLY A 66 -3.01 5.56 -6.06
N ILE A 67 -1.81 5.16 -5.61
CA ILE A 67 -1.53 3.74 -5.33
C ILE A 67 -2.49 3.25 -4.23
N VAL A 68 -2.54 4.00 -3.16
CA VAL A 68 -3.46 3.78 -2.04
C VAL A 68 -4.91 3.76 -2.53
N LYS A 69 -5.23 4.64 -3.46
CA LYS A 69 -6.56 4.68 -3.98
C LYS A 69 -6.83 3.43 -4.83
N GLU A 70 -5.83 3.02 -5.58
CA GLU A 70 -5.90 1.80 -6.39
C GLU A 70 -6.20 0.62 -5.47
N ILE A 71 -5.59 0.66 -4.27
CA ILE A 71 -5.80 -0.36 -3.26
C ILE A 71 -7.25 -0.34 -2.81
N LYS A 72 -7.78 0.83 -2.45
CA LYS A 72 -9.10 0.90 -1.99
C LYS A 72 -10.06 0.57 -3.06
N GLU A 73 -10.00 1.22 -4.21
CA GLU A 73 -10.97 1.04 -5.28
C GLU A 73 -11.08 -0.43 -5.71
N TRP A 74 -9.99 -1.15 -5.61
CA TRP A 74 -10.01 -2.54 -5.94
C TRP A 74 -10.72 -3.35 -4.84
N ARG A 75 -10.24 -3.18 -3.61
CA ARG A 75 -10.78 -3.92 -2.46
C ARG A 75 -12.21 -3.49 -2.17
N ALA A 76 -12.46 -2.22 -2.37
CA ALA A 76 -13.74 -1.57 -2.16
C ALA A 76 -14.79 -2.11 -3.11
N ALA A 77 -14.36 -2.48 -4.32
CA ALA A 77 -15.29 -2.96 -5.32
C ALA A 77 -15.55 -4.42 -5.09
N ASN A 78 -14.57 -5.06 -4.53
CA ASN A 78 -14.60 -6.47 -4.27
C ASN A 78 -15.15 -6.80 -2.89
N GLY A 79 -15.60 -5.79 -2.15
CA GLY A 79 -16.17 -5.99 -0.83
C GLY A 79 -15.17 -6.59 0.15
N LYS A 80 -13.94 -6.13 0.08
CA LYS A 80 -12.87 -6.58 0.91
C LYS A 80 -12.65 -5.58 2.04
N SER A 81 -11.65 -5.82 2.86
CA SER A 81 -11.29 -4.98 3.99
C SER A 81 -11.02 -3.51 3.58
N GLY A 82 -10.92 -2.61 4.54
CA GLY A 82 -10.76 -1.19 4.18
C GLY A 82 -9.65 -0.53 4.96
N PHE A 83 -9.81 0.74 5.24
CA PHE A 83 -8.92 1.45 6.10
C PHE A 83 -9.71 1.90 7.30
N LYS A 84 -9.02 2.24 8.35
CA LYS A 84 -9.64 2.74 9.54
C LYS A 84 -10.03 4.17 9.30
N GLN A 85 -11.25 4.49 9.59
CA GLN A 85 -11.74 5.81 9.39
C GLN A 85 -11.77 6.61 10.69
N GLY A 86 -10.61 7.04 11.10
CA GLY A 86 -10.50 7.88 12.25
C GLY A 86 -9.56 9.02 11.97
N GLU A 2 3.65 -1.67 20.22
CA GLU A 2 2.34 -1.60 19.61
C GLU A 2 2.43 -2.08 18.19
N LEU A 3 1.44 -2.81 17.77
CA LEU A 3 1.33 -3.29 16.42
C LEU A 3 -0.10 -3.34 16.00
N LYS A 4 -0.33 -2.94 14.79
CA LYS A 4 -1.61 -3.05 14.12
C LYS A 4 -2.07 -4.51 14.05
N HIS A 5 -3.36 -4.72 14.12
CA HIS A 5 -3.92 -6.07 14.04
C HIS A 5 -4.22 -6.47 12.58
N SER A 6 -4.54 -5.48 11.77
CA SER A 6 -4.91 -5.72 10.39
C SER A 6 -4.56 -4.49 9.57
N ILE A 7 -4.93 -4.50 8.30
CA ILE A 7 -4.79 -3.33 7.46
C ILE A 7 -5.83 -2.26 7.84
N SER A 8 -6.96 -2.69 8.40
CA SER A 8 -8.08 -1.81 8.74
C SER A 8 -7.74 -1.02 10.01
N ASP A 9 -6.63 -1.39 10.61
CA ASP A 9 -6.08 -0.71 11.77
C ASP A 9 -5.51 0.62 11.29
N TYR A 10 -4.93 0.58 10.08
CA TYR A 10 -4.36 1.75 9.43
C TYR A 10 -5.46 2.60 8.89
N THR A 11 -5.27 3.88 8.92
CA THR A 11 -6.19 4.75 8.27
C THR A 11 -5.72 4.90 6.85
N GLU A 12 -6.51 5.57 6.05
CA GLU A 12 -6.20 5.81 4.67
C GLU A 12 -4.86 6.56 4.57
N ALA A 13 -4.71 7.53 5.43
CA ALA A 13 -3.53 8.36 5.47
C ALA A 13 -2.29 7.62 5.99
N GLU A 14 -2.45 6.77 7.02
CA GLU A 14 -1.32 5.99 7.57
C GLU A 14 -0.82 5.01 6.55
N PHE A 15 -1.73 4.46 5.81
CA PHE A 15 -1.39 3.51 4.79
C PHE A 15 -0.83 4.24 3.61
N LEU A 16 -1.30 5.42 3.36
CA LEU A 16 -0.74 6.22 2.28
C LEU A 16 0.69 6.62 2.63
N GLU A 17 0.97 6.62 3.88
CA GLU A 17 2.30 6.76 4.34
C GLU A 17 3.12 5.48 4.18
N PHE A 18 2.45 4.30 4.01
CA PHE A 18 3.16 2.98 3.77
C PHE A 18 4.09 3.14 2.61
N VAL A 19 3.52 3.67 1.57
CA VAL A 19 4.18 3.79 0.32
C VAL A 19 5.26 4.86 0.36
N LYS A 20 4.97 5.93 1.05
CA LYS A 20 5.91 7.00 1.25
C LYS A 20 7.10 6.49 2.09
N LYS A 21 6.77 5.67 3.07
CA LYS A 21 7.72 5.06 3.98
C LYS A 21 8.64 4.12 3.19
N ILE A 22 8.07 3.35 2.31
CA ILE A 22 8.84 2.47 1.44
C ILE A 22 9.74 3.31 0.56
N CYS A 23 9.18 4.37 0.00
CA CYS A 23 9.87 5.26 -0.91
C CYS A 23 11.10 5.90 -0.23
N ARG A 24 10.96 6.28 1.04
CA ARG A 24 12.06 6.92 1.77
C ARG A 24 13.06 5.91 2.32
N ALA A 25 12.58 4.74 2.73
CA ALA A 25 13.42 3.68 3.31
C ALA A 25 14.07 2.84 2.21
N GLU A 26 14.14 3.44 1.05
CA GLU A 26 14.52 2.85 -0.22
C GLU A 26 15.78 2.00 -0.25
N GLY A 27 16.74 2.22 0.61
CA GLY A 27 17.96 1.54 0.36
C GLY A 27 18.77 1.11 1.53
N ALA A 28 18.47 -0.05 2.03
CA ALA A 28 19.39 -0.74 2.90
C ALA A 28 19.92 -1.91 2.10
N THR A 29 19.05 -2.36 1.21
CA THR A 29 19.22 -3.38 0.20
C THR A 29 17.91 -3.31 -0.57
N GLU A 30 17.83 -3.89 -1.74
CA GLU A 30 16.58 -3.88 -2.48
C GLU A 30 15.56 -4.78 -1.78
N GLU A 31 16.06 -5.82 -1.13
CA GLU A 31 15.23 -6.72 -0.35
C GLU A 31 14.64 -6.00 0.87
N ASP A 32 15.38 -5.03 1.45
CA ASP A 32 14.88 -4.28 2.62
C ASP A 32 13.68 -3.44 2.23
N ASP A 33 13.71 -3.00 0.99
CA ASP A 33 12.62 -2.26 0.38
C ASP A 33 11.45 -3.21 0.13
N ASN A 34 11.75 -4.25 -0.61
CA ASN A 34 10.81 -5.30 -1.04
C ASN A 34 10.08 -5.96 0.13
N LYS A 35 10.79 -6.24 1.22
CA LYS A 35 10.16 -6.88 2.38
C LYS A 35 9.07 -6.01 3.00
N LEU A 36 9.18 -4.68 2.89
CA LEU A 36 8.10 -3.83 3.39
C LEU A 36 6.94 -4.00 2.48
N VAL A 37 7.23 -3.88 1.19
CA VAL A 37 6.24 -4.00 0.14
C VAL A 37 5.42 -5.28 0.29
N ARG A 38 6.11 -6.39 0.48
CA ARG A 38 5.46 -7.68 0.57
C ARG A 38 4.53 -7.79 1.78
N GLU A 39 4.89 -7.20 2.92
CA GLU A 39 4.00 -7.31 4.07
C GLU A 39 2.77 -6.46 3.85
N PHE A 40 2.96 -5.34 3.18
CA PHE A 40 1.87 -4.48 2.85
C PHE A 40 0.98 -5.13 1.79
N GLU A 41 1.59 -5.90 0.89
CA GLU A 41 0.84 -6.71 -0.05
C GLU A 41 0.03 -7.78 0.66
N ARG A 42 0.49 -8.25 1.79
CA ARG A 42 -0.26 -9.26 2.56
C ARG A 42 -1.41 -8.60 3.30
N LEU A 43 -1.18 -7.37 3.73
CA LEU A 43 -2.21 -6.59 4.37
C LEU A 43 -3.34 -6.28 3.40
N THR A 44 -2.98 -5.98 2.21
CA THR A 44 -3.93 -5.60 1.19
C THR A 44 -4.48 -6.80 0.47
N GLU A 45 -3.61 -7.80 0.33
CA GLU A 45 -3.82 -8.97 -0.50
C GLU A 45 -3.91 -8.48 -1.93
N HIS A 46 -3.22 -7.38 -2.17
CA HIS A 46 -3.25 -6.74 -3.42
C HIS A 46 -2.20 -7.36 -4.36
N PRO A 47 -2.64 -7.80 -5.52
CA PRO A 47 -1.83 -8.51 -6.51
C PRO A 47 -0.74 -7.68 -7.11
N ASP A 48 -1.03 -6.46 -7.34
CA ASP A 48 -0.15 -5.61 -8.05
C ASP A 48 0.44 -4.67 -7.04
N GLY A 49 0.32 -5.04 -5.76
CA GLY A 49 0.79 -4.16 -4.66
C GLY A 49 2.19 -3.68 -4.82
N SER A 50 3.04 -4.55 -5.23
CA SER A 50 4.42 -4.16 -5.46
C SER A 50 4.51 -3.30 -6.71
N ASP A 51 3.80 -3.74 -7.74
CA ASP A 51 3.82 -3.10 -9.06
C ASP A 51 3.37 -1.67 -8.99
N LEU A 52 2.43 -1.40 -8.09
CA LEU A 52 1.90 -0.04 -7.88
C LEU A 52 3.01 0.91 -7.47
N ILE A 53 3.89 0.41 -6.64
CA ILE A 53 4.96 1.22 -6.05
C ILE A 53 6.08 1.38 -7.04
N TYR A 54 6.22 0.39 -7.85
CA TYR A 54 7.29 0.34 -8.79
C TYR A 54 6.96 1.00 -10.12
N TYR A 55 5.76 0.82 -10.60
CA TYR A 55 5.39 1.32 -11.89
C TYR A 55 4.05 2.03 -11.81
N PRO A 56 3.95 3.23 -12.37
CA PRO A 56 2.65 3.89 -12.53
C PRO A 56 1.81 3.04 -13.47
N ARG A 57 0.51 3.04 -13.28
CA ARG A 57 -0.29 2.16 -14.07
C ARG A 57 -0.70 2.79 -15.39
N ASP A 58 -1.97 2.99 -15.59
CA ASP A 58 -2.41 3.67 -16.79
C ASP A 58 -3.21 4.91 -16.48
N ASP A 59 -4.39 4.69 -15.96
CA ASP A 59 -5.35 5.76 -15.67
C ASP A 59 -5.03 6.38 -14.32
N ARG A 60 -4.40 5.58 -13.49
CA ARG A 60 -4.08 5.95 -12.16
C ARG A 60 -2.94 6.95 -12.11
N GLU A 61 -3.11 7.89 -11.24
CA GLU A 61 -2.16 8.93 -10.97
C GLU A 61 -0.89 8.35 -10.41
N ASP A 62 0.21 8.82 -10.91
CA ASP A 62 1.50 8.41 -10.43
C ASP A 62 1.86 9.20 -9.18
N SER A 63 1.33 8.78 -8.06
CA SER A 63 1.67 9.39 -6.82
C SER A 63 1.56 8.32 -5.74
N PRO A 64 2.19 8.51 -4.55
CA PRO A 64 2.01 7.62 -3.41
C PRO A 64 0.52 7.53 -3.07
N GLU A 65 -0.21 8.62 -3.34
CA GLU A 65 -1.64 8.67 -3.11
C GLU A 65 -2.36 7.74 -4.07
N GLY A 66 -1.98 7.79 -5.34
CA GLY A 66 -2.59 6.97 -6.37
C GLY A 66 -2.34 5.49 -6.14
N ILE A 67 -1.15 5.18 -5.67
CA ILE A 67 -0.76 3.82 -5.34
C ILE A 67 -1.69 3.25 -4.27
N VAL A 68 -1.96 4.06 -3.28
CA VAL A 68 -2.84 3.70 -2.19
C VAL A 68 -4.29 3.66 -2.66
N LYS A 69 -4.60 4.49 -3.64
CA LYS A 69 -5.94 4.56 -4.14
C LYS A 69 -6.29 3.31 -4.89
N GLU A 70 -5.33 2.75 -5.59
CA GLU A 70 -5.50 1.50 -6.29
C GLU A 70 -5.95 0.45 -5.32
N ILE A 71 -5.25 0.39 -4.22
CA ILE A 71 -5.53 -0.52 -3.15
C ILE A 71 -6.90 -0.27 -2.53
N LYS A 72 -7.21 0.99 -2.25
CA LYS A 72 -8.46 1.35 -1.66
C LYS A 72 -9.61 1.00 -2.56
N GLU A 73 -9.56 1.45 -3.81
CA GLU A 73 -10.64 1.25 -4.76
C GLU A 73 -10.82 -0.19 -5.15
N TRP A 74 -9.73 -0.92 -5.22
CA TRP A 74 -9.76 -2.32 -5.57
C TRP A 74 -10.53 -3.08 -4.50
N ARG A 75 -10.05 -2.98 -3.26
CA ARG A 75 -10.66 -3.70 -2.16
C ARG A 75 -12.07 -3.21 -1.92
N ALA A 76 -12.27 -1.92 -2.11
CA ALA A 76 -13.56 -1.26 -1.96
C ALA A 76 -14.57 -1.78 -2.98
N ALA A 77 -14.09 -2.13 -4.16
CA ALA A 77 -14.96 -2.56 -5.22
C ALA A 77 -15.26 -4.01 -5.05
N ASN A 78 -14.24 -4.74 -4.67
CA ASN A 78 -14.32 -6.15 -4.50
C ASN A 78 -15.24 -6.52 -3.36
N GLY A 79 -15.16 -5.78 -2.29
CA GLY A 79 -15.92 -6.11 -1.12
C GLY A 79 -15.04 -6.73 -0.08
N LYS A 80 -13.79 -6.31 -0.06
CA LYS A 80 -12.83 -6.76 0.88
C LYS A 80 -12.78 -5.79 2.05
N SER A 81 -11.77 -5.91 2.87
CA SER A 81 -11.58 -5.02 4.01
C SER A 81 -11.25 -3.59 3.51
N GLY A 82 -11.30 -2.64 4.41
CA GLY A 82 -11.03 -1.27 4.08
C GLY A 82 -10.06 -0.66 5.06
N PHE A 83 -9.86 0.63 4.97
CA PHE A 83 -9.02 1.32 5.89
C PHE A 83 -9.85 1.83 7.04
N LYS A 84 -9.19 2.33 8.05
CA LYS A 84 -9.87 2.93 9.16
C LYS A 84 -10.56 4.20 8.69
N GLN A 85 -11.82 4.24 8.91
CA GLN A 85 -12.68 5.33 8.49
C GLN A 85 -13.05 6.18 9.69
N GLY A 86 -12.24 6.08 10.67
CA GLY A 86 -12.48 6.74 11.91
C GLY A 86 -13.40 5.91 12.76
N GLU A 2 4.84 -0.66 16.70
CA GLU A 2 3.53 -1.17 17.04
C GLU A 2 3.16 -2.24 16.02
N LEU A 3 2.40 -3.22 16.44
CA LEU A 3 1.95 -4.26 15.56
C LEU A 3 0.44 -4.23 15.48
N LYS A 4 -0.09 -4.65 14.36
CA LYS A 4 -1.52 -4.55 14.12
C LYS A 4 -2.16 -5.90 13.97
N HIS A 5 -3.48 -5.90 13.93
CA HIS A 5 -4.23 -7.09 13.65
C HIS A 5 -4.29 -7.29 12.12
N SER A 6 -4.56 -6.18 11.40
CA SER A 6 -4.67 -6.16 9.96
C SER A 6 -4.55 -4.74 9.48
N ILE A 7 -4.79 -4.57 8.20
CA ILE A 7 -4.78 -3.28 7.53
C ILE A 7 -5.88 -2.36 8.08
N SER A 8 -6.90 -2.96 8.68
CA SER A 8 -8.03 -2.24 9.22
C SER A 8 -7.62 -1.44 10.47
N ASP A 9 -6.37 -1.60 10.90
CA ASP A 9 -5.87 -0.80 12.00
C ASP A 9 -5.02 0.37 11.46
N TYR A 10 -4.92 0.43 10.16
CA TYR A 10 -4.26 1.54 9.51
C TYR A 10 -5.30 2.49 9.06
N THR A 11 -5.13 3.75 9.32
CA THR A 11 -6.03 4.71 8.78
C THR A 11 -5.65 4.92 7.31
N GLU A 12 -6.52 5.57 6.55
CA GLU A 12 -6.27 5.77 5.12
C GLU A 12 -4.97 6.57 4.96
N ALA A 13 -4.77 7.52 5.86
CA ALA A 13 -3.59 8.37 5.86
C ALA A 13 -2.32 7.57 6.18
N GLU A 14 -2.38 6.72 7.21
CA GLU A 14 -1.21 5.89 7.58
C GLU A 14 -0.87 4.91 6.51
N PHE A 15 -1.87 4.41 5.86
CA PHE A 15 -1.66 3.50 4.77
C PHE A 15 -1.11 4.26 3.60
N LEU A 16 -1.50 5.46 3.46
CA LEU A 16 -0.98 6.27 2.41
C LEU A 16 0.47 6.65 2.71
N GLU A 17 0.81 6.51 3.93
CA GLU A 17 2.17 6.63 4.33
C GLU A 17 2.94 5.35 4.01
N PHE A 18 2.23 4.18 3.82
CA PHE A 18 2.88 2.88 3.49
C PHE A 18 3.72 3.08 2.29
N VAL A 19 3.10 3.65 1.33
CA VAL A 19 3.68 3.88 0.05
C VAL A 19 4.72 4.97 0.08
N LYS A 20 4.48 5.99 0.89
CA LYS A 20 5.45 7.06 1.03
C LYS A 20 6.74 6.53 1.66
N LYS A 21 6.58 5.64 2.65
CA LYS A 21 7.68 4.97 3.32
C LYS A 21 8.42 4.09 2.34
N ILE A 22 7.69 3.37 1.52
CA ILE A 22 8.29 2.49 0.52
C ILE A 22 9.07 3.30 -0.52
N CYS A 23 8.55 4.44 -0.88
CA CYS A 23 9.22 5.31 -1.80
C CYS A 23 10.59 5.75 -1.26
N ARG A 24 10.68 5.94 0.04
CA ARG A 24 11.92 6.39 0.66
C ARG A 24 12.69 5.22 1.29
N ALA A 25 12.22 4.00 1.06
CA ALA A 25 12.71 2.77 1.72
C ALA A 25 14.12 2.30 1.32
N GLU A 26 14.93 3.16 0.77
CA GLU A 26 16.31 2.80 0.43
C GLU A 26 17.20 2.90 1.69
N GLY A 27 16.71 2.33 2.80
CA GLY A 27 17.37 2.39 4.08
C GLY A 27 18.78 1.85 4.04
N ALA A 28 18.90 0.65 3.53
CA ALA A 28 20.20 0.04 3.39
C ALA A 28 20.33 -0.56 2.00
N THR A 29 19.49 -1.52 1.74
CA THR A 29 19.47 -2.22 0.49
C THR A 29 18.03 -2.28 -0.03
N GLU A 30 17.85 -2.66 -1.30
CA GLU A 30 16.52 -2.69 -1.92
C GLU A 30 15.59 -3.73 -1.26
N GLU A 31 16.20 -4.68 -0.57
CA GLU A 31 15.44 -5.70 0.13
C GLU A 31 14.62 -5.07 1.27
N ASP A 32 15.10 -3.92 1.80
CA ASP A 32 14.42 -3.22 2.91
C ASP A 32 13.14 -2.58 2.38
N ASP A 33 13.18 -2.28 1.11
CA ASP A 33 12.08 -1.70 0.36
C ASP A 33 11.03 -2.78 0.07
N ASN A 34 11.50 -3.84 -0.56
CA ASN A 34 10.68 -4.98 -0.96
C ASN A 34 9.97 -5.63 0.23
N LYS A 35 10.68 -5.76 1.37
CA LYS A 35 10.07 -6.41 2.54
C LYS A 35 8.87 -5.65 3.08
N LEU A 36 8.85 -4.34 2.86
CA LEU A 36 7.70 -3.55 3.23
C LEU A 36 6.58 -3.88 2.28
N VAL A 37 6.89 -3.80 1.00
CA VAL A 37 5.95 -4.05 -0.08
C VAL A 37 5.20 -5.37 0.12
N ARG A 38 5.95 -6.41 0.45
CA ARG A 38 5.39 -7.74 0.60
C ARG A 38 4.36 -7.85 1.72
N GLU A 39 4.60 -7.18 2.86
CA GLU A 39 3.63 -7.29 3.94
C GLU A 39 2.37 -6.54 3.57
N PHE A 40 2.56 -5.42 2.91
CA PHE A 40 1.47 -4.59 2.51
C PHE A 40 0.62 -5.28 1.45
N GLU A 41 1.27 -6.04 0.55
CA GLU A 41 0.55 -6.89 -0.42
C GLU A 41 -0.36 -7.88 0.28
N ARG A 42 0.04 -8.33 1.45
CA ARG A 42 -0.75 -9.26 2.21
C ARG A 42 -1.86 -8.56 2.94
N LEU A 43 -1.51 -7.46 3.57
CA LEU A 43 -2.48 -6.64 4.31
C LEU A 43 -3.65 -6.19 3.41
N THR A 44 -3.35 -5.96 2.18
CA THR A 44 -4.32 -5.53 1.21
C THR A 44 -4.94 -6.70 0.47
N GLU A 45 -4.20 -7.83 0.48
CA GLU A 45 -4.50 -8.99 -0.36
C GLU A 45 -4.49 -8.55 -1.82
N HIS A 46 -3.76 -7.48 -2.09
CA HIS A 46 -3.76 -6.89 -3.38
C HIS A 46 -2.71 -7.54 -4.28
N PRO A 47 -3.17 -8.02 -5.45
CA PRO A 47 -2.37 -8.77 -6.41
C PRO A 47 -1.21 -7.98 -6.94
N ASP A 48 -1.50 -6.79 -7.35
CA ASP A 48 -0.57 -5.96 -8.01
C ASP A 48 0.04 -5.06 -7.00
N GLY A 49 -0.06 -5.44 -5.71
CA GLY A 49 0.49 -4.61 -4.61
C GLY A 49 1.92 -4.22 -4.82
N SER A 50 2.66 -5.06 -5.46
CA SER A 50 4.03 -4.72 -5.76
C SER A 50 4.12 -3.86 -7.02
N ASP A 51 3.41 -4.27 -8.08
CA ASP A 51 3.40 -3.55 -9.36
C ASP A 51 2.92 -2.13 -9.21
N LEU A 52 1.98 -1.89 -8.30
CA LEU A 52 1.43 -0.54 -8.06
C LEU A 52 2.53 0.43 -7.67
N ILE A 53 3.45 -0.06 -6.88
CA ILE A 53 4.47 0.76 -6.29
C ILE A 53 5.61 0.97 -7.24
N TYR A 54 5.94 -0.08 -7.91
CA TYR A 54 7.05 -0.06 -8.81
C TYR A 54 6.70 0.54 -10.16
N TYR A 55 5.47 0.37 -10.58
CA TYR A 55 5.03 0.86 -11.87
C TYR A 55 3.64 1.48 -11.75
N PRO A 56 3.52 2.82 -11.77
CA PRO A 56 2.21 3.45 -11.83
C PRO A 56 1.65 3.17 -13.23
N ARG A 57 0.65 2.25 -13.28
CA ARG A 57 0.13 1.58 -14.52
C ARG A 57 0.58 2.21 -15.83
N ASP A 58 -0.31 2.87 -16.50
CA ASP A 58 0.09 3.59 -17.68
C ASP A 58 -0.21 5.06 -17.53
N ASP A 59 -1.48 5.35 -17.44
CA ASP A 59 -2.00 6.70 -17.29
C ASP A 59 -2.23 7.00 -15.81
N ARG A 60 -2.01 5.98 -14.99
CA ARG A 60 -2.15 6.09 -13.59
C ARG A 60 -1.13 7.05 -13.01
N GLU A 61 -1.66 7.96 -12.26
CA GLU A 61 -0.94 9.00 -11.60
C GLU A 61 0.11 8.43 -10.66
N ASP A 62 1.31 8.91 -10.80
CA ASP A 62 2.41 8.51 -9.97
C ASP A 62 2.40 9.33 -8.70
N SER A 63 1.57 8.93 -7.75
CA SER A 63 1.55 9.60 -6.50
C SER A 63 1.35 8.58 -5.41
N PRO A 64 1.78 8.89 -4.15
CA PRO A 64 1.54 8.00 -3.01
C PRO A 64 0.01 7.81 -2.83
N GLU A 65 -0.74 8.85 -3.21
CA GLU A 65 -2.19 8.85 -3.19
C GLU A 65 -2.73 7.87 -4.23
N GLY A 66 -2.17 7.94 -5.44
CA GLY A 66 -2.62 7.12 -6.55
C GLY A 66 -2.46 5.65 -6.30
N ILE A 67 -1.35 5.28 -5.71
CA ILE A 67 -1.07 3.91 -5.37
C ILE A 67 -2.05 3.40 -4.30
N VAL A 68 -2.34 4.26 -3.33
CA VAL A 68 -3.33 3.95 -2.31
C VAL A 68 -4.70 3.80 -2.94
N LYS A 69 -5.02 4.71 -3.85
CA LYS A 69 -6.30 4.76 -4.54
C LYS A 69 -6.62 3.44 -5.21
N GLU A 70 -5.62 2.82 -5.79
CA GLU A 70 -5.77 1.53 -6.45
C GLU A 70 -6.24 0.48 -5.47
N ILE A 71 -5.54 0.35 -4.38
CA ILE A 71 -5.85 -0.60 -3.33
C ILE A 71 -7.20 -0.29 -2.68
N LYS A 72 -7.42 0.97 -2.47
CA LYS A 72 -8.58 1.48 -1.83
C LYS A 72 -9.83 1.13 -2.65
N GLU A 73 -9.88 1.57 -3.92
CA GLU A 73 -11.06 1.35 -4.75
C GLU A 73 -11.29 -0.14 -5.02
N TRP A 74 -10.21 -0.87 -5.16
CA TRP A 74 -10.24 -2.28 -5.44
C TRP A 74 -10.87 -3.04 -4.29
N ARG A 75 -10.34 -2.85 -3.08
CA ARG A 75 -10.83 -3.60 -1.93
C ARG A 75 -12.27 -3.24 -1.61
N ALA A 76 -12.60 -1.99 -1.82
CA ALA A 76 -13.93 -1.48 -1.56
C ALA A 76 -14.96 -2.12 -2.52
N ALA A 77 -14.52 -2.45 -3.72
CA ALA A 77 -15.39 -3.04 -4.73
C ALA A 77 -15.48 -4.53 -4.48
N ASN A 78 -14.37 -5.05 -4.01
CA ASN A 78 -14.21 -6.47 -3.76
C ASN A 78 -14.90 -6.93 -2.50
N GLY A 79 -15.35 -6.00 -1.68
CA GLY A 79 -16.00 -6.37 -0.45
C GLY A 79 -14.99 -6.79 0.58
N LYS A 80 -13.82 -6.22 0.47
CA LYS A 80 -12.74 -6.52 1.35
C LYS A 80 -12.71 -5.51 2.48
N SER A 81 -11.72 -5.63 3.33
CA SER A 81 -11.55 -4.75 4.43
C SER A 81 -11.28 -3.32 3.96
N GLY A 82 -11.42 -2.39 4.87
CA GLY A 82 -11.17 -1.01 4.54
C GLY A 82 -9.98 -0.54 5.33
N PHE A 83 -9.99 0.70 5.67
CA PHE A 83 -9.02 1.26 6.53
C PHE A 83 -9.73 1.64 7.82
N LYS A 84 -9.00 2.13 8.76
CA LYS A 84 -9.57 2.60 9.97
C LYS A 84 -9.95 4.04 9.82
N GLN A 85 -11.16 4.34 10.12
CA GLN A 85 -11.64 5.69 10.02
C GLN A 85 -11.68 6.35 11.38
N GLY A 86 -10.71 7.18 11.62
CA GLY A 86 -10.59 7.88 12.84
C GLY A 86 -9.19 8.36 12.97
N GLU A 2 4.37 -0.49 18.81
CA GLU A 2 2.94 -0.64 18.56
C GLU A 2 2.76 -1.03 17.13
N LEU A 3 1.86 -1.92 16.86
CA LEU A 3 1.62 -2.41 15.53
C LEU A 3 0.15 -2.56 15.26
N LYS A 4 -0.17 -2.73 14.01
CA LYS A 4 -1.52 -2.90 13.55
C LYS A 4 -2.08 -4.25 13.91
N HIS A 5 -3.37 -4.41 13.68
CA HIS A 5 -3.98 -5.71 13.78
C HIS A 5 -4.19 -6.27 12.37
N SER A 6 -4.23 -5.36 11.37
CA SER A 6 -4.38 -5.72 9.96
C SER A 6 -4.22 -4.44 9.14
N ILE A 7 -4.55 -4.50 7.86
CA ILE A 7 -4.53 -3.34 6.97
C ILE A 7 -5.62 -2.34 7.40
N SER A 8 -6.71 -2.86 7.95
CA SER A 8 -7.85 -2.07 8.35
C SER A 8 -7.51 -1.28 9.62
N ASP A 9 -6.39 -1.61 10.24
CA ASP A 9 -5.90 -0.86 11.40
C ASP A 9 -5.37 0.50 10.94
N TYR A 10 -4.95 0.57 9.70
CA TYR A 10 -4.43 1.77 9.14
C TYR A 10 -5.56 2.59 8.55
N THR A 11 -5.54 3.86 8.76
CA THR A 11 -6.43 4.76 8.06
C THR A 11 -5.85 4.96 6.64
N GLU A 12 -6.61 5.62 5.72
CA GLU A 12 -6.09 5.86 4.36
C GLU A 12 -4.73 6.57 4.44
N ALA A 13 -4.63 7.52 5.35
CA ALA A 13 -3.41 8.32 5.53
C ALA A 13 -2.22 7.46 6.03
N GLU A 14 -2.45 6.59 7.00
CA GLU A 14 -1.38 5.75 7.56
C GLU A 14 -0.91 4.74 6.55
N PHE A 15 -1.83 4.27 5.76
CA PHE A 15 -1.53 3.34 4.71
C PHE A 15 -0.85 4.05 3.59
N LEU A 16 -1.20 5.26 3.38
CA LEU A 16 -0.61 6.05 2.33
C LEU A 16 0.83 6.35 2.68
N GLU A 17 1.10 6.39 3.92
CA GLU A 17 2.46 6.46 4.34
C GLU A 17 3.20 5.14 4.14
N PHE A 18 2.46 3.99 4.01
CA PHE A 18 3.12 2.64 3.74
C PHE A 18 3.99 2.80 2.54
N VAL A 19 3.39 3.33 1.52
CA VAL A 19 4.00 3.45 0.25
C VAL A 19 5.07 4.52 0.24
N LYS A 20 4.80 5.60 0.94
CA LYS A 20 5.78 6.65 1.05
C LYS A 20 7.01 6.13 1.79
N LYS A 21 6.77 5.39 2.88
CA LYS A 21 7.79 4.79 3.73
C LYS A 21 8.66 3.84 2.93
N ILE A 22 8.07 3.13 2.00
CA ILE A 22 8.82 2.24 1.14
C ILE A 22 9.74 3.07 0.23
N CYS A 23 9.17 4.08 -0.40
CA CYS A 23 9.88 4.92 -1.33
C CYS A 23 11.02 5.71 -0.64
N ARG A 24 10.79 6.15 0.58
CA ARG A 24 11.75 6.97 1.29
C ARG A 24 12.66 6.19 2.26
N ALA A 25 12.06 5.35 3.06
CA ALA A 25 12.73 4.71 4.19
C ALA A 25 12.98 3.23 3.95
N GLU A 26 13.01 2.83 2.68
CA GLU A 26 13.26 1.43 2.22
C GLU A 26 14.24 0.63 3.12
N GLY A 27 15.42 1.17 3.34
CA GLY A 27 16.41 0.49 4.11
C GLY A 27 17.77 0.77 3.55
N ALA A 28 18.45 -0.26 3.10
CA ALA A 28 19.77 -0.10 2.53
C ALA A 28 19.80 -0.59 1.11
N THR A 29 19.16 -1.70 0.88
CA THR A 29 19.11 -2.32 -0.40
C THR A 29 17.66 -2.52 -0.85
N GLU A 30 17.45 -2.90 -2.10
CA GLU A 30 16.10 -3.03 -2.63
C GLU A 30 15.37 -4.23 -2.05
N GLU A 31 16.09 -5.13 -1.42
CA GLU A 31 15.48 -6.24 -0.72
C GLU A 31 14.77 -5.72 0.55
N ASP A 32 15.29 -4.63 1.11
CA ASP A 32 14.72 -4.03 2.32
C ASP A 32 13.43 -3.37 1.93
N ASP A 33 13.48 -2.74 0.75
CA ASP A 33 12.32 -2.13 0.09
C ASP A 33 11.27 -3.22 -0.10
N ASN A 34 11.72 -4.29 -0.73
CA ASN A 34 10.94 -5.47 -1.06
C ASN A 34 10.26 -6.10 0.16
N LYS A 35 10.99 -6.30 1.25
CA LYS A 35 10.40 -6.94 2.42
C LYS A 35 9.35 -6.05 3.06
N LEU A 36 9.45 -4.73 2.86
CA LEU A 36 8.39 -3.84 3.30
C LEU A 36 7.20 -4.11 2.43
N VAL A 37 7.42 -4.01 1.12
CA VAL A 37 6.39 -4.21 0.11
C VAL A 37 5.64 -5.53 0.34
N ARG A 38 6.40 -6.59 0.55
CA ARG A 38 5.83 -7.91 0.74
C ARG A 38 4.91 -8.05 1.95
N GLU A 39 5.19 -7.33 3.04
CA GLU A 39 4.29 -7.45 4.19
C GLU A 39 2.99 -6.74 3.85
N PHE A 40 3.11 -5.66 3.09
CA PHE A 40 1.99 -4.88 2.69
C PHE A 40 1.17 -5.59 1.63
N GLU A 41 1.83 -6.30 0.69
CA GLU A 41 1.13 -7.15 -0.29
C GLU A 41 0.27 -8.19 0.40
N ARG A 42 0.70 -8.63 1.55
CA ARG A 42 -0.06 -9.61 2.33
C ARG A 42 -1.18 -8.94 3.09
N LEU A 43 -0.95 -7.72 3.56
CA LEU A 43 -1.98 -6.96 4.28
C LEU A 43 -3.09 -6.57 3.34
N THR A 44 -2.70 -6.10 2.19
CA THR A 44 -3.62 -5.68 1.18
C THR A 44 -4.26 -6.85 0.50
N GLU A 45 -3.47 -7.94 0.42
CA GLU A 45 -3.80 -9.13 -0.36
C GLU A 45 -3.92 -8.68 -1.81
N HIS A 46 -3.16 -7.62 -2.12
CA HIS A 46 -3.21 -7.03 -3.40
C HIS A 46 -2.21 -7.72 -4.33
N PRO A 47 -2.69 -8.18 -5.48
CA PRO A 47 -1.95 -8.97 -6.45
C PRO A 47 -0.71 -8.30 -6.93
N ASP A 48 -0.86 -7.08 -7.31
CA ASP A 48 0.20 -6.33 -7.91
C ASP A 48 0.72 -5.37 -6.91
N GLY A 49 0.52 -5.69 -5.63
CA GLY A 49 0.96 -4.79 -4.52
C GLY A 49 2.38 -4.35 -4.60
N SER A 50 3.18 -5.10 -5.25
CA SER A 50 4.53 -4.70 -5.47
C SER A 50 4.62 -3.77 -6.67
N ASP A 51 4.16 -4.25 -7.83
CA ASP A 51 4.19 -3.49 -9.09
C ASP A 51 3.54 -2.13 -8.97
N LEU A 52 2.53 -1.99 -8.09
CA LEU A 52 1.83 -0.70 -7.86
C LEU A 52 2.81 0.39 -7.48
N ILE A 53 3.77 0.01 -6.67
CA ILE A 53 4.70 0.98 -6.09
C ILE A 53 5.69 1.42 -7.12
N TYR A 54 5.94 0.56 -8.02
CA TYR A 54 6.92 0.78 -9.01
C TYR A 54 6.29 1.39 -10.28
N TYR A 55 5.09 0.96 -10.60
CA TYR A 55 4.43 1.39 -11.82
C TYR A 55 2.94 1.67 -11.57
N PRO A 56 2.58 2.94 -11.31
CA PRO A 56 1.16 3.36 -11.26
C PRO A 56 0.57 3.14 -12.65
N ARG A 57 -0.62 2.60 -12.73
CA ARG A 57 -1.13 2.15 -14.01
C ARG A 57 -1.70 3.20 -14.97
N ASP A 58 -2.97 3.09 -15.27
CA ASP A 58 -3.57 3.92 -16.30
C ASP A 58 -4.43 4.95 -15.67
N ASP A 59 -5.22 4.50 -14.72
CA ASP A 59 -6.09 5.37 -13.95
C ASP A 59 -5.24 6.19 -13.03
N ARG A 60 -4.05 5.69 -12.77
CA ARG A 60 -3.26 6.29 -11.77
C ARG A 60 -2.34 7.34 -12.17
N GLU A 61 -2.32 8.28 -11.31
CA GLU A 61 -1.41 9.32 -11.26
C GLU A 61 -0.21 8.78 -10.50
N ASP A 62 0.96 9.24 -10.82
CA ASP A 62 2.14 8.78 -10.16
C ASP A 62 2.34 9.54 -8.87
N SER A 63 1.63 9.12 -7.85
CA SER A 63 1.79 9.68 -6.57
C SER A 63 1.65 8.58 -5.53
N PRO A 64 2.23 8.74 -4.33
CA PRO A 64 2.05 7.78 -3.22
C PRO A 64 0.55 7.64 -2.90
N GLU A 65 -0.21 8.70 -3.19
CA GLU A 65 -1.63 8.73 -2.97
C GLU A 65 -2.33 7.92 -4.05
N GLY A 66 -1.89 8.12 -5.30
CA GLY A 66 -2.43 7.40 -6.43
C GLY A 66 -2.22 5.91 -6.30
N ILE A 67 -1.09 5.52 -5.77
CA ILE A 67 -0.80 4.12 -5.51
C ILE A 67 -1.81 3.55 -4.54
N VAL A 68 -2.03 4.24 -3.42
CA VAL A 68 -3.04 3.84 -2.43
C VAL A 68 -4.38 3.71 -3.07
N LYS A 69 -4.64 4.57 -4.03
CA LYS A 69 -5.88 4.57 -4.71
C LYS A 69 -6.13 3.25 -5.43
N GLU A 70 -5.08 2.64 -5.98
CA GLU A 70 -5.26 1.35 -6.60
C GLU A 70 -5.62 0.28 -5.59
N ILE A 71 -4.97 0.29 -4.41
CA ILE A 71 -5.35 -0.66 -3.36
C ILE A 71 -6.78 -0.39 -2.89
N LYS A 72 -7.03 0.86 -2.59
CA LYS A 72 -8.28 1.31 -2.01
C LYS A 72 -9.45 1.07 -2.96
N GLU A 73 -9.33 1.54 -4.19
CA GLU A 73 -10.39 1.36 -5.18
C GLU A 73 -10.61 -0.10 -5.57
N TRP A 74 -9.57 -0.90 -5.44
CA TRP A 74 -9.64 -2.32 -5.74
C TRP A 74 -10.44 -3.01 -4.64
N ARG A 75 -9.97 -2.86 -3.41
CA ARG A 75 -10.60 -3.50 -2.26
C ARG A 75 -12.03 -3.03 -2.04
N ALA A 76 -12.29 -1.77 -2.32
CA ALA A 76 -13.63 -1.24 -2.22
C ALA A 76 -14.56 -1.83 -3.28
N ALA A 77 -14.00 -2.14 -4.45
CA ALA A 77 -14.82 -2.65 -5.56
C ALA A 77 -15.02 -4.13 -5.37
N ASN A 78 -13.97 -4.76 -4.89
CA ASN A 78 -13.96 -6.17 -4.61
C ASN A 78 -14.94 -6.51 -3.51
N GLY A 79 -15.11 -5.61 -2.58
CA GLY A 79 -15.99 -5.89 -1.46
C GLY A 79 -15.21 -6.40 -0.30
N LYS A 80 -13.98 -5.98 -0.23
CA LYS A 80 -13.09 -6.37 0.80
C LYS A 80 -13.15 -5.36 1.92
N SER A 81 -12.31 -5.52 2.89
CA SER A 81 -12.26 -4.65 4.01
C SER A 81 -11.55 -3.37 3.60
N GLY A 82 -11.74 -2.35 4.37
CA GLY A 82 -11.22 -1.05 4.05
C GLY A 82 -10.40 -0.52 5.17
N PHE A 83 -9.95 0.70 5.04
CA PHE A 83 -9.10 1.30 6.03
C PHE A 83 -9.91 1.80 7.19
N LYS A 84 -9.24 2.13 8.24
CA LYS A 84 -9.85 2.63 9.44
C LYS A 84 -10.35 4.04 9.19
N GLN A 85 -11.39 4.40 9.88
CA GLN A 85 -12.00 5.68 9.73
C GLN A 85 -11.82 6.49 11.00
N GLY A 86 -11.23 7.64 10.83
CA GLY A 86 -11.01 8.54 11.92
C GLY A 86 -10.07 9.63 11.49
#